data_5UJ8
#
_entry.id   5UJ8
#
_cell.length_a   87.260
_cell.length_b   114.961
_cell.length_c   316.455
_cell.angle_alpha   90.00
_cell.angle_beta   90.72
_cell.angle_gamma   90.00
#
_symmetry.space_group_name_H-M   'P 1 21 1'
#
loop_
_entity.id
_entity.type
_entity.pdbx_description
1 polymer 'Origin recognition complex subunit 3'
2 polymer 'Origin recognition complex subunit 2'
#
loop_
_entity_poly.entity_id
_entity_poly.type
_entity_poly.pdbx_seq_one_letter_code
_entity_poly.pdbx_strand_id
1 'polypeptide(L)'
;MATSSMSKGCFVFKPNSKKRKISLPIEDYFNKGKNEPEDSKLRFETYQLIWQQMKSENERLQEELNKNLFDNLIEFLQKS
HSGFQKNSRDLGGQIKLREIPTAALVLGVNVTDHDLTFGSLTEALQNNVTPYVVSLQAKDCPDMKHFLQKLISQLMDCCV
DIKSKEEESVHVTQRKTHYSMDSLSSWYMTVTQKTDPKMLSKKRTTSSQWQSPPVVVILKDMESFATKVLQDFIIISSQH
LHEFPLILIFGIATSPIIIHRLLPHAVSSLLCIELFQSLSCKEHLTTVLDKLLLTTQFPFKINEKVLQVLTNIFLYHDFS
VQNFIKGLQLSLLEHFYSQPLSVLCCNLPEAKRRINFLSNNQCENIRRLPSFRRYVEKQASEKQVALLTNERYLKEETQL
LLENLHVYHMNYFLVLRCLHKFTSSLPKYPLGRQIRELYCTCLEKNIWDSEEYASVLQLLRMLAKDELMTILEKCFKVFK
SYCENHLGSTAKRIEEFLAQFQSLDAETKEEEDASGSQPKGLQKTDLYHLQKSLLEMKELRRSKKQTKFEVLRENVVNFI
DCLVREYLLPPETQPLHEVVYFSAAHALREHLNAAPRIALHTALNNPYYYLKNEALKSEEGCIPNIAPDICIAYKLHLEC
SRLINLVDWSEAFATVVTAAEKMDANSATSEEMNEIIHARFIRAVSELELLGFIKPTKQKTDHVARLTWGGC
;
A,B,C,D
2 'polypeptide(L)'
;MKRDKTSDLVEEYFEAHSSSKVLTSDRTLQKLKRAKLDQQTLRNLLSKVSPSFSAELKQLNQQYEKLFHKWMLQLHLGFN
IVLYGLGSKRDLLERFRTTMLQDSIHVVINGFFPGISVKSVLNSITEEVLDHMGTFRSILDQLDWIVNKFKEDSSLELFL
LIHNLDSQMLRGEKSQQIIGQLSSLHNIYLIASIDHLNAPLMWDHAKQSLFNWLWYETTTYSPYTEETSYENSLLVKQSG
SLPLSSLTHVLRSLTPNARGIFRLLIKYQLDNQDNPSYIGLSFQDFYQQCREAFLVNSDLTLRAQLTEFRDHKLIRTKKG
TDGVEYLLIPVDNGTLTDFLEKEEEEA
;
E,F,G,H
#
# COMPACT_ATOMS: atom_id res chain seq x y z
N LYS A 41 39.70 -48.83 52.67
CA LYS A 41 39.92 -49.91 53.62
C LYS A 41 40.70 -49.38 54.79
N LEU A 42 40.66 -50.12 55.90
CA LEU A 42 41.35 -49.68 57.10
C LEU A 42 42.75 -49.18 56.77
N ARG A 43 43.45 -49.89 55.89
CA ARG A 43 44.79 -49.48 55.51
C ARG A 43 44.82 -48.14 54.79
N PHE A 44 43.70 -47.70 54.22
CA PHE A 44 43.65 -46.39 53.59
C PHE A 44 43.29 -45.29 54.56
N GLU A 45 42.43 -45.58 55.54
CA GLU A 45 42.34 -44.66 56.65
C GLU A 45 43.72 -44.45 57.24
N THR A 46 44.45 -45.54 57.47
CA THR A 46 45.84 -45.45 57.89
C THR A 46 46.68 -44.73 56.85
N TYR A 47 46.39 -44.93 55.56
CA TYR A 47 47.12 -44.18 54.56
C TYR A 47 46.94 -42.69 54.85
N GLN A 48 45.78 -42.12 54.58
CA GLN A 48 45.58 -40.69 54.74
C GLN A 48 46.13 -40.21 56.08
N LEU A 49 45.90 -40.97 57.15
CA LEU A 49 46.50 -40.66 58.45
C LEU A 49 47.99 -40.42 58.30
N ILE A 50 48.70 -41.50 58.01
CA ILE A 50 50.16 -41.44 57.90
C ILE A 50 50.52 -40.41 56.85
N TRP A 51 50.03 -40.61 55.64
CA TRP A 51 50.23 -39.79 54.46
C TRP A 51 50.22 -38.30 54.78
N GLN A 52 49.06 -37.75 55.17
CA GLN A 52 49.00 -36.33 55.43
C GLN A 52 49.72 -35.94 56.73
N GLN A 53 49.93 -36.88 57.65
CA GLN A 53 50.90 -36.64 58.71
C GLN A 53 52.29 -36.41 58.13
N MET A 54 52.60 -37.13 57.04
CA MET A 54 53.93 -37.14 56.46
C MET A 54 54.17 -35.85 55.69
N LYS A 55 53.33 -35.57 54.70
CA LYS A 55 53.45 -34.29 54.01
C LYS A 55 53.20 -33.12 54.93
N SER A 56 52.42 -33.32 55.99
CA SER A 56 52.27 -32.27 56.99
C SER A 56 53.63 -31.94 57.56
N GLU A 57 54.20 -32.87 58.32
CA GLU A 57 55.49 -32.66 58.95
C GLU A 57 56.57 -32.31 57.92
N ASN A 58 56.42 -32.81 56.68
CA ASN A 58 57.32 -32.46 55.60
C ASN A 58 57.23 -30.98 55.27
N GLU A 59 56.00 -30.47 55.17
CA GLU A 59 55.81 -29.07 54.81
C GLU A 59 56.14 -28.17 55.99
N ARG A 60 55.93 -28.65 57.21
CA ARG A 60 56.30 -27.90 58.40
C ARG A 60 57.82 -27.84 58.53
N LEU A 61 58.48 -29.00 58.53
CA LEU A 61 59.94 -29.03 58.53
C LEU A 61 60.50 -28.29 57.32
N GLN A 62 59.78 -28.30 56.19
CA GLN A 62 60.12 -27.40 55.10
C GLN A 62 60.03 -25.97 55.58
N GLU A 63 59.04 -25.67 56.41
CA GLU A 63 58.85 -24.31 56.91
C GLU A 63 59.88 -23.95 57.97
N GLU A 64 60.47 -24.92 58.69
CA GLU A 64 61.51 -24.63 59.66
C GLU A 64 62.88 -24.50 59.00
N LEU A 65 63.26 -25.50 58.21
CA LEU A 65 64.47 -25.41 57.40
C LEU A 65 64.44 -24.12 56.60
N ASN A 66 63.25 -23.74 56.16
CA ASN A 66 62.99 -22.35 55.87
C ASN A 66 63.42 -21.54 57.09
N LYS A 67 62.66 -21.61 58.18
CA LYS A 67 62.64 -20.61 59.25
C LYS A 67 64.02 -20.12 59.64
N ASN A 68 65.03 -20.96 59.65
CA ASN A 68 66.37 -20.39 59.82
C ASN A 68 66.75 -19.58 58.59
N LEU A 69 66.46 -20.11 57.41
CA LEU A 69 66.81 -19.42 56.16
C LEU A 69 65.87 -18.27 55.84
N PHE A 70 64.61 -18.37 56.25
CA PHE A 70 63.64 -17.30 56.04
C PHE A 70 63.74 -16.24 57.12
N ASP A 71 63.93 -16.66 58.37
CA ASP A 71 64.30 -15.69 59.39
C ASP A 71 65.62 -15.02 59.01
N ASN A 72 66.45 -15.69 58.21
CA ASN A 72 67.64 -15.05 57.66
C ASN A 72 67.39 -14.37 56.33
N LEU A 73 66.22 -14.58 55.71
CA LEU A 73 65.83 -13.81 54.54
C LEU A 73 65.25 -12.47 54.95
N ILE A 74 64.42 -12.47 55.98
CA ILE A 74 63.90 -11.23 56.55
C ILE A 74 64.91 -10.62 57.52
N GLU A 75 65.86 -11.40 58.02
CA GLU A 75 66.97 -10.82 58.78
C GLU A 75 68.07 -10.29 57.87
N PHE A 76 68.31 -10.91 56.72
CA PHE A 76 69.15 -10.24 55.73
C PHE A 76 68.44 -9.02 55.17
N LEU A 77 67.24 -9.23 54.64
CA LEU A 77 66.50 -8.13 54.05
C LEU A 77 66.31 -7.00 55.06
N GLN A 78 66.17 -7.33 56.35
CA GLN A 78 66.12 -6.33 57.39
C GLN A 78 67.51 -5.91 57.89
N LYS A 79 68.57 -6.56 57.42
CA LYS A 79 69.92 -6.04 57.63
C LYS A 79 70.26 -4.97 56.59
N SER A 80 69.89 -5.20 55.32
CA SER A 80 70.08 -4.17 54.28
C SER A 80 69.06 -3.05 54.43
N HIS A 81 67.86 -3.38 54.93
CA HIS A 81 66.93 -2.31 55.30
C HIS A 81 67.33 -1.67 56.62
N SER A 82 67.99 -2.43 57.49
CA SER A 82 68.74 -1.81 58.58
C SER A 82 69.89 -0.99 58.02
N GLY A 83 70.66 -1.59 57.12
CA GLY A 83 71.76 -0.89 56.46
C GLY A 83 72.27 -1.63 55.24
N LEU A 97 72.58 4.91 44.84
CA LEU A 97 71.63 5.25 43.81
C LEU A 97 71.85 4.43 42.54
N ARG A 98 70.79 4.33 41.73
CA ARG A 98 70.78 3.56 40.49
C ARG A 98 71.44 2.20 40.67
N GLU A 99 71.20 1.53 41.81
CA GLU A 99 71.73 0.19 42.08
C GLU A 99 70.66 -0.67 42.75
N ILE A 100 70.33 -1.82 42.14
CA ILE A 100 69.33 -2.73 42.69
C ILE A 100 70.08 -3.69 43.65
N PRO A 101 69.86 -3.59 44.96
CA PRO A 101 70.32 -4.69 45.83
C PRO A 101 69.46 -5.91 45.60
N THR A 102 70.01 -7.10 45.86
CA THR A 102 69.27 -8.32 45.59
C THR A 102 69.59 -9.37 46.64
N ALA A 103 68.78 -10.44 46.64
CA ALA A 103 68.97 -11.61 47.48
C ALA A 103 69.13 -12.84 46.61
N ALA A 104 70.25 -13.54 46.76
CA ALA A 104 70.53 -14.74 45.97
C ALA A 104 70.35 -15.99 46.82
N LEU A 105 69.31 -16.76 46.51
CA LEU A 105 69.00 -18.01 47.18
C LEU A 105 69.37 -19.17 46.28
N VAL A 106 70.01 -20.19 46.86
CA VAL A 106 70.45 -21.36 46.11
C VAL A 106 69.58 -22.54 46.54
N LEU A 107 68.64 -22.91 45.67
CA LEU A 107 67.80 -24.09 45.83
C LEU A 107 68.23 -25.13 44.82
N GLY A 108 68.91 -26.18 45.29
CA GLY A 108 69.39 -27.16 44.34
C GLY A 108 68.29 -27.97 43.71
N VAL A 109 68.12 -27.79 42.40
CA VAL A 109 67.54 -28.77 41.48
C VAL A 109 66.34 -29.50 42.09
N ASN A 110 65.41 -28.75 42.69
CA ASN A 110 64.04 -29.25 42.93
C ASN A 110 63.05 -28.12 42.67
N VAL A 111 62.04 -28.42 41.86
CA VAL A 111 61.14 -27.39 41.33
C VAL A 111 59.93 -27.18 42.23
N THR A 112 59.01 -28.13 42.20
CA THR A 112 57.66 -27.87 42.71
C THR A 112 57.59 -27.85 44.23
N ASP A 113 58.48 -28.57 44.91
CA ASP A 113 58.42 -28.59 46.37
C ASP A 113 58.56 -27.21 46.97
N HIS A 114 59.28 -26.31 46.29
CA HIS A 114 59.55 -24.98 46.83
C HIS A 114 58.56 -23.91 46.36
N ASP A 115 57.68 -24.21 45.40
CA ASP A 115 56.64 -23.24 45.09
C ASP A 115 55.80 -22.93 46.31
N LEU A 116 55.71 -23.89 47.24
CA LEU A 116 55.03 -23.64 48.51
C LEU A 116 55.61 -22.41 49.16
N THR A 117 56.92 -22.36 49.29
CA THR A 117 57.57 -21.32 50.06
C THR A 117 57.67 -20.00 49.32
N PHE A 118 57.41 -19.99 48.01
CA PHE A 118 57.20 -18.72 47.32
C PHE A 118 55.79 -18.20 47.52
N GLY A 119 54.81 -19.10 47.55
CA GLY A 119 53.53 -18.73 48.10
C GLY A 119 53.65 -18.19 49.53
N SER A 120 54.59 -18.75 50.30
CA SER A 120 54.83 -18.32 51.67
C SER A 120 55.78 -17.13 51.77
N LEU A 121 56.46 -16.74 50.69
CA LEU A 121 57.13 -15.45 50.68
C LEU A 121 56.14 -14.36 50.28
N THR A 122 55.28 -14.64 49.30
CA THR A 122 54.13 -13.78 49.05
C THR A 122 53.41 -13.52 50.36
N GLU A 123 53.17 -14.60 51.12
CA GLU A 123 52.45 -14.47 52.39
C GLU A 123 53.34 -13.84 53.45
N ALA A 124 54.42 -14.53 53.83
CA ALA A 124 55.25 -14.11 54.95
C ALA A 124 55.78 -12.70 54.78
N LEU A 125 56.21 -12.36 53.58
CA LEU A 125 56.66 -11.00 53.33
C LEU A 125 55.52 -10.07 52.95
N GLN A 126 54.30 -10.55 52.83
CA GLN A 126 53.20 -9.61 53.07
C GLN A 126 52.88 -9.47 54.56
N ASN A 127 53.38 -10.37 55.42
CA ASN A 127 52.97 -10.45 56.83
C ASN A 127 53.74 -9.49 57.73
N ASN A 128 55.06 -9.32 57.54
CA ASN A 128 55.82 -8.44 58.42
C ASN A 128 55.32 -7.01 58.43
N VAL A 129 54.46 -6.61 57.49
CA VAL A 129 53.97 -5.25 57.30
C VAL A 129 55.04 -4.48 56.53
N THR A 130 56.21 -5.06 56.45
CA THR A 130 57.25 -4.75 55.50
C THR A 130 56.65 -5.14 54.14
N PRO A 131 57.40 -5.59 53.17
CA PRO A 131 57.07 -5.32 51.76
C PRO A 131 55.66 -5.66 51.28
N TYR A 132 55.48 -5.48 49.98
CA TYR A 132 54.43 -6.12 49.22
C TYR A 132 55.13 -6.84 48.08
N VAL A 133 55.11 -8.13 48.09
CA VAL A 133 56.09 -8.88 47.31
C VAL A 133 55.47 -9.37 46.03
N VAL A 134 56.31 -9.46 45.01
CA VAL A 134 55.93 -9.87 43.67
C VAL A 134 56.94 -10.89 43.18
N SER A 135 56.50 -11.79 42.32
CA SER A 135 57.38 -12.82 41.76
C SER A 135 57.27 -12.82 40.24
N LEU A 136 58.40 -12.61 39.58
CA LEU A 136 58.51 -12.68 38.12
C LEU A 136 59.19 -13.98 37.72
N GLN A 137 58.48 -14.81 36.97
CA GLN A 137 59.05 -16.02 36.40
C GLN A 137 59.75 -15.68 35.09
N ALA A 138 60.83 -16.41 34.78
CA ALA A 138 61.61 -16.10 33.59
C ALA A 138 60.93 -16.56 32.31
N LYS A 139 60.32 -17.75 32.32
CA LYS A 139 59.63 -18.23 31.13
C LYS A 139 58.36 -17.44 30.84
N ASP A 140 57.78 -16.80 31.85
CA ASP A 140 56.62 -15.94 31.66
C ASP A 140 56.98 -14.76 30.77
N CYS A 141 58.27 -14.69 30.42
CA CYS A 141 58.99 -13.43 30.38
C CYS A 141 59.96 -13.39 29.20
N PRO A 142 59.44 -13.57 27.98
CA PRO A 142 60.31 -13.48 26.80
C PRO A 142 60.69 -12.07 26.40
N ASP A 143 59.74 -11.14 26.53
CA ASP A 143 59.91 -9.77 26.08
C ASP A 143 60.18 -8.86 27.28
N MET A 144 60.37 -7.58 26.98
CA MET A 144 60.57 -6.57 28.02
C MET A 144 59.27 -6.07 28.60
N LYS A 145 58.15 -6.41 27.98
CA LYS A 145 56.88 -5.84 28.41
C LYS A 145 56.28 -6.59 29.59
N HIS A 146 56.31 -7.93 29.55
CA HIS A 146 55.57 -8.73 30.54
C HIS A 146 56.13 -8.58 31.95
N PHE A 147 57.41 -8.23 32.10
CA PHE A 147 57.97 -8.04 33.43
C PHE A 147 57.51 -6.75 34.07
N LEU A 148 57.42 -5.67 33.31
CA LEU A 148 56.96 -4.41 33.89
C LEU A 148 55.44 -4.47 34.07
N GLN A 149 54.77 -5.14 33.15
CA GLN A 149 53.35 -5.39 33.27
C GLN A 149 53.03 -6.18 34.53
N LYS A 150 53.70 -7.32 34.71
CA LYS A 150 53.50 -8.10 35.93
C LYS A 150 54.18 -7.47 37.14
N LEU A 151 55.23 -6.71 36.94
CA LEU A 151 55.82 -5.89 37.99
C LEU A 151 54.61 -5.29 38.66
N ILE A 152 53.91 -4.47 37.89
CA ILE A 152 52.96 -3.56 38.49
C ILE A 152 51.62 -4.23 38.74
N SER A 153 51.16 -5.04 37.80
CA SER A 153 50.02 -5.87 38.09
C SER A 153 50.20 -6.50 39.47
N GLN A 154 51.43 -6.92 39.77
CA GLN A 154 51.69 -7.69 40.97
C GLN A 154 51.88 -6.82 42.21
N LEU A 155 52.30 -5.54 42.12
CA LEU A 155 52.26 -4.71 43.33
C LEU A 155 51.02 -3.84 43.49
N MET A 156 50.17 -3.76 42.49
CA MET A 156 48.80 -3.35 42.78
C MET A 156 48.01 -4.54 43.30
N ASP A 157 48.40 -5.75 42.89
CA ASP A 157 47.74 -6.97 43.32
C ASP A 157 48.24 -7.42 44.69
N CYS A 158 49.52 -7.25 44.99
CA CYS A 158 50.02 -7.58 46.32
C CYS A 158 49.26 -6.81 47.39
N CYS A 159 48.55 -5.75 47.00
CA CYS A 159 47.68 -4.97 47.87
C CYS A 159 46.28 -5.55 48.00
N VAL A 160 45.95 -6.62 47.27
CA VAL A 160 44.58 -7.13 47.18
C VAL A 160 44.35 -8.38 48.04
N ASP A 161 45.06 -9.48 47.73
CA ASP A 161 44.66 -10.81 48.19
C ASP A 161 44.38 -10.86 49.68
N ILE A 162 45.02 -9.97 50.46
CA ILE A 162 44.90 -10.05 51.91
C ILE A 162 43.64 -9.39 52.44
N LYS A 163 42.86 -8.71 51.58
CA LYS A 163 41.72 -7.97 52.08
C LYS A 163 40.62 -8.90 52.58
N SER A 164 40.55 -10.13 52.07
CA SER A 164 39.57 -11.09 52.52
C SER A 164 39.74 -11.40 54.01
N TYR A 188 38.25 -5.64 33.52
CA TYR A 188 39.63 -5.26 33.26
C TYR A 188 40.19 -6.04 32.08
N MET A 189 40.07 -7.36 32.08
CA MET A 189 40.59 -8.10 30.93
C MET A 189 42.09 -7.88 30.80
N THR A 190 42.88 -8.71 31.48
CA THR A 190 44.21 -8.41 32.02
C THR A 190 45.19 -7.73 31.05
N VAL A 191 44.80 -7.52 29.79
CA VAL A 191 45.64 -6.82 28.82
C VAL A 191 46.03 -5.40 29.25
N THR A 192 45.48 -4.90 30.34
CA THR A 192 45.40 -3.46 30.63
C THR A 192 46.61 -2.89 31.36
N GLN A 193 47.68 -3.67 31.56
CA GLN A 193 48.74 -3.31 32.49
C GLN A 193 50.02 -2.95 31.75
N LYS A 194 50.78 -2.00 32.31
CA LYS A 194 52.04 -1.51 31.72
C LYS A 194 52.95 -1.00 32.83
N THR A 195 54.03 -0.33 32.43
CA THR A 195 55.21 -0.07 33.25
C THR A 195 55.03 1.04 34.27
N ASP A 196 53.92 1.76 34.25
CA ASP A 196 53.70 2.88 35.16
C ASP A 196 53.35 2.54 36.62
N PRO A 197 52.29 1.76 36.89
CA PRO A 197 51.63 1.83 38.21
C PRO A 197 52.41 1.28 39.44
N LYS A 198 53.55 0.56 39.30
CA LYS A 198 54.37 0.30 40.49
C LYS A 198 54.91 1.63 40.98
N MET A 199 55.49 2.39 40.04
CA MET A 199 56.08 3.68 40.38
C MET A 199 55.04 4.57 41.04
N LEU A 200 53.77 4.29 40.82
CA LEU A 200 52.64 4.94 41.45
C LEU A 200 52.20 4.30 42.77
N SER A 201 52.30 2.97 42.92
CA SER A 201 51.80 2.34 44.15
C SER A 201 52.64 2.70 45.36
N LYS A 202 53.96 2.69 45.24
CA LYS A 202 54.79 3.24 46.31
C LYS A 202 55.03 4.73 46.10
N LYS A 203 54.34 5.36 45.15
CA LYS A 203 54.08 6.79 45.19
C LYS A 203 52.63 7.06 45.58
N ARG A 204 51.68 6.81 44.68
CA ARG A 204 50.30 7.18 44.93
C ARG A 204 49.72 6.47 46.16
N THR A 205 49.66 5.13 46.16
CA THR A 205 49.11 4.46 47.34
C THR A 205 49.88 4.89 48.58
N THR A 206 51.20 4.69 48.57
CA THR A 206 52.06 5.38 49.52
C THR A 206 53.30 5.89 48.80
N SER A 207 53.39 7.21 48.60
CA SER A 207 54.69 7.82 48.36
C SER A 207 55.39 8.07 49.67
N SER A 208 54.64 8.55 50.65
CA SER A 208 55.13 8.73 52.01
C SER A 208 54.58 7.59 52.85
N GLN A 209 55.44 6.61 53.14
CA GLN A 209 55.09 5.52 54.04
C GLN A 209 55.25 5.77 55.55
N TRP A 210 56.35 6.35 56.04
CA TRP A 210 57.51 6.81 55.26
C TRP A 210 58.56 5.74 54.96
N GLN A 211 58.61 4.66 55.73
CA GLN A 211 59.67 3.67 55.55
C GLN A 211 59.34 2.83 54.34
N SER A 212 60.19 2.91 53.32
CA SER A 212 59.83 2.36 52.02
C SER A 212 59.61 0.85 52.15
N PRO A 213 58.65 0.29 51.42
CA PRO A 213 58.59 -1.13 51.37
C PRO A 213 59.70 -1.65 50.48
N PRO A 214 60.35 -2.75 50.83
CA PRO A 214 60.97 -3.54 49.79
C PRO A 214 59.84 -4.11 48.97
N VAL A 215 60.04 -4.20 47.68
CA VAL A 215 59.36 -5.25 46.95
C VAL A 215 60.45 -6.20 46.51
N VAL A 216 60.49 -7.32 47.20
CA VAL A 216 61.45 -8.32 46.81
C VAL A 216 60.84 -8.93 45.56
N VAL A 217 61.47 -8.70 44.42
CA VAL A 217 60.91 -9.18 43.18
C VAL A 217 61.52 -10.57 43.07
N ILE A 218 60.71 -11.57 43.39
CA ILE A 218 61.21 -12.93 43.47
C ILE A 218 61.35 -13.34 42.03
N LEU A 219 62.56 -13.49 41.57
CA LEU A 219 62.78 -13.89 40.22
C LEU A 219 63.08 -15.37 40.40
N LYS A 220 62.05 -16.19 40.18
CA LYS A 220 62.07 -17.55 40.68
C LYS A 220 63.07 -18.39 39.89
N ASP A 221 63.16 -18.14 38.59
CA ASP A 221 64.30 -18.48 37.78
C ASP A 221 64.85 -17.18 37.20
N MET A 222 66.03 -16.77 37.63
CA MET A 222 66.81 -15.78 36.88
C MET A 222 67.72 -16.44 35.86
N GLU A 223 67.93 -17.75 35.95
CA GLU A 223 68.80 -18.44 35.01
C GLU A 223 68.18 -18.46 33.62
N SER A 224 66.87 -18.69 33.53
CA SER A 224 66.15 -18.72 32.26
C SER A 224 65.74 -17.34 31.76
N PHE A 225 65.98 -16.29 32.54
CA PHE A 225 65.75 -14.93 32.09
C PHE A 225 66.41 -14.75 30.73
N ALA A 226 65.71 -14.08 29.82
CA ALA A 226 66.33 -13.74 28.55
C ALA A 226 67.39 -12.67 28.81
N THR A 227 68.62 -12.93 28.38
CA THR A 227 69.74 -12.10 28.78
C THR A 227 69.58 -10.66 28.31
N LYS A 228 69.20 -10.45 27.04
CA LYS A 228 68.83 -9.12 26.58
C LYS A 228 67.81 -8.52 27.53
N VAL A 229 66.74 -9.28 27.77
CA VAL A 229 65.70 -8.88 28.70
C VAL A 229 66.30 -8.64 30.08
N LEU A 230 67.24 -9.48 30.47
CA LEU A 230 67.82 -9.42 31.80
C LEU A 230 68.53 -8.10 32.05
N GLN A 231 69.44 -7.73 31.14
CA GLN A 231 70.17 -6.49 31.30
C GLN A 231 69.29 -5.29 31.04
N ASP A 232 68.29 -5.43 30.17
CA ASP A 232 67.38 -4.31 29.95
C ASP A 232 66.55 -4.01 31.20
N PHE A 233 66.23 -5.03 32.00
CA PHE A 233 65.52 -4.76 33.26
C PHE A 233 66.46 -4.39 34.39
N ILE A 234 67.62 -5.01 34.47
CA ILE A 234 68.50 -4.63 35.55
C ILE A 234 69.03 -3.24 35.29
N ILE A 235 69.11 -2.85 34.01
CA ILE A 235 69.54 -1.50 33.66
C ILE A 235 68.36 -0.52 33.71
N ILE A 236 67.17 -0.92 33.27
CA ILE A 236 66.03 -0.01 33.33
C ILE A 236 65.63 0.20 34.79
N SER A 237 65.45 -0.89 35.51
CA SER A 237 65.10 -0.81 36.92
C SER A 237 66.24 -0.22 37.73
N SER A 238 67.48 -0.62 37.44
CA SER A 238 68.62 0.00 38.13
C SER A 238 68.66 1.51 37.90
N GLN A 239 68.55 1.93 36.64
CA GLN A 239 68.54 3.35 36.31
C GLN A 239 67.48 4.11 37.11
N HIS A 240 66.30 3.49 37.27
CA HIS A 240 65.12 4.13 37.86
C HIS A 240 65.16 4.23 39.38
N LEU A 241 66.19 3.70 40.04
CA LEU A 241 66.06 3.18 41.39
C LEU A 241 66.05 4.20 42.51
N HIS A 242 65.90 3.64 43.71
CA HIS A 242 66.04 4.31 44.99
C HIS A 242 64.85 5.23 45.21
N GLU A 243 64.09 5.45 44.14
CA GLU A 243 62.65 5.56 44.29
C GLU A 243 62.04 4.20 44.59
N PHE A 244 62.63 3.13 44.04
CA PHE A 244 62.24 1.75 44.33
C PHE A 244 63.43 0.92 44.76
N PRO A 245 63.73 0.92 46.04
CA PRO A 245 64.83 0.10 46.54
C PRO A 245 64.49 -1.37 46.38
N LEU A 246 64.28 -1.80 45.14
CA LEU A 246 63.93 -3.19 44.92
C LEU A 246 65.06 -4.10 45.40
N ILE A 247 64.67 -5.15 46.09
CA ILE A 247 65.48 -6.33 46.21
C ILE A 247 64.73 -7.41 45.44
N LEU A 248 65.46 -8.42 44.99
CA LEU A 248 64.84 -9.48 44.19
C LEU A 248 65.49 -10.81 44.56
N ILE A 249 64.67 -11.78 44.93
CA ILE A 249 65.17 -13.07 45.38
C ILE A 249 65.45 -13.95 44.17
N PHE A 250 66.48 -14.79 44.29
CA PHE A 250 66.91 -15.66 43.20
C PHE A 250 66.66 -17.11 43.58
N GLY A 251 65.67 -17.75 42.94
CA GLY A 251 65.59 -19.20 42.95
C GLY A 251 66.69 -19.77 42.06
N ILE A 252 67.57 -20.59 42.62
CA ILE A 252 68.77 -21.03 41.92
C ILE A 252 69.22 -22.38 42.46
N ALA A 253 69.95 -23.12 41.64
CA ALA A 253 70.60 -24.37 42.03
C ALA A 253 72.09 -24.17 42.31
N THR A 254 72.82 -23.66 41.31
CA THR A 254 74.27 -23.70 41.30
C THR A 254 74.90 -22.61 42.18
N SER A 255 76.23 -22.43 42.04
CA SER A 255 77.08 -21.56 42.84
C SER A 255 77.21 -20.18 42.18
N PRO A 256 78.00 -19.23 42.73
CA PRO A 256 77.88 -17.84 42.23
C PRO A 256 78.40 -17.61 40.83
N ILE A 257 79.29 -18.49 40.34
CA ILE A 257 79.95 -18.24 39.07
C ILE A 257 78.94 -18.19 37.93
N ILE A 258 77.86 -18.96 38.02
CA ILE A 258 76.90 -19.08 36.93
C ILE A 258 75.98 -17.86 36.87
N ILE A 259 75.62 -17.31 38.02
CA ILE A 259 74.99 -15.99 38.03
C ILE A 259 75.93 -14.99 37.38
N HIS A 260 77.18 -14.98 37.84
CA HIS A 260 78.17 -14.10 37.24
C HIS A 260 78.34 -14.35 35.74
N ARG A 261 77.86 -15.48 35.23
CA ARG A 261 77.84 -15.74 33.80
C ARG A 261 76.61 -15.11 33.12
N LEU A 262 75.41 -15.55 33.50
CA LEU A 262 74.22 -15.06 32.82
C LEU A 262 73.90 -13.60 33.19
N LEU A 263 74.11 -13.22 34.45
CA LEU A 263 74.10 -11.81 34.85
C LEU A 263 75.48 -11.21 34.64
N PRO A 264 75.66 -10.22 33.74
CA PRO A 264 77.03 -9.72 33.50
C PRO A 264 77.65 -9.04 34.73
N HIS A 265 78.90 -8.61 34.61
CA HIS A 265 79.60 -8.00 35.73
C HIS A 265 78.93 -6.69 36.15
N ALA A 266 78.54 -5.87 35.18
CA ALA A 266 77.79 -4.65 35.49
C ALA A 266 76.59 -5.00 36.36
N VAL A 267 75.97 -6.15 36.08
CA VAL A 267 74.86 -6.60 36.89
C VAL A 267 75.34 -7.20 38.21
N SER A 268 76.41 -8.01 38.20
CA SER A 268 76.92 -8.56 39.46
C SER A 268 77.10 -7.47 40.50
N SER A 269 77.47 -6.28 40.07
CA SER A 269 77.59 -5.14 40.96
C SER A 269 76.25 -4.45 41.21
N LEU A 270 75.49 -4.16 40.15
CA LEU A 270 74.22 -3.49 40.37
C LEU A 270 73.37 -4.28 41.35
N LEU A 271 73.52 -5.61 41.36
CA LEU A 271 72.74 -6.46 42.25
C LEU A 271 73.18 -6.33 43.71
N CYS A 272 74.46 -5.99 43.94
CA CYS A 272 74.97 -5.78 45.30
C CYS A 272 74.73 -7.01 46.18
N ILE A 273 74.83 -8.19 45.57
CA ILE A 273 74.30 -9.39 46.19
C ILE A 273 75.03 -9.69 47.49
N GLU A 274 74.31 -10.35 48.39
CA GLU A 274 74.89 -11.12 49.47
C GLU A 274 74.43 -12.56 49.28
N LEU A 275 75.38 -13.47 49.07
CA LEU A 275 75.03 -14.83 48.68
C LEU A 275 74.38 -15.56 49.85
N PHE A 276 73.32 -16.31 49.53
CA PHE A 276 72.53 -17.02 50.51
C PHE A 276 72.42 -18.47 50.09
N GLN A 277 71.99 -19.30 51.03
CA GLN A 277 72.00 -20.73 50.84
C GLN A 277 70.62 -21.29 51.13
N SER A 278 70.21 -22.27 50.34
CA SER A 278 68.95 -22.96 50.58
C SER A 278 69.17 -24.46 50.43
N LEU A 279 68.49 -25.23 51.27
CA LEU A 279 68.80 -26.65 51.41
C LEU A 279 68.20 -27.45 50.26
N SER A 280 68.96 -28.46 49.82
CA SER A 280 68.68 -29.19 48.61
C SER A 280 67.85 -30.44 48.90
N CYS A 281 67.72 -31.30 47.89
CA CYS A 281 67.00 -32.56 48.07
C CYS A 281 67.75 -33.50 49.00
N LYS A 282 69.03 -33.77 48.72
CA LYS A 282 69.69 -34.89 49.37
C LYS A 282 69.69 -34.76 50.88
N GLU A 283 69.76 -33.53 51.39
CA GLU A 283 69.64 -33.33 52.83
C GLU A 283 68.25 -33.69 53.29
N HIS A 284 67.22 -33.19 52.60
CA HIS A 284 65.85 -33.54 52.97
C HIS A 284 65.63 -35.04 52.88
N LEU A 285 66.35 -35.73 51.98
CA LEU A 285 66.34 -37.17 51.90
C LEU A 285 66.81 -37.77 53.21
N THR A 286 68.08 -37.54 53.52
CA THR A 286 68.66 -38.21 54.67
C THR A 286 67.93 -37.82 55.96
N THR A 287 67.62 -36.54 56.11
CA THR A 287 66.75 -36.10 57.18
C THR A 287 65.48 -36.94 57.23
N VAL A 288 64.70 -36.90 56.15
CA VAL A 288 63.36 -37.48 56.18
C VAL A 288 63.41 -38.98 56.47
N LEU A 289 64.37 -39.69 55.86
CA LEU A 289 64.55 -41.10 56.18
C LEU A 289 64.85 -41.29 57.67
N ASP A 290 65.90 -40.64 58.16
CA ASP A 290 66.20 -40.71 59.59
C ASP A 290 64.94 -40.48 60.42
N LYS A 291 64.20 -39.44 60.06
CA LYS A 291 62.96 -39.12 60.77
C LYS A 291 61.88 -40.11 60.37
N LEU A 292 61.36 -39.96 59.15
CA LEU A 292 60.03 -40.48 58.82
C LEU A 292 59.99 -41.99 58.67
N LEU A 293 60.56 -42.54 57.60
CA LEU A 293 60.40 -43.98 57.35
C LEU A 293 60.93 -44.79 58.52
N LEU A 294 62.02 -44.33 59.12
CA LEU A 294 62.63 -45.01 60.24
C LEU A 294 62.05 -44.58 61.58
N THR A 295 60.98 -43.76 61.58
CA THR A 295 60.26 -43.56 62.83
C THR A 295 59.79 -44.90 63.35
N THR A 296 59.67 -44.97 64.66
CA THR A 296 58.95 -46.07 65.27
C THR A 296 57.45 -45.82 65.29
N GLN A 297 57.04 -44.59 64.99
CA GLN A 297 55.62 -44.29 64.96
C GLN A 297 54.88 -45.26 64.05
N PHE A 298 55.19 -45.21 62.81
CA PHE A 298 54.41 -46.03 61.89
C PHE A 298 55.05 -47.40 61.74
N PRO A 299 54.26 -48.48 61.83
CA PRO A 299 54.86 -49.81 61.85
C PRO A 299 55.51 -50.17 60.54
N PHE A 300 55.06 -49.56 59.45
CA PHE A 300 55.42 -50.03 58.13
C PHE A 300 56.93 -49.92 57.96
N LYS A 301 57.50 -50.95 57.35
CA LYS A 301 58.91 -51.00 57.09
C LYS A 301 59.11 -51.64 55.73
N ILE A 302 60.31 -51.47 55.21
CA ILE A 302 60.59 -51.80 53.82
C ILE A 302 61.67 -52.87 53.76
N ASN A 303 61.58 -53.73 52.75
CA ASN A 303 62.62 -54.72 52.52
C ASN A 303 63.83 -54.10 51.84
N GLU A 304 64.95 -54.81 51.98
CA GLU A 304 66.20 -54.35 51.41
C GLU A 304 66.04 -53.98 49.94
N LYS A 305 65.19 -54.70 49.21
CA LYS A 305 65.22 -54.57 47.76
C LYS A 305 64.46 -53.36 47.25
N VAL A 306 63.32 -53.01 47.87
CA VAL A 306 62.67 -51.78 47.43
C VAL A 306 63.29 -50.58 48.13
N LEU A 307 63.97 -50.76 49.28
CA LEU A 307 64.80 -49.66 49.79
C LEU A 307 65.96 -49.38 48.86
N GLN A 308 66.65 -50.43 48.43
CA GLN A 308 67.78 -50.28 47.52
C GLN A 308 67.32 -49.72 46.19
N VAL A 309 66.22 -50.25 45.65
CA VAL A 309 65.73 -49.78 44.37
C VAL A 309 65.22 -48.35 44.47
N LEU A 310 64.52 -48.03 45.56
CA LEU A 310 64.07 -46.66 45.78
C LEU A 310 65.26 -45.70 45.92
N THR A 311 66.04 -45.84 47.00
CA THR A 311 67.19 -44.96 47.18
C THR A 311 68.12 -44.99 45.97
N ASN A 312 67.99 -46.00 45.11
CA ASN A 312 68.67 -46.00 43.82
C ASN A 312 67.96 -45.10 42.82
N ILE A 313 66.63 -45.08 42.82
CA ILE A 313 65.92 -44.16 41.94
C ILE A 313 66.15 -42.72 42.41
N PHE A 314 66.31 -42.52 43.72
CA PHE A 314 66.58 -41.19 44.27
C PHE A 314 68.02 -40.77 44.03
N LEU A 315 68.98 -41.60 44.43
CA LEU A 315 70.39 -41.22 44.36
C LEU A 315 70.95 -41.33 42.95
N TYR A 316 70.67 -42.45 42.27
CA TYR A 316 71.22 -42.68 40.95
C TYR A 316 70.42 -42.04 39.82
N HIS A 317 69.14 -41.69 40.03
CA HIS A 317 68.35 -41.13 38.94
C HIS A 317 67.75 -39.75 39.23
N ASP A 318 66.67 -39.70 40.01
CA ASP A 318 65.87 -38.48 40.17
C ASP A 318 65.92 -38.05 41.62
N PHE A 319 66.35 -36.81 41.85
CA PHE A 319 66.65 -36.33 43.20
C PHE A 319 65.45 -35.79 43.96
N SER A 320 64.25 -35.84 43.40
CA SER A 320 63.11 -35.22 44.04
C SER A 320 62.60 -36.09 45.18
N VAL A 321 62.51 -35.51 46.38
CA VAL A 321 61.74 -36.14 47.44
C VAL A 321 60.29 -36.27 47.01
N GLN A 322 59.89 -35.55 45.96
CA GLN A 322 58.59 -35.78 45.35
C GLN A 322 58.46 -37.20 44.85
N ASN A 323 59.36 -37.61 43.95
CA ASN A 323 59.27 -38.94 43.37
C ASN A 323 59.56 -40.02 44.39
N PHE A 324 60.37 -39.71 45.40
CA PHE A 324 60.58 -40.68 46.47
C PHE A 324 59.36 -40.77 47.35
N ILE A 325 58.62 -39.68 47.54
CA ILE A 325 57.40 -39.72 48.35
C ILE A 325 56.33 -40.47 47.60
N LYS A 326 55.92 -39.96 46.43
CA LYS A 326 54.91 -40.65 45.64
C LYS A 326 55.29 -42.11 45.46
N GLY A 327 56.58 -42.40 45.29
CA GLY A 327 57.02 -43.78 45.30
C GLY A 327 56.87 -44.45 46.66
N LEU A 328 56.86 -43.67 47.74
CA LEU A 328 56.69 -44.22 49.08
C LEU A 328 55.23 -44.51 49.40
N GLN A 329 54.31 -43.64 48.94
CA GLN A 329 52.91 -44.04 48.92
C GLN A 329 52.75 -45.32 48.13
N LEU A 330 53.18 -45.28 46.87
CA LEU A 330 53.00 -46.44 46.02
C LEU A 330 53.60 -47.69 46.64
N SER A 331 54.65 -47.55 47.45
CA SER A 331 55.12 -48.68 48.26
C SER A 331 54.13 -49.00 49.39
N LEU A 332 53.72 -47.98 50.12
CA LEU A 332 52.78 -48.06 51.24
C LEU A 332 51.53 -48.83 50.84
N LEU A 333 50.77 -48.21 49.95
CA LEU A 333 49.64 -48.86 49.31
C LEU A 333 50.02 -50.21 48.72
N GLU A 334 51.05 -50.24 47.88
CA GLU A 334 51.38 -51.47 47.14
C GLU A 334 51.41 -52.66 48.08
N HIS A 335 52.21 -52.56 49.15
CA HIS A 335 52.11 -53.57 50.20
C HIS A 335 50.69 -53.69 50.69
N PHE A 336 50.09 -52.57 51.08
CA PHE A 336 48.85 -52.59 51.84
C PHE A 336 47.71 -53.20 51.02
N TYR A 337 47.97 -53.56 49.77
CA TYR A 337 47.10 -54.45 49.02
C TYR A 337 47.58 -55.90 49.02
N SER A 338 48.68 -56.21 49.72
CA SER A 338 49.26 -57.54 49.63
C SER A 338 48.28 -58.60 50.10
N GLN A 339 47.80 -58.46 51.33
CA GLN A 339 47.01 -59.47 52.03
C GLN A 339 46.52 -58.86 53.34
N PRO A 340 45.40 -59.34 53.89
CA PRO A 340 44.86 -58.73 55.11
C PRO A 340 45.77 -58.89 56.32
N LEU A 341 46.80 -59.73 56.21
CA LEU A 341 47.66 -60.02 57.33
C LEU A 341 48.26 -58.79 57.99
N SER A 342 48.27 -57.65 57.29
CA SER A 342 48.75 -56.40 57.88
C SER A 342 47.72 -55.68 58.72
N VAL A 343 46.45 -56.09 58.74
CA VAL A 343 45.50 -55.42 59.62
C VAL A 343 46.00 -55.43 61.04
N LEU A 344 46.74 -56.47 61.41
CA LEU A 344 47.50 -56.49 62.65
C LEU A 344 48.63 -55.48 62.67
N CYS A 345 48.86 -54.78 61.57
CA CYS A 345 49.90 -53.77 61.51
C CYS A 345 49.24 -52.49 62.02
N CYS A 346 49.56 -52.16 63.26
CA CYS A 346 48.98 -51.08 64.04
C CYS A 346 49.58 -51.22 65.42
N ASN A 347 49.29 -50.26 66.27
CA ASN A 347 49.72 -50.35 67.65
C ASN A 347 49.14 -51.58 68.32
N LEU A 348 49.89 -52.12 69.27
CA LEU A 348 49.51 -53.36 69.95
C LEU A 348 48.05 -53.41 70.34
N PRO A 349 47.46 -52.40 70.98
CA PRO A 349 46.00 -52.45 71.15
C PRO A 349 45.23 -52.23 69.86
N GLU A 350 45.63 -51.26 69.02
CA GLU A 350 44.96 -51.13 67.73
C GLU A 350 45.07 -52.41 66.93
N ALA A 351 46.18 -53.12 67.08
CA ALA A 351 46.34 -54.39 66.38
C ALA A 351 45.51 -55.48 67.04
N LYS A 352 45.43 -55.48 68.37
CA LYS A 352 44.75 -56.54 69.10
C LYS A 352 43.24 -56.46 68.96
N ARG A 353 42.69 -55.25 68.80
CA ARG A 353 41.31 -55.14 68.36
C ARG A 353 41.12 -56.00 67.12
N ARG A 354 42.01 -55.81 66.14
CA ARG A 354 41.95 -56.59 64.93
C ARG A 354 42.17 -58.07 65.22
N ILE A 355 42.99 -58.39 66.24
CA ILE A 355 43.12 -59.77 66.67
C ILE A 355 41.73 -60.34 67.00
N ASN A 356 40.98 -59.61 67.82
CA ASN A 356 39.62 -60.03 68.15
C ASN A 356 38.79 -60.20 66.89
N PHE A 357 38.87 -59.24 65.96
CA PHE A 357 38.12 -59.33 64.71
C PHE A 357 38.58 -60.47 63.82
N LEU A 358 39.70 -61.13 64.13
CA LEU A 358 40.27 -62.11 63.21
C LEU A 358 39.33 -63.29 63.02
N SER A 359 39.30 -63.80 61.80
CA SER A 359 38.44 -64.90 61.40
C SER A 359 39.28 -66.05 60.86
N ASN A 360 38.59 -67.15 60.54
CA ASN A 360 39.28 -68.42 60.35
C ASN A 360 40.11 -68.44 59.08
N ASN A 361 39.72 -67.67 58.06
CA ASN A 361 40.56 -67.56 56.86
C ASN A 361 41.92 -67.00 57.21
N GLN A 362 41.93 -65.84 57.88
CA GLN A 362 43.18 -65.27 58.33
C GLN A 362 43.94 -66.24 59.22
N CYS A 363 43.23 -66.97 60.09
CA CYS A 363 43.89 -68.01 60.88
C CYS A 363 44.60 -69.00 59.96
N GLU A 364 44.00 -69.31 58.82
CA GLU A 364 44.71 -70.07 57.80
C GLU A 364 45.94 -69.32 57.34
N ASN A 365 45.83 -68.00 57.20
CA ASN A 365 46.89 -67.21 56.57
C ASN A 365 48.11 -67.08 57.47
N ILE A 366 47.92 -66.82 58.78
CA ILE A 366 49.05 -66.80 59.70
C ILE A 366 49.66 -68.18 59.81
N ARG A 367 48.83 -69.22 59.72
CA ARG A 367 49.33 -70.58 59.72
C ARG A 367 50.32 -70.86 58.58
N ARG A 368 50.45 -69.93 57.62
CA ARG A 368 51.12 -70.17 56.35
C ARG A 368 52.53 -69.59 56.28
N LEU A 369 52.68 -68.27 56.41
CA LEU A 369 53.90 -67.61 55.96
C LEU A 369 55.11 -68.08 56.77
N PRO A 370 56.32 -67.84 56.28
CA PRO A 370 57.52 -68.16 57.06
C PRO A 370 57.83 -67.07 58.07
N SER A 371 58.79 -67.37 58.94
CA SER A 371 59.01 -66.64 60.17
C SER A 371 57.82 -66.88 61.12
N PHE A 372 56.65 -67.25 60.59
CA PHE A 372 55.67 -68.01 61.36
C PHE A 372 55.95 -69.49 61.20
N ARG A 373 55.89 -69.98 59.96
CA ARG A 373 56.34 -71.35 59.70
C ARG A 373 57.69 -71.60 60.34
N ARG A 374 58.62 -70.65 60.22
CA ARG A 374 59.86 -70.76 60.99
C ARG A 374 59.56 -70.72 62.48
N TYR A 375 58.73 -69.78 62.91
CA TYR A 375 58.28 -69.74 64.29
C TYR A 375 57.50 -70.99 64.67
N VAL A 376 56.90 -71.68 63.70
CA VAL A 376 56.25 -72.94 63.96
C VAL A 376 57.26 -74.09 64.00
N GLU A 377 58.43 -73.91 63.40
CA GLU A 377 59.38 -75.00 63.23
C GLU A 377 60.17 -75.26 64.50
N LYS A 378 60.43 -74.21 65.27
CA LYS A 378 61.06 -74.39 66.56
C LYS A 378 59.92 -74.46 67.59
N GLN A 379 58.97 -75.38 67.37
CA GLN A 379 57.79 -75.51 68.25
C GLN A 379 57.65 -76.84 69.04
N ALA A 380 56.41 -77.22 69.33
CA ALA A 380 56.14 -78.44 70.10
C ALA A 380 54.90 -79.29 69.70
N SER A 381 54.20 -79.82 70.71
CA SER A 381 53.02 -80.69 70.51
C SER A 381 51.69 -80.00 70.16
N GLU A 382 50.63 -80.28 70.94
CA GLU A 382 49.29 -79.71 70.74
C GLU A 382 49.41 -78.21 70.58
N LYS A 383 49.76 -77.52 71.66
CA LYS A 383 50.10 -76.11 71.50
C LYS A 383 50.15 -75.73 70.03
N GLN A 384 50.95 -76.47 69.26
CA GLN A 384 51.16 -76.14 67.86
C GLN A 384 49.86 -76.20 67.05
N VAL A 385 48.93 -77.09 67.41
CA VAL A 385 47.69 -77.15 66.64
C VAL A 385 46.73 -76.05 67.08
N ALA A 386 46.64 -75.79 68.37
CA ALA A 386 45.91 -74.60 68.78
C ALA A 386 46.53 -73.34 68.19
N LEU A 387 47.70 -73.46 67.54
CA LEU A 387 48.03 -72.51 66.47
C LEU A 387 47.35 -72.88 65.16
N LEU A 388 47.48 -74.16 64.77
CA LEU A 388 47.10 -74.62 63.43
C LEU A 388 45.60 -74.92 63.33
N THR A 389 45.02 -75.56 64.35
CA THR A 389 43.59 -75.84 64.37
C THR A 389 42.81 -74.82 65.20
N ASN A 390 42.98 -74.84 66.52
CA ASN A 390 42.12 -74.10 67.43
C ASN A 390 42.71 -72.71 67.64
N GLU A 391 42.05 -71.71 67.07
CA GLU A 391 42.65 -70.41 66.83
C GLU A 391 42.99 -69.66 68.11
N ARG A 392 42.37 -70.02 69.23
CA ARG A 392 42.49 -69.19 70.43
C ARG A 392 43.93 -69.17 70.92
N TYR A 393 44.56 -70.33 71.04
CA TYR A 393 45.95 -70.37 71.48
C TYR A 393 46.85 -69.68 70.48
N LEU A 394 46.45 -69.58 69.20
CA LEU A 394 47.23 -68.76 68.29
C LEU A 394 47.00 -67.33 68.73
N LYS A 395 45.81 -66.79 68.50
CA LYS A 395 45.59 -65.37 68.71
C LYS A 395 46.18 -64.89 70.02
N GLU A 396 46.14 -65.73 71.04
CA GLU A 396 47.02 -65.53 72.19
C GLU A 396 48.47 -65.43 71.74
N GLU A 397 48.93 -66.44 71.00
CA GLU A 397 50.30 -66.43 70.49
C GLU A 397 50.52 -65.40 69.39
N THR A 398 49.49 -64.83 68.77
CA THR A 398 49.69 -63.66 67.95
C THR A 398 50.04 -62.48 68.84
N GLN A 399 49.27 -62.30 69.92
CA GLN A 399 49.70 -61.30 70.87
C GLN A 399 51.05 -61.64 71.47
N LEU A 400 51.53 -62.87 71.30
CA LEU A 400 52.90 -63.18 71.66
C LEU A 400 53.88 -62.80 70.55
N LEU A 401 53.55 -63.08 69.30
CA LEU A 401 54.42 -62.71 68.18
C LEU A 401 54.56 -61.21 68.10
N LEU A 402 53.43 -60.54 68.04
CA LEU A 402 53.34 -59.14 67.65
C LEU A 402 53.81 -58.22 68.76
N GLU A 403 53.32 -58.43 69.98
CA GLU A 403 53.81 -57.64 71.11
C GLU A 403 55.31 -57.60 71.07
N ASN A 404 55.92 -58.77 71.03
CA ASN A 404 57.36 -58.86 70.88
C ASN A 404 57.80 -58.03 69.68
N LEU A 405 57.20 -58.26 68.51
CA LEU A 405 57.70 -57.63 67.27
C LEU A 405 57.87 -56.13 67.46
N HIS A 406 56.79 -55.45 67.80
CA HIS A 406 56.86 -54.02 68.03
C HIS A 406 57.69 -53.67 69.25
N VAL A 407 58.07 -54.65 70.07
CA VAL A 407 59.12 -54.41 71.06
C VAL A 407 60.50 -54.39 70.40
N TYR A 408 60.77 -55.39 69.54
CA TYR A 408 62.05 -55.48 68.87
C TYR A 408 62.37 -54.21 68.11
N HIS A 409 61.44 -53.78 67.25
CA HIS A 409 61.72 -52.64 66.39
C HIS A 409 62.13 -51.40 67.20
N MET A 410 61.42 -51.13 68.30
CA MET A 410 61.86 -50.06 69.20
C MET A 410 63.27 -50.31 69.68
N ASN A 411 63.53 -51.53 70.15
CA ASN A 411 64.86 -51.89 70.63
C ASN A 411 65.91 -51.66 69.54
N TYR A 412 65.52 -51.72 68.27
CA TYR A 412 66.47 -51.40 67.22
C TYR A 412 66.68 -49.91 67.21
N PHE A 413 65.66 -49.14 66.80
CA PHE A 413 65.89 -47.73 66.50
C PHE A 413 66.59 -47.01 67.63
N LEU A 414 66.14 -47.24 68.88
CA LEU A 414 66.84 -46.69 70.03
C LEU A 414 68.33 -46.88 69.83
N VAL A 415 68.67 -48.09 69.40
CA VAL A 415 70.05 -48.52 69.26
C VAL A 415 70.68 -48.08 67.93
N LEU A 416 69.88 -47.85 66.89
CA LEU A 416 70.44 -47.45 65.60
C LEU A 416 70.99 -46.04 65.68
N ARG A 417 70.16 -45.11 66.14
CA ARG A 417 70.67 -43.76 66.36
C ARG A 417 71.98 -43.85 67.15
N CYS A 418 71.95 -44.66 68.21
CA CYS A 418 73.11 -44.89 69.07
C CYS A 418 74.34 -45.14 68.21
N LEU A 419 74.23 -46.17 67.36
CA LEU A 419 75.35 -46.54 66.49
C LEU A 419 75.82 -45.32 65.76
N HIS A 420 74.89 -44.53 65.23
CA HIS A 420 75.29 -43.44 64.38
C HIS A 420 76.20 -42.48 65.10
N LYS A 421 75.76 -41.88 66.20
CA LYS A 421 76.75 -40.93 66.71
C LYS A 421 78.06 -41.62 67.01
N PHE A 422 78.08 -42.95 67.25
CA PHE A 422 79.41 -43.57 67.31
C PHE A 422 80.13 -43.48 65.96
N THR A 423 79.57 -44.09 64.92
CA THR A 423 80.28 -44.32 63.66
C THR A 423 80.09 -43.24 62.60
N SER A 424 79.06 -42.41 62.74
CA SER A 424 78.90 -41.23 61.92
C SER A 424 80.01 -40.25 62.19
N SER A 425 80.57 -40.30 63.40
CA SER A 425 81.78 -39.55 63.69
C SER A 425 82.99 -40.20 63.02
N LEU A 426 82.96 -41.51 62.81
CA LEU A 426 84.15 -42.23 62.41
C LEU A 426 84.56 -41.92 60.97
N PRO A 427 85.84 -42.11 60.64
CA PRO A 427 86.28 -41.98 59.24
C PRO A 427 86.19 -43.29 58.48
N LYS A 428 86.52 -43.22 57.19
CA LYS A 428 86.48 -44.33 56.23
C LYS A 428 85.04 -44.69 55.89
N TYR A 429 84.12 -44.42 56.82
CA TYR A 429 82.71 -44.69 56.65
C TYR A 429 82.52 -45.96 55.84
N PRO A 430 83.25 -47.03 56.16
CA PRO A 430 83.21 -48.19 55.26
C PRO A 430 81.85 -48.85 55.29
N LEU A 431 81.25 -48.93 56.48
CA LEU A 431 79.91 -49.47 56.59
C LEU A 431 78.84 -48.44 56.23
N GLY A 432 79.06 -47.18 56.57
CA GLY A 432 78.09 -46.16 56.22
C GLY A 432 78.41 -44.82 56.83
N ARG A 433 77.70 -43.82 56.32
CA ARG A 433 77.84 -42.43 56.75
C ARG A 433 76.53 -41.96 57.39
N GLN A 434 75.52 -41.74 56.59
CA GLN A 434 74.24 -41.20 57.00
C GLN A 434 73.39 -42.29 57.62
N ILE A 435 72.44 -41.87 58.44
CA ILE A 435 71.65 -42.83 59.20
C ILE A 435 70.99 -43.84 58.27
N ARG A 436 70.42 -43.35 57.17
CA ARG A 436 69.84 -44.24 56.18
C ARG A 436 70.83 -45.31 55.75
N GLU A 437 72.11 -44.98 55.67
CA GLU A 437 73.10 -45.98 55.28
C GLU A 437 73.18 -47.11 56.29
N LEU A 438 73.45 -46.80 57.56
CA LEU A 438 73.51 -47.86 58.56
C LEU A 438 72.24 -48.70 58.55
N TYR A 439 71.07 -48.06 58.57
CA TYR A 439 69.85 -48.84 58.40
C TYR A 439 70.00 -49.80 57.22
N CYS A 440 70.49 -49.27 56.09
CA CYS A 440 70.59 -50.06 54.87
C CYS A 440 71.55 -51.24 55.03
N THR A 441 72.81 -50.96 55.35
CA THR A 441 73.83 -51.99 55.36
C THR A 441 73.62 -52.95 56.52
N CYS A 442 73.28 -52.41 57.69
CA CYS A 442 72.90 -53.23 58.83
C CYS A 442 71.84 -54.25 58.42
N LEU A 443 70.78 -53.80 57.77
CA LEU A 443 69.70 -54.71 57.43
C LEU A 443 70.02 -55.60 56.22
N GLU A 444 70.93 -55.16 55.35
CA GLU A 444 71.22 -55.90 54.12
C GLU A 444 71.76 -57.29 54.43
N LYS A 445 72.91 -57.35 55.08
CA LYS A 445 73.54 -58.59 55.46
C LYS A 445 74.14 -58.40 56.84
N ASN A 446 74.58 -59.49 57.45
CA ASN A 446 75.07 -59.42 58.80
C ASN A 446 76.23 -58.45 58.91
N ILE A 447 76.06 -57.46 59.78
CA ILE A 447 77.12 -56.50 60.07
C ILE A 447 78.36 -57.26 60.51
N TRP A 448 78.16 -58.17 61.48
CA TRP A 448 79.24 -59.03 61.95
C TRP A 448 79.85 -59.83 60.81
N ASP A 449 79.02 -60.37 59.93
CA ASP A 449 79.55 -61.20 58.87
C ASP A 449 80.33 -60.36 57.86
N SER A 450 80.01 -59.08 57.75
CA SER A 450 80.75 -58.19 56.87
C SER A 450 82.07 -57.78 57.52
N GLU A 451 83.12 -57.65 56.71
CA GLU A 451 84.45 -57.34 57.21
C GLU A 451 84.72 -55.85 57.33
N GLU A 452 83.92 -55.02 56.66
CA GLU A 452 84.10 -53.59 56.76
C GLU A 452 83.69 -53.13 58.15
N TYR A 453 82.73 -53.83 58.72
CA TYR A 453 82.38 -53.60 60.10
C TYR A 453 83.58 -53.87 61.00
N ALA A 454 84.14 -55.08 60.93
CA ALA A 454 85.34 -55.40 61.70
C ALA A 454 86.41 -54.32 61.49
N SER A 455 86.51 -53.79 60.27
CA SER A 455 87.42 -52.68 60.03
C SER A 455 87.06 -51.49 60.92
N VAL A 456 85.77 -51.16 61.00
CA VAL A 456 85.35 -50.09 61.90
C VAL A 456 85.72 -50.44 63.33
N LEU A 457 85.67 -51.71 63.68
CA LEU A 457 86.12 -52.17 64.99
C LEU A 457 87.55 -51.75 65.22
N GLN A 458 88.43 -52.22 64.35
CA GLN A 458 89.83 -51.88 64.43
C GLN A 458 89.97 -50.38 64.58
N LEU A 459 89.14 -49.61 63.87
CA LEU A 459 89.19 -48.16 64.02
C LEU A 459 88.93 -47.75 65.47
N LEU A 460 87.78 -48.12 66.02
CA LEU A 460 87.45 -47.68 67.37
C LEU A 460 88.50 -48.12 68.38
N ARG A 461 89.01 -49.34 68.22
CA ARG A 461 90.13 -49.78 69.05
C ARG A 461 91.36 -48.94 68.82
N MET A 462 91.46 -48.24 67.70
CA MET A 462 92.59 -47.36 67.44
C MET A 462 92.39 -45.99 68.07
N LEU A 463 91.36 -45.28 67.65
CA LEU A 463 91.10 -43.92 68.09
C LEU A 463 91.27 -43.80 69.61
N ALA A 464 90.45 -44.49 70.37
CA ALA A 464 90.49 -44.49 71.84
C ALA A 464 90.46 -43.04 72.33
N LYS A 465 91.14 -42.78 73.45
CA LYS A 465 91.44 -41.46 74.03
C LYS A 465 90.22 -40.52 74.08
N ASP A 466 90.50 -39.22 73.90
CA ASP A 466 89.54 -38.14 74.15
C ASP A 466 88.63 -37.84 72.98
N GLU A 467 89.08 -38.05 71.74
CA GLU A 467 88.13 -37.99 70.63
C GLU A 467 86.94 -38.87 70.95
N LEU A 468 87.21 -40.12 71.35
CA LEU A 468 86.12 -41.02 71.72
C LEU A 468 85.42 -40.56 72.99
N MET A 469 86.13 -40.14 74.03
CA MET A 469 85.34 -39.81 75.23
C MET A 469 84.45 -38.60 75.00
N THR A 470 84.87 -37.65 74.17
CA THR A 470 84.01 -36.52 73.79
C THR A 470 82.83 -36.97 72.95
N ILE A 471 83.09 -37.78 71.92
CA ILE A 471 82.02 -38.19 70.99
C ILE A 471 81.05 -39.15 71.67
N LEU A 472 81.54 -39.96 72.60
CA LEU A 472 80.74 -40.92 73.33
C LEU A 472 79.93 -40.22 74.40
N GLU A 473 80.59 -39.35 75.18
CA GLU A 473 79.85 -38.45 76.06
C GLU A 473 78.82 -37.64 75.30
N LYS A 474 79.05 -37.39 74.00
CA LYS A 474 78.00 -36.83 73.15
C LYS A 474 77.02 -37.88 72.67
N CYS A 475 77.42 -39.15 72.71
CA CYS A 475 76.44 -40.19 72.44
C CYS A 475 75.48 -40.35 73.61
N PHE A 476 75.87 -39.94 74.79
CA PHE A 476 74.92 -39.96 75.88
C PHE A 476 74.27 -38.62 76.21
N LYS A 477 74.99 -37.51 76.15
CA LYS A 477 74.27 -36.26 76.15
C LYS A 477 73.19 -36.32 75.08
N VAL A 478 73.57 -36.79 73.90
CA VAL A 478 72.65 -36.82 72.77
C VAL A 478 71.77 -38.09 72.76
N PHE A 479 72.26 -39.32 73.05
CA PHE A 479 71.36 -40.51 73.05
C PHE A 479 70.60 -40.67 74.35
N LYS A 480 71.21 -40.37 75.48
CA LYS A 480 70.39 -40.12 76.65
C LYS A 480 69.50 -38.92 76.40
N SER A 481 69.85 -38.02 75.48
CA SER A 481 68.85 -37.05 75.06
C SER A 481 67.71 -37.74 74.30
N TYR A 482 68.02 -38.78 73.52
CA TYR A 482 66.95 -39.49 72.81
C TYR A 482 66.03 -40.21 73.79
N CYS A 483 66.59 -40.97 74.72
CA CYS A 483 65.77 -41.70 75.68
C CYS A 483 65.23 -40.81 76.78
N GLU A 484 65.77 -39.58 76.89
CA GLU A 484 65.18 -38.52 77.71
C GLU A 484 64.05 -37.81 76.97
N ASN A 485 64.23 -37.56 75.66
CA ASN A 485 63.21 -36.94 74.82
C ASN A 485 62.77 -37.86 73.68
N HIS A 486 63.67 -38.19 72.75
CA HIS A 486 63.24 -38.76 71.47
C HIS A 486 62.53 -40.11 71.65
N LEU A 487 62.93 -40.91 72.63
CA LEU A 487 62.40 -42.26 72.77
C LEU A 487 62.13 -42.57 74.24
N GLY A 488 60.98 -43.22 74.49
CA GLY A 488 60.53 -43.41 75.85
C GLY A 488 61.32 -44.47 76.60
N SER A 489 61.67 -45.55 75.93
CA SER A 489 62.28 -46.71 76.58
C SER A 489 63.48 -46.28 77.40
N THR A 490 63.65 -46.72 78.66
CA THR A 490 62.77 -47.56 79.50
C THR A 490 62.89 -49.07 79.21
N ALA A 491 63.75 -49.47 78.26
CA ALA A 491 63.97 -50.88 77.98
C ALA A 491 64.83 -51.59 79.04
N LYS A 492 65.41 -50.86 79.99
CA LYS A 492 66.26 -51.37 81.09
C LYS A 492 67.67 -51.77 80.66
N ARG A 493 67.88 -52.07 79.38
CA ARG A 493 69.23 -52.25 78.88
C ARG A 493 69.87 -50.89 78.66
N ILE A 494 69.12 -50.01 77.98
CA ILE A 494 69.57 -48.63 77.75
C ILE A 494 70.13 -48.06 79.04
N GLU A 495 69.32 -48.12 80.10
CA GLU A 495 69.72 -47.58 81.40
C GLU A 495 71.07 -48.14 81.85
N GLU A 496 71.27 -49.46 81.72
CA GLU A 496 72.53 -50.04 82.13
C GLU A 496 73.69 -49.45 81.34
N PHE A 497 73.58 -49.44 80.01
CA PHE A 497 74.58 -48.76 79.22
C PHE A 497 74.85 -47.39 79.82
N LEU A 498 73.78 -46.61 79.94
CA LEU A 498 73.84 -45.22 80.40
C LEU A 498 74.70 -45.09 81.66
N ALA A 499 74.37 -45.86 82.69
CA ALA A 499 75.17 -45.85 83.90
C ALA A 499 76.62 -46.17 83.59
N GLN A 500 76.86 -47.18 82.75
CA GLN A 500 78.22 -47.55 82.39
C GLN A 500 78.99 -46.33 81.88
N PHE A 501 78.38 -45.55 80.97
CA PHE A 501 79.13 -44.45 80.37
C PHE A 501 79.26 -43.26 81.31
N GLN A 502 78.25 -43.00 82.16
CA GLN A 502 78.47 -42.05 83.24
C GLN A 502 79.71 -42.43 84.02
N SER A 503 79.83 -43.71 84.37
CA SER A 503 80.98 -44.16 85.15
C SER A 503 82.28 -43.87 84.40
N LEU A 504 82.30 -44.10 83.08
CA LEU A 504 83.51 -43.78 82.32
C LEU A 504 83.85 -42.30 82.38
N ASP A 505 82.86 -41.42 82.14
CA ASP A 505 83.14 -39.99 82.17
C ASP A 505 83.87 -39.59 83.45
N ALA A 506 83.44 -40.15 84.58
CA ALA A 506 84.09 -39.89 85.85
C ALA A 506 85.55 -40.30 85.81
N LYS A 548 89.64 -48.30 77.58
CA LYS A 548 89.98 -49.15 76.45
C LYS A 548 89.12 -50.39 76.48
N PHE A 549 89.52 -51.40 77.25
CA PHE A 549 88.58 -52.50 77.52
C PHE A 549 87.32 -51.99 78.18
N GLU A 550 87.32 -50.73 78.64
CA GLU A 550 86.08 -50.03 78.89
C GLU A 550 85.43 -49.64 77.56
N VAL A 551 86.22 -49.10 76.64
CA VAL A 551 85.70 -48.81 75.30
C VAL A 551 85.41 -50.09 74.54
N LEU A 552 86.15 -51.16 74.82
CA LEU A 552 85.92 -52.43 74.14
C LEU A 552 84.89 -53.30 74.83
N ARG A 553 84.59 -53.04 76.09
CA ARG A 553 83.41 -53.65 76.69
C ARG A 553 82.16 -52.83 76.49
N GLU A 554 82.28 -51.56 76.14
CA GLU A 554 81.13 -50.79 75.72
C GLU A 554 80.83 -51.06 74.26
N ASN A 555 81.88 -51.13 73.45
CA ASN A 555 81.70 -51.53 72.09
C ASN A 555 81.27 -52.99 72.02
N VAL A 556 81.89 -53.86 72.83
CA VAL A 556 81.44 -55.26 72.90
C VAL A 556 80.04 -55.31 73.46
N VAL A 557 79.73 -54.39 74.36
CA VAL A 557 78.34 -54.11 74.66
C VAL A 557 77.64 -53.60 73.41
N ASN A 558 78.28 -52.71 72.65
CA ASN A 558 77.74 -52.35 71.35
C ASN A 558 77.80 -53.51 70.37
N PHE A 559 78.53 -54.57 70.70
CA PHE A 559 78.70 -55.74 69.84
C PHE A 559 77.72 -56.82 70.28
N ILE A 560 78.01 -57.44 71.43
CA ILE A 560 77.16 -58.53 71.90
C ILE A 560 75.85 -57.99 72.42
N ASP A 561 75.89 -56.95 73.25
CA ASP A 561 74.67 -56.44 73.85
C ASP A 561 73.82 -55.64 72.87
N CYS A 562 74.42 -55.09 71.81
CA CYS A 562 73.68 -54.31 70.82
C CYS A 562 73.72 -54.97 69.45
N LEU A 563 74.84 -54.92 68.72
CA LEU A 563 74.86 -55.39 67.34
C LEU A 563 74.48 -56.86 67.25
N VAL A 564 75.14 -57.71 68.04
CA VAL A 564 74.69 -59.09 68.14
C VAL A 564 73.21 -59.14 68.49
N ARG A 565 72.82 -58.48 69.58
CA ARG A 565 71.44 -58.61 70.08
C ARG A 565 70.49 -57.59 69.46
N GLU A 566 70.65 -56.30 69.78
CA GLU A 566 69.58 -55.32 69.55
C GLU A 566 69.51 -54.76 68.13
N TYR A 567 70.59 -54.80 67.34
CA TYR A 567 70.60 -54.21 66.00
C TYR A 567 70.16 -55.15 64.90
N LEU A 568 69.69 -56.36 65.24
CA LEU A 568 69.86 -57.48 64.33
C LEU A 568 69.08 -57.28 63.04
N LEU A 569 69.16 -58.29 62.19
CA LEU A 569 68.83 -58.25 60.77
C LEU A 569 67.34 -58.06 60.54
N PRO A 570 66.90 -58.02 59.29
CA PRO A 570 65.47 -58.23 58.98
C PRO A 570 65.04 -59.69 59.04
N PRO A 571 65.72 -60.60 58.32
CA PRO A 571 65.22 -61.99 58.32
C PRO A 571 65.51 -62.71 59.61
N GLU A 572 66.61 -62.39 60.29
CA GLU A 572 66.77 -62.79 61.67
C GLU A 572 66.13 -61.68 62.46
N THR A 573 64.91 -61.95 62.87
CA THR A 573 64.02 -61.09 63.60
C THR A 573 62.91 -62.02 64.04
N GLN A 574 61.91 -61.45 64.61
CA GLN A 574 60.81 -62.22 65.08
C GLN A 574 60.00 -62.84 63.96
N PRO A 575 59.08 -63.73 64.33
CA PRO A 575 58.04 -64.16 63.40
C PRO A 575 57.34 -62.97 62.78
N LEU A 576 56.79 -63.20 61.58
CA LEU A 576 55.92 -62.22 60.94
C LEU A 576 56.66 -60.96 60.53
N HIS A 577 57.96 -61.06 60.24
CA HIS A 577 58.65 -59.88 59.71
C HIS A 577 58.13 -59.50 58.33
N GLU A 578 57.29 -60.33 57.71
CA GLU A 578 56.58 -59.91 56.51
C GLU A 578 55.46 -58.94 56.87
N VAL A 579 55.05 -58.16 55.87
CA VAL A 579 53.83 -57.36 55.91
C VAL A 579 53.99 -56.10 56.75
N VAL A 580 54.90 -56.13 57.73
CA VAL A 580 55.46 -54.90 58.28
C VAL A 580 56.66 -54.45 57.47
N TYR A 581 57.48 -55.42 57.07
CA TYR A 581 58.56 -55.22 56.12
C TYR A 581 58.07 -55.72 54.76
N PHE A 582 58.18 -54.89 53.73
CA PHE A 582 57.51 -55.15 52.46
C PHE A 582 58.49 -55.68 51.40
N SER A 583 58.24 -56.90 50.95
CA SER A 583 58.95 -57.52 49.81
C SER A 583 58.34 -57.09 48.49
N ALA A 584 58.64 -57.82 47.42
CA ALA A 584 58.03 -57.58 46.11
C ALA A 584 58.46 -56.23 45.52
N ALA A 585 59.77 -56.01 45.48
CA ALA A 585 60.32 -54.81 44.84
C ALA A 585 59.98 -54.75 43.36
N HIS A 586 60.12 -55.88 42.66
CA HIS A 586 60.19 -55.87 41.21
C HIS A 586 59.05 -55.10 40.57
N ALA A 587 57.80 -55.40 40.97
CA ALA A 587 56.64 -54.83 40.30
C ALA A 587 56.64 -53.31 40.35
N LEU A 588 57.03 -52.72 41.49
CA LEU A 588 57.11 -51.27 41.58
C LEU A 588 58.10 -50.74 40.55
N ARG A 589 59.29 -51.33 40.48
CA ARG A 589 60.28 -50.95 39.48
C ARG A 589 59.68 -51.02 38.08
N GLU A 590 58.77 -51.98 37.85
CA GLU A 590 58.01 -51.96 36.61
C GLU A 590 57.05 -50.78 36.55
N HIS A 591 56.47 -50.39 37.70
CA HIS A 591 55.42 -49.38 37.78
C HIS A 591 55.95 -48.00 38.10
N LEU A 592 57.26 -47.89 38.32
CA LEU A 592 57.86 -46.59 38.58
C LEU A 592 59.12 -46.41 37.76
N ASN A 593 60.13 -47.24 38.03
CA ASN A 593 61.41 -47.08 37.38
C ASN A 593 61.25 -46.96 35.88
N ALA A 594 60.17 -47.50 35.33
CA ALA A 594 59.90 -47.37 33.91
C ALA A 594 61.08 -47.93 33.10
N ALA A 595 61.15 -49.25 33.09
CA ALA A 595 62.22 -49.92 32.38
C ALA A 595 61.61 -50.68 31.21
N PRO A 596 61.12 -49.96 30.20
CA PRO A 596 60.52 -50.66 29.06
C PRO A 596 61.53 -51.38 28.19
N ARG A 597 62.73 -50.83 28.03
CA ARG A 597 63.70 -51.41 27.10
C ARG A 597 64.37 -52.67 27.65
N ILE A 598 64.26 -52.94 28.96
CA ILE A 598 64.66 -54.25 29.49
C ILE A 598 63.71 -55.32 28.97
N ALA A 599 62.41 -55.14 29.25
CA ALA A 599 61.42 -56.09 28.78
C ALA A 599 61.42 -56.19 27.26
N LEU A 600 61.64 -55.07 26.58
CA LEU A 600 61.66 -55.07 25.13
C LEU A 600 62.89 -55.80 24.65
N HIS A 601 64.08 -55.25 24.91
CA HIS A 601 65.31 -55.89 24.45
C HIS A 601 65.27 -57.39 24.74
N THR A 602 65.15 -57.77 26.01
CA THR A 602 65.15 -59.19 26.34
C THR A 602 63.99 -59.94 25.67
N ALA A 603 62.89 -59.27 25.33
CA ALA A 603 61.78 -59.96 24.68
C ALA A 603 62.04 -60.18 23.19
N LEU A 604 62.48 -59.13 22.50
CA LEU A 604 62.71 -59.18 21.07
C LEU A 604 63.91 -60.07 20.75
N ASN A 605 64.98 -59.94 21.53
CA ASN A 605 66.02 -60.95 21.56
C ASN A 605 65.40 -62.30 21.94
N ASN A 606 64.89 -62.40 23.16
CA ASN A 606 64.33 -63.65 23.66
C ASN A 606 62.98 -63.44 24.33
N PRO A 628 58.24 -67.23 16.51
CA PRO A 628 59.33 -66.29 16.80
C PRO A 628 59.80 -65.55 15.55
N ASP A 629 58.86 -65.20 14.67
CA ASP A 629 59.21 -64.54 13.41
C ASP A 629 59.65 -63.10 13.63
N ILE A 630 59.10 -62.42 14.64
CA ILE A 630 59.66 -61.13 15.04
C ILE A 630 60.90 -61.35 15.90
N CYS A 631 60.94 -62.44 16.65
CA CYS A 631 62.16 -62.79 17.37
C CYS A 631 63.31 -62.99 16.39
N ILE A 632 63.09 -63.83 15.36
CA ILE A 632 64.10 -64.01 14.33
C ILE A 632 64.30 -62.72 13.54
N ALA A 633 63.25 -61.91 13.39
CA ALA A 633 63.41 -60.64 12.67
C ALA A 633 64.40 -59.74 13.39
N TYR A 634 64.25 -59.59 14.71
CA TYR A 634 65.21 -58.83 15.49
C TYR A 634 66.57 -59.52 15.50
N LYS A 635 66.60 -60.85 15.34
CA LYS A 635 67.88 -61.54 15.16
C LYS A 635 68.57 -61.06 13.88
N LEU A 636 67.82 -60.87 12.80
CA LEU A 636 68.38 -60.40 11.55
C LEU A 636 68.81 -58.94 11.67
N HIS A 637 67.90 -58.10 12.17
CA HIS A 637 68.17 -56.71 12.47
C HIS A 637 69.37 -56.55 13.40
N LEU A 638 69.73 -57.61 14.13
CA LEU A 638 71.03 -57.67 14.79
C LEU A 638 72.12 -58.12 13.83
N GLU A 639 71.79 -59.06 12.93
CA GLU A 639 72.80 -59.84 12.21
C GLU A 639 73.46 -59.08 11.08
N CYS A 640 72.68 -58.46 10.18
CA CYS A 640 73.13 -58.33 8.79
C CYS A 640 74.50 -57.66 8.66
N SER A 641 74.58 -56.33 8.66
CA SER A 641 75.86 -55.69 8.96
C SER A 641 75.73 -54.40 9.75
N ARG A 642 75.44 -53.31 9.03
CA ARG A 642 75.12 -52.01 9.59
C ARG A 642 73.94 -51.47 8.81
N LEU A 643 74.20 -51.16 7.55
CA LEU A 643 73.20 -50.80 6.57
C LEU A 643 72.91 -52.01 5.68
N ILE A 644 71.63 -52.26 5.43
CA ILE A 644 71.19 -53.47 4.74
C ILE A 644 70.31 -53.03 3.58
N ASN A 645 70.78 -53.26 2.35
CA ASN A 645 70.06 -52.82 1.16
C ASN A 645 68.81 -53.65 0.92
N LEU A 646 67.67 -52.98 0.70
CA LEU A 646 66.41 -53.69 0.57
C LEU A 646 66.35 -54.57 -0.68
N VAL A 647 67.23 -54.36 -1.66
CA VAL A 647 67.34 -55.34 -2.73
C VAL A 647 67.88 -56.65 -2.17
N ASP A 648 69.07 -56.61 -1.58
CA ASP A 648 69.65 -57.75 -0.87
C ASP A 648 69.39 -57.70 0.63
N TRP A 649 68.49 -56.84 1.10
CA TRP A 649 67.87 -57.08 2.39
C TRP A 649 66.56 -57.82 2.22
N SER A 650 65.63 -57.31 1.42
CA SER A 650 64.50 -58.15 1.05
C SER A 650 65.01 -59.49 0.52
N GLU A 651 66.08 -59.47 -0.27
CA GLU A 651 66.70 -60.69 -0.78
C GLU A 651 67.70 -61.36 0.18
N ALA A 652 68.29 -60.65 1.15
CA ALA A 652 69.10 -61.37 2.14
C ALA A 652 68.22 -62.03 3.19
N PHE A 653 67.18 -61.32 3.61
CA PHE A 653 66.07 -61.88 4.38
C PHE A 653 65.33 -62.94 3.60
N ALA A 654 65.46 -62.96 2.27
CA ALA A 654 65.03 -64.12 1.50
C ALA A 654 66.10 -65.20 1.33
N THR A 655 67.39 -64.87 1.53
CA THR A 655 68.41 -65.93 1.64
C THR A 655 68.41 -66.50 3.03
N VAL A 656 68.39 -65.63 4.05
CA VAL A 656 68.33 -66.07 5.43
C VAL A 656 66.94 -66.62 5.74
N VAL A 657 65.90 -65.88 5.35
CA VAL A 657 64.53 -66.24 5.68
C VAL A 657 63.70 -66.38 4.41
N ILE A 676 53.77 -64.82 2.14
CA ILE A 676 53.41 -64.59 3.54
C ILE A 676 54.66 -64.28 4.35
N ILE A 677 55.81 -64.75 3.87
CA ILE A 677 57.02 -64.72 4.68
C ILE A 677 57.52 -63.29 4.87
N HIS A 678 57.24 -62.40 3.92
CA HIS A 678 57.78 -61.05 3.97
C HIS A 678 56.96 -60.11 4.86
N ALA A 679 55.63 -60.18 4.78
CA ALA A 679 54.79 -59.15 5.39
C ALA A 679 55.06 -58.99 6.87
N ARG A 680 55.42 -60.08 7.56
CA ARG A 680 55.70 -60.02 8.99
C ARG A 680 57.02 -59.34 9.31
N PHE A 681 57.96 -59.29 8.36
CA PHE A 681 59.18 -58.52 8.58
C PHE A 681 58.99 -57.05 8.28
N ILE A 682 58.08 -56.71 7.35
CA ILE A 682 57.72 -55.30 7.16
C ILE A 682 56.84 -54.81 8.30
N ARG A 683 56.10 -55.70 8.96
CA ARG A 683 55.38 -55.25 10.14
C ARG A 683 56.30 -55.27 11.36
N ALA A 684 57.19 -56.25 11.45
CA ALA A 684 58.26 -56.19 12.44
C ALA A 684 59.07 -54.91 12.29
N VAL A 685 59.34 -54.52 11.05
CA VAL A 685 60.20 -53.36 10.80
C VAL A 685 59.40 -52.07 10.92
N SER A 686 58.13 -52.07 10.54
CA SER A 686 57.30 -50.88 10.70
C SER A 686 56.97 -50.63 12.16
N GLU A 687 56.88 -51.69 12.95
CA GLU A 687 56.84 -51.54 14.40
C GLU A 687 58.20 -51.07 14.92
N LEU A 688 59.26 -51.79 14.55
CA LEU A 688 60.62 -51.36 14.89
C LEU A 688 60.84 -49.89 14.51
N GLU A 689 60.09 -49.34 13.55
CA GLU A 689 59.95 -47.89 13.42
C GLU A 689 59.08 -47.35 14.55
N LEU A 690 57.88 -47.91 14.69
CA LEU A 690 56.97 -47.46 15.72
C LEU A 690 57.52 -47.76 17.10
N LEU A 691 57.91 -49.02 17.34
CA LEU A 691 58.77 -49.32 18.48
C LEU A 691 60.01 -48.42 18.49
N GLY A 692 60.68 -48.27 17.35
CA GLY A 692 61.89 -47.48 17.26
C GLY A 692 63.21 -48.23 17.25
N PHE A 693 63.20 -49.57 17.21
CA PHE A 693 64.46 -50.31 17.09
C PHE A 693 65.07 -50.14 15.71
N ILE A 694 64.35 -49.55 14.77
CA ILE A 694 64.93 -49.05 13.53
C ILE A 694 64.27 -47.73 13.20
N LYS A 695 64.58 -47.18 12.02
CA LYS A 695 63.94 -45.99 11.50
C LYS A 695 63.76 -46.17 10.00
N PRO A 696 62.76 -45.51 9.40
CA PRO A 696 62.64 -45.59 7.93
C PRO A 696 63.59 -44.61 7.25
N THR A 697 64.82 -45.05 7.01
CA THR A 697 65.96 -44.16 6.84
C THR A 697 66.34 -43.97 5.37
N LYS A 698 66.74 -42.74 5.03
CA LYS A 698 67.16 -42.37 3.68
C LYS A 698 68.67 -42.41 3.44
N GLN A 699 69.51 -42.78 4.41
CA GLN A 699 70.94 -42.82 4.14
C GLN A 699 71.28 -43.67 2.93
N LYS A 700 70.39 -44.57 2.54
CA LYS A 700 70.56 -45.34 1.33
C LYS A 700 69.19 -45.77 0.85
N THR A 701 69.09 -46.04 -0.46
CA THR A 701 67.78 -46.24 -1.08
C THR A 701 67.08 -47.45 -0.49
N ASP A 702 65.85 -47.24 -0.01
CA ASP A 702 65.04 -48.32 0.56
C ASP A 702 65.77 -48.96 1.74
N HIS A 703 65.86 -48.21 2.84
CA HIS A 703 66.61 -48.69 3.99
C HIS A 703 65.88 -48.43 5.29
N VAL A 704 66.24 -49.26 6.26
CA VAL A 704 65.68 -49.25 7.61
C VAL A 704 66.86 -49.34 8.57
N ALA A 705 67.11 -48.26 9.35
CA ALA A 705 68.32 -48.17 10.16
C ALA A 705 68.04 -47.58 11.53
N ARG A 706 68.62 -48.21 12.55
CA ARG A 706 68.29 -47.92 13.94
C ARG A 706 69.04 -46.72 14.49
N LEU A 707 68.30 -45.84 15.18
CA LEU A 707 68.87 -44.83 16.06
C LEU A 707 69.25 -45.43 17.40
N THR A 708 68.48 -46.40 17.87
CA THR A 708 68.77 -47.01 19.15
C THR A 708 70.01 -47.85 19.00
N TRP A 709 70.77 -47.94 20.08
CA TRP A 709 72.03 -48.64 20.03
C TRP A 709 71.79 -50.12 20.32
N LYS B 41 -39.69 29.25 -61.17
CA LYS B 41 -39.50 28.11 -60.29
C LYS B 41 -38.68 28.54 -59.08
N LEU B 42 -38.70 27.74 -58.03
CA LEU B 42 -37.99 28.09 -56.81
C LEU B 42 -36.59 28.58 -57.15
N ARG B 43 -35.93 27.91 -58.08
CA ARG B 43 -34.59 28.33 -58.47
C ARG B 43 -34.56 29.71 -59.11
N PHE B 44 -35.67 30.18 -59.65
CA PHE B 44 -35.74 31.52 -60.23
C PHE B 44 -36.06 32.59 -59.22
N GLU B 45 -36.92 32.30 -58.24
CA GLU B 45 -36.98 33.20 -57.10
C GLU B 45 -35.61 33.31 -56.47
N THR B 46 -34.93 32.17 -56.28
CA THR B 46 -33.55 32.21 -55.83
C THR B 46 -32.68 32.95 -56.83
N TYR B 47 -32.94 32.81 -58.11
CA TYR B 47 -32.18 33.61 -59.05
C TYR B 47 -32.36 35.06 -58.68
N GLN B 48 -33.54 35.64 -58.94
CA GLN B 48 -33.76 37.08 -58.73
C GLN B 48 -33.21 37.53 -57.37
N LEU B 49 -33.43 36.74 -56.32
CA LEU B 49 -32.82 36.99 -55.02
C LEU B 49 -31.32 37.19 -55.20
N ILE B 50 -30.63 36.10 -55.56
CA ILE B 50 -29.19 36.13 -55.71
C ILE B 50 -28.82 37.22 -56.70
N TRP B 51 -29.33 37.10 -57.92
CA TRP B 51 -29.12 37.99 -59.05
C TRP B 51 -29.12 39.48 -58.69
N GLN B 52 -30.26 40.03 -58.31
CA GLN B 52 -30.27 41.46 -58.01
C GLN B 52 -29.57 41.77 -56.70
N GLN B 53 -29.41 40.80 -55.80
CA GLN B 53 -28.44 40.98 -54.72
C GLN B 53 -27.06 41.20 -55.30
N MET B 54 -26.75 40.53 -56.41
CA MET B 54 -25.42 40.54 -57.00
C MET B 54 -25.17 41.86 -57.71
N LYS B 55 -26.00 42.19 -58.69
CA LYS B 55 -25.86 43.50 -59.33
C LYS B 55 -26.07 44.63 -58.34
N SER B 56 -26.84 44.40 -57.29
CA SER B 56 -26.97 45.39 -56.24
C SER B 56 -25.59 45.66 -55.66
N GLU B 57 -25.03 44.68 -54.97
CA GLU B 57 -23.72 44.85 -54.36
C GLU B 57 -22.66 45.24 -55.40
N ASN B 58 -22.85 44.82 -56.65
CA ASN B 58 -21.95 45.22 -57.73
C ASN B 58 -22.01 46.72 -57.96
N GLU B 59 -23.21 47.26 -58.04
CA GLU B 59 -23.39 48.67 -58.32
C GLU B 59 -23.08 49.53 -57.10
N ARG B 60 -23.31 48.99 -55.90
CA ARG B 60 -22.94 49.67 -54.68
C ARG B 60 -21.42 49.72 -54.53
N LEU B 61 -20.76 48.57 -54.57
CA LEU B 61 -19.30 48.54 -54.58
C LEU B 61 -18.73 49.32 -55.75
N GLN B 62 -19.46 49.35 -56.87
CA GLN B 62 -19.13 50.27 -57.94
C GLN B 62 -19.17 51.69 -57.41
N GLU B 63 -20.15 51.98 -56.56
CA GLU B 63 -20.31 53.31 -55.98
C GLU B 63 -19.29 53.60 -54.89
N GLU B 64 -18.72 52.59 -54.21
CA GLU B 64 -17.66 52.81 -53.23
C GLU B 64 -16.29 52.94 -53.89
N LEU B 65 -15.93 51.95 -54.72
CA LEU B 65 -14.73 52.07 -55.52
C LEU B 65 -14.77 53.39 -56.28
N ASN B 66 -15.96 53.81 -56.68
CA ASN B 66 -16.21 55.22 -56.90
C ASN B 66 -15.75 55.98 -55.65
N LYS B 67 -16.50 55.86 -54.56
CA LYS B 67 -16.47 56.82 -53.44
C LYS B 67 -15.08 57.27 -53.04
N ASN B 68 -14.07 56.40 -53.06
CA ASN B 68 -12.72 56.93 -52.87
C ASN B 68 -12.34 57.82 -54.04
N LEU B 69 -12.65 57.37 -55.25
CA LEU B 69 -12.32 58.11 -56.46
C LEU B 69 -13.25 59.28 -56.73
N PHE B 70 -14.53 59.18 -56.32
CA PHE B 70 -15.47 60.27 -56.47
C PHE B 70 -15.34 61.28 -55.35
N ASP B 71 -15.15 60.83 -54.12
CA ASP B 71 -14.74 61.76 -53.07
C ASP B 71 -13.39 62.39 -53.41
N ASN B 72 -12.55 61.73 -54.21
CA ASN B 72 -11.36 62.38 -54.74
C ASN B 72 -11.61 63.10 -56.06
N LEU B 73 -12.78 62.94 -56.66
CA LEU B 73 -13.18 63.77 -57.80
C LEU B 73 -13.74 65.09 -57.33
N ILE B 74 -14.57 65.05 -56.28
CA ILE B 74 -15.07 66.25 -55.65
C ILE B 74 -14.04 66.82 -54.68
N GLU B 75 -13.10 66.01 -54.21
CA GLU B 75 -11.98 66.56 -53.44
C GLU B 75 -10.87 67.11 -54.35
N PHE B 76 -10.65 66.52 -55.53
CA PHE B 76 -9.80 67.21 -56.49
C PHE B 76 -10.48 68.47 -57.00
N LEU B 77 -11.68 68.31 -57.56
CA LEU B 77 -12.40 69.46 -58.11
C LEU B 77 -12.58 70.54 -57.04
N GLN B 78 -12.75 70.15 -55.78
CA GLN B 78 -12.81 71.12 -54.70
C GLN B 78 -11.42 71.49 -54.18
N LYS B 79 -10.36 70.84 -54.66
CA LYS B 79 -9.00 71.33 -54.42
C LYS B 79 -8.64 72.43 -55.41
N SER B 80 -9.03 72.27 -56.68
CA SER B 80 -8.83 73.32 -57.68
C SER B 80 -9.82 74.46 -57.48
N HIS B 81 -11.02 74.17 -56.99
CA HIS B 81 -11.94 75.22 -56.58
C HIS B 81 -11.53 75.81 -55.24
N SER B 82 -10.88 75.02 -54.39
CA SER B 82 -10.13 75.58 -53.28
C SER B 82 -8.94 76.37 -53.79
N GLY B 83 -8.16 75.78 -54.69
CA GLY B 83 -7.03 76.45 -55.30
C GLY B 83 -6.50 75.69 -56.51
N LEU B 97 -6.43 82.85 -66.70
CA LEU B 97 -7.36 83.25 -67.73
C LEU B 97 -7.11 82.43 -68.99
N ARG B 98 -8.13 82.36 -69.85
CA ARG B 98 -8.05 81.63 -71.11
C ARG B 98 -7.39 80.25 -70.95
N GLU B 99 -7.66 79.55 -69.85
CA GLU B 99 -7.15 78.19 -69.64
C GLU B 99 -8.23 77.32 -69.03
N ILE B 100 -8.58 76.21 -69.71
CA ILE B 100 -9.59 75.29 -69.22
C ILE B 100 -8.89 74.27 -68.32
N PRO B 101 -9.12 74.29 -67.01
CA PRO B 101 -8.71 73.14 -66.20
C PRO B 101 -9.63 71.96 -66.48
N THR B 102 -9.11 70.75 -66.24
CA THR B 102 -9.84 69.55 -66.57
C THR B 102 -9.57 68.46 -65.52
N ALA B 103 -10.38 67.41 -65.58
CA ALA B 103 -10.20 66.23 -64.77
C ALA B 103 -10.03 65.04 -65.71
N ALA B 104 -8.90 64.35 -65.60
CA ALA B 104 -8.60 63.21 -66.46
C ALA B 104 -8.82 61.91 -65.70
N LEU B 105 -9.86 61.18 -66.07
CA LEU B 105 -10.19 59.89 -65.49
C LEU B 105 -9.82 58.78 -66.46
N VAL B 106 -9.20 57.72 -65.95
CA VAL B 106 -8.77 56.61 -66.76
C VAL B 106 -9.67 55.43 -66.42
N LEU B 107 -10.62 55.12 -67.30
CA LEU B 107 -11.48 53.94 -67.17
C LEU B 107 -11.04 52.93 -68.23
N GLY B 108 -10.36 51.87 -67.80
CA GLY B 108 -9.86 50.94 -68.78
C GLY B 108 -10.96 50.16 -69.46
N VAL B 109 -11.11 50.40 -70.75
CA VAL B 109 -11.71 49.46 -71.70
C VAL B 109 -12.92 48.73 -71.09
N ASN B 110 -13.81 49.47 -70.45
CA ASN B 110 -15.17 49.00 -70.23
C ASN B 110 -16.12 50.16 -70.43
N VAL B 111 -17.14 49.93 -71.25
CA VAL B 111 -18.00 51.01 -71.72
C VAL B 111 -19.19 51.19 -70.79
N THR B 112 -20.13 50.25 -70.83
CA THR B 112 -21.45 50.50 -70.28
C THR B 112 -21.47 50.43 -68.75
N ASP B 113 -20.59 49.63 -68.15
CA ASP B 113 -20.61 49.50 -66.68
C ASP B 113 -20.43 50.85 -66.02
N HIS B 114 -19.73 51.77 -66.67
CA HIS B 114 -19.49 53.08 -66.09
C HIS B 114 -20.50 54.14 -66.52
N ASP B 115 -21.36 53.85 -67.50
CA ASP B 115 -22.42 54.79 -67.80
C ASP B 115 -23.28 55.06 -66.57
N LEU B 116 -23.31 54.12 -65.63
CA LEU B 116 -23.96 54.37 -64.36
C LEU B 116 -23.37 55.59 -63.69
N THR B 117 -22.05 55.60 -63.50
CA THR B 117 -21.44 56.58 -62.63
C THR B 117 -21.31 57.95 -63.28
N PHE B 118 -21.55 58.07 -64.58
CA PHE B 118 -21.74 59.38 -65.17
C PHE B 118 -23.14 59.91 -64.91
N GLY B 119 -24.14 59.04 -65.00
CA GLY B 119 -25.43 59.37 -64.44
C GLY B 119 -25.33 59.77 -62.98
N SER B 120 -24.40 59.15 -62.24
CA SER B 120 -24.18 59.51 -60.85
C SER B 120 -23.29 60.74 -60.72
N LEU B 121 -22.54 61.10 -61.77
CA LEU B 121 -21.86 62.39 -61.73
C LEU B 121 -22.81 63.49 -62.12
N THR B 122 -23.67 63.25 -63.12
CA THR B 122 -24.82 64.13 -63.34
C THR B 122 -25.56 64.35 -62.03
N GLU B 123 -25.80 63.27 -61.29
CA GLU B 123 -26.51 63.32 -60.01
C GLU B 123 -25.62 63.82 -58.88
N ALA B 124 -24.54 63.08 -58.57
CA ALA B 124 -23.74 63.39 -57.39
C ALA B 124 -23.22 64.82 -57.44
N LEU B 125 -22.78 65.28 -58.61
CA LEU B 125 -22.30 66.65 -58.65
C LEU B 125 -23.43 67.65 -58.82
N GLN B 126 -24.63 67.24 -59.17
CA GLN B 126 -25.74 68.14 -58.90
C GLN B 126 -26.12 68.13 -57.42
N ASN B 127 -25.62 67.16 -56.64
CA ASN B 127 -26.02 67.02 -55.25
C ASN B 127 -25.22 67.94 -54.33
N ASN B 128 -23.91 68.09 -54.56
CA ASN B 128 -23.13 68.96 -53.69
C ASN B 128 -23.62 70.40 -53.73
N VAL B 129 -24.44 70.75 -54.73
CA VAL B 129 -24.95 72.10 -54.95
C VAL B 129 -23.92 72.95 -55.68
N THR B 130 -22.68 72.46 -55.74
CA THR B 130 -21.61 73.24 -56.38
C THR B 130 -21.89 73.49 -57.87
N PRO B 131 -21.98 72.46 -58.71
CA PRO B 131 -22.05 72.67 -60.16
C PRO B 131 -23.46 72.59 -60.71
N TYR B 132 -23.53 72.65 -62.04
CA TYR B 132 -24.59 72.02 -62.81
C TYR B 132 -23.89 71.31 -63.95
N VAL B 133 -23.94 70.00 -64.00
CA VAL B 133 -22.96 69.25 -64.77
C VAL B 133 -23.56 68.78 -66.09
N VAL B 134 -22.69 68.72 -67.09
CA VAL B 134 -23.04 68.34 -68.46
C VAL B 134 -22.00 67.34 -68.96
N SER B 135 -22.42 66.47 -69.87
CA SER B 135 -21.52 65.48 -70.47
C SER B 135 -21.63 65.55 -71.99
N LEU B 136 -20.51 65.79 -72.66
CA LEU B 136 -20.44 65.79 -74.11
C LEU B 136 -19.79 64.51 -74.60
N GLN B 137 -20.53 63.74 -75.37
CA GLN B 137 -19.99 62.56 -76.02
C GLN B 137 -19.32 62.95 -77.33
N ALA B 138 -18.26 62.20 -77.68
CA ALA B 138 -17.47 62.55 -78.86
C ALA B 138 -18.17 62.16 -80.15
N LYS B 139 -18.80 60.98 -80.20
CA LYS B 139 -19.51 60.54 -81.40
C LYS B 139 -20.78 61.35 -81.65
N ASP B 140 -21.37 61.95 -80.62
CA ASP B 140 -22.56 62.79 -80.75
C ASP B 140 -22.29 64.00 -81.63
N CYS B 141 -21.03 64.15 -82.01
CA CYS B 141 -20.39 65.45 -82.09
C CYS B 141 -19.41 65.50 -83.27
N PRO B 142 -19.91 65.32 -84.49
CA PRO B 142 -19.03 65.42 -85.65
C PRO B 142 -18.62 66.85 -85.98
N ASP B 143 -19.53 67.81 -85.80
CA ASP B 143 -19.27 69.19 -86.17
C ASP B 143 -18.92 70.01 -84.93
N MET B 144 -18.62 71.29 -85.14
CA MET B 144 -18.35 72.18 -84.04
C MET B 144 -19.62 72.70 -83.41
N LYS B 145 -20.76 72.43 -84.03
CA LYS B 145 -22.02 72.98 -83.58
C LYS B 145 -22.59 72.15 -82.43
N HIS B 146 -22.52 70.82 -82.52
CA HIS B 146 -23.24 69.97 -81.57
C HIS B 146 -22.68 70.09 -80.15
N PHE B 147 -21.40 70.41 -79.98
CA PHE B 147 -20.90 70.55 -78.62
C PHE B 147 -21.32 71.84 -77.96
N LEU B 148 -21.39 72.95 -78.69
CA LEU B 148 -21.82 74.18 -78.05
C LEU B 148 -23.32 74.16 -77.86
N GLN B 149 -24.01 73.57 -78.82
CA GLN B 149 -25.45 73.35 -78.70
C GLN B 149 -25.78 72.51 -77.49
N LYS B 150 -25.15 71.33 -77.36
CA LYS B 150 -25.38 70.50 -76.18
C LYS B 150 -24.69 71.03 -74.94
N LEU B 151 -23.61 71.78 -75.11
CA LEU B 151 -23.00 72.53 -74.03
C LEU B 151 -24.20 73.12 -73.32
N ILE B 152 -24.90 73.96 -74.05
CA ILE B 152 -25.84 74.85 -73.40
C ILE B 152 -27.19 74.22 -73.18
N SER B 153 -27.67 73.46 -74.15
CA SER B 153 -28.86 72.64 -73.94
C SER B 153 -28.69 71.95 -72.60
N GLN B 154 -27.48 71.49 -72.33
CA GLN B 154 -27.25 70.66 -71.16
C GLN B 154 -27.03 71.46 -69.88
N LEU B 155 -26.60 72.74 -69.92
CA LEU B 155 -26.64 73.51 -68.65
C LEU B 155 -27.87 74.38 -68.46
N MET B 156 -28.74 74.51 -69.44
CA MET B 156 -30.09 74.89 -69.12
C MET B 156 -30.87 73.67 -68.64
N ASP B 157 -30.47 72.48 -69.11
CA ASP B 157 -31.11 71.23 -68.73
C ASP B 157 -30.63 70.71 -67.39
N CYS B 158 -29.34 70.87 -67.07
CA CYS B 158 -28.85 70.45 -65.76
C CYS B 158 -29.62 71.10 -64.63
N CYS B 159 -30.33 72.19 -64.91
CA CYS B 159 -31.20 72.87 -63.95
C CYS B 159 -32.62 72.31 -63.90
N VAL B 160 -32.97 71.34 -64.74
CA VAL B 160 -34.36 70.90 -64.88
C VAL B 160 -34.65 69.62 -64.11
N ASP B 161 -33.95 68.53 -64.46
CA ASP B 161 -34.36 67.19 -64.04
C ASP B 161 -34.64 67.10 -62.55
N ILE B 162 -34.01 67.96 -61.74
CA ILE B 162 -34.10 67.87 -60.29
C ILE B 162 -35.36 68.50 -59.72
N LYS B 163 -36.14 69.22 -60.54
CA LYS B 163 -37.29 69.94 -60.00
C LYS B 163 -38.39 68.98 -59.54
N SER B 164 -38.46 67.80 -60.13
CA SER B 164 -39.45 66.82 -59.74
C SER B 164 -39.24 66.42 -58.29
N TYR B 188 -40.46 73.29 -78.31
CA TYR B 188 -39.07 73.59 -78.66
C TYR B 188 -38.64 72.85 -79.92
N MET B 189 -38.83 71.52 -79.96
CA MET B 189 -38.39 70.80 -81.14
C MET B 189 -36.89 71.00 -81.30
N THR B 190 -36.13 70.11 -80.67
CA THR B 190 -34.80 70.36 -80.12
C THR B 190 -33.81 71.07 -81.03
N VAL B 191 -34.18 71.36 -82.29
CA VAL B 191 -33.31 72.09 -83.22
C VAL B 191 -32.90 73.48 -82.71
N THR B 192 -33.45 73.95 -81.60
CA THR B 192 -33.49 75.37 -81.25
C THR B 192 -32.25 75.89 -80.50
N GLN B 193 -31.21 75.09 -80.32
CA GLN B 193 -30.14 75.38 -79.36
C GLN B 193 -28.83 75.72 -80.07
N LYS B 194 -28.05 76.62 -79.47
CA LYS B 194 -26.79 77.11 -80.05
C LYS B 194 -25.84 77.54 -78.93
N THR B 195 -24.76 78.21 -79.32
CA THR B 195 -23.56 78.39 -78.49
C THR B 195 -23.68 79.47 -77.43
N ASP B 196 -24.75 80.26 -77.43
CA ASP B 196 -24.89 81.34 -76.46
C ASP B 196 -25.28 80.94 -75.02
N PRO B 197 -26.39 80.21 -74.81
CA PRO B 197 -27.07 80.28 -73.50
C PRO B 197 -26.31 79.67 -72.29
N LYS B 198 -25.18 78.94 -72.44
CA LYS B 198 -24.38 78.64 -71.26
C LYS B 198 -23.82 79.94 -70.73
N MET B 199 -23.24 80.74 -71.63
CA MET B 199 -22.63 81.99 -71.22
C MET B 199 -23.62 82.89 -70.51
N LEU B 200 -24.90 82.67 -70.76
CA LEU B 200 -26.02 83.32 -70.09
C LEU B 200 -26.47 82.60 -68.81
N SER B 201 -26.40 81.26 -68.76
CA SER B 201 -26.90 80.56 -67.59
C SER B 201 -26.06 80.83 -66.35
N LYS B 202 -24.74 80.87 -66.48
CA LYS B 202 -23.92 81.38 -65.39
C LYS B 202 -23.68 82.89 -65.53
N LYS B 203 -24.37 83.56 -66.45
CA LYS B 203 -24.60 84.99 -66.35
C LYS B 203 -26.04 85.29 -65.97
N ARG B 204 -27.01 85.11 -66.87
CA ARG B 204 -28.39 85.52 -66.60
C ARG B 204 -28.98 84.79 -65.40
N THR B 205 -29.08 83.46 -65.45
CA THR B 205 -29.65 82.74 -64.31
C THR B 205 -28.87 83.06 -63.05
N THR B 206 -27.55 82.80 -63.05
CA THR B 206 -26.66 83.38 -62.05
C THR B 206 -25.42 83.91 -62.75
N SER B 207 -25.30 85.23 -62.85
CA SER B 207 -23.98 85.82 -63.05
C SER B 207 -23.29 85.94 -61.72
N SER B 208 -24.04 86.37 -60.70
CA SER B 208 -23.57 86.43 -59.33
C SER B 208 -24.19 85.28 -58.54
N GLN B 209 -23.39 84.25 -58.25
CA GLN B 209 -23.81 83.16 -57.38
C GLN B 209 -23.66 83.36 -55.86
N TRP B 210 -22.55 83.90 -55.34
CA TRP B 210 -21.38 84.37 -56.09
C TRP B 210 -20.34 83.31 -56.47
N GLN B 211 -20.26 82.19 -55.74
CA GLN B 211 -19.21 81.22 -55.99
C GLN B 211 -19.56 80.41 -57.24
N SER B 212 -18.74 80.53 -58.26
CA SER B 212 -19.12 80.01 -59.57
C SER B 212 -19.35 78.50 -59.49
N PRO B 213 -20.31 77.96 -60.22
CA PRO B 213 -20.37 76.54 -60.33
C PRO B 213 -19.27 76.08 -61.27
N PRO B 214 -18.59 74.99 -60.98
CA PRO B 214 -17.96 74.26 -62.06
C PRO B 214 -19.07 73.66 -62.88
N VAL B 215 -18.92 73.70 -64.17
CA VAL B 215 -19.58 72.69 -64.97
C VAL B 215 -18.48 71.79 -65.45
N VAL B 216 -18.40 70.63 -64.82
CA VAL B 216 -17.42 69.68 -65.26
C VAL B 216 -18.05 69.09 -66.52
N VAL B 217 -17.45 69.37 -67.66
CA VAL B 217 -18.03 68.92 -68.91
C VAL B 217 -17.44 67.53 -69.08
N ILE B 218 -18.25 66.51 -68.79
CA ILE B 218 -17.74 65.17 -68.77
C ILE B 218 -17.58 64.79 -70.23
N LEU B 219 -16.37 64.66 -70.67
CA LEU B 219 -16.14 64.29 -72.04
C LEU B 219 -15.85 62.81 -71.90
N LYS B 220 -16.89 62.02 -72.16
CA LYS B 220 -16.89 60.63 -71.72
C LYS B 220 -15.92 59.83 -72.57
N ASP B 221 -15.85 60.13 -73.86
CA ASP B 221 -14.72 59.79 -74.70
C ASP B 221 -14.15 61.11 -75.24
N MET B 222 -12.95 61.47 -74.82
CA MET B 222 -12.17 62.46 -75.55
C MET B 222 -11.31 61.83 -76.63
N GLU B 223 -11.15 60.51 -76.60
CA GLU B 223 -10.31 59.86 -77.58
C GLU B 223 -10.93 59.93 -78.97
N SER B 224 -12.26 59.78 -79.05
CA SER B 224 -12.99 59.85 -80.31
C SER B 224 -13.36 61.27 -80.72
N PHE B 225 -13.08 62.27 -79.89
CA PHE B 225 -13.28 63.66 -80.29
C PHE B 225 -12.63 63.90 -81.65
N ALA B 226 -13.33 64.62 -82.51
CA ALA B 226 -12.71 65.03 -83.77
C ALA B 226 -11.65 66.08 -83.49
N THR B 227 -10.42 65.83 -83.97
CA THR B 227 -9.27 66.64 -83.56
C THR B 227 -9.44 68.10 -83.97
N LYS B 228 -9.81 68.36 -85.22
CA LYS B 228 -10.16 69.73 -85.62
C LYS B 228 -11.17 70.29 -84.64
N VAL B 229 -12.23 69.53 -84.44
CA VAL B 229 -13.27 69.89 -83.48
C VAL B 229 -12.67 70.07 -82.09
N LEU B 230 -11.74 69.20 -81.74
CA LEU B 230 -11.15 69.20 -80.40
C LEU B 230 -10.40 70.48 -80.12
N GLN B 231 -9.48 70.87 -81.01
CA GLN B 231 -8.74 72.11 -80.80
C GLN B 231 -9.61 73.33 -81.02
N ASP B 232 -10.62 73.23 -81.88
CA ASP B 232 -11.52 74.36 -82.05
C ASP B 232 -12.32 74.62 -80.78
N PHE B 233 -12.64 73.57 -80.00
CA PHE B 233 -13.32 73.77 -78.71
C PHE B 233 -12.38 74.10 -77.58
N ILE B 234 -11.22 73.46 -77.52
CA ILE B 234 -10.33 73.79 -76.43
C ILE B 234 -9.77 75.18 -76.65
N ILE B 235 -9.70 75.62 -77.91
CA ILE B 235 -9.28 76.98 -78.24
C ILE B 235 -10.44 77.97 -78.15
N ILE B 236 -11.64 77.59 -78.61
CA ILE B 236 -12.77 78.52 -78.50
C ILE B 236 -13.17 78.68 -77.05
N SER B 237 -13.35 77.55 -76.35
CA SER B 237 -13.71 77.57 -74.95
C SER B 237 -12.55 78.10 -74.09
N SER B 238 -11.31 77.69 -74.37
CA SER B 238 -10.19 78.26 -73.63
C SER B 238 -10.14 79.78 -73.81
N GLN B 239 -10.24 80.25 -75.06
CA GLN B 239 -10.23 81.69 -75.33
C GLN B 239 -11.25 82.46 -74.49
N HIS B 240 -12.45 81.90 -74.32
CA HIS B 240 -13.59 82.57 -73.69
C HIS B 240 -13.56 82.58 -72.16
N LEU B 241 -12.57 81.97 -71.53
CA LEU B 241 -12.74 81.36 -70.21
C LEU B 241 -12.74 82.34 -69.03
N HIS B 242 -12.92 81.71 -67.86
CA HIS B 242 -12.78 82.30 -66.54
C HIS B 242 -13.97 83.22 -66.28
N GLU B 243 -14.72 83.50 -67.35
CA GLU B 243 -16.16 83.65 -67.25
C GLU B 243 -16.82 82.30 -67.00
N PHE B 244 -16.24 81.23 -67.58
CA PHE B 244 -16.69 79.85 -67.38
C PHE B 244 -15.51 78.98 -66.98
N PRO B 245 -15.19 78.92 -65.69
CA PRO B 245 -14.10 78.06 -65.24
C PRO B 245 -14.45 76.60 -65.43
N LEU B 246 -14.67 76.20 -66.68
CA LEU B 246 -15.03 74.82 -66.96
C LEU B 246 -13.94 73.88 -66.49
N ILE B 247 -14.35 72.80 -65.86
CA ILE B 247 -13.56 71.60 -65.79
C ILE B 247 -14.31 70.57 -66.60
N LEU B 248 -13.58 69.57 -67.08
CA LEU B 248 -14.22 68.56 -67.91
C LEU B 248 -13.61 67.20 -67.61
N ILE B 249 -14.45 66.22 -67.30
CA ILE B 249 -13.97 64.91 -66.92
C ILE B 249 -13.72 64.07 -68.17
N PHE B 250 -12.70 63.23 -68.10
CA PHE B 250 -12.29 62.40 -69.22
C PHE B 250 -12.52 60.93 -68.91
N GLY B 251 -13.50 60.31 -69.56
CA GLY B 251 -13.55 58.85 -69.62
C GLY B 251 -12.46 58.34 -70.55
N ILE B 252 -11.56 57.48 -70.06
CA ILE B 252 -10.37 57.09 -70.80
C ILE B 252 -9.95 55.70 -70.38
N ALA B 253 -9.22 55.01 -71.26
CA ALA B 253 -8.61 53.72 -70.93
C ALA B 253 -7.13 53.85 -70.62
N THR B 254 -6.36 54.41 -71.55
CA THR B 254 -4.90 54.35 -71.53
C THR B 254 -4.29 55.42 -70.60
N SER B 255 -2.95 55.59 -70.70
CA SER B 255 -2.10 56.43 -69.84
C SER B 255 -1.93 57.83 -70.44
N PRO B 256 -1.13 58.74 -69.84
CA PRO B 256 -1.21 60.15 -70.27
C PRO B 256 -0.65 60.43 -71.65
N ILE B 257 0.23 59.56 -72.15
CA ILE B 257 0.91 59.84 -73.41
C ILE B 257 -0.11 59.96 -74.54
N ILE B 258 -1.21 59.21 -74.47
CA ILE B 258 -2.18 59.18 -75.55
C ILE B 258 -3.05 60.43 -75.56
N ILE B 259 -3.38 60.95 -74.38
CA ILE B 259 -3.98 62.28 -74.32
C ILE B 259 -3.02 63.30 -74.92
N HIS B 260 -1.77 63.28 -74.48
CA HIS B 260 -0.77 64.19 -75.06
C HIS B 260 -0.59 63.98 -76.56
N ARG B 261 -1.09 62.86 -77.11
CA ARG B 261 -1.12 62.65 -78.55
C ARG B 261 -2.33 63.31 -79.20
N LEU B 262 -3.55 62.88 -78.84
CA LEU B 262 -4.76 63.41 -79.50
C LEU B 262 -5.06 64.84 -79.07
N LEU B 263 -4.85 65.18 -77.79
CA LEU B 263 -4.86 66.57 -77.34
C LEU B 263 -3.46 67.15 -77.53
N PRO B 264 -3.26 68.17 -78.40
CA PRO B 264 -1.88 68.63 -78.65
C PRO B 264 -1.23 69.24 -77.42
N HIS B 265 0.03 69.64 -77.54
CA HIS B 265 0.73 70.21 -76.40
C HIS B 265 0.08 71.51 -75.95
N ALA B 266 -0.32 72.35 -76.91
CA ALA B 266 -1.06 73.56 -76.57
C ALA B 266 -2.27 73.21 -75.71
N VAL B 267 -2.90 72.08 -76.02
CA VAL B 267 -4.03 71.63 -75.21
C VAL B 267 -3.55 71.00 -73.91
N SER B 268 -2.49 70.18 -73.94
CA SER B 268 -1.95 69.62 -72.70
C SER B 268 -1.74 70.71 -71.67
N SER B 269 -1.42 71.91 -72.14
CA SER B 269 -1.28 73.07 -71.28
C SER B 269 -2.63 73.69 -70.93
N LEU B 270 -3.46 73.96 -71.95
CA LEU B 270 -4.74 74.60 -71.67
C LEU B 270 -5.58 73.76 -70.71
N LEU B 271 -5.39 72.44 -70.75
CA LEU B 271 -6.18 71.52 -69.92
C LEU B 271 -5.82 71.59 -68.43
N CYS B 272 -4.59 71.99 -68.08
CA CYS B 272 -4.23 72.11 -66.66
C CYS B 272 -4.45 70.81 -65.91
N ILE B 273 -4.20 69.68 -66.57
CA ILE B 273 -4.68 68.41 -66.05
C ILE B 273 -3.97 68.09 -64.74
N GLU B 274 -4.68 67.38 -63.87
CA GLU B 274 -4.10 66.59 -62.81
C GLU B 274 -4.56 65.16 -63.04
N LEU B 275 -3.63 64.25 -63.28
CA LEU B 275 -4.01 62.92 -63.72
C LEU B 275 -4.66 62.14 -62.58
N PHE B 276 -5.70 61.40 -62.93
CA PHE B 276 -6.50 60.65 -61.97
C PHE B 276 -6.61 59.21 -62.45
N GLN B 277 -7.04 58.34 -61.54
CA GLN B 277 -7.02 56.90 -61.76
C GLN B 277 -8.40 56.32 -61.49
N SER B 278 -8.79 55.34 -62.29
CA SER B 278 -10.04 54.63 -62.08
C SER B 278 -9.83 53.13 -62.24
N LEU B 279 -10.56 52.36 -61.44
CA LEU B 279 -10.32 50.93 -61.33
C LEU B 279 -10.95 50.19 -62.51
N SER B 280 -10.23 49.16 -63.00
CA SER B 280 -10.54 48.53 -64.26
C SER B 280 -11.40 47.28 -64.06
N CYS B 281 -11.57 46.52 -65.15
CA CYS B 281 -12.32 45.27 -65.08
C CYS B 281 -11.57 44.23 -64.25
N LYS B 282 -10.30 43.99 -64.56
CA LYS B 282 -9.63 42.83 -63.96
C LYS B 282 -9.65 42.92 -62.45
N GLU B 283 -9.58 44.13 -61.90
CA GLU B 283 -9.68 44.30 -60.46
C GLU B 283 -11.08 43.93 -59.98
N HIS B 284 -12.10 44.47 -60.63
CA HIS B 284 -13.47 44.14 -60.26
C HIS B 284 -13.75 42.64 -60.42
N LEU B 285 -13.08 41.99 -61.36
CA LEU B 285 -13.11 40.54 -61.52
C LEU B 285 -12.61 39.88 -60.26
N THR B 286 -11.33 40.07 -59.96
CA THR B 286 -10.75 39.34 -58.85
C THR B 286 -11.46 39.66 -57.55
N THR B 287 -11.75 40.95 -57.33
CA THR B 287 -12.61 41.34 -56.21
C THR B 287 -13.88 40.52 -56.21
N VAL B 288 -14.67 40.60 -57.28
CA VAL B 288 -16.01 40.04 -57.28
C VAL B 288 -15.96 38.54 -57.04
N LEU B 289 -15.01 37.84 -57.65
CA LEU B 289 -14.84 36.42 -57.38
C LEU B 289 -14.54 36.17 -55.91
N ASP B 290 -13.47 36.78 -55.39
CA ASP B 290 -13.14 36.63 -53.97
C ASP B 290 -14.38 36.81 -53.10
N LYS B 291 -15.14 37.87 -53.38
CA LYS B 291 -16.36 38.14 -52.63
C LYS B 291 -17.45 37.18 -53.07
N LEU B 292 -18.00 37.41 -54.28
CA LEU B 292 -19.33 36.94 -54.64
C LEU B 292 -19.43 35.43 -54.87
N LEU B 293 -18.88 34.93 -55.98
CA LEU B 293 -19.08 33.51 -56.29
C LEU B 293 -18.57 32.66 -55.15
N LEU B 294 -17.49 33.09 -54.52
CA LEU B 294 -16.88 32.40 -53.41
C LEU B 294 -17.47 32.83 -52.08
N THR B 295 -18.52 33.66 -52.08
CA THR B 295 -19.26 33.86 -50.85
C THR B 295 -19.75 32.51 -50.36
N THR B 296 -19.90 32.41 -49.04
CA THR B 296 -20.62 31.30 -48.48
C THR B 296 -22.13 31.54 -48.48
N GLN B 297 -22.55 32.78 -48.74
CA GLN B 297 -23.97 33.07 -48.82
C GLN B 297 -24.66 32.19 -49.84
N PHE B 298 -24.31 32.32 -51.06
CA PHE B 298 -25.08 31.58 -52.04
C PHE B 298 -24.49 30.21 -52.25
N PRO B 299 -25.30 29.15 -52.23
CA PRO B 299 -24.73 27.80 -52.25
C PRO B 299 -24.07 27.47 -53.56
N PHE B 300 -24.45 28.14 -54.64
CA PHE B 300 -24.04 27.70 -55.96
C PHE B 300 -22.53 27.78 -56.09
N LYS B 301 -21.97 26.75 -56.70
CA LYS B 301 -20.55 26.68 -56.96
C LYS B 301 -20.36 26.05 -58.32
N ILE B 302 -19.16 26.20 -58.83
CA ILE B 302 -18.90 25.88 -60.22
C ILE B 302 -17.84 24.79 -60.31
N ASN B 303 -17.93 23.97 -61.35
CA ASN B 303 -16.90 22.97 -61.60
C ASN B 303 -15.68 23.61 -62.23
N GLU B 304 -14.57 22.89 -62.12
CA GLU B 304 -13.32 23.36 -62.67
C GLU B 304 -13.49 23.83 -64.11
N LYS B 305 -14.35 23.17 -64.87
CA LYS B 305 -14.32 23.35 -66.32
C LYS B 305 -15.04 24.61 -66.78
N VAL B 306 -16.18 24.97 -66.18
CA VAL B 306 -16.78 26.24 -66.58
C VAL B 306 -16.14 27.41 -65.81
N LEU B 307 -15.48 27.16 -64.68
CA LEU B 307 -14.65 28.22 -64.10
C LEU B 307 -13.49 28.53 -65.02
N GLN B 308 -12.80 27.48 -65.49
CA GLN B 308 -11.67 27.67 -66.38
C GLN B 308 -12.10 28.26 -67.71
N VAL B 309 -13.19 27.74 -68.28
CA VAL B 309 -13.65 28.24 -69.57
C VAL B 309 -14.16 29.67 -69.42
N LEU B 310 -14.88 29.95 -68.34
CA LEU B 310 -15.32 31.32 -68.09
C LEU B 310 -14.14 32.25 -67.91
N THR B 311 -13.37 32.08 -66.84
CA THR B 311 -12.21 32.92 -66.63
C THR B 311 -11.28 32.93 -67.83
N ASN B 312 -11.41 31.96 -68.73
CA ASN B 312 -10.73 32.01 -70.01
C ASN B 312 -11.42 32.96 -70.97
N ILE B 313 -12.75 33.01 -70.96
CA ILE B 313 -13.43 33.99 -71.78
C ILE B 313 -13.18 35.38 -71.24
N PHE B 314 -13.03 35.52 -69.91
CA PHE B 314 -12.76 36.83 -69.33
C PHE B 314 -11.33 37.25 -69.56
N LEU B 315 -10.36 36.41 -69.18
CA LEU B 315 -8.96 36.80 -69.23
C LEU B 315 -8.41 36.71 -70.65
N TYR B 316 -8.70 35.62 -71.34
CA TYR B 316 -8.15 35.42 -72.68
C TYR B 316 -8.95 36.12 -73.77
N HIS B 317 -10.22 36.47 -73.51
CA HIS B 317 -11.02 37.08 -74.56
C HIS B 317 -11.60 38.45 -74.21
N ASP B 318 -12.68 38.48 -73.42
CA ASP B 318 -13.43 39.71 -73.18
C ASP B 318 -13.37 40.05 -71.69
N PHE B 319 -12.93 41.27 -71.37
CA PHE B 319 -12.63 41.67 -70.01
C PHE B 319 -13.85 42.19 -69.24
N SER B 320 -15.03 42.19 -69.82
CA SER B 320 -16.18 42.82 -69.19
C SER B 320 -16.71 41.92 -68.07
N VAL B 321 -16.80 42.47 -66.86
CA VAL B 321 -17.61 41.82 -65.83
C VAL B 321 -19.06 41.75 -66.27
N GLN B 322 -19.42 42.52 -67.32
CA GLN B 322 -20.71 42.35 -67.97
C GLN B 322 -20.86 40.93 -68.52
N ASN B 323 -19.98 40.55 -69.45
CA ASN B 323 -20.10 39.25 -70.10
C ASN B 323 -19.79 38.11 -69.15
N PHE B 324 -18.97 38.35 -68.13
CA PHE B 324 -18.77 37.33 -67.11
C PHE B 324 -20.00 37.24 -66.22
N ILE B 325 -20.71 38.34 -65.97
CA ILE B 325 -21.92 38.29 -65.16
C ILE B 325 -23.02 37.57 -65.93
N LYS B 326 -23.42 38.14 -67.06
CA LYS B 326 -24.42 37.48 -67.88
C LYS B 326 -24.05 36.03 -68.13
N GLY B 327 -22.75 35.74 -68.33
CA GLY B 327 -22.33 34.36 -68.42
C GLY B 327 -22.49 33.60 -67.11
N LEU B 328 -22.47 34.31 -65.98
CA LEU B 328 -22.61 33.69 -64.67
C LEU B 328 -24.06 33.39 -64.34
N GLN B 329 -24.98 34.29 -64.69
CA GLN B 329 -26.38 33.91 -64.73
C GLN B 329 -26.55 32.69 -65.60
N LEU B 330 -26.10 32.79 -66.85
CA LEU B 330 -26.29 31.70 -67.80
C LEU B 330 -25.77 30.39 -67.23
N SER B 331 -24.73 30.45 -66.40
CA SER B 331 -24.35 29.26 -65.64
C SER B 331 -25.38 28.95 -64.56
N LEU B 332 -25.79 29.97 -63.80
CA LEU B 332 -26.75 29.88 -62.71
C LEU B 332 -28.01 29.15 -63.18
N LEU B 333 -28.76 29.81 -64.06
CA LEU B 333 -29.89 29.20 -64.73
C LEU B 333 -29.50 27.87 -65.34
N GLU B 334 -28.44 27.85 -66.17
CA GLU B 334 -28.12 26.66 -66.93
C GLU B 334 -28.11 25.42 -66.04
N HIS B 335 -27.33 25.46 -64.97
CA HIS B 335 -27.44 24.43 -63.97
C HIS B 335 -28.87 24.28 -63.51
N PHE B 336 -29.48 25.38 -63.11
CA PHE B 336 -30.74 25.32 -62.38
C PHE B 336 -31.85 24.73 -63.24
N TYR B 337 -31.54 24.42 -64.50
CA TYR B 337 -32.38 23.55 -65.32
C TYR B 337 -31.91 22.10 -65.32
N SER B 338 -30.86 21.78 -64.56
CA SER B 338 -30.29 20.43 -64.62
C SER B 338 -31.33 19.40 -64.21
N GLN B 339 -31.85 19.53 -63.01
CA GLN B 339 -32.68 18.52 -62.36
C GLN B 339 -33.18 19.10 -61.06
N PRO B 340 -34.32 18.63 -60.55
CA PRO B 340 -34.86 19.22 -59.31
C PRO B 340 -33.97 18.98 -58.10
N LEU B 341 -32.96 18.13 -58.22
CA LEU B 341 -32.11 17.75 -57.10
C LEU B 341 -31.49 18.94 -56.37
N SER B 342 -31.43 20.10 -57.00
CA SER B 342 -30.88 21.30 -56.37
C SER B 342 -31.87 22.01 -55.45
N VAL B 343 -33.15 21.64 -55.45
CA VAL B 343 -34.07 22.30 -54.52
C VAL B 343 -33.54 22.18 -53.10
N LEU B 344 -32.79 21.10 -52.81
CA LEU B 344 -32.01 20.99 -51.59
C LEU B 344 -30.87 21.98 -51.51
N CYS B 345 -30.66 22.76 -52.58
CA CYS B 345 -29.62 23.78 -52.58
C CYS B 345 -30.27 25.03 -52.00
N CYS B 346 -29.93 25.32 -50.75
CA CYS B 346 -30.52 26.37 -49.95
C CYS B 346 -29.94 26.19 -48.56
N ASN B 347 -30.25 27.12 -47.68
CA ASN B 347 -29.85 26.97 -46.29
C ASN B 347 -30.45 25.70 -45.70
N LEU B 348 -29.69 25.09 -44.78
CA LEU B 348 -30.10 23.81 -44.20
C LEU B 348 -31.57 23.76 -43.78
N PRO B 349 -32.13 24.74 -43.07
CA PRO B 349 -33.59 24.70 -42.89
C PRO B 349 -34.39 25.03 -44.14
N GLU B 350 -34.04 26.06 -44.94
CA GLU B 350 -34.76 26.21 -46.20
C GLU B 350 -34.62 24.96 -47.05
N ALA B 351 -33.48 24.29 -46.98
CA ALA B 351 -33.28 23.07 -47.73
C ALA B 351 -34.08 21.93 -47.14
N LYS B 352 -34.16 21.86 -45.81
CA LYS B 352 -34.85 20.76 -45.13
C LYS B 352 -36.36 20.89 -45.26
N ARG B 353 -36.88 22.11 -45.36
CA ARG B 353 -38.25 22.27 -45.81
C ARG B 353 -38.45 21.47 -47.07
N ARG B 354 -37.57 21.69 -48.04
CA ARG B 354 -37.63 20.95 -49.29
C ARG B 354 -37.42 19.45 -49.06
N ILE B 355 -36.60 19.08 -48.08
CA ILE B 355 -36.47 17.67 -47.71
C ILE B 355 -37.85 17.09 -47.41
N ASN B 356 -38.60 17.78 -46.55
CA ASN B 356 -39.95 17.35 -46.22
C ASN B 356 -40.79 17.21 -47.49
N PHE B 357 -40.71 18.22 -48.38
CA PHE B 357 -41.47 18.18 -49.62
C PHE B 357 -41.02 17.05 -50.55
N LEU B 358 -39.92 16.37 -50.23
CA LEU B 358 -39.37 15.40 -51.18
C LEU B 358 -40.34 14.24 -51.38
N SER B 359 -40.40 13.77 -52.62
CA SER B 359 -41.27 12.70 -53.06
C SER B 359 -40.43 11.57 -53.63
N ASN B 360 -41.10 10.49 -54.01
CA ASN B 360 -40.38 9.24 -54.26
C ASN B 360 -39.54 9.30 -55.53
N ASN B 361 -39.94 10.12 -56.51
CA ASN B 361 -39.13 10.29 -57.71
C ASN B 361 -37.74 10.83 -57.35
N GLN B 362 -37.71 11.95 -56.64
CA GLN B 362 -36.45 12.51 -56.18
C GLN B 362 -35.69 11.52 -55.31
N CYS B 363 -36.40 10.76 -54.47
CA CYS B 363 -35.73 9.70 -53.73
C CYS B 363 -35.01 8.75 -54.67
N GLU B 364 -35.63 8.45 -55.82
CA GLU B 364 -34.94 7.70 -56.87
C GLU B 364 -33.72 8.46 -57.37
N ASN B 365 -33.84 9.78 -57.53
CA ASN B 365 -32.78 10.56 -58.15
C ASN B 365 -31.55 10.64 -57.24
N ILE B 366 -31.77 10.86 -55.94
CA ILE B 366 -30.65 10.82 -55.00
C ILE B 366 -30.09 9.41 -54.94
N ARG B 367 -30.94 8.41 -55.10
CA ARG B 367 -30.47 7.04 -55.17
C ARG B 367 -29.51 6.82 -56.33
N ARG B 368 -29.36 7.79 -57.22
CA ARG B 368 -28.67 7.61 -58.50
C ARG B 368 -27.25 8.19 -58.53
N LEU B 369 -27.11 9.50 -58.33
CA LEU B 369 -25.87 10.16 -58.75
C LEU B 369 -24.67 9.63 -57.95
N PRO B 370 -23.46 9.88 -58.44
CA PRO B 370 -22.26 9.51 -57.66
C PRO B 370 -21.94 10.56 -56.62
N SER B 371 -20.98 10.22 -55.77
CA SER B 371 -20.75 10.89 -54.50
C SER B 371 -21.91 10.61 -53.56
N PHE B 372 -23.08 10.26 -54.10
CA PHE B 372 -24.07 9.46 -53.38
C PHE B 372 -23.79 7.98 -53.60
N ARG B 373 -23.85 7.54 -54.86
CA ARG B 373 -23.44 6.19 -55.18
C ARG B 373 -22.08 5.89 -54.56
N ARG B 374 -21.15 6.84 -54.64
CA ARG B 374 -19.90 6.70 -53.89
C ARG B 374 -20.19 6.66 -52.39
N TYR B 375 -21.02 7.61 -51.93
CA TYR B 375 -21.46 7.58 -50.54
C TYR B 375 -22.25 6.34 -50.22
N VAL B 376 -22.85 5.70 -51.23
CA VAL B 376 -23.52 4.42 -51.01
C VAL B 376 -22.52 3.27 -51.01
N GLU B 377 -21.34 3.47 -51.60
CA GLU B 377 -20.39 2.38 -51.80
C GLU B 377 -19.62 2.08 -50.53
N LYS B 378 -19.34 3.10 -49.73
CA LYS B 378 -18.68 2.88 -48.46
C LYS B 378 -19.77 2.70 -47.38
N GLN B 379 -20.71 1.80 -47.63
CA GLN B 379 -21.79 1.53 -46.68
C GLN B 379 -21.74 0.10 -46.16
N ALA B 380 -22.81 -0.32 -45.50
CA ALA B 380 -22.90 -1.66 -44.94
C ALA B 380 -23.88 -2.53 -45.72
N SER B 381 -25.08 -2.67 -45.17
CA SER B 381 -26.12 -3.48 -45.81
C SER B 381 -27.50 -2.88 -45.56
N GLU B 382 -28.05 -3.15 -44.38
CA GLU B 382 -29.37 -2.64 -44.01
C GLU B 382 -29.45 -1.13 -44.18
N LYS B 383 -28.64 -0.41 -43.41
CA LYS B 383 -28.61 1.04 -43.47
C LYS B 383 -28.33 1.53 -44.88
N GLN B 384 -28.84 0.80 -45.87
CA GLN B 384 -28.65 1.16 -47.27
C GLN B 384 -29.96 1.10 -48.06
N VAL B 385 -30.87 0.20 -47.72
CA VAL B 385 -32.12 0.13 -48.48
C VAL B 385 -33.08 1.22 -48.02
N ALA B 386 -33.15 1.46 -46.71
CA ALA B 386 -33.86 2.64 -46.26
C ALA B 386 -33.21 3.91 -46.79
N LEU B 387 -32.06 3.80 -47.46
CA LEU B 387 -31.69 4.77 -48.48
C LEU B 387 -32.37 4.47 -49.82
N LEU B 388 -32.30 3.22 -50.26
CA LEU B 388 -32.72 2.83 -51.61
C LEU B 388 -34.22 2.59 -51.72
N THR B 389 -34.82 1.91 -50.74
CA THR B 389 -36.27 1.65 -50.74
C THR B 389 -37.03 2.64 -49.87
N ASN B 390 -36.84 2.54 -48.55
CA ASN B 390 -37.68 3.25 -47.59
C ASN B 390 -37.05 4.62 -47.33
N GLU B 391 -37.70 5.66 -47.83
CA GLU B 391 -37.07 6.96 -47.99
C GLU B 391 -36.72 7.63 -46.67
N ARG B 392 -37.35 7.21 -45.56
CA ARG B 392 -37.21 7.96 -44.32
C ARG B 392 -35.78 7.94 -43.81
N TYR B 393 -35.16 6.75 -43.78
CA TYR B 393 -33.77 6.69 -43.35
C TYR B 393 -32.86 7.41 -44.33
N LEU B 394 -33.28 7.58 -45.59
CA LEU B 394 -32.49 8.42 -46.47
C LEU B 394 -32.66 9.83 -45.97
N LYS B 395 -33.84 10.42 -46.17
CA LYS B 395 -34.05 11.84 -45.90
C LYS B 395 -33.46 12.24 -44.54
N GLU B 396 -33.52 11.34 -43.56
CA GLU B 396 -32.65 11.48 -42.39
C GLU B 396 -31.20 11.57 -42.81
N GLU B 397 -30.74 10.60 -43.60
CA GLU B 397 -29.37 10.66 -44.08
C GLU B 397 -29.12 11.75 -45.12
N THR B 398 -30.16 12.37 -45.71
CA THR B 398 -29.95 13.59 -46.46
C THR B 398 -29.60 14.72 -45.51
N GLN B 399 -30.36 14.87 -44.42
CA GLN B 399 -29.92 15.81 -43.42
C GLN B 399 -28.57 15.42 -42.82
N LEU B 400 -28.11 14.18 -43.04
CA LEU B 400 -26.74 13.84 -42.68
C LEU B 400 -25.75 14.28 -43.75
N LEU B 401 -26.09 14.08 -45.03
CA LEU B 401 -25.20 14.48 -46.12
C LEU B 401 -25.07 15.99 -46.17
N LEU B 402 -26.20 16.67 -46.28
CA LEU B 402 -26.23 18.09 -46.64
C LEU B 402 -25.76 18.96 -45.48
N GLU B 403 -26.26 18.69 -44.28
CA GLU B 403 -25.75 19.40 -43.10
C GLU B 403 -24.24 19.40 -43.15
N ASN B 404 -23.66 18.22 -43.25
CA ASN B 404 -22.22 18.11 -43.40
C ASN B 404 -21.74 19.01 -44.55
N LEU B 405 -22.33 18.85 -45.74
CA LEU B 405 -21.82 19.53 -46.93
C LEU B 405 -21.64 21.02 -46.70
N HIS B 406 -22.73 21.69 -46.35
CA HIS B 406 -22.66 23.11 -46.09
C HIS B 406 -21.84 23.43 -44.85
N VAL B 407 -21.48 22.41 -44.07
CA VAL B 407 -20.44 22.60 -43.07
C VAL B 407 -19.06 22.63 -43.74
N TYR B 408 -18.79 21.67 -44.63
CA TYR B 408 -17.49 21.58 -45.28
C TYR B 408 -17.18 22.87 -46.00
N HIS B 409 -18.08 23.33 -46.86
CA HIS B 409 -17.78 24.50 -47.68
C HIS B 409 -17.40 25.70 -46.82
N MET B 410 -18.11 25.93 -45.71
CA MET B 410 -17.68 26.95 -44.76
C MET B 410 -16.25 26.68 -44.31
N ASN B 411 -16.00 25.43 -43.92
CA ASN B 411 -14.67 25.02 -43.47
C ASN B 411 -13.62 25.29 -44.53
N TYR B 412 -14.00 25.31 -45.80
CA TYR B 412 -13.04 25.66 -46.83
C TYR B 412 -12.82 27.16 -46.78
N PHE B 413 -13.83 27.96 -47.13
CA PHE B 413 -13.58 29.40 -47.35
C PHE B 413 -12.84 30.03 -46.18
N LEU B 414 -13.29 29.73 -44.95
CA LEU B 414 -12.59 30.21 -43.76
C LEU B 414 -11.11 30.00 -43.98
N VAL B 415 -10.80 28.82 -44.48
CA VAL B 415 -9.44 28.34 -44.65
C VAL B 415 -8.81 28.85 -45.95
N LEU B 416 -9.60 29.17 -46.98
CA LEU B 416 -9.03 29.64 -48.24
C LEU B 416 -8.46 31.04 -48.09
N ARG B 417 -9.27 31.96 -47.57
CA ARG B 417 -8.73 33.28 -47.28
C ARG B 417 -7.41 33.13 -46.51
N CYS B 418 -7.45 32.27 -45.48
CA CYS B 418 -6.31 31.97 -44.63
C CYS B 418 -5.07 31.74 -45.49
N LEU B 419 -5.18 30.75 -46.39
CA LEU B 419 -4.06 30.42 -47.26
C LEU B 419 -3.57 31.66 -47.97
N HIS B 420 -4.50 32.46 -48.48
CA HIS B 420 -4.11 33.56 -49.33
C HIS B 420 -3.13 34.48 -48.64
N LYS B 421 -3.51 35.04 -47.49
CA LYS B 421 -2.52 35.94 -46.90
C LYS B 421 -1.23 35.19 -46.57
N PHE B 422 -1.27 33.87 -46.36
CA PHE B 422 0.03 33.21 -46.28
C PHE B 422 0.78 33.33 -47.60
N THR B 423 0.21 32.77 -48.66
CA THR B 423 0.90 32.61 -49.93
C THR B 423 0.66 33.75 -50.91
N SER B 424 -0.37 34.57 -50.70
CA SER B 424 -0.50 35.75 -51.54
C SER B 424 0.66 36.71 -51.28
N SER B 425 1.24 36.64 -50.09
CA SER B 425 2.46 37.37 -49.82
C SER B 425 3.65 36.74 -50.54
N LEU B 426 3.61 35.43 -50.79
CA LEU B 426 4.79 34.72 -51.21
C LEU B 426 5.21 35.11 -52.63
N PRO B 427 6.50 34.93 -52.97
CA PRO B 427 6.93 35.14 -54.35
C PRO B 427 6.83 33.89 -55.21
N LYS B 428 7.17 34.03 -56.49
CA LYS B 428 7.10 32.99 -57.50
C LYS B 428 5.66 32.66 -57.87
N TYR B 429 4.74 32.90 -56.94
CA TYR B 429 3.33 32.64 -57.13
C TYR B 429 3.14 31.41 -58.00
N PRO B 430 3.86 30.33 -57.74
CA PRO B 430 3.81 29.21 -58.68
C PRO B 430 2.46 28.55 -58.68
N LEU B 431 1.85 28.42 -57.50
CA LEU B 431 0.51 27.87 -57.39
C LEU B 431 -0.55 28.92 -57.70
N GLY B 432 -0.32 30.17 -57.31
CA GLY B 432 -1.30 31.21 -57.62
C GLY B 432 -0.97 32.52 -56.93
N ARG B 433 -1.67 33.56 -57.41
CA ARG B 433 -1.54 34.92 -56.90
C ARG B 433 -2.84 35.36 -56.24
N GLN B 434 -3.85 35.64 -57.05
CA GLN B 434 -5.10 36.19 -56.60
C GLN B 434 -5.98 35.09 -56.00
N ILE B 435 -6.90 35.52 -55.13
CA ILE B 435 -7.70 34.55 -54.39
C ILE B 435 -8.40 33.59 -55.35
N ARG B 436 -8.98 34.15 -56.42
CA ARG B 436 -9.60 33.32 -57.45
C ARG B 436 -8.64 32.25 -57.93
N GLU B 437 -7.36 32.56 -58.02
CA GLU B 437 -6.39 31.58 -58.48
C GLU B 437 -6.32 30.41 -57.52
N LEU B 438 -6.07 30.67 -56.24
CA LEU B 438 -6.03 29.57 -55.28
C LEU B 438 -7.29 28.73 -55.34
N TYR B 439 -8.46 29.36 -55.30
CA TYR B 439 -9.69 28.59 -55.51
C TYR B 439 -9.53 27.69 -56.73
N CYS B 440 -9.06 28.26 -57.83
CA CYS B 440 -8.96 27.52 -59.08
C CYS B 440 -8.03 26.32 -58.96
N THR B 441 -6.76 26.57 -58.65
CA THR B 441 -5.76 25.51 -58.66
C THR B 441 -6.01 24.51 -57.55
N CYS B 442 -6.34 25.00 -56.36
CA CYS B 442 -6.75 24.13 -55.27
C CYS B 442 -7.80 23.15 -55.74
N LEU B 443 -8.85 23.64 -56.39
CA LEU B 443 -9.93 22.77 -56.79
C LEU B 443 -9.61 21.94 -58.03
N GLU B 444 -8.67 22.39 -58.87
CA GLU B 444 -8.36 21.70 -60.13
C GLU B 444 -7.85 20.29 -59.87
N LYS B 445 -6.70 20.20 -59.21
CA LYS B 445 -6.05 18.94 -58.88
C LYS B 445 -5.46 19.07 -57.49
N ASN B 446 -5.01 17.95 -56.93
CA ASN B 446 -4.50 17.95 -55.57
C ASN B 446 -3.33 18.90 -55.40
N ILE B 447 -3.49 19.84 -54.48
CA ILE B 447 -2.43 20.77 -54.14
C ILE B 447 -1.20 20.00 -53.74
N TRP B 448 -1.39 19.05 -52.82
CA TRP B 448 -0.33 18.16 -52.40
C TRP B 448 0.28 17.41 -53.57
N ASP B 449 -0.56 16.90 -54.46
CA ASP B 449 -0.03 16.10 -55.55
C ASP B 449 0.73 16.99 -56.53
N SER B 450 0.41 18.28 -56.55
CA SER B 450 1.15 19.22 -57.39
C SER B 450 2.47 19.59 -56.73
N GLU B 451 3.51 19.74 -57.54
CA GLU B 451 4.85 20.03 -57.06
C GLU B 451 5.14 21.50 -56.88
N GLU B 452 4.34 22.38 -57.51
CA GLU B 452 4.53 23.80 -57.34
C GLU B 452 4.12 24.19 -55.95
N TYR B 453 3.13 23.48 -55.43
CA TYR B 453 2.76 23.65 -54.05
C TYR B 453 3.94 23.33 -53.15
N ALA B 454 4.49 22.13 -53.27
CA ALA B 454 5.69 21.78 -52.51
C ALA B 454 6.76 22.85 -52.66
N SER B 455 6.88 23.42 -53.85
CA SER B 455 7.81 24.54 -54.04
C SER B 455 7.46 25.67 -53.10
N VAL B 456 6.17 26.00 -52.99
CA VAL B 456 5.75 27.02 -52.05
C VAL B 456 6.13 26.62 -50.63
N LEU B 457 6.08 25.32 -50.34
CA LEU B 457 6.53 24.81 -49.06
C LEU B 457 7.96 25.21 -48.81
N GLN B 458 8.85 24.77 -49.70
CA GLN B 458 10.25 25.09 -49.60
C GLN B 458 10.43 26.59 -49.39
N LEU B 459 9.61 27.40 -50.07
CA LEU B 459 9.67 28.84 -49.85
C LEU B 459 9.43 29.17 -48.38
N LEU B 460 8.28 28.78 -47.84
CA LEU B 460 7.96 29.16 -46.46
C LEU B 460 9.03 28.66 -45.49
N ARG B 461 9.52 27.44 -45.69
CA ARG B 461 10.61 26.94 -44.88
C ARG B 461 11.88 27.77 -45.04
N MET B 462 12.00 28.50 -46.14
CA MET B 462 13.14 29.39 -46.35
C MET B 462 12.92 30.75 -45.70
N LEU B 463 11.87 31.46 -46.14
CA LEU B 463 11.59 32.82 -45.68
C LEU B 463 11.77 32.93 -44.16
N ALA B 464 10.95 32.21 -43.41
CA ALA B 464 11.01 32.18 -41.94
C ALA B 464 10.99 33.62 -41.40
N LYS B 465 11.67 33.83 -40.28
CA LYS B 465 12.02 35.12 -39.65
C LYS B 465 10.83 36.11 -39.56
N ASP B 466 11.14 37.40 -39.70
CA ASP B 466 10.20 38.48 -39.40
C ASP B 466 9.27 38.80 -40.56
N GLU B 467 9.73 38.61 -41.80
CA GLU B 467 8.80 38.69 -42.90
C GLU B 467 7.59 37.80 -42.61
N LEU B 468 7.86 36.55 -42.24
CA LEU B 468 6.76 35.64 -41.92
C LEU B 468 6.04 36.04 -40.64
N MET B 469 6.75 36.41 -39.57
CA MET B 469 5.97 36.70 -38.35
C MET B 469 5.11 37.95 -38.52
N THR B 470 5.56 38.93 -39.31
CA THR B 470 4.72 40.08 -39.63
C THR B 470 3.53 39.68 -40.48
N ILE B 471 3.77 38.88 -41.54
CA ILE B 471 2.69 38.52 -42.45
C ILE B 471 1.69 37.58 -41.79
N LEU B 472 2.17 36.72 -40.90
CA LEU B 472 1.34 35.74 -40.21
C LEU B 472 0.57 36.40 -39.07
N GLU B 473 1.25 37.21 -38.26
CA GLU B 473 0.54 38.06 -37.31
C GLU B 473 -0.49 38.92 -38.03
N LYS B 474 -0.26 39.22 -39.30
CA LYS B 474 -1.31 39.81 -40.12
C LYS B 474 -2.28 38.78 -40.65
N CYS B 475 -1.88 37.52 -40.68
CA CYS B 475 -2.85 36.48 -41.00
C CYS B 475 -3.83 36.30 -39.85
N PHE B 476 -3.46 36.67 -38.65
CA PHE B 476 -4.40 36.63 -37.55
C PHE B 476 -5.04 37.96 -37.19
N LYS B 477 -4.31 39.05 -37.20
CA LYS B 477 -5.01 40.32 -37.17
C LYS B 477 -6.08 40.32 -38.24
N VAL B 478 -5.69 39.89 -39.45
CA VAL B 478 -6.61 39.91 -40.57
C VAL B 478 -7.50 38.66 -40.66
N PHE B 479 -7.03 37.40 -40.43
CA PHE B 479 -7.95 36.24 -40.47
C PHE B 479 -8.71 36.05 -39.18
N LYS B 480 -8.08 36.29 -38.04
CA LYS B 480 -8.91 36.50 -36.88
C LYS B 480 -9.80 37.70 -37.09
N SER B 481 -9.45 38.64 -37.97
CA SER B 481 -10.45 39.63 -38.33
C SER B 481 -11.58 39.00 -39.13
N TYR B 482 -11.29 38.00 -39.95
CA TYR B 482 -12.36 37.34 -40.71
C TYR B 482 -13.31 36.58 -39.78
N CYS B 483 -12.76 35.75 -38.91
CA CYS B 483 -13.60 34.98 -38.00
C CYS B 483 -14.10 35.82 -36.83
N GLU B 484 -13.51 36.99 -36.64
CA GLU B 484 -14.01 38.02 -35.73
C GLU B 484 -15.14 38.79 -36.42
N ASN B 485 -14.97 39.07 -37.71
CA ASN B 485 -15.98 39.76 -38.51
C ASN B 485 -16.47 38.90 -39.67
N HIS B 486 -15.59 38.58 -40.63
CA HIS B 486 -16.05 38.09 -41.93
C HIS B 486 -16.77 36.75 -41.83
N LEU B 487 -16.39 35.88 -40.90
CA LEU B 487 -16.97 34.53 -40.86
C LEU B 487 -17.29 34.14 -39.42
N GLY B 488 -18.44 33.50 -39.25
CA GLY B 488 -18.93 33.23 -37.90
C GLY B 488 -18.17 32.12 -37.21
N SER B 489 -17.82 31.07 -37.94
CA SER B 489 -17.23 29.87 -37.34
C SER B 489 -16.00 30.23 -36.51
N THR B 490 -15.81 29.76 -35.27
CA THR B 490 -16.67 28.89 -34.43
C THR B 490 -16.51 27.39 -34.76
N ALA B 491 -15.63 27.04 -35.71
CA ALA B 491 -15.39 25.64 -36.02
C ALA B 491 -14.57 24.90 -34.97
N LYS B 492 -14.02 25.59 -33.97
CA LYS B 492 -13.20 25.02 -32.89
C LYS B 492 -11.80 24.62 -33.34
N ARG B 493 -11.62 24.37 -34.64
CA ARG B 493 -10.27 24.21 -35.16
C ARG B 493 -9.63 25.57 -35.34
N ILE B 494 -10.39 26.48 -35.97
CA ILE B 494 -9.95 27.86 -36.16
C ILE B 494 -9.36 28.38 -34.87
N GLU B 495 -10.14 28.31 -33.79
CA GLU B 495 -9.71 28.79 -32.48
C GLU B 495 -8.35 28.18 -32.10
N GLU B 496 -8.18 26.88 -32.30
CA GLU B 496 -6.93 26.24 -31.93
C GLU B 496 -5.76 26.87 -32.70
N PHE B 497 -5.90 26.98 -34.01
CA PHE B 497 -4.90 27.71 -34.78
C PHE B 497 -4.62 29.05 -34.12
N LEU B 498 -5.67 29.84 -33.95
CA LEU B 498 -5.59 31.19 -33.44
C LEU B 498 -4.73 31.28 -32.19
N ALA B 499 -5.07 30.49 -31.17
CA ALA B 499 -4.27 30.46 -29.95
C ALA B 499 -2.82 30.11 -30.26
N GLN B 500 -2.61 29.11 -31.13
CA GLN B 500 -1.24 28.75 -31.50
C GLN B 500 -0.46 29.98 -31.95
N PHE B 501 -1.06 30.81 -32.80
CA PHE B 501 -0.30 31.92 -33.35
C PHE B 501 -0.13 33.05 -32.34
N GLN B 502 -1.14 33.28 -31.49
CA GLN B 502 -0.89 34.17 -30.35
C GLN B 502 0.35 33.72 -29.60
N SER B 503 0.46 32.41 -29.34
CA SER B 503 1.60 31.91 -28.60
C SER B 503 2.90 32.19 -29.33
N LEU B 504 2.92 31.99 -30.65
CA LEU B 504 4.13 32.30 -31.40
C LEU B 504 4.53 33.76 -31.30
N ASP B 505 3.57 34.66 -31.54
CA ASP B 505 3.89 36.08 -31.52
C ASP B 505 4.65 36.43 -30.26
N ALA B 506 4.23 35.88 -29.13
CA ALA B 506 4.93 36.07 -27.86
C ALA B 506 6.37 35.58 -27.97
N LYS B 548 10.19 27.97 -36.30
CA LYS B 548 10.50 27.18 -37.48
C LYS B 548 9.61 25.95 -37.51
N PHE B 549 9.99 24.89 -36.80
CA PHE B 549 9.05 23.80 -36.59
C PHE B 549 7.79 24.29 -35.89
N GLU B 550 7.81 25.49 -35.36
CA GLU B 550 6.57 26.20 -35.08
C GLU B 550 5.95 26.70 -36.38
N VAL B 551 6.76 27.29 -37.25
CA VAL B 551 6.25 27.67 -38.57
C VAL B 551 5.94 26.44 -39.39
N LEU B 552 6.66 25.34 -39.16
CA LEU B 552 6.41 24.12 -39.91
C LEU B 552 5.37 23.24 -39.26
N ARG B 553 5.07 23.43 -37.99
CA ARG B 553 3.89 22.79 -37.42
C ARG B 553 2.64 23.61 -37.58
N GLU B 554 2.78 24.91 -37.85
CA GLU B 554 1.63 25.72 -38.21
C GLU B 554 1.32 25.56 -39.68
N ASN B 555 2.36 25.55 -40.50
CA ASN B 555 2.16 25.24 -41.89
C ASN B 555 1.72 23.79 -42.04
N VAL B 556 2.34 22.86 -41.29
CA VAL B 556 1.87 21.47 -41.31
C VAL B 556 0.46 21.43 -40.77
N VAL B 557 0.16 22.30 -39.82
CA VAL B 557 -1.23 22.60 -39.52
C VAL B 557 -1.94 23.18 -40.74
N ASN B 558 -1.29 24.10 -41.46
CA ASN B 558 -1.84 24.52 -42.74
C ASN B 558 -1.80 23.40 -43.77
N PHE B 559 -1.08 22.31 -43.48
CA PHE B 559 -0.93 21.18 -44.38
C PHE B 559 -1.90 20.08 -43.98
N ILE B 560 -1.62 19.39 -42.87
CA ILE B 560 -2.46 18.27 -42.45
C ILE B 560 -3.79 18.77 -41.91
N ASP B 561 -3.75 19.78 -41.03
CA ASP B 561 -4.98 20.26 -40.43
C ASP B 561 -5.82 21.12 -41.36
N CYS B 562 -5.21 21.73 -42.38
CA CYS B 562 -5.92 22.60 -43.32
C CYS B 562 -5.89 22.00 -44.72
N LEU B 563 -4.77 22.08 -45.43
CA LEU B 563 -4.74 21.68 -46.83
C LEU B 563 -5.13 20.23 -47.00
N VAL B 564 -4.49 19.33 -46.26
CA VAL B 564 -4.95 17.95 -46.22
C VAL B 564 -6.43 17.90 -45.87
N ARG B 565 -6.82 18.51 -44.75
CA ARG B 565 -8.19 18.36 -44.27
C ARG B 565 -9.12 19.42 -44.85
N GLU B 566 -8.94 20.68 -44.48
CA GLU B 566 -10.00 21.67 -44.68
C GLU B 566 -10.05 22.31 -46.08
N TYR B 567 -8.96 22.28 -46.83
CA TYR B 567 -8.92 22.93 -48.14
C TYR B 567 -9.36 22.03 -49.29
N LEU B 568 -9.85 20.83 -49.01
CA LEU B 568 -9.72 19.73 -49.95
C LEU B 568 -10.52 19.97 -51.23
N LEU B 569 -10.44 18.96 -52.10
CA LEU B 569 -10.81 19.05 -53.51
C LEU B 569 -12.31 19.27 -53.71
N PRO B 570 -12.77 19.36 -54.96
CA PRO B 570 -14.21 19.17 -55.24
C PRO B 570 -14.66 17.71 -55.25
N PRO B 571 -14.00 16.81 -56.02
CA PRO B 571 -14.53 15.44 -56.09
C PRO B 571 -14.23 14.64 -54.84
N GLU B 572 -13.11 14.91 -54.17
CA GLU B 572 -12.94 14.44 -52.81
C GLU B 572 -13.54 15.56 -51.98
N THR B 573 -14.76 15.31 -51.59
CA THR B 573 -15.64 16.18 -50.85
C THR B 573 -16.74 15.24 -50.44
N GLN B 574 -17.75 15.81 -49.85
CA GLN B 574 -18.86 15.02 -49.41
C GLN B 574 -19.69 14.48 -50.56
N PRO B 575 -20.63 13.60 -50.23
CA PRO B 575 -21.67 13.22 -51.18
C PRO B 575 -22.36 14.44 -51.75
N LEU B 576 -22.91 14.28 -52.96
CA LEU B 576 -23.76 15.29 -53.58
C LEU B 576 -22.98 16.55 -53.94
N HIS B 577 -21.67 16.43 -54.19
CA HIS B 577 -20.97 17.61 -54.67
C HIS B 577 -21.49 18.04 -56.03
N GLU B 578 -22.34 17.24 -56.66
CA GLU B 578 -23.07 17.70 -57.82
C GLU B 578 -24.18 18.66 -57.42
N VAL B 579 -24.60 19.47 -58.40
CA VAL B 579 -25.80 20.28 -58.33
C VAL B 579 -25.62 21.52 -57.46
N VAL B 580 -24.69 21.47 -56.51
CA VAL B 580 -24.12 22.69 -55.93
C VAL B 580 -22.91 23.15 -56.71
N TYR B 581 -22.07 22.22 -57.14
CA TYR B 581 -20.97 22.48 -58.05
C TYR B 581 -21.44 22.04 -59.44
N PHE B 582 -21.32 22.93 -60.43
CA PHE B 582 -22.00 22.74 -61.71
C PHE B 582 -21.02 22.23 -62.77
N SER B 583 -21.29 21.03 -63.29
CA SER B 583 -20.60 20.45 -64.42
C SER B 583 -21.22 20.95 -65.73
N ALA B 584 -20.93 20.27 -66.85
CA ALA B 584 -21.55 20.58 -68.13
C ALA B 584 -21.11 21.95 -68.66
N ALA B 585 -19.78 22.16 -68.69
CA ALA B 585 -19.22 23.37 -69.27
C ALA B 585 -19.53 23.47 -70.76
N HIS B 586 -19.37 22.37 -71.49
CA HIS B 586 -19.29 22.43 -72.95
C HIS B 586 -20.47 23.20 -73.54
N ALA B 587 -21.68 22.86 -73.09
CA ALA B 587 -22.87 23.44 -73.72
C ALA B 587 -22.88 24.96 -73.60
N LEU B 588 -22.45 25.49 -72.45
CA LEU B 588 -22.36 26.94 -72.32
C LEU B 588 -21.40 27.52 -73.35
N ARG B 589 -20.22 26.91 -73.45
CA ARG B 589 -19.24 27.34 -74.45
C ARG B 589 -19.84 27.30 -75.85
N GLU B 590 -20.72 26.35 -76.12
CA GLU B 590 -21.47 26.37 -77.37
C GLU B 590 -22.43 27.55 -77.41
N HIS B 591 -23.01 27.92 -76.27
CA HIS B 591 -24.03 28.94 -76.14
C HIS B 591 -23.48 30.30 -75.73
N LEU B 592 -22.17 30.40 -75.52
CA LEU B 592 -21.57 31.68 -75.18
C LEU B 592 -20.33 31.95 -76.01
N ASN B 593 -19.30 31.13 -75.82
CA ASN B 593 -18.04 31.38 -76.50
C ASN B 593 -18.26 31.57 -78.00
N ALA B 594 -19.34 31.03 -78.53
CA ALA B 594 -19.66 31.21 -79.94
C ALA B 594 -18.49 30.72 -80.79
N ALA B 595 -18.36 29.41 -80.83
CA ALA B 595 -17.26 28.80 -81.56
C ALA B 595 -17.86 28.07 -82.75
N PRO B 596 -18.35 28.82 -83.75
CA PRO B 596 -18.94 28.18 -84.92
C PRO B 596 -17.94 27.46 -85.80
N ARG B 597 -16.72 28.00 -85.94
CA ARG B 597 -15.78 27.43 -86.89
C ARG B 597 -15.13 26.14 -86.37
N ILE B 598 -15.26 25.82 -85.08
CA ILE B 598 -14.88 24.49 -84.62
C ILE B 598 -15.86 23.45 -85.16
N ALA B 599 -17.15 23.65 -84.88
CA ALA B 599 -18.16 22.74 -85.36
C ALA B 599 -18.17 22.70 -86.88
N LEU B 600 -17.92 23.85 -87.51
CA LEU B 600 -17.89 23.90 -88.97
C LEU B 600 -16.67 23.15 -89.45
N HIS B 601 -15.47 23.67 -89.16
CA HIS B 601 -14.24 23.03 -89.61
C HIS B 601 -14.28 21.52 -89.41
N THR B 602 -14.42 21.07 -88.16
CA THR B 602 -14.45 19.64 -87.90
C THR B 602 -15.62 18.95 -88.60
N ALA B 603 -16.71 19.66 -88.91
CA ALA B 603 -17.84 19.03 -89.59
C ALA B 603 -17.57 18.87 -91.09
N LEU B 604 -17.08 19.93 -91.72
CA LEU B 604 -16.82 19.96 -93.16
C LEU B 604 -15.65 19.04 -93.51
N ASN B 605 -14.57 19.10 -92.72
CA ASN B 605 -13.56 18.04 -92.76
C ASN B 605 -14.22 16.71 -92.43
N ASN B 606 -14.73 16.58 -91.21
CA ASN B 606 -15.31 15.32 -90.75
C ASN B 606 -16.68 15.55 -90.10
N PRO B 628 -21.44 12.15 -98.27
CA PRO B 628 -20.37 13.09 -97.95
C PRO B 628 -19.90 13.90 -99.16
N ASP B 629 -20.84 14.30 -100.03
CA ASP B 629 -20.46 15.03 -101.25
C ASP B 629 -20.00 16.45 -100.93
N ILE B 630 -20.55 17.09 -99.90
CA ILE B 630 -19.98 18.35 -99.43
C ILE B 630 -18.74 18.09 -98.57
N CYS B 631 -18.71 16.95 -97.86
CA CYS B 631 -17.49 16.56 -97.16
C CYS B 631 -16.34 16.36 -98.13
N ILE B 632 -16.57 15.56 -99.19
CA ILE B 632 -15.55 15.39 -100.22
C ILE B 632 -15.32 16.69 -100.96
N ALA B 633 -16.35 17.53 -101.09
CA ALA B 633 -16.18 18.82 -101.75
C ALA B 633 -15.16 19.67 -101.00
N TYR B 634 -15.32 19.78 -99.68
CA TYR B 634 -14.34 20.49 -98.87
C TYR B 634 -12.99 19.77 -98.89
N LYS B 635 -12.98 18.44 -99.11
CA LYS B 635 -11.73 17.75 -99.34
C LYS B 635 -11.04 18.27 -100.59
N LEU B 636 -11.81 18.54 -101.65
CA LEU B 636 -11.23 19.08 -102.88
C LEU B 636 -10.78 20.52 -102.69
N HIS B 637 -11.67 21.34 -102.16
CA HIS B 637 -11.38 22.72 -101.81
C HIS B 637 -10.18 22.82 -100.86
N LEU B 638 -9.85 21.73 -100.17
CA LEU B 638 -8.54 21.62 -99.52
C LEU B 638 -7.46 21.19 -100.50
N GLU B 639 -7.80 20.31 -101.44
CA GLU B 639 -6.80 19.54 -102.17
C GLU B 639 -6.12 20.34 -103.29
N CYS B 640 -6.91 20.98 -104.16
CA CYS B 640 -6.44 21.17 -105.54
C CYS B 640 -5.08 21.86 -105.63
N SER B 641 -5.01 23.18 -105.56
CA SER B 641 -3.73 23.80 -105.21
C SER B 641 -3.87 25.05 -104.35
N ARG B 642 -4.15 26.18 -105.01
CA ARG B 642 -4.47 27.45 -104.37
C ARG B 642 -5.65 28.08 -105.11
N LEU B 643 -5.39 28.49 -106.35
CA LEU B 643 -6.40 28.92 -107.29
C LEU B 643 -6.66 27.79 -108.27
N ILE B 644 -7.93 27.52 -108.54
CA ILE B 644 -8.33 26.34 -109.30
C ILE B 644 -9.18 26.81 -110.46
N ASN B 645 -8.67 26.63 -111.68
CA ASN B 645 -9.37 27.09 -112.88
C ASN B 645 -10.62 26.28 -113.13
N LEU B 646 -11.75 26.98 -113.31
CA LEU B 646 -13.04 26.30 -113.45
C LEU B 646 -13.13 25.49 -114.73
N VAL B 647 -12.26 25.72 -115.71
CA VAL B 647 -12.18 24.78 -116.83
C VAL B 647 -11.67 23.43 -116.33
N ASP B 648 -10.47 23.43 -115.75
CA ASP B 648 -9.90 22.25 -115.11
C ASP B 648 -10.15 22.21 -113.61
N TRP B 649 -11.03 23.08 -113.10
CA TRP B 649 -11.66 22.79 -111.82
C TRP B 649 -12.99 22.09 -112.00
N SER B 650 -13.92 22.66 -112.77
CA SER B 650 -15.06 21.86 -113.17
C SER B 650 -14.58 20.54 -113.78
N GLU B 651 -13.51 20.59 -114.58
CA GLU B 651 -12.94 19.38 -115.15
C GLU B 651 -11.95 18.66 -114.23
N ALA B 652 -11.34 19.30 -113.24
CA ALA B 652 -10.53 18.52 -112.29
C ALA B 652 -11.42 17.83 -111.26
N PHE B 653 -12.44 18.56 -110.80
CA PHE B 653 -13.55 18.00 -110.04
C PHE B 653 -14.31 16.99 -110.87
N ALA B 654 -14.16 17.01 -112.20
CA ALA B 654 -14.60 15.89 -113.01
C ALA B 654 -13.53 14.82 -113.22
N THR B 655 -12.24 15.14 -112.99
CA THR B 655 -11.22 14.08 -112.93
C THR B 655 -11.22 13.43 -111.56
N VAL B 656 -11.25 14.26 -110.51
CA VAL B 656 -11.33 13.76 -109.15
C VAL B 656 -12.74 13.23 -108.87
N VAL B 657 -13.76 14.00 -109.24
CA VAL B 657 -15.14 13.64 -108.96
C VAL B 657 -15.97 13.60 -110.24
N ILE B 676 -25.68 15.18 -112.05
CA ILE B 676 -26.04 15.29 -110.65
C ILE B 676 -24.80 15.53 -109.81
N ILE B 677 -23.66 15.11 -110.35
CA ILE B 677 -22.43 15.08 -109.57
C ILE B 677 -21.90 16.50 -109.33
N HIS B 678 -22.16 17.44 -110.25
CA HIS B 678 -21.61 18.78 -110.12
C HIS B 678 -22.46 19.69 -109.23
N ALA B 679 -23.78 19.66 -109.38
CA ALA B 679 -24.63 20.69 -108.76
C ALA B 679 -24.39 20.77 -107.26
N ARG B 680 -24.07 19.65 -106.63
CA ARG B 680 -23.79 19.66 -105.20
C ARG B 680 -22.46 20.34 -104.89
N PHE B 681 -21.55 20.41 -105.87
CA PHE B 681 -20.33 21.19 -105.71
C PHE B 681 -20.51 22.66 -106.06
N ILE B 682 -21.42 23.00 -106.98
CA ILE B 682 -21.71 24.41 -107.17
C ILE B 682 -22.44 24.93 -105.96
N ARG B 683 -23.21 24.07 -105.29
CA ARG B 683 -23.87 24.50 -104.07
C ARG B 683 -22.97 24.39 -102.86
N ALA B 684 -22.11 23.37 -102.81
CA ALA B 684 -21.07 23.36 -101.81
C ALA B 684 -20.27 24.64 -101.89
N VAL B 685 -19.99 25.10 -103.11
CA VAL B 685 -19.10 26.23 -103.30
C VAL B 685 -19.83 27.55 -103.08
N SER B 686 -21.09 27.64 -103.50
CA SER B 686 -21.87 28.86 -103.27
C SER B 686 -22.25 29.01 -101.81
N GLU B 687 -22.43 27.87 -101.10
CA GLU B 687 -22.52 27.92 -99.65
C GLU B 687 -21.20 28.38 -99.05
N LEU B 688 -20.11 27.70 -99.44
CA LEU B 688 -18.77 28.10 -99.04
C LEU B 688 -18.51 29.58 -99.32
N GLU B 689 -19.26 30.19 -100.25
CA GLU B 689 -19.37 31.65 -100.30
C GLU B 689 -20.20 32.15 -99.14
N LEU B 690 -21.41 31.61 -99.00
CA LEU B 690 -22.30 32.05 -97.94
C LEU B 690 -21.71 31.69 -96.58
N LEU B 691 -21.36 30.41 -96.39
CA LEU B 691 -20.52 30.05 -95.26
C LEU B 691 -19.30 30.95 -95.19
N GLY B 692 -18.63 31.15 -96.32
CA GLY B 692 -17.39 31.90 -96.37
C GLY B 692 -16.13 31.06 -96.45
N PHE B 693 -16.25 29.75 -96.59
CA PHE B 693 -15.07 28.91 -96.78
C PHE B 693 -14.48 29.07 -98.18
N ILE B 694 -15.18 29.74 -99.08
CA ILE B 694 -14.59 30.28 -100.30
C ILE B 694 -15.24 31.63 -100.59
N LYS B 695 -14.87 32.19 -101.73
CA LYS B 695 -15.50 33.41 -102.20
C LYS B 695 -15.63 33.30 -103.72
N PRO B 696 -16.62 33.97 -104.32
CA PRO B 696 -16.72 33.96 -105.78
C PRO B 696 -15.78 34.95 -106.42
N THR B 697 -14.53 34.55 -106.66
CA THR B 697 -13.44 35.50 -106.81
C THR B 697 -13.08 35.73 -108.27
N LYS B 698 -12.72 36.97 -108.59
CA LYS B 698 -12.29 37.37 -109.92
C LYS B 698 -10.79 37.36 -110.11
N GLN B 699 -10.02 36.98 -109.08
CA GLN B 699 -8.56 36.96 -109.22
C GLN B 699 -8.12 36.13 -110.42
N LYS B 700 -9.00 35.24 -110.91
CA LYS B 700 -8.80 34.53 -112.17
C LYS B 700 -10.17 34.17 -112.72
N THR B 701 -10.26 34.00 -114.04
CA THR B 701 -11.55 33.87 -114.68
C THR B 701 -12.28 32.64 -114.18
N ASP B 702 -13.51 32.84 -113.70
CA ASP B 702 -14.34 31.73 -113.21
C ASP B 702 -13.61 30.98 -112.11
N HIS B 703 -13.49 31.63 -110.95
CA HIS B 703 -12.76 31.06 -109.85
C HIS B 703 -13.47 31.27 -108.54
N VAL B 704 -13.12 30.40 -107.61
CA VAL B 704 -13.65 30.38 -106.27
C VAL B 704 -12.46 30.25 -105.33
N ALA B 705 -12.20 31.30 -104.54
CA ALA B 705 -10.98 31.36 -103.73
C ALA B 705 -11.31 31.86 -102.34
N ARG B 706 -10.73 31.19 -101.35
CA ARG B 706 -11.07 31.41 -99.95
C ARG B 706 -10.29 32.56 -99.33
N LEU B 707 -11.02 33.41 -98.61
CA LEU B 707 -10.42 34.35 -97.67
C LEU B 707 -10.05 33.67 -96.36
N THR B 708 -10.86 32.70 -95.93
CA THR B 708 -10.59 32.03 -94.67
C THR B 708 -9.37 31.16 -94.80
N TRP B 709 -8.64 31.03 -93.70
CA TRP B 709 -7.39 30.30 -93.73
C TRP B 709 -7.66 28.82 -93.44
N LYS C 41 42.35 -31.93 64.32
CA LYS C 41 43.36 -32.14 65.35
C LYS C 41 43.47 -33.63 65.63
N LEU C 42 44.56 -34.03 66.27
CA LEU C 42 44.79 -35.46 66.51
C LEU C 42 43.52 -36.11 67.05
N ARG C 43 42.82 -35.44 67.95
CA ARG C 43 41.60 -36.01 68.52
C ARG C 43 40.49 -36.17 67.50
N PHE C 44 40.53 -35.44 66.39
CA PHE C 44 39.54 -35.60 65.34
C PHE C 44 39.91 -36.69 64.37
N GLU C 45 41.20 -36.82 64.08
CA GLU C 45 41.66 -38.00 63.39
C GLU C 45 41.24 -39.24 64.17
N THR C 46 41.47 -39.21 65.48
CA THR C 46 40.94 -40.24 66.36
C THR C 46 39.43 -40.27 66.31
N TYR C 47 38.80 -39.11 66.21
CA TYR C 47 37.35 -39.13 66.08
C TYR C 47 37.02 -39.99 64.87
N GLN C 48 37.25 -39.49 63.66
CA GLN C 48 36.83 -40.19 62.44
C GLN C 48 37.17 -41.67 62.51
N LEU C 49 38.37 -42.01 62.99
CA LEU C 49 38.68 -43.40 63.28
C LEU C 49 37.61 -44.05 64.13
N ILE C 50 37.52 -43.61 65.39
CA ILE C 50 36.57 -44.16 66.34
C ILE C 50 35.17 -44.07 65.76
N TRP C 51 34.73 -42.85 65.47
CA TRP C 51 33.44 -42.49 64.92
C TRP C 51 32.97 -43.45 63.85
N GLN C 52 33.64 -43.47 62.70
CA GLN C 52 33.19 -44.34 61.62
C GLN C 52 33.45 -45.82 61.90
N GLN C 53 34.38 -46.14 62.79
CA GLN C 53 34.43 -47.50 63.34
C GLN C 53 33.14 -47.81 64.10
N MET C 54 32.59 -46.81 64.79
CA MET C 54 31.43 -46.99 65.66
C MET C 54 30.18 -47.16 64.83
N LYS C 55 29.90 -46.22 63.93
CA LYS C 55 28.80 -46.41 63.00
C LYS C 55 29.04 -47.58 62.08
N SER C 56 30.30 -47.93 61.80
CA SER C 56 30.61 -49.13 61.03
C SER C 56 30.03 -50.33 61.75
N GLU C 57 30.62 -50.66 62.89
CA GLU C 57 30.15 -51.81 63.66
C GLU C 57 28.67 -51.68 64.02
N ASN C 58 28.18 -50.46 64.19
CA ASN C 58 26.75 -50.24 64.45
C ASN C 58 25.91 -50.71 63.27
N GLU C 59 26.29 -50.33 62.06
CA GLU C 59 25.52 -50.68 60.87
C GLU C 59 25.74 -52.15 60.49
N ARG C 60 26.93 -52.69 60.77
CA ARG C 60 27.19 -54.11 60.54
C ARG C 60 26.38 -54.97 61.50
N LEU C 61 26.49 -54.71 62.80
CA LEU C 61 25.65 -55.39 63.78
C LEU C 61 24.16 -55.12 63.51
N GLN C 62 23.83 -53.94 62.99
CA GLN C 62 22.47 -53.72 62.50
C GLN C 62 22.16 -54.72 61.40
N GLU C 63 23.15 -55.00 60.56
CA GLU C 63 22.96 -55.95 59.48
C GLU C 63 22.94 -57.39 59.96
N GLU C 64 23.55 -57.72 61.11
CA GLU C 64 23.47 -59.07 61.67
C GLU C 64 22.17 -59.29 62.40
N LEU C 65 21.85 -58.39 63.35
CA LEU C 65 20.55 -58.40 63.99
C LEU C 65 19.45 -58.42 62.94
N ASN C 66 19.68 -57.73 61.83
CA ASN C 66 19.01 -58.08 60.59
C ASN C 66 19.22 -59.57 60.35
N LYS C 67 20.45 -59.99 60.02
CA LYS C 67 20.72 -61.26 59.33
C LYS C 67 19.91 -62.41 59.88
N ASN C 68 19.71 -62.46 61.20
CA ASN C 68 18.78 -63.46 61.71
C ASN C 68 17.35 -63.13 61.25
N LEU C 69 16.97 -61.86 61.33
CA LEU C 69 15.64 -61.41 60.95
C LEU C 69 15.45 -61.30 59.43
N PHE C 70 16.51 -60.98 58.68
CA PHE C 70 16.45 -60.91 57.23
C PHE C 70 16.61 -62.29 56.60
N ASP C 71 17.51 -63.11 57.14
CA ASP C 71 17.50 -64.51 56.76
C ASP C 71 16.20 -65.18 57.16
N ASN C 72 15.50 -64.67 58.18
CA ASN C 72 14.14 -65.14 58.47
C ASN C 72 13.07 -64.36 57.74
N LEU C 73 13.44 -63.26 57.07
CA LEU C 73 12.53 -62.58 56.17
C LEU C 73 12.52 -63.28 54.82
N ILE C 74 13.70 -63.66 54.36
CA ILE C 74 13.85 -64.45 53.15
C ILE C 74 13.61 -65.93 53.43
N GLU C 75 13.75 -66.38 54.68
CA GLU C 75 13.35 -67.74 55.03
C GLU C 75 11.87 -67.85 55.34
N PHE C 76 11.24 -66.82 55.90
CA PHE C 76 9.79 -66.82 55.94
C PHE C 76 9.24 -66.70 54.53
N LEU C 77 9.64 -65.64 53.83
CA LEU C 77 9.15 -65.41 52.48
C LEU C 77 9.42 -66.62 51.59
N GLN C 78 10.53 -67.32 51.82
CA GLN C 78 10.81 -68.56 51.10
C GLN C 78 10.18 -69.79 51.76
N LYS C 79 9.54 -69.61 52.92
CA LYS C 79 8.67 -70.66 53.46
C LYS C 79 7.30 -70.59 52.80
N SER C 80 6.79 -69.37 52.61
CA SER C 80 5.53 -69.19 51.88
C SER C 80 5.71 -69.41 50.39
N HIS C 81 6.90 -69.11 49.85
CA HIS C 81 7.21 -69.49 48.48
C HIS C 81 7.55 -70.96 48.39
N SER C 82 8.10 -71.54 49.47
CA SER C 82 8.11 -72.97 49.61
C SER C 82 6.69 -73.51 49.77
N GLY C 83 5.92 -72.88 50.65
CA GLY C 83 4.52 -73.24 50.84
C GLY C 83 3.78 -72.20 51.65
N LEU C 97 -7.41 -68.08 46.08
CA LEU C 97 -7.32 -66.85 45.31
C LEU C 97 -7.79 -65.63 46.08
N ARG C 98 -7.52 -64.48 45.46
CA ARG C 98 -7.96 -63.19 45.97
C ARG C 98 -7.57 -62.97 47.44
N GLU C 99 -6.35 -63.39 47.80
CA GLU C 99 -5.77 -63.13 49.13
C GLU C 99 -4.30 -62.76 49.03
N ILE C 100 -3.94 -61.57 49.54
CA ILE C 100 -2.55 -61.11 49.58
C ILE C 100 -1.93 -61.65 50.86
N PRO C 101 -0.97 -62.58 50.79
CA PRO C 101 -0.15 -62.83 51.97
C PRO C 101 0.80 -61.67 52.16
N THR C 102 1.23 -61.48 53.40
CA THR C 102 2.05 -60.34 53.78
C THR C 102 3.08 -60.73 54.82
N ALA C 103 4.02 -59.82 55.05
CA ALA C 103 4.99 -59.93 56.13
C ALA C 103 4.82 -58.75 57.06
N ALA C 104 4.54 -59.02 58.34
CA ALA C 104 4.37 -57.96 59.33
C ALA C 104 5.61 -57.89 60.20
N LEU C 105 6.36 -56.79 60.06
CA LEU C 105 7.58 -56.56 60.83
C LEU C 105 7.34 -55.51 61.90
N VAL C 106 7.86 -55.76 63.09
CA VAL C 106 7.69 -54.87 64.23
C VAL C 106 9.04 -54.22 64.52
N LEU C 107 9.17 -52.95 64.14
CA LEU C 107 10.32 -52.12 64.46
C LEU C 107 9.88 -51.06 65.46
N GLY C 108 10.30 -51.20 66.72
CA GLY C 108 9.84 -50.26 67.71
C GLY C 108 10.42 -48.86 67.56
N VAL C 109 9.54 -47.91 67.25
CA VAL C 109 9.70 -46.49 67.54
C VAL C 109 11.12 -45.98 67.31
N ASN C 110 11.71 -46.33 66.16
CA ASN C 110 12.84 -45.59 65.61
C ASN C 110 12.67 -45.52 64.10
N VAL C 111 12.81 -44.32 63.54
CA VAL C 111 12.46 -44.08 62.15
C VAL C 111 13.65 -44.30 61.24
N THR C 112 14.63 -43.39 61.30
CA THR C 112 15.62 -43.31 60.24
C THR C 112 16.68 -44.41 60.31
N ASP C 113 17.01 -44.91 61.51
CA ASP C 113 18.05 -45.92 61.61
C ASP C 113 17.75 -47.14 60.76
N HIS C 114 16.47 -47.43 60.54
CA HIS C 114 16.07 -48.59 59.78
C HIS C 114 15.83 -48.30 58.30
N ASP C 115 15.81 -47.04 57.86
CA ASP C 115 15.70 -46.81 56.42
C ASP C 115 16.82 -47.52 55.70
N LEU C 116 17.98 -47.67 56.36
CA LEU C 116 19.10 -48.41 55.79
C LEU C 116 18.62 -49.78 55.35
N THR C 117 17.97 -50.52 56.24
CA THR C 117 17.73 -51.90 55.90
C THR C 117 16.59 -52.04 54.91
N PHE C 118 15.79 -50.99 54.69
CA PHE C 118 14.85 -51.08 53.58
C PHE C 118 15.59 -50.88 52.27
N GLY C 119 16.56 -49.97 52.27
CA GLY C 119 17.55 -49.99 51.23
C GLY C 119 18.23 -51.34 51.13
N SER C 120 18.41 -52.03 52.27
CA SER C 120 19.00 -53.36 52.22
C SER C 120 17.96 -54.42 51.89
N LEU C 121 16.66 -54.13 52.02
CA LEU C 121 15.68 -55.05 51.49
C LEU C 121 15.46 -54.82 50.00
N THR C 122 15.46 -53.56 49.57
CA THR C 122 15.56 -53.27 48.15
C THR C 122 16.74 -54.01 47.53
N GLU C 123 17.89 -53.98 48.20
CA GLU C 123 19.10 -54.64 47.71
C GLU C 123 19.07 -56.16 47.98
N ALA C 124 19.02 -56.56 49.25
CA ALA C 124 19.15 -57.98 49.58
C ALA C 124 18.11 -58.82 48.86
N LEU C 125 16.86 -58.35 48.79
CA LEU C 125 15.89 -59.15 48.05
C LEU C 125 15.94 -58.91 46.56
N GLN C 126 16.62 -57.87 46.07
CA GLN C 126 17.03 -57.93 44.68
C GLN C 126 18.21 -58.87 44.48
N ASN C 127 18.89 -59.24 45.57
CA ASN C 127 20.09 -60.08 45.46
C ASN C 127 19.74 -61.55 45.36
N ASN C 128 18.73 -62.00 46.13
CA ASN C 128 18.35 -63.41 46.09
C ASN C 128 17.94 -63.87 44.70
N VAL C 129 17.64 -62.92 43.79
CA VAL C 129 17.12 -63.20 42.46
C VAL C 129 15.63 -63.52 42.51
N THR C 130 15.11 -63.78 43.72
CA THR C 130 13.70 -64.13 43.83
C THR C 130 12.78 -62.99 43.38
N PRO C 131 12.79 -61.82 44.01
CA PRO C 131 11.80 -60.78 43.72
C PRO C 131 12.29 -59.68 42.81
N TYR C 132 11.41 -58.69 42.64
CA TYR C 132 11.77 -57.31 42.36
C TYR C 132 10.94 -56.48 43.33
N VAL C 133 11.59 -55.79 44.24
CA VAL C 133 10.88 -55.31 45.43
C VAL C 133 10.57 -53.83 45.28
N VAL C 134 9.43 -53.44 45.87
CA VAL C 134 8.91 -52.08 45.85
C VAL C 134 8.50 -51.69 47.26
N SER C 135 8.58 -50.40 47.58
CA SER C 135 8.20 -49.89 48.89
C SER C 135 7.24 -48.71 48.74
N LEU C 136 6.05 -48.83 49.33
CA LEU C 136 5.08 -47.75 49.36
C LEU C 136 5.06 -47.12 50.75
N GLN C 137 5.39 -45.84 50.82
CA GLN C 137 5.24 -45.09 52.06
C GLN C 137 3.80 -44.60 52.19
N ALA C 138 3.31 -44.51 53.42
CA ALA C 138 1.91 -44.15 53.64
C ALA C 138 1.68 -42.66 53.45
N LYS C 139 2.60 -41.82 53.91
CA LYS C 139 2.46 -40.37 53.73
C LYS C 139 2.60 -39.94 52.28
N ASP C 140 3.30 -40.72 51.47
CA ASP C 140 3.44 -40.43 50.04
C ASP C 140 2.07 -40.48 49.36
N CYS C 141 1.06 -40.88 50.14
CA CYS C 141 0.03 -41.78 49.66
C CYS C 141 -1.34 -41.43 50.23
N PRO C 142 -1.81 -40.21 50.00
CA PRO C 142 -3.15 -39.86 50.50
C PRO C 142 -4.28 -40.47 49.69
N ASP C 143 -4.13 -40.57 48.38
CA ASP C 143 -5.18 -41.04 47.49
C ASP C 143 -4.89 -42.47 47.03
N MET C 144 -5.79 -42.98 46.19
CA MET C 144 -5.67 -44.32 45.61
C MET C 144 -4.77 -44.36 44.38
N LYS C 145 -4.38 -43.22 43.84
CA LYS C 145 -3.63 -43.23 42.58
C LYS C 145 -2.15 -43.47 42.81
N HIS C 146 -1.55 -42.80 43.81
CA HIS C 146 -0.10 -42.83 43.96
C HIS C 146 0.43 -44.21 44.36
N PHE C 147 -0.38 -45.07 44.98
CA PHE C 147 0.10 -46.41 45.32
C PHE C 147 0.21 -47.28 44.10
N LEU C 148 -0.74 -47.18 43.18
CA LEU C 148 -0.66 -47.99 41.97
C LEU C 148 0.34 -47.39 40.97
N GLN C 149 0.41 -46.06 40.93
CA GLN C 149 1.41 -45.39 40.13
C GLN C 149 2.80 -45.78 40.58
N LYS C 150 3.09 -45.63 41.88
CA LYS C 150 4.38 -46.06 42.40
C LYS C 150 4.51 -47.57 42.50
N LEU C 151 3.40 -48.29 42.66
CA LEU C 151 3.43 -49.73 42.49
C LEU C 151 4.29 -49.94 41.25
N ILE C 152 3.82 -49.41 40.13
CA ILE C 152 4.36 -49.81 38.85
C ILE C 152 5.62 -49.04 38.47
N SER C 153 5.64 -47.75 38.72
CA SER C 153 6.89 -47.03 38.60
C SER C 153 7.98 -47.81 39.30
N GLN C 154 7.66 -48.42 40.44
CA GLN C 154 8.66 -49.05 41.28
C GLN C 154 9.01 -50.49 40.85
N LEU C 155 8.12 -51.24 40.18
CA LEU C 155 8.58 -52.53 39.60
C LEU C 155 8.98 -52.46 38.13
N MET C 156 8.73 -51.36 37.45
CA MET C 156 9.49 -51.11 36.24
C MET C 156 10.86 -50.56 36.60
N ASP C 157 10.94 -49.86 37.75
CA ASP C 157 12.20 -49.30 38.24
C ASP C 157 13.05 -50.34 38.97
N CYS C 158 12.42 -51.25 39.72
CA CYS C 158 13.19 -52.30 40.41
C CYS C 158 14.05 -53.10 39.44
N CYS C 159 13.75 -53.03 38.15
CA CYS C 159 14.55 -53.66 37.11
C CYS C 159 15.68 -52.77 36.60
N VAL C 160 15.81 -51.53 37.09
CA VAL C 160 16.74 -50.55 36.53
C VAL C 160 18.03 -50.45 37.34
N ASP C 161 17.92 -50.02 38.61
CA ASP C 161 19.08 -49.53 39.35
C ASP C 161 20.27 -50.50 39.33
N ILE C 162 20.01 -51.79 39.17
CA ILE C 162 21.09 -52.79 39.27
C ILE C 162 21.89 -52.92 37.99
N LYS C 163 21.46 -52.28 36.89
CA LYS C 163 22.12 -52.49 35.60
C LYS C 163 23.52 -51.90 35.55
N SER C 164 23.79 -50.85 36.33
CA SER C 164 25.10 -50.23 36.34
C SER C 164 26.18 -51.22 36.77
N TYR C 188 10.44 -38.50 30.38
CA TYR C 188 9.28 -39.11 31.03
C TYR C 188 8.47 -38.08 31.80
N MET C 189 9.10 -37.29 32.66
CA MET C 189 8.32 -36.33 33.44
C MET C 189 7.34 -37.12 34.32
N THR C 190 7.78 -37.53 35.51
CA THR C 190 7.29 -38.70 36.24
C THR C 190 5.78 -38.84 36.32
N VAL C 191 5.05 -37.85 35.84
CA VAL C 191 3.58 -37.91 35.81
C VAL C 191 3.05 -39.12 35.04
N THR C 192 3.91 -39.89 34.36
CA THR C 192 3.53 -40.78 33.28
C THR C 192 3.07 -42.16 33.75
N GLN C 193 2.94 -42.38 35.04
CA GLN C 193 2.80 -43.71 35.58
C GLN C 193 1.40 -43.93 36.13
N LYS C 194 0.89 -45.14 35.95
CA LYS C 194 -0.47 -45.50 36.37
C LYS C 194 -0.52 -47.01 36.64
N THR C 195 -1.74 -47.54 36.80
CA THR C 195 -1.96 -48.83 37.42
C THR C 195 -1.67 -50.02 36.50
N ASP C 196 -1.37 -49.80 35.22
CA ASP C 196 -1.09 -50.92 34.31
C ASP C 196 0.27 -51.62 34.45
N PRO C 197 1.38 -50.88 34.33
CA PRO C 197 2.65 -51.52 33.91
C PRO C 197 3.35 -52.45 34.94
N LYS C 198 2.97 -52.52 36.23
CA LYS C 198 3.57 -53.56 37.07
C LYS C 198 3.16 -54.89 36.53
N MET C 199 1.85 -55.08 36.52
CA MET C 199 1.33 -56.35 36.15
C MET C 199 1.57 -56.68 34.68
N LEU C 200 2.02 -55.70 33.92
CA LEU C 200 2.59 -55.99 32.62
C LEU C 200 4.04 -56.43 32.79
N SER C 201 4.73 -55.93 33.83
CA SER C 201 6.10 -56.36 34.08
C SER C 201 6.18 -57.82 34.54
N LYS C 202 5.26 -58.28 35.39
CA LYS C 202 5.17 -59.71 35.66
C LYS C 202 4.24 -60.42 34.71
N LYS C 203 3.76 -59.73 33.67
CA LYS C 203 3.26 -60.36 32.46
C LYS C 203 4.24 -60.15 31.31
N ARG C 204 4.34 -58.93 30.78
CA ARG C 204 5.14 -58.68 29.58
C ARG C 204 6.63 -58.99 29.81
N THR C 205 7.29 -58.30 30.75
CA THR C 205 8.71 -58.60 30.97
C THR C 205 8.87 -60.07 31.34
N THR C 206 8.19 -60.53 32.40
CA THR C 206 8.01 -61.97 32.61
C THR C 206 6.58 -62.25 33.03
N SER C 207 5.78 -62.83 32.14
CA SER C 207 4.58 -63.55 32.57
C SER C 207 4.93 -64.96 32.98
N SER C 208 5.76 -65.62 32.17
CA SER C 208 6.29 -66.94 32.47
C SER C 208 7.72 -66.73 32.93
N GLN C 209 7.92 -66.83 34.24
CA GLN C 209 9.26 -66.79 34.80
C GLN C 209 9.99 -68.13 34.78
N TRP C 210 9.36 -69.27 35.08
CA TRP C 210 7.94 -69.40 35.45
C TRP C 210 7.65 -69.10 36.92
N GLN C 211 8.66 -69.19 37.77
CA GLN C 211 8.42 -69.05 39.19
C GLN C 211 8.22 -67.57 39.48
N SER C 212 7.02 -67.21 39.91
CA SER C 212 6.67 -65.81 40.00
C SER C 212 7.59 -65.12 40.99
N PRO C 213 7.94 -63.87 40.75
CA PRO C 213 8.65 -63.15 41.76
C PRO C 213 7.68 -62.78 42.86
N PRO C 214 8.08 -62.84 44.13
CA PRO C 214 7.40 -62.00 45.09
C PRO C 214 7.78 -60.58 44.75
N VAL C 215 6.81 -59.70 44.77
CA VAL C 215 7.13 -58.33 45.02
C VAL C 215 6.61 -58.08 46.42
N VAL C 216 7.54 -58.05 47.35
CA VAL C 216 7.16 -57.75 48.71
C VAL C 216 6.97 -56.25 48.69
N VAL C 217 5.73 -55.78 48.85
CA VAL C 217 5.49 -54.36 48.75
C VAL C 217 5.72 -53.87 50.17
N ILE C 218 6.88 -53.26 50.38
CA ILE C 218 7.27 -52.87 51.72
C ILE C 218 6.44 -51.64 52.01
N LEU C 219 5.49 -51.78 52.88
CA LEU C 219 4.65 -50.67 53.22
C LEU C 219 5.30 -50.23 54.53
N LYS C 220 6.14 -49.20 54.43
CA LYS C 220 7.11 -48.93 55.48
C LYS C 220 6.41 -48.38 56.71
N ASP C 221 5.39 -47.58 56.49
CA ASP C 221 4.35 -47.32 57.47
C ASP C 221 3.04 -47.82 56.86
N MET C 222 2.52 -48.91 57.39
CA MET C 222 1.12 -49.27 57.14
C MET C 222 0.17 -48.67 58.15
N GLU C 223 0.70 -48.17 59.26
CA GLU C 223 -0.15 -47.58 60.28
C GLU C 223 -0.74 -46.25 59.78
N SER C 224 0.06 -45.45 59.08
CA SER C 224 -0.39 -44.17 58.54
C SER C 224 -1.10 -44.29 57.20
N PHE C 225 -1.19 -45.49 56.63
CA PHE C 225 -1.98 -45.72 55.43
C PHE C 225 -3.35 -45.10 55.60
N ALA C 226 -3.83 -44.43 54.56
CA ALA C 226 -5.20 -43.93 54.60
C ALA C 226 -6.18 -45.09 54.52
N THR C 227 -7.09 -45.17 55.49
CA THR C 227 -7.92 -46.36 55.67
C THR C 227 -8.80 -46.64 54.45
N LYS C 228 -9.51 -45.62 53.95
CA LYS C 228 -10.23 -45.76 52.69
C LYS C 228 -9.30 -46.29 51.62
N VAL C 229 -8.17 -45.61 51.48
CA VAL C 229 -7.13 -46.00 50.56
C VAL C 229 -6.64 -47.41 50.87
N LEU C 230 -6.51 -47.72 52.15
CA LEU C 230 -5.97 -48.99 52.58
C LEU C 230 -6.84 -50.15 52.11
N GLN C 231 -8.15 -50.07 52.38
CA GLN C 231 -9.06 -51.12 51.97
C GLN C 231 -9.31 -51.10 50.47
N ASP C 232 -9.24 -49.92 49.84
CA ASP C 232 -9.38 -49.89 48.39
C ASP C 232 -8.21 -50.56 47.68
N PHE C 233 -7.00 -50.52 48.27
CA PHE C 233 -5.87 -51.25 47.70
C PHE C 233 -5.83 -52.70 48.11
N ILE C 234 -6.16 -52.99 49.36
CA ILE C 234 -6.13 -54.38 49.77
C ILE C 234 -7.27 -55.12 49.10
N ILE C 235 -8.34 -54.42 48.77
CA ILE C 235 -9.46 -55.00 48.02
C ILE C 235 -9.21 -54.97 46.52
N ILE C 236 -8.61 -53.90 45.98
CA ILE C 236 -8.32 -53.86 44.54
C ILE C 236 -7.23 -54.86 44.20
N SER C 237 -6.13 -54.82 44.96
CA SER C 237 -5.05 -55.77 44.75
C SER C 237 -5.47 -57.18 45.15
N SER C 238 -6.21 -57.34 46.27
CA SER C 238 -6.70 -58.66 46.64
C SER C 238 -7.58 -59.25 45.55
N GLN C 239 -8.55 -58.46 45.08
CA GLN C 239 -9.40 -58.90 43.98
C GLN C 239 -8.58 -59.35 42.79
N HIS C 240 -7.50 -58.61 42.49
CA HIS C 240 -6.68 -58.79 41.29
C HIS C 240 -5.72 -59.98 41.36
N LEU C 241 -5.67 -60.68 42.48
CA LEU C 241 -4.46 -61.38 42.90
C LEU C 241 -4.21 -62.69 42.17
N HIS C 242 -3.09 -63.29 42.57
CA HIS C 242 -2.68 -64.64 42.23
C HIS C 242 -2.27 -64.66 40.78
N GLU C 243 -2.64 -63.60 40.08
CA GLU C 243 -1.76 -63.06 39.06
C GLU C 243 -0.58 -62.35 39.71
N PHE C 244 -0.81 -61.66 40.85
CA PHE C 244 0.23 -60.86 41.52
C PHE C 244 0.32 -61.32 42.97
N PRO C 245 1.06 -62.42 43.24
CA PRO C 245 1.21 -62.93 44.62
C PRO C 245 2.03 -62.00 45.47
N LEU C 246 1.56 -60.77 45.61
CA LEU C 246 2.28 -59.79 46.40
C LEU C 246 2.35 -60.28 47.84
N ILE C 247 3.52 -60.10 48.43
CA ILE C 247 3.65 -60.01 49.87
C ILE C 247 4.04 -58.58 50.14
N LEU C 248 3.77 -58.13 51.35
CA LEU C 248 4.06 -56.74 51.66
C LEU C 248 4.55 -56.66 53.10
N ILE C 249 5.70 -56.04 53.27
CA ILE C 249 6.28 -55.94 54.59
C ILE C 249 5.68 -54.74 55.31
N PHE C 250 5.52 -54.90 56.62
CA PHE C 250 4.94 -53.88 57.47
C PHE C 250 6.05 -53.33 58.35
N GLY C 251 6.48 -52.10 58.09
CA GLY C 251 7.21 -51.37 59.08
C GLY C 251 6.24 -50.98 60.17
N ILE C 252 6.50 -51.42 61.40
CA ILE C 252 5.53 -51.26 62.48
C ILE C 252 6.27 -51.19 63.80
N ALA C 253 5.64 -50.54 64.76
CA ALA C 253 6.08 -50.50 66.15
C ALA C 253 5.26 -51.44 67.04
N THR C 254 3.93 -51.30 67.03
CA THR C 254 3.07 -51.95 68.02
C THR C 254 2.88 -53.44 67.74
N SER C 255 1.95 -54.06 68.49
CA SER C 255 1.60 -55.48 68.52
C SER C 255 0.43 -55.73 67.57
N PRO C 256 -0.12 -56.97 67.47
CA PRO C 256 -1.04 -57.25 66.37
C PRO C 256 -2.39 -56.55 66.46
N ILE C 257 -2.79 -56.15 67.67
CA ILE C 257 -4.13 -55.60 67.86
C ILE C 257 -4.31 -54.32 67.07
N ILE C 258 -3.26 -53.51 66.91
CA ILE C 258 -3.39 -52.23 66.25
C ILE C 258 -3.44 -52.40 64.74
N ILE C 259 -2.71 -53.36 64.19
CA ILE C 259 -2.95 -53.73 62.80
C ILE C 259 -4.39 -54.15 62.63
N HIS C 260 -4.84 -55.07 63.49
CA HIS C 260 -6.23 -55.50 63.47
C HIS C 260 -7.20 -54.34 63.71
N ARG C 261 -6.72 -53.21 64.23
CA ARG C 261 -7.55 -52.01 64.34
C ARG C 261 -7.59 -51.25 63.02
N LEU C 262 -6.45 -50.76 62.56
CA LEU C 262 -6.42 -49.97 61.34
C LEU C 262 -6.66 -50.84 60.12
N LEU C 263 -6.11 -52.05 60.09
CA LEU C 263 -6.50 -53.05 59.09
C LEU C 263 -7.71 -53.81 59.62
N PRO C 264 -8.91 -53.70 58.99
CA PRO C 264 -10.09 -54.38 59.55
C PRO C 264 -9.96 -55.89 59.54
N HIS C 265 -10.99 -56.60 60.04
CA HIS C 265 -10.92 -58.05 60.09
C HIS C 265 -10.85 -58.66 58.70
N ALA C 266 -11.64 -58.13 57.75
CA ALA C 266 -11.54 -58.60 56.37
C ALA C 266 -10.10 -58.54 55.89
N VAL C 267 -9.36 -57.52 56.32
CA VAL C 267 -7.96 -57.41 55.94
C VAL C 267 -7.10 -58.38 56.75
N SER C 268 -7.35 -58.52 58.06
CA SER C 268 -6.61 -59.55 58.81
C SER C 268 -6.72 -60.89 58.12
N SER C 269 -7.82 -61.13 57.40
CA SER C 269 -8.01 -62.37 56.66
C SER C 269 -7.24 -62.38 55.34
N LEU C 270 -7.43 -61.35 54.52
CA LEU C 270 -6.75 -61.32 53.23
C LEU C 270 -5.24 -61.33 53.40
N LEU C 271 -4.75 -60.72 54.48
CA LEU C 271 -3.31 -60.59 54.70
C LEU C 271 -2.67 -61.93 55.01
N CYS C 272 -3.41 -62.86 55.62
CA CYS C 272 -2.91 -64.22 55.81
C CYS C 272 -1.56 -64.17 56.53
N ILE C 273 -1.41 -63.21 57.45
CA ILE C 273 -0.10 -62.82 57.94
C ILE C 273 0.54 -63.93 58.77
N GLU C 274 1.86 -63.89 58.80
CA GLU C 274 2.66 -64.53 59.86
C GLU C 274 3.45 -63.41 60.55
N LEU C 275 3.19 -63.23 61.85
CA LEU C 275 3.76 -62.09 62.55
C LEU C 275 5.25 -62.26 62.76
N PHE C 276 6.00 -61.17 62.61
CA PHE C 276 7.45 -61.17 62.68
C PHE C 276 7.91 -60.10 63.65
N GLN C 277 9.17 -60.21 64.04
CA GLN C 277 9.73 -59.39 65.11
C GLN C 277 10.98 -58.68 64.63
N SER C 278 11.14 -57.43 65.05
CA SER C 278 12.36 -56.69 64.75
C SER C 278 12.80 -55.95 65.99
N LEU C 279 14.11 -55.86 66.18
CA LEU C 279 14.67 -55.41 67.45
C LEU C 279 14.59 -53.89 67.55
N SER C 280 14.31 -53.42 68.77
CA SER C 280 13.95 -52.03 69.02
C SER C 280 15.19 -51.22 69.40
N CYS C 281 14.96 -49.99 69.87
CA CYS C 281 16.06 -49.14 70.33
C CYS C 281 16.69 -49.69 71.59
N LYS C 282 15.88 -49.95 72.62
CA LYS C 282 16.44 -50.21 73.94
C LYS C 282 17.36 -51.40 73.94
N GLU C 283 17.15 -52.35 73.05
CA GLU C 283 18.09 -53.45 72.91
C GLU C 283 19.40 -52.96 72.29
N HIS C 284 19.33 -52.22 71.19
CA HIS C 284 20.54 -51.71 70.55
C HIS C 284 21.33 -50.79 71.47
N LEU C 285 20.66 -50.10 72.40
CA LEU C 285 21.34 -49.32 73.44
C LEU C 285 22.23 -50.20 74.28
N THR C 286 21.62 -51.13 75.03
CA THR C 286 22.37 -51.92 75.98
C THR C 286 23.44 -52.72 75.28
N THR C 287 23.11 -53.32 74.14
CA THR C 287 24.13 -53.92 73.29
C THR C 287 25.26 -52.94 73.04
N VAL C 288 24.95 -51.79 72.44
CA VAL C 288 26.00 -50.91 71.95
C VAL C 288 26.87 -50.45 73.11
N LEU C 289 26.27 -50.16 74.26
CA LEU C 289 27.04 -49.81 75.45
C LEU C 289 27.95 -50.96 75.88
N ASP C 290 27.38 -52.13 76.16
CA ASP C 290 28.20 -53.30 76.50
C ASP C 290 29.35 -53.47 75.54
N LYS C 291 29.04 -53.37 74.25
CA LYS C 291 30.05 -53.51 73.21
C LYS C 291 30.87 -52.23 73.16
N LEU C 292 30.28 -51.14 72.65
CA LEU C 292 31.07 -50.03 72.12
C LEU C 292 31.74 -49.18 73.20
N LEU C 293 30.96 -48.38 73.93
CA LEU C 293 31.56 -47.40 74.83
C LEU C 293 32.45 -48.06 75.89
N LEU C 294 32.05 -49.23 76.36
CA LEU C 294 32.79 -49.95 77.39
C LEU C 294 33.86 -50.86 76.81
N THR C 295 34.12 -50.80 75.51
CA THR C 295 35.30 -51.47 75.01
C THR C 295 36.52 -50.95 75.72
N THR C 296 37.53 -51.80 75.84
CA THR C 296 38.86 -51.35 76.19
C THR C 296 39.59 -50.84 74.96
N GLN C 297 39.02 -51.09 73.78
CA GLN C 297 39.60 -50.63 72.53
C GLN C 297 39.83 -49.13 72.57
N PHE C 298 38.77 -48.37 72.70
CA PHE C 298 38.88 -46.92 72.68
C PHE C 298 39.09 -46.41 74.10
N PRO C 299 40.07 -45.53 74.33
CA PRO C 299 40.38 -45.13 75.71
C PRO C 299 39.31 -44.27 76.33
N PHE C 300 38.53 -43.56 75.52
CA PHE C 300 37.66 -42.53 76.05
C PHE C 300 36.64 -43.15 76.99
N LYS C 301 36.42 -42.48 78.11
CA LYS C 301 35.46 -42.95 79.09
C LYS C 301 34.73 -41.73 79.64
N ILE C 302 33.62 -42.01 80.29
CA ILE C 302 32.68 -40.97 80.67
C ILE C 302 32.51 -40.96 82.18
N ASN C 303 32.28 -39.77 82.72
CA ASN C 303 31.98 -39.60 84.13
C ASN C 303 30.53 -40.00 84.42
N GLU C 304 30.28 -40.29 85.69
CA GLU C 304 28.95 -40.69 86.11
C GLU C 304 27.89 -39.73 85.60
N LYS C 305 28.22 -38.45 85.51
CA LYS C 305 27.17 -37.45 85.34
C LYS C 305 26.69 -37.31 83.91
N VAL C 306 27.57 -37.37 82.90
CA VAL C 306 27.04 -37.36 81.53
C VAL C 306 26.63 -38.77 81.11
N LEU C 307 27.12 -39.82 81.79
CA LEU C 307 26.52 -41.14 81.57
C LEU C 307 25.09 -41.14 82.05
N GLN C 308 24.88 -40.62 83.25
CA GLN C 308 23.55 -40.55 83.83
C GLN C 308 22.66 -39.60 83.03
N VAL C 309 23.19 -38.43 82.67
CA VAL C 309 22.40 -37.46 81.92
C VAL C 309 22.10 -37.98 80.53
N LEU C 310 23.07 -38.60 79.87
CA LEU C 310 22.83 -39.20 78.56
C LEU C 310 21.83 -40.34 78.67
N THR C 311 22.16 -41.39 79.42
CA THR C 311 21.23 -42.51 79.56
C THR C 311 19.86 -42.07 80.07
N ASN C 312 19.77 -40.88 80.68
CA ASN C 312 18.49 -40.29 81.03
C ASN C 312 17.81 -39.67 79.82
N ILE C 313 18.57 -38.99 78.94
CA ILE C 313 17.98 -38.45 77.74
C ILE C 313 17.51 -39.58 76.85
N PHE C 314 18.20 -40.72 76.89
CA PHE C 314 17.79 -41.89 76.12
C PHE C 314 16.59 -42.58 76.75
N LEU C 315 16.70 -42.94 78.03
CA LEU C 315 15.64 -43.71 78.67
C LEU C 315 14.46 -42.85 79.06
N TYR C 316 14.71 -41.68 79.66
CA TYR C 316 13.62 -40.87 80.15
C TYR C 316 12.99 -39.99 79.07
N HIS C 317 13.69 -39.73 77.96
CA HIS C 317 13.13 -38.89 76.91
C HIS C 317 13.10 -39.56 75.55
N ASP C 318 14.24 -39.66 74.87
CA ASP C 318 14.29 -40.06 73.47
C ASP C 318 15.02 -41.39 73.33
N PHE C 319 14.36 -42.36 72.73
CA PHE C 319 14.85 -43.74 72.70
C PHE C 319 15.80 -44.01 71.55
N SER C 320 16.17 -43.00 70.77
CA SER C 320 16.97 -43.23 69.59
C SER C 320 18.44 -43.43 69.95
N VAL C 321 19.02 -44.54 69.49
CA VAL C 321 20.48 -44.66 69.49
C VAL C 321 21.06 -43.56 68.64
N GLN C 322 20.25 -42.94 67.79
CA GLN C 322 20.66 -41.73 67.10
C GLN C 322 20.97 -40.63 68.10
N ASN C 323 19.99 -40.25 68.94
CA ASN C 323 20.20 -39.15 69.87
C ASN C 323 21.22 -39.49 70.93
N PHE C 324 21.40 -40.76 71.26
CA PHE C 324 22.48 -41.12 72.16
C PHE C 324 23.82 -41.09 71.46
N ILE C 325 23.88 -41.48 70.18
CA ILE C 325 25.15 -41.50 69.47
C ILE C 325 25.63 -40.08 69.20
N LYS C 326 24.87 -39.31 68.42
CA LYS C 326 25.29 -37.95 68.14
C LYS C 326 25.63 -37.22 69.45
N GLY C 327 24.89 -37.49 70.52
CA GLY C 327 25.29 -37.00 71.83
C GLY C 327 26.59 -37.62 72.32
N LEU C 328 26.95 -38.80 71.81
CA LEU C 328 28.21 -39.45 72.16
C LEU C 328 29.39 -38.85 71.39
N GLN C 329 29.19 -38.50 70.11
CA GLN C 329 30.16 -37.61 69.46
C GLN C 329 30.33 -36.37 70.30
N LEU C 330 29.22 -35.68 70.58
CA LEU C 330 29.31 -34.44 71.34
C LEU C 330 30.01 -34.60 72.67
N SER C 331 29.88 -35.76 73.32
CA SER C 331 30.72 -36.01 74.49
C SER C 331 32.18 -36.19 74.08
N LEU C 332 32.42 -37.02 73.06
CA LEU C 332 33.74 -37.32 72.50
C LEU C 332 34.50 -36.04 72.19
N LEU C 333 34.03 -35.33 71.17
CA LEU C 333 34.52 -34.01 70.81
C LEU C 333 34.54 -33.06 72.01
N GLU C 334 33.40 -32.93 72.70
CA GLU C 334 33.31 -31.95 73.78
C GLU C 334 34.48 -32.07 74.73
N HIS C 335 34.72 -33.28 75.25
CA HIS C 335 35.95 -33.52 75.97
C HIS C 335 37.14 -33.13 75.12
N PHE C 336 37.23 -33.68 73.91
CA PHE C 336 38.45 -33.60 73.13
C PHE C 336 38.78 -32.16 72.77
N TYR C 337 37.91 -31.23 73.14
CA TYR C 337 38.24 -29.81 73.18
C TYR C 337 38.65 -29.33 74.57
N SER C 338 38.72 -30.21 75.57
CA SER C 338 38.97 -29.77 76.93
C SER C 338 40.36 -29.12 77.03
N GLN C 339 41.39 -29.85 76.65
CA GLN C 339 42.78 -29.48 76.87
C GLN C 339 43.65 -30.51 76.15
N PRO C 340 44.89 -30.15 75.78
CA PRO C 340 45.73 -31.10 75.04
C PRO C 340 46.11 -32.33 75.85
N LEU C 341 45.87 -32.33 77.16
CA LEU C 341 46.29 -33.42 78.04
C LEU C 341 45.81 -34.79 77.60
N SER C 342 44.79 -34.87 76.75
CA SER C 342 44.32 -36.14 76.22
C SER C 342 45.14 -36.67 75.06
N VAL C 343 46.07 -35.89 74.50
CA VAL C 343 46.90 -36.45 73.44
C VAL C 343 47.60 -37.71 73.92
N LEU C 344 47.89 -37.77 75.23
CA LEU C 344 48.31 -39.02 75.86
C LEU C 344 47.22 -40.05 75.90
N CYS C 345 46.01 -39.71 75.48
CA CYS C 345 44.92 -40.66 75.44
C CYS C 345 45.08 -41.35 74.10
N CYS C 346 45.59 -42.58 74.15
CA CYS C 346 46.01 -43.33 72.98
C CYS C 346 46.66 -44.62 73.45
N ASN C 347 47.00 -45.48 72.50
CA ASN C 347 47.72 -46.69 72.84
C ASN C 347 49.03 -46.33 73.53
N LEU C 348 49.44 -47.18 74.48
CA LEU C 348 50.69 -46.94 75.19
C LEU C 348 51.84 -46.57 74.26
N PRO C 349 52.06 -47.24 73.14
CA PRO C 349 53.04 -46.68 72.19
C PRO C 349 52.54 -45.41 71.55
N GLU C 350 51.27 -45.36 71.14
CA GLU C 350 50.70 -44.14 70.60
C GLU C 350 50.77 -43.01 71.60
N ALA C 351 50.56 -43.33 72.87
CA ALA C 351 50.59 -42.31 73.91
C ALA C 351 52.02 -41.89 74.22
N LYS C 352 52.95 -42.84 74.22
CA LYS C 352 54.33 -42.55 74.60
C LYS C 352 55.08 -41.80 73.51
N ARG C 353 54.73 -42.05 72.24
CA ARG C 353 55.15 -41.16 71.18
C ARG C 353 54.80 -39.74 71.55
N ARG C 354 53.55 -39.51 71.94
CA ARG C 354 53.12 -38.19 72.38
C ARG C 354 53.89 -37.76 73.63
N ILE C 355 54.24 -38.72 74.50
CA ILE C 355 55.10 -38.42 75.66
C ILE C 355 56.38 -37.75 75.19
N ASN C 356 57.07 -38.37 74.24
CA ASN C 356 58.29 -37.78 73.69
C ASN C 356 58.01 -36.38 73.16
N PHE C 357 56.90 -36.21 72.44
CA PHE C 357 56.54 -34.90 71.90
C PHE C 357 56.24 -33.89 73.01
N LEU C 358 56.13 -34.31 74.26
CA LEU C 358 55.66 -33.42 75.30
C LEU C 358 56.63 -32.27 75.52
N SER C 359 56.06 -31.11 75.80
CA SER C 359 56.78 -29.87 75.98
C SER C 359 56.48 -29.31 77.37
N ASN C 360 57.11 -28.16 77.68
CA ASN C 360 57.15 -27.70 79.06
C ASN C 360 55.80 -27.17 79.54
N ASN C 361 54.97 -26.63 78.64
CA ASN C 361 53.63 -26.20 79.04
C ASN C 361 52.83 -27.39 79.55
N GLN C 362 52.74 -28.44 78.74
CA GLN C 362 52.03 -29.65 79.17
C GLN C 362 52.64 -30.21 80.45
N CYS C 363 53.97 -30.16 80.58
CA CYS C 363 54.58 -30.55 81.84
C CYS C 363 53.99 -29.75 82.99
N GLU C 364 53.72 -28.46 82.75
CA GLU C 364 52.97 -27.68 83.73
C GLU C 364 51.57 -28.23 83.94
N ASN C 365 50.91 -28.68 82.86
CA ASN C 365 49.51 -29.06 82.97
C ASN C 365 49.35 -30.37 83.75
N ILE C 366 50.20 -31.36 83.48
CA ILE C 366 50.19 -32.58 84.29
C ILE C 366 50.59 -32.25 85.72
N ARG C 367 51.48 -31.27 85.89
CA ARG C 367 51.85 -30.82 87.22
C ARG C 367 50.66 -30.30 88.01
N ARG C 368 49.50 -30.12 87.36
CA ARG C 368 48.36 -29.39 87.92
C ARG C 368 47.24 -30.29 88.42
N LEU C 369 46.64 -31.12 87.55
CA LEU C 369 45.33 -31.69 87.87
C LEU C 369 45.40 -32.61 89.09
N PRO C 370 44.25 -32.93 89.69
CA PRO C 370 44.25 -33.90 90.78
C PRO C 370 44.24 -35.32 90.26
N SER C 371 44.41 -36.25 91.19
CA SER C 371 44.79 -37.63 90.87
C SER C 371 46.22 -37.64 90.32
N PHE C 372 46.69 -36.51 89.79
CA PHE C 372 48.12 -36.19 89.77
C PHE C 372 48.51 -35.46 91.04
N ARG C 373 47.91 -34.29 91.28
CA ARG C 373 48.10 -33.62 92.56
C ARG C 373 47.84 -34.58 93.71
N ARG C 374 46.79 -35.40 93.62
CA ARG C 374 46.66 -36.48 94.57
C ARG C 374 47.82 -37.46 94.43
N TYR C 375 48.15 -37.84 93.19
CA TYR C 375 49.33 -38.65 92.95
C TYR C 375 50.60 -37.92 93.33
N VAL C 376 50.59 -36.59 93.37
CA VAL C 376 51.73 -35.83 93.88
C VAL C 376 51.70 -35.78 95.39
N GLU C 377 50.55 -36.00 96.01
CA GLU C 377 50.38 -35.86 97.45
C GLU C 377 50.88 -37.09 98.21
N LYS C 378 50.56 -38.29 97.73
CA LYS C 378 51.14 -39.51 98.30
C LYS C 378 52.37 -39.88 97.47
N GLN C 379 53.57 -39.43 97.90
CA GLN C 379 54.81 -39.66 97.10
C GLN C 379 56.22 -39.29 97.69
N ALA C 380 57.11 -38.72 96.87
CA ALA C 380 58.52 -38.42 97.30
C ALA C 380 59.18 -37.02 97.01
N SER C 381 60.52 -37.03 96.80
CA SER C 381 61.36 -35.80 96.59
C SER C 381 61.98 -35.49 95.20
N GLU C 382 63.17 -34.85 95.15
CA GLU C 382 63.76 -34.48 93.88
C GLU C 382 63.20 -35.39 92.80
N LYS C 383 62.74 -36.58 93.20
CA LYS C 383 61.76 -37.30 92.42
C LYS C 383 60.59 -36.38 92.07
N GLN C 384 59.97 -35.81 93.11
CA GLN C 384 58.78 -34.98 92.93
C GLN C 384 59.05 -33.71 92.14
N VAL C 385 60.22 -33.10 92.25
CA VAL C 385 60.46 -31.89 91.47
C VAL C 385 60.83 -32.26 90.06
N ALA C 386 61.63 -33.31 89.89
CA ALA C 386 61.79 -33.85 88.56
C ALA C 386 60.45 -34.32 88.02
N LEU C 387 59.38 -34.30 88.83
CA LEU C 387 58.03 -34.16 88.28
C LEU C 387 57.70 -32.71 87.97
N LEU C 388 57.88 -31.80 88.93
CA LEU C 388 57.43 -30.42 88.81
C LEU C 388 58.41 -29.53 88.04
N THR C 389 59.72 -29.68 88.28
CA THR C 389 60.72 -28.89 87.55
C THR C 389 61.27 -29.65 86.35
N ASN C 390 62.05 -30.71 86.59
CA ASN C 390 62.84 -31.35 85.55
C ASN C 390 62.01 -32.46 84.92
N GLU C 391 61.58 -32.23 83.68
CA GLU C 391 60.48 -32.99 83.08
C GLU C 391 60.81 -34.46 82.85
N ARG C 392 62.10 -34.82 82.83
CA ARG C 392 62.46 -36.17 82.42
C ARG C 392 61.93 -37.22 83.40
N TYR C 393 62.16 -36.99 84.70
CA TYR C 393 61.65 -37.93 85.69
C TYR C 393 60.12 -37.95 85.71
N LEU C 394 59.47 -36.87 85.27
CA LEU C 394 58.02 -36.96 85.13
C LEU C 394 57.76 -37.88 83.97
N LYS C 395 58.05 -37.43 82.74
CA LYS C 395 57.64 -38.18 81.56
C LYS C 395 57.98 -39.67 81.71
N GLU C 396 59.07 -39.99 82.39
CA GLU C 396 59.26 -41.35 82.90
C GLU C 396 58.06 -41.75 83.77
N GLU C 397 57.73 -40.93 84.76
CA GLU C 397 56.57 -41.21 85.60
C GLU C 397 55.23 -41.05 84.88
N THR C 398 55.16 -40.39 83.72
CA THR C 398 53.96 -40.47 82.90
C THR C 398 53.84 -41.86 82.32
N GLN C 399 54.93 -42.40 81.77
CA GLN C 399 54.89 -43.80 81.38
C GLN C 399 54.67 -44.71 82.58
N LEU C 400 54.85 -44.23 83.81
CA LEU C 400 54.44 -45.00 84.97
C LEU C 400 52.94 -44.86 85.28
N LEU C 401 52.40 -43.64 85.18
CA LEU C 401 50.98 -43.43 85.44
C LEU C 401 50.14 -44.14 84.38
N LEU C 402 50.40 -43.83 83.12
CA LEU C 402 49.51 -44.17 82.02
C LEU C 402 49.55 -45.65 81.72
N GLU C 403 50.75 -46.23 81.62
CA GLU C 403 50.86 -47.67 81.45
C GLU C 403 49.95 -48.36 82.45
N ASN C 404 50.14 -48.02 83.72
CA ASN C 404 49.26 -48.54 84.75
C ASN C 404 47.80 -48.30 84.37
N LEU C 405 47.43 -47.05 84.06
CA LEU C 405 46.03 -46.70 83.85
C LEU C 405 45.35 -47.64 82.85
N HIS C 406 45.90 -47.69 81.64
CA HIS C 406 45.35 -48.57 80.63
C HIS C 406 45.52 -50.03 80.99
N VAL C 407 46.32 -50.35 82.00
CA VAL C 407 46.26 -51.69 82.58
C VAL C 407 45.01 -51.83 83.45
N TYR C 408 44.76 -50.83 84.29
CA TYR C 408 43.61 -50.88 85.20
C TYR C 408 42.34 -51.09 84.39
N HIS C 409 42.12 -50.25 83.39
CA HIS C 409 40.87 -50.30 82.64
C HIS C 409 40.61 -51.70 82.08
N MET C 410 41.65 -52.32 81.50
CA MET C 410 41.52 -53.70 81.06
C MET C 410 41.07 -54.58 82.22
N ASN C 411 41.79 -54.45 83.34
CA ASN C 411 41.50 -55.24 84.54
C ASN C 411 40.07 -55.02 85.01
N TYR C 412 39.48 -53.88 84.72
CA TYR C 412 38.08 -53.71 85.07
C TYR C 412 37.26 -54.54 84.11
N PHE C 413 37.22 -54.16 82.82
CA PHE C 413 36.21 -54.73 81.92
C PHE C 413 36.19 -56.25 81.94
N LEU C 414 37.37 -56.89 81.90
CA LEU C 414 37.40 -58.34 82.05
C LEU C 414 36.47 -58.72 83.19
N VAL C 415 36.66 -57.99 84.29
CA VAL C 415 36.04 -58.29 85.55
C VAL C 415 34.59 -57.79 85.57
N LEU C 416 34.26 -56.79 84.76
CA LEU C 416 32.88 -56.31 84.73
C LEU C 416 32.00 -57.36 84.07
N ARG C 417 32.39 -57.79 82.86
CA ARG C 417 31.68 -58.89 82.25
C ARG C 417 31.52 -60.01 83.27
N CYS C 418 32.63 -60.34 83.95
CA CYS C 418 32.64 -61.39 84.96
C CYS C 418 31.44 -61.21 85.91
N LEU C 419 31.37 -60.03 86.53
CA LEU C 419 30.30 -59.75 87.49
C LEU C 419 28.97 -60.03 86.85
N HIS C 420 28.79 -59.56 85.62
CA HIS C 420 27.47 -59.59 85.02
C HIS C 420 26.94 -61.00 85.01
N LYS C 421 27.64 -61.93 84.38
CA LYS C 421 27.04 -63.26 84.40
C LYS C 421 26.87 -63.78 85.81
N PHE C 422 27.65 -63.30 86.79
CA PHE C 422 27.25 -63.67 88.15
C PHE C 422 25.87 -63.08 88.48
N THR C 423 25.74 -61.76 88.48
CA THR C 423 24.56 -61.09 89.00
C THR C 423 23.48 -60.78 87.98
N SER C 424 23.78 -60.82 86.67
CA SER C 424 22.71 -60.67 85.70
C SER C 424 21.74 -61.84 85.80
N SER C 425 22.23 -62.99 86.27
CA SER C 425 21.36 -64.10 86.59
C SER C 425 20.53 -63.84 87.83
N LEU C 426 21.06 -63.06 88.77
CA LEU C 426 20.44 -62.97 90.08
C LEU C 426 19.11 -62.25 90.01
N PRO C 427 18.22 -62.51 90.97
CA PRO C 427 16.97 -61.75 91.05
C PRO C 427 17.09 -60.49 91.89
N LYS C 428 16.00 -59.73 91.95
CA LYS C 428 15.91 -58.46 92.67
C LYS C 428 16.68 -57.38 91.95
N TYR C 429 17.72 -57.77 91.22
CA TYR C 429 18.58 -56.88 90.45
C TYR C 429 18.72 -55.55 91.18
N PRO C 430 18.99 -55.56 92.48
CA PRO C 430 18.95 -54.30 93.23
C PRO C 430 20.06 -53.35 92.81
N LEU C 431 21.25 -53.88 92.57
CA LEU C 431 22.35 -53.05 92.09
C LEU C 431 22.26 -52.83 90.58
N GLY C 432 21.80 -53.82 89.82
CA GLY C 432 21.67 -53.65 88.39
C GLY C 432 21.30 -54.94 87.68
N ARG C 433 20.90 -54.78 86.43
CA ARG C 433 20.49 -55.87 85.55
C ARG C 433 21.46 -55.96 84.38
N GLN C 434 21.37 -55.02 83.46
CA GLN C 434 22.12 -55.00 82.24
C GLN C 434 23.53 -54.51 82.50
N ILE C 435 24.42 -54.87 81.59
CA ILE C 435 25.84 -54.57 81.79
C ILE C 435 26.04 -53.08 82.03
N ARG C 436 25.40 -52.26 81.20
CA ARG C 436 25.46 -50.81 81.38
C ARG C 436 25.09 -50.42 82.80
N GLU C 437 24.13 -51.13 83.41
CA GLU C 437 23.74 -50.80 84.78
C GLU C 437 24.90 -51.02 85.73
N LEU C 438 25.47 -52.22 85.75
CA LEU C 438 26.59 -52.46 86.65
C LEU C 438 27.69 -51.43 86.44
N TYR C 439 28.10 -51.19 85.19
CA TYR C 439 29.04 -50.10 84.94
C TYR C 439 28.57 -48.83 85.65
N CYS C 440 27.30 -48.51 85.48
CA CYS C 440 26.75 -47.26 86.01
C CYS C 440 26.83 -47.22 87.53
N THR C 441 26.17 -48.17 88.21
CA THR C 441 26.06 -48.13 89.67
C THR C 441 27.41 -48.42 90.33
N CYS C 442 28.14 -49.40 89.82
CA CYS C 442 29.51 -49.64 90.29
C CYS C 442 30.31 -48.35 90.28
N LEU C 443 30.29 -47.63 89.15
CA LEU C 443 31.08 -46.42 89.05
C LEU C 443 30.45 -45.26 89.81
N GLU C 444 29.13 -45.29 90.05
CA GLU C 444 28.43 -44.21 90.72
C GLU C 444 28.95 -44.00 92.12
N LYS C 445 28.79 -45.02 92.97
CA LYS C 445 29.23 -44.99 94.35
C LYS C 445 29.82 -46.36 94.67
N ASN C 446 30.49 -46.44 95.81
CA ASN C 446 31.20 -47.65 96.15
C ASN C 446 30.25 -48.83 96.28
N ILE C 447 30.52 -49.88 95.52
CA ILE C 447 29.71 -51.08 95.55
C ILE C 447 29.61 -51.62 96.97
N TRP C 448 30.75 -51.79 97.62
CA TRP C 448 30.78 -52.21 99.02
C TRP C 448 30.01 -51.29 99.94
N ASP C 449 30.16 -49.98 99.75
CA ASP C 449 29.51 -49.06 100.66
C ASP C 449 28.00 -49.06 100.47
N SER C 450 27.55 -49.44 99.28
CA SER C 450 26.12 -49.55 99.01
C SER C 450 25.56 -50.84 99.60
N GLU C 451 24.32 -50.76 100.10
CA GLU C 451 23.68 -51.87 100.78
C GLU C 451 22.94 -52.81 99.85
N GLU C 452 22.62 -52.37 98.64
CA GLU C 452 21.95 -53.26 97.69
C GLU C 452 22.92 -54.32 97.24
N TYR C 453 24.18 -53.94 97.18
CA TYR C 453 25.26 -54.86 96.94
C TYR C 453 25.34 -55.94 98.01
N ALA C 454 25.51 -55.53 99.27
CA ALA C 454 25.50 -56.48 100.36
C ALA C 454 24.27 -57.37 100.28
N SER C 455 23.14 -56.80 99.88
CA SER C 455 21.94 -57.60 99.67
C SER C 455 22.19 -58.67 98.60
N VAL C 456 22.83 -58.29 97.50
CA VAL C 456 23.19 -59.27 96.47
C VAL C 456 24.11 -60.33 97.07
N LEU C 457 24.96 -59.94 98.01
CA LEU C 457 25.77 -60.89 98.74
C LEU C 457 24.91 -61.93 99.42
N GLN C 458 24.01 -61.46 100.29
CA GLN C 458 23.10 -62.36 100.96
C GLN C 458 22.43 -63.28 99.95
N LEU C 459 22.07 -62.76 98.78
CA LEU C 459 21.49 -63.60 97.75
C LEU C 459 22.43 -64.74 97.35
N LEU C 460 23.64 -64.41 96.89
CA LEU C 460 24.54 -65.47 96.43
C LEU C 460 24.79 -66.48 97.54
N ARG C 461 24.93 -66.01 98.77
CA ARG C 461 25.04 -66.91 99.91
C ARG C 461 23.77 -67.73 100.11
N MET C 462 22.63 -67.30 99.58
CA MET C 462 21.38 -68.04 99.69
C MET C 462 21.26 -69.09 98.59
N LEU C 463 21.26 -68.65 97.32
CA LEU C 463 21.08 -69.52 96.17
C LEU C 463 21.92 -70.79 96.28
N ALA C 464 23.24 -70.62 96.27
CA ALA C 464 24.22 -71.72 96.39
C ALA C 464 23.92 -72.81 95.35
N LYS C 465 24.20 -74.06 95.70
CA LYS C 465 23.81 -75.26 94.97
C LYS C 465 24.05 -75.23 93.46
N ASP C 466 23.14 -75.85 92.69
CA ASP C 466 23.35 -76.10 91.26
C ASP C 466 22.94 -74.92 90.40
N GLU C 467 21.97 -74.13 90.82
CA GLU C 467 21.74 -72.87 90.12
C GLU C 467 23.07 -72.13 89.98
N LEU C 468 23.77 -71.97 91.12
CA LEU C 468 25.04 -71.28 91.06
C LEU C 468 26.10 -72.09 90.32
N MET C 469 26.23 -73.39 90.58
CA MET C 469 27.33 -74.09 89.90
C MET C 469 27.12 -74.18 88.39
N THR C 470 25.87 -74.27 87.92
CA THR C 470 25.60 -74.21 86.48
C THR C 470 25.91 -72.83 85.93
N ILE C 471 25.43 -71.78 86.62
CA ILE C 471 25.61 -70.41 86.11
C ILE C 471 27.07 -69.97 86.19
N LEU C 472 27.80 -70.47 87.18
CA LEU C 472 29.21 -70.14 87.39
C LEU C 472 30.07 -70.92 86.41
N GLU C 473 29.82 -72.22 86.27
CA GLU C 473 30.43 -72.98 85.18
C GLU C 473 30.14 -72.33 83.85
N LYS C 474 29.02 -71.61 83.75
CA LYS C 474 28.79 -70.77 82.59
C LYS C 474 29.50 -69.44 82.69
N CYS C 475 29.89 -69.04 83.90
CA CYS C 475 30.74 -67.86 84.00
C CYS C 475 32.14 -68.16 83.54
N PHE C 476 32.56 -69.40 83.59
CA PHE C 476 33.87 -69.74 83.04
C PHE C 476 33.83 -70.33 81.65
N LYS C 477 32.88 -71.18 81.33
CA LYS C 477 32.70 -71.46 79.91
C LYS C 477 32.60 -70.14 79.15
N VAL C 478 31.80 -69.21 79.66
CA VAL C 478 31.57 -67.96 78.97
C VAL C 478 32.64 -66.89 79.30
N PHE C 479 33.12 -66.71 80.55
CA PHE C 479 34.19 -65.71 80.80
C PHE C 479 35.57 -66.21 80.46
N LYS C 480 35.85 -67.48 80.72
CA LYS C 480 36.96 -68.09 80.03
C LYS C 480 36.74 -68.12 78.54
N SER C 481 35.50 -67.99 78.07
CA SER C 481 35.33 -67.67 76.65
C SER C 481 35.79 -66.26 76.35
N TYR C 482 35.56 -65.31 77.27
CA TYR C 482 36.03 -63.95 77.05
C TYR C 482 37.54 -63.90 77.04
N CYS C 483 38.16 -64.50 78.04
CA CYS C 483 39.60 -64.54 78.17
C CYS C 483 40.23 -65.57 77.23
N GLU C 484 39.41 -66.47 76.69
CA GLU C 484 39.79 -67.31 75.55
C GLU C 484 39.64 -66.54 74.24
N ASN C 485 38.58 -65.76 74.14
CA ASN C 485 38.32 -64.97 72.94
C ASN C 485 38.31 -63.47 73.23
N HIS C 486 37.34 -63.00 74.03
CA HIS C 486 37.02 -61.59 74.04
C HIS C 486 38.17 -60.72 74.56
N LEU C 487 38.98 -61.22 75.49
CA LEU C 487 39.98 -60.38 76.12
C LEU C 487 41.29 -61.13 76.27
N GLY C 488 42.38 -60.42 75.99
CA GLY C 488 43.69 -61.07 75.92
C GLY C 488 44.28 -61.43 77.26
N SER C 489 44.15 -60.54 78.25
CA SER C 489 44.80 -60.72 79.55
C SER C 489 44.38 -62.07 80.18
N THR C 490 45.27 -62.92 80.72
CA THR C 490 46.74 -62.83 80.84
C THR C 490 47.16 -62.02 82.08
N ALA C 491 46.19 -61.54 82.87
CA ALA C 491 46.53 -60.82 84.09
C ALA C 491 47.06 -61.70 85.21
N LYS C 492 47.07 -63.03 85.05
CA LYS C 492 47.56 -64.00 86.03
C LYS C 492 46.66 -64.16 87.23
N ARG C 493 45.86 -63.14 87.53
CA ARG C 493 44.82 -63.32 88.52
C ARG C 493 43.68 -64.08 87.87
N ILE C 494 43.32 -63.65 86.66
CA ILE C 494 42.29 -64.34 85.88
C ILE C 494 42.57 -65.84 85.93
N GLU C 495 43.78 -66.23 85.52
CA GLU C 495 44.15 -67.64 85.52
C GLU C 495 43.90 -68.28 86.87
N GLU C 496 44.26 -67.60 87.95
CA GLU C 496 44.07 -68.16 89.29
C GLU C 496 42.59 -68.42 89.56
N PHE C 497 41.75 -67.41 89.37
CA PHE C 497 40.30 -67.63 89.46
C PHE C 497 39.93 -68.87 88.65
N LEU C 498 40.27 -68.82 87.36
CA LEU C 498 39.92 -69.86 86.41
C LEU C 498 40.19 -71.25 86.98
N ALA C 499 41.41 -71.47 87.46
CA ALA C 499 41.72 -72.73 88.12
C ALA C 499 40.79 -72.97 89.30
N GLN C 500 40.54 -71.95 90.12
CA GLN C 500 39.65 -72.13 91.28
C GLN C 500 38.31 -72.74 90.85
N PHE C 501 37.70 -72.17 89.82
CA PHE C 501 36.36 -72.60 89.45
C PHE C 501 36.34 -73.92 88.68
N GLN C 502 37.37 -74.21 87.85
CA GLN C 502 37.50 -75.57 87.34
C GLN C 502 37.50 -76.56 88.48
N SER C 503 38.27 -76.26 89.53
CA SER C 503 38.35 -77.17 90.67
C SER C 503 36.98 -77.36 91.31
N LEU C 504 36.19 -76.29 91.47
CA LEU C 504 34.85 -76.47 92.02
C LEU C 504 34.01 -77.40 91.15
N ASP C 505 34.04 -77.18 89.83
CA ASP C 505 33.26 -78.04 88.94
C ASP C 505 33.53 -79.52 89.22
N ALA C 506 34.79 -79.88 89.43
CA ALA C 506 35.18 -81.25 89.74
C ALA C 506 34.49 -81.75 91.00
N LYS C 548 30.31 -73.91 99.17
CA LYS C 548 29.72 -72.79 99.88
C LYS C 548 30.77 -71.72 100.18
N PHE C 549 31.53 -71.89 101.25
CA PHE C 549 32.72 -71.08 101.44
C PHE C 549 33.68 -71.23 100.26
N GLU C 550 33.41 -72.21 99.39
CA GLU C 550 33.98 -72.18 98.04
C GLU C 550 33.32 -71.10 97.19
N VAL C 551 31.99 -71.05 97.22
CA VAL C 551 31.28 -69.99 96.54
C VAL C 551 31.50 -68.67 97.26
N LEU C 552 31.76 -68.71 98.56
CA LEU C 552 32.03 -67.48 99.30
C LEU C 552 33.50 -67.09 99.28
N ARG C 553 34.40 -68.00 98.96
CA ARG C 553 35.77 -67.61 98.66
C ARG C 553 35.99 -67.30 97.20
N GLU C 554 35.10 -67.75 96.33
CA GLU C 554 35.14 -67.30 94.94
C GLU C 554 34.43 -65.97 94.81
N ASN C 555 33.31 -65.83 95.51
CA ASN C 555 32.66 -64.54 95.58
C ASN C 555 33.51 -63.57 96.40
N VAL C 556 34.08 -64.02 97.53
CA VAL C 556 35.02 -63.17 98.27
C VAL C 556 36.25 -62.93 97.43
N VAL C 557 36.63 -63.90 96.63
CA VAL C 557 37.52 -63.63 95.53
C VAL C 557 36.89 -62.62 94.57
N ASN C 558 35.59 -62.78 94.28
CA ASN C 558 34.87 -61.74 93.56
C ASN C 558 34.70 -60.47 94.41
N PHE C 559 35.00 -60.54 95.71
CA PHE C 559 34.86 -59.40 96.62
C PHE C 559 36.20 -58.71 96.83
N ILE C 560 37.11 -59.35 97.58
CA ILE C 560 38.41 -58.75 97.86
C ILE C 560 39.30 -58.78 96.63
N ASP C 561 39.35 -59.91 95.93
CA ASP C 561 40.23 -59.99 94.77
C ASP C 561 39.66 -59.26 93.56
N CYS C 562 38.35 -59.05 93.49
CA CYS C 562 37.74 -58.36 92.35
C CYS C 562 37.07 -57.03 92.72
N LEU C 563 35.90 -57.08 93.36
CA LEU C 563 35.13 -55.86 93.62
C LEU C 563 35.93 -54.87 94.44
N VAL C 564 36.51 -55.33 95.55
CA VAL C 564 37.47 -54.50 96.27
C VAL C 564 38.57 -54.03 95.34
N ARG C 565 39.25 -54.97 94.68
CA ARG C 565 40.43 -54.61 93.89
C ARG C 565 40.07 -54.22 92.45
N GLU C 566 39.59 -55.18 91.66
CA GLU C 566 39.61 -55.05 90.21
C GLU C 566 38.44 -54.25 89.61
N TYR C 567 37.32 -54.12 90.32
CA TYR C 567 36.15 -53.41 89.79
C TYR C 567 36.14 -51.92 90.09
N LEU C 568 37.21 -51.39 90.65
CA LEU C 568 37.06 -50.23 91.51
C LEU C 568 36.56 -48.96 90.82
N LEU C 569 36.46 -47.91 91.61
CA LEU C 569 35.66 -46.73 91.33
C LEU C 569 36.21 -45.94 90.16
N PRO C 570 35.57 -44.83 89.80
CA PRO C 570 36.25 -43.80 89.01
C PRO C 570 37.20 -42.93 89.83
N PRO C 571 36.74 -42.30 90.93
CA PRO C 571 37.65 -41.39 91.64
C PRO C 571 38.70 -42.13 92.44
N GLU C 572 38.39 -43.31 92.95
CA GLU C 572 39.44 -44.20 93.43
C GLU C 572 39.83 -45.01 92.22
N THR C 573 40.93 -44.59 91.63
CA THR C 573 41.53 -45.13 90.43
C THR C 573 42.89 -44.48 90.37
N GLN C 574 43.58 -44.71 89.30
CA GLN C 574 44.89 -44.18 89.17
C GLN C 574 44.90 -42.67 88.97
N PRO C 575 46.10 -42.10 89.03
CA PRO C 575 46.29 -40.73 88.57
C PRO C 575 45.73 -40.54 87.16
N LEU C 576 45.36 -39.30 86.86
CA LEU C 576 44.97 -38.91 85.51
C LEU C 576 43.68 -39.58 85.06
N HIS C 577 42.82 -39.95 86.00
CA HIS C 577 41.52 -40.46 85.56
C HIS C 577 40.71 -39.40 84.85
N GLU C 578 41.13 -38.14 84.88
CA GLU C 578 40.53 -37.14 84.02
C GLU C 578 41.00 -37.33 82.58
N VAL C 579 40.21 -36.79 81.67
CA VAL C 579 40.59 -36.64 80.27
C VAL C 579 40.52 -37.95 79.50
N VAL C 580 40.64 -39.07 80.21
CA VAL C 580 40.13 -40.34 79.71
C VAL C 580 38.69 -40.51 80.12
N TYR C 581 38.37 -40.11 81.34
CA TYR C 581 37.01 -40.00 81.83
C TYR C 581 36.62 -38.53 81.79
N PHE C 582 35.48 -38.24 81.18
CA PHE C 582 35.11 -36.87 80.81
C PHE C 582 34.11 -36.29 81.81
N SER C 583 34.51 -35.21 82.48
CA SER C 583 33.66 -34.39 83.34
C SER C 583 32.90 -33.33 82.53
N ALA C 584 32.35 -32.31 83.22
CA ALA C 584 31.70 -31.17 82.57
C ALA C 584 30.42 -31.57 81.85
N ALA C 585 29.54 -32.28 82.58
CA ALA C 585 28.22 -32.63 82.06
C ALA C 585 27.40 -31.38 81.79
N HIS C 586 27.44 -30.41 82.72
CA HIS C 586 26.46 -29.33 82.71
C HIS C 586 26.39 -28.68 81.35
N ALA C 587 27.53 -28.35 80.77
CA ALA C 587 27.50 -27.63 79.50
C ALA C 587 26.81 -28.46 78.43
N LEU C 588 27.05 -29.77 78.40
CA LEU C 588 26.36 -30.62 77.44
C LEU C 588 24.85 -30.61 77.69
N ARG C 589 24.43 -30.85 78.94
CA ARG C 589 23.00 -30.78 79.24
C ARG C 589 22.42 -29.43 78.84
N GLU C 590 23.22 -28.38 78.94
CA GLU C 590 22.80 -27.10 78.40
C GLU C 590 22.64 -27.22 76.90
N HIS C 591 23.53 -27.98 76.25
CA HIS C 591 23.63 -27.99 74.80
C HIS C 591 22.90 -29.15 74.12
N LEU C 592 22.25 -30.03 74.86
CA LEU C 592 21.45 -31.08 74.24
C LEU C 592 20.08 -31.19 74.87
N ASN C 593 20.05 -31.48 76.17
CA ASN C 593 18.80 -31.74 76.86
C ASN C 593 17.75 -30.68 76.58
N ALA C 594 18.16 -29.48 76.13
CA ALA C 594 17.22 -28.44 75.78
C ALA C 594 16.36 -28.05 77.00
N ALA C 595 17.01 -27.36 77.91
CA ALA C 595 16.31 -26.92 79.10
C ALA C 595 16.26 -25.40 79.07
N PRO C 596 15.53 -24.81 78.13
CA PRO C 596 15.43 -23.34 78.11
C PRO C 596 14.59 -22.80 79.25
N ARG C 597 13.53 -23.50 79.65
CA ARG C 597 12.63 -22.99 80.67
C ARG C 597 13.17 -23.12 82.08
N ILE C 598 14.21 -23.93 82.31
CA ILE C 598 14.90 -23.89 83.60
C ILE C 598 15.60 -22.55 83.76
N ALA C 599 16.48 -22.21 82.81
CA ALA C 599 17.17 -20.93 82.85
C ALA C 599 16.18 -19.78 82.76
N LEU C 600 15.09 -19.94 82.01
CA LEU C 600 14.10 -18.88 81.86
C LEU C 600 13.37 -18.71 83.19
N HIS C 601 12.62 -19.72 83.61
CA HIS C 601 11.91 -19.66 84.87
C HIS C 601 12.79 -19.08 85.97
N THR C 602 13.92 -19.74 86.26
CA THR C 602 14.80 -19.26 87.32
C THR C 602 15.33 -17.86 87.05
N ALA C 603 15.43 -17.43 85.79
CA ALA C 603 15.93 -16.09 85.50
C ALA C 603 14.87 -15.02 85.72
N LEU C 604 13.67 -15.27 85.22
CA LEU C 604 12.57 -14.31 85.34
C LEU C 604 12.12 -14.20 86.78
N ASN C 605 12.01 -15.34 87.46
CA ASN C 605 11.94 -15.35 88.91
C ASN C 605 13.19 -14.69 89.46
N ASN C 606 14.35 -15.30 89.25
CA ASN C 606 15.60 -14.79 89.80
C ASN C 606 16.72 -14.76 88.74
N PRO C 628 15.85 -4.83 87.86
CA PRO C 628 14.99 -6.01 87.92
C PRO C 628 13.55 -5.67 87.59
N ASP C 629 13.35 -4.73 86.67
CA ASP C 629 12.01 -4.28 86.32
C ASP C 629 11.25 -5.34 85.53
N ILE C 630 11.95 -6.14 84.74
CA ILE C 630 11.33 -7.33 84.17
C ILE C 630 11.28 -8.44 85.20
N CYS C 631 12.26 -8.49 86.11
CA CYS C 631 12.18 -9.42 87.24
C CYS C 631 10.96 -9.11 88.10
N ILE C 632 10.79 -7.85 88.49
CA ILE C 632 9.60 -7.47 89.24
C ILE C 632 8.36 -7.62 88.38
N ALA C 633 8.49 -7.43 87.06
CA ALA C 633 7.34 -7.61 86.18
C ALA C 633 6.83 -9.04 86.24
N TYR C 634 7.75 -10.01 86.12
CA TYR C 634 7.38 -11.42 86.27
C TYR C 634 6.93 -11.73 87.69
N LYS C 635 7.40 -10.96 88.68
CA LYS C 635 6.86 -11.08 90.03
C LYS C 635 5.39 -10.70 90.08
N LEU C 636 5.01 -9.64 89.36
CA LEU C 636 3.61 -9.22 89.32
C LEU C 636 2.77 -10.21 88.53
N HIS C 637 3.23 -10.54 87.33
CA HIS C 637 2.63 -11.57 86.50
C HIS C 637 2.51 -12.90 87.24
N LEU C 638 3.29 -13.09 88.30
CA LEU C 638 3.01 -14.15 89.27
C LEU C 638 1.95 -13.75 90.29
N GLU C 639 1.97 -12.47 90.71
CA GLU C 639 1.29 -12.05 91.93
C GLU C 639 -0.22 -11.93 91.77
N CYS C 640 -0.70 -11.20 90.76
CA CYS C 640 -1.95 -10.47 90.91
C CYS C 640 -3.11 -11.36 91.31
N SER C 641 -3.75 -12.06 90.36
CA SER C 641 -4.55 -13.22 90.76
C SER C 641 -4.48 -14.36 89.74
N ARG C 642 -5.28 -14.23 88.68
CA ARG C 642 -5.27 -15.13 87.53
C ARG C 642 -5.36 -14.29 86.25
N LEU C 643 -6.52 -13.68 86.06
CA LEU C 643 -6.74 -12.69 85.01
C LEU C 643 -6.71 -11.31 85.65
N ILE C 644 -6.03 -10.38 85.00
CA ILE C 644 -5.74 -9.07 85.58
C ILE C 644 -6.23 -8.00 84.60
N ASN C 645 -7.22 -7.22 85.04
CA ASN C 645 -7.84 -6.21 84.18
C ASN C 645 -6.91 -5.03 83.94
N LEU C 646 -6.73 -4.65 82.68
CA LEU C 646 -5.78 -3.59 82.35
C LEU C 646 -6.19 -2.23 82.88
N VAL C 647 -7.46 -2.03 83.25
CA VAL C 647 -7.81 -0.81 83.99
C VAL C 647 -7.12 -0.84 85.35
N ASP C 648 -7.42 -1.84 86.16
CA ASP C 648 -6.75 -2.07 87.43
C ASP C 648 -5.58 -3.05 87.34
N TRP C 649 -5.14 -3.40 86.12
CA TRP C 649 -3.80 -3.94 85.97
C TRP C 649 -2.81 -2.84 85.61
N SER C 650 -3.06 -2.08 84.55
CA SER C 650 -2.27 -0.86 84.39
C SER C 650 -2.30 -0.05 85.69
N GLU C 651 -3.47 0.02 86.33
CA GLU C 651 -3.58 0.72 87.61
C GLU C 651 -3.18 -0.13 88.82
N ALA C 652 -3.21 -1.47 88.73
CA ALA C 652 -2.68 -2.26 89.85
C ALA C 652 -1.16 -2.33 89.80
N PHE C 653 -0.59 -2.43 88.60
CA PHE C 653 0.82 -2.23 88.36
C PHE C 653 1.24 -0.78 88.62
N ALA C 654 0.28 0.17 88.63
CA ALA C 654 0.57 1.49 89.13
C ALA C 654 0.36 1.66 90.63
N THR C 655 -0.38 0.76 91.28
CA THR C 655 -0.41 0.73 92.75
C THR C 655 0.83 0.01 93.29
N VAL C 656 1.11 -1.15 92.73
CA VAL C 656 2.28 -1.95 93.12
C VAL C 656 3.55 -1.27 92.61
N VAL C 657 3.54 -0.86 91.34
CA VAL C 657 4.73 -0.29 90.72
C VAL C 657 4.41 1.10 90.17
N ILE C 676 7.72 6.48 82.03
CA ILE C 676 8.74 5.49 81.71
C ILE C 676 8.41 4.17 82.40
N ILE C 677 7.66 4.25 83.50
CA ILE C 677 7.48 3.09 84.36
C ILE C 677 6.62 2.04 83.69
N HIS C 678 5.73 2.44 82.78
CA HIS C 678 4.82 1.50 82.13
C HIS C 678 5.45 0.79 80.94
N ALA C 679 6.20 1.51 80.10
CA ALA C 679 6.62 0.94 78.82
C ALA C 679 7.41 -0.34 79.01
N ARG C 680 8.18 -0.45 80.11
CA ARG C 680 8.94 -1.68 80.35
C ARG C 680 8.08 -2.84 80.78
N PHE C 681 6.89 -2.60 81.33
CA PHE C 681 5.97 -3.69 81.59
C PHE C 681 5.11 -4.05 80.39
N ILE C 682 4.82 -3.08 79.52
CA ILE C 682 4.17 -3.43 78.26
C ILE C 682 5.15 -4.19 77.41
N ARG C 683 6.44 -3.92 77.57
CA ARG C 683 7.41 -4.72 76.84
C ARG C 683 7.75 -6.02 77.57
N ALA C 684 7.79 -6.01 78.89
CA ALA C 684 7.82 -7.26 79.63
C ALA C 684 6.66 -8.13 79.20
N VAL C 685 5.52 -7.50 78.92
CA VAL C 685 4.31 -8.22 78.60
C VAL C 685 4.28 -8.68 77.15
N SER C 686 4.75 -7.84 76.23
CA SER C 686 4.78 -8.26 74.83
C SER C 686 5.88 -9.29 74.58
N GLU C 687 6.97 -9.22 75.35
CA GLU C 687 7.94 -10.32 75.35
C GLU C 687 7.32 -11.57 75.97
N LEU C 688 6.77 -11.44 77.18
CA LEU C 688 6.05 -12.53 77.81
C LEU C 688 4.99 -13.12 76.86
N GLU C 689 4.54 -12.35 75.86
CA GLU C 689 3.85 -12.94 74.70
C GLU C 689 4.83 -13.70 73.83
N LEU C 690 5.90 -13.02 73.40
CA LEU C 690 6.89 -13.63 72.53
C LEU C 690 7.61 -14.76 73.25
N LEU C 691 8.17 -14.47 74.43
CA LEU C 691 8.58 -15.53 75.35
C LEU C 691 7.45 -16.55 75.52
N GLY C 692 6.23 -16.07 75.69
CA GLY C 692 5.08 -16.93 75.91
C GLY C 692 4.67 -17.08 77.35
N PHE C 693 5.33 -16.37 78.27
CA PHE C 693 4.95 -16.38 79.68
C PHE C 693 3.63 -15.69 79.92
N ILE C 694 3.11 -14.99 78.93
CA ILE C 694 1.71 -14.59 78.94
C ILE C 694 1.19 -14.75 77.52
N LYS C 695 -0.04 -14.30 77.27
CA LYS C 695 -0.58 -14.29 75.93
C LYS C 695 -1.44 -13.05 75.77
N PRO C 696 -1.57 -12.52 74.51
CA PRO C 696 -2.46 -11.36 74.29
C PRO C 696 -3.92 -11.73 74.14
N THR C 697 -4.64 -11.85 75.25
CA THR C 697 -5.86 -12.64 75.30
C THR C 697 -7.12 -11.78 75.29
N LYS C 698 -8.16 -12.28 74.63
CA LYS C 698 -9.45 -11.63 74.55
C LYS C 698 -10.44 -12.13 75.59
N GLN C 699 -10.03 -13.07 76.45
CA GLN C 699 -10.96 -13.61 77.45
C GLN C 699 -11.56 -12.51 78.30
N LYS C 700 -10.93 -11.35 78.36
CA LYS C 700 -11.49 -10.17 78.99
C LYS C 700 -10.85 -8.95 78.33
N THR C 701 -11.56 -7.83 78.40
CA THR C 701 -11.15 -6.66 77.63
C THR C 701 -9.78 -6.18 78.10
N ASP C 702 -8.84 -6.07 77.15
CA ASP C 702 -7.49 -5.61 77.45
C ASP C 702 -6.85 -6.50 78.53
N HIS C 703 -6.51 -7.73 78.15
CA HIS C 703 -5.94 -8.67 79.10
C HIS C 703 -4.77 -9.45 78.53
N VAL C 704 -3.94 -9.88 79.48
CA VAL C 704 -2.71 -10.60 79.24
C VAL C 704 -2.75 -11.82 80.15
N ALA C 705 -2.86 -13.01 79.56
CA ALA C 705 -3.05 -14.22 80.33
C ALA C 705 -2.20 -15.34 79.75
N ARG C 706 -1.52 -16.07 80.63
CA ARG C 706 -0.48 -16.98 80.21
C ARG C 706 -1.00 -18.30 79.68
N LEU C 707 -0.36 -18.77 78.61
CA LEU C 707 -0.56 -20.15 78.18
C LEU C 707 0.15 -21.10 79.14
N THR C 708 1.33 -20.71 79.60
CA THR C 708 2.18 -21.50 80.46
C THR C 708 1.68 -21.55 81.90
N TRP C 709 2.01 -22.65 82.58
CA TRP C 709 1.58 -22.87 83.95
C TRP C 709 2.59 -22.26 84.93
N LYS D 41 -37.28 45.56 -48.38
CA LYS D 41 -36.26 45.17 -47.42
C LYS D 41 -36.23 43.66 -47.29
N LEU D 42 -35.13 43.14 -46.74
CA LEU D 42 -34.97 41.70 -46.61
C LEU D 42 -36.25 41.07 -46.08
N ARG D 43 -36.88 41.69 -45.08
CA ARG D 43 -38.09 41.14 -44.49
C ARG D 43 -39.25 41.08 -45.47
N PHE D 44 -39.23 41.90 -46.51
CA PHE D 44 -40.26 41.86 -47.54
C PHE D 44 -39.97 40.84 -48.61
N GLU D 45 -38.70 40.67 -48.96
CA GLU D 45 -38.32 39.52 -49.75
C GLU D 45 -38.75 38.25 -49.05
N THR D 46 -38.48 38.17 -47.74
CA THR D 46 -39.02 37.10 -46.91
C THR D 46 -40.53 37.14 -46.90
N TYR D 47 -41.12 38.33 -46.88
CA TYR D 47 -42.56 38.41 -46.95
C TYR D 47 -42.98 37.66 -48.20
N GLN D 48 -42.76 38.22 -49.38
CA GLN D 48 -43.23 37.61 -50.62
C GLN D 48 -42.94 36.11 -50.66
N LEU D 49 -41.75 35.69 -50.24
CA LEU D 49 -41.46 34.27 -50.07
C LEU D 49 -42.53 33.57 -49.24
N ILE D 50 -42.57 33.91 -47.96
CA ILE D 50 -43.52 33.29 -47.04
C ILE D 50 -44.93 33.48 -47.58
N TRP D 51 -45.30 34.73 -47.78
CA TRP D 51 -46.59 35.20 -48.27
C TRP D 51 -47.15 34.32 -49.38
N GLN D 52 -46.52 34.34 -50.56
CA GLN D 52 -47.06 33.54 -51.66
C GLN D 52 -46.80 32.04 -51.47
N GLN D 53 -45.84 31.64 -50.64
CA GLN D 53 -45.79 30.25 -50.21
C GLN D 53 -47.06 29.87 -49.43
N MET D 54 -47.57 30.80 -48.63
CA MET D 54 -48.71 30.60 -47.75
C MET D 54 -50.00 30.58 -48.54
N LYS D 55 -50.24 31.60 -49.36
CA LYS D 55 -51.39 31.57 -50.26
C LYS D 55 -51.25 30.43 -51.26
N SER D 56 -50.02 30.05 -51.61
CA SER D 56 -49.80 28.88 -52.44
C SER D 56 -50.37 27.66 -51.76
N GLU D 57 -49.78 27.26 -50.65
CA GLU D 57 -50.23 26.09 -49.92
C GLU D 57 -51.71 26.19 -49.53
N ASN D 58 -52.19 27.41 -49.28
CA ASN D 58 -53.60 27.63 -48.99
C ASN D 58 -54.47 27.31 -50.19
N GLU D 59 -54.07 27.77 -51.38
CA GLU D 59 -54.86 27.53 -52.58
C GLU D 59 -54.73 26.09 -53.05
N ARG D 60 -53.57 25.46 -52.83
CA ARG D 60 -53.40 24.05 -53.15
C ARG D 60 -54.21 23.18 -52.21
N LEU D 61 -54.04 23.36 -50.91
CA LEU D 61 -54.87 22.65 -49.95
C LEU D 61 -56.35 22.97 -50.16
N GLN D 62 -56.66 24.19 -50.61
CA GLN D 62 -58.02 24.50 -51.05
C GLN D 62 -58.40 23.60 -52.21
N GLU D 63 -57.44 23.33 -53.10
CA GLU D 63 -57.68 22.48 -54.24
C GLU D 63 -57.75 21.01 -53.88
N GLU D 64 -57.12 20.57 -52.78
CA GLU D 64 -57.21 19.18 -52.32
C GLU D 64 -58.51 18.95 -51.55
N LEU D 65 -58.77 19.80 -50.56
CA LEU D 65 -60.05 19.82 -49.88
C LEU D 65 -61.18 19.90 -50.90
N ASN D 66 -60.95 20.65 -51.96
CA ASN D 66 -61.66 20.41 -53.21
C ASN D 66 -61.53 18.93 -53.52
N LYS D 67 -60.33 18.49 -53.91
CA LYS D 67 -60.13 17.25 -54.67
C LYS D 67 -60.96 16.08 -54.15
N ASN D 68 -61.14 15.95 -52.85
CA ASN D 68 -62.10 14.95 -52.39
C ASN D 68 -63.53 15.34 -52.77
N LEU D 69 -63.87 16.62 -52.58
CA LEU D 69 -65.20 17.12 -52.89
C LEU D 69 -65.43 17.36 -54.38
N PHE D 70 -64.37 17.70 -55.13
CA PHE D 70 -64.48 17.86 -56.58
C PHE D 70 -64.38 16.53 -57.29
N ASP D 71 -63.51 15.64 -56.82
CA ASP D 71 -63.59 14.26 -57.28
C ASP D 71 -64.92 13.63 -56.90
N ASN D 72 -65.58 14.13 -55.85
CA ASN D 72 -66.96 13.71 -55.59
C ASN D 72 -67.99 14.58 -56.27
N LEU D 73 -67.58 15.69 -56.88
CA LEU D 73 -68.46 16.47 -57.75
C LEU D 73 -68.53 15.87 -59.13
N ILE D 74 -67.37 15.47 -59.65
CA ILE D 74 -67.29 14.75 -60.90
C ILE D 74 -67.58 13.28 -60.71
N GLU D 75 -67.43 12.75 -59.48
CA GLU D 75 -67.90 11.39 -59.20
C GLU D 75 -69.38 11.35 -58.89
N PHE D 76 -69.95 12.38 -58.26
CA PHE D 76 -71.40 12.45 -58.22
C PHE D 76 -71.95 12.70 -59.62
N LEU D 77 -71.51 13.78 -60.25
CA LEU D 77 -72.02 14.12 -61.56
C LEU D 77 -71.82 12.98 -62.54
N GLN D 78 -70.73 12.22 -62.41
CA GLN D 78 -70.53 11.03 -63.23
C GLN D 78 -71.17 9.79 -62.64
N LYS D 79 -71.74 9.87 -61.44
CA LYS D 79 -72.62 8.82 -60.94
C LYS D 79 -74.02 8.98 -61.51
N SER D 80 -74.51 10.23 -61.60
CA SER D 80 -75.79 10.51 -62.23
C SER D 80 -75.69 10.39 -63.75
N HIS D 81 -74.53 10.70 -64.31
CA HIS D 81 -74.29 10.42 -65.73
C HIS D 81 -74.00 8.94 -65.95
N SER D 82 -73.43 8.27 -64.94
CA SER D 82 -73.47 6.81 -64.91
C SER D 82 -74.90 6.32 -64.75
N GLY D 83 -75.62 6.89 -63.80
CA GLY D 83 -77.01 6.56 -63.57
C GLY D 83 -77.69 7.56 -62.66
N LEU D 97 -88.08 12.53 -67.78
CA LEU D 97 -88.28 13.75 -68.53
C LEU D 97 -88.78 14.89 -67.65
N ARG D 98 -88.65 16.10 -68.18
CA ARG D 98 -89.12 17.31 -67.52
C ARG D 98 -88.67 17.40 -66.05
N GLU D 99 -87.45 16.94 -65.76
CA GLU D 99 -86.87 17.10 -64.43
C GLU D 99 -85.38 17.41 -64.50
N ILE D 100 -84.99 18.56 -63.91
CA ILE D 100 -83.58 18.94 -63.85
C ILE D 100 -82.98 18.32 -62.62
N PRO D 101 -82.06 17.34 -62.76
CA PRO D 101 -81.24 16.97 -61.60
C PRO D 101 -80.24 18.07 -61.30
N THR D 102 -79.80 18.15 -60.04
CA THR D 102 -78.90 19.23 -59.63
C THR D 102 -77.88 18.73 -58.63
N ALA D 103 -76.88 19.57 -58.36
CA ALA D 103 -75.87 19.34 -57.35
C ALA D 103 -75.94 20.45 -56.32
N ALA D 104 -76.15 20.07 -55.05
CA ALA D 104 -76.26 21.05 -53.97
C ALA D 104 -74.99 21.03 -53.13
N LEU D 105 -74.23 22.11 -53.22
CA LEU D 105 -72.98 22.29 -52.48
C LEU D 105 -73.19 23.28 -51.35
N VAL D 106 -72.65 22.95 -50.18
CA VAL D 106 -72.79 23.78 -48.99
C VAL D 106 -71.43 24.37 -48.67
N LEU D 107 -71.25 25.66 -48.98
CA LEU D 107 -70.06 26.42 -48.63
C LEU D 107 -70.43 27.42 -47.54
N GLY D 108 -69.97 27.16 -46.31
CA GLY D 108 -70.35 28.06 -45.23
C GLY D 108 -69.71 29.43 -45.33
N VAL D 109 -70.54 30.44 -45.54
CA VAL D 109 -70.30 31.84 -45.19
C VAL D 109 -68.86 32.29 -45.45
N ASN D 110 -68.35 32.01 -46.65
CA ASN D 110 -67.22 32.73 -47.20
C ASN D 110 -67.43 32.92 -48.70
N VAL D 111 -67.28 34.15 -49.18
CA VAL D 111 -67.66 34.51 -50.54
C VAL D 111 -66.49 34.34 -51.49
N THR D 112 -65.49 35.21 -51.38
CA THR D 112 -64.51 35.36 -52.45
C THR D 112 -63.49 34.23 -52.48
N ASP D 113 -63.18 33.61 -51.34
CA ASP D 113 -62.17 32.55 -51.32
C ASP D 113 -62.53 31.42 -52.27
N HIS D 114 -63.81 31.19 -52.50
CA HIS D 114 -64.25 30.11 -53.37
C HIS D 114 -64.47 30.55 -54.81
N ASP D 115 -64.44 31.86 -55.12
CA ASP D 115 -64.52 32.28 -56.51
C ASP D 115 -63.40 31.65 -57.33
N LEU D 116 -62.29 31.29 -56.68
CA LEU D 116 -61.25 30.54 -57.36
C LEU D 116 -61.79 29.24 -57.93
N THR D 117 -62.43 28.43 -57.08
CA THR D 117 -62.73 27.07 -57.49
C THR D 117 -63.92 26.99 -58.44
N PHE D 118 -64.71 28.06 -58.56
CA PHE D 118 -65.68 28.06 -59.66
C PHE D 118 -64.93 28.32 -60.96
N GLY D 119 -63.94 29.20 -60.91
CA GLY D 119 -62.95 29.21 -61.96
C GLY D 119 -62.33 27.84 -62.17
N SER D 120 -62.17 27.07 -61.08
CA SER D 120 -61.64 25.73 -61.25
C SER D 120 -62.72 24.72 -61.62
N LEU D 121 -64.00 25.05 -61.42
CA LEU D 121 -65.03 24.17 -61.96
C LEU D 121 -65.29 24.47 -63.43
N THR D 122 -65.34 25.75 -63.80
CA THR D 122 -65.31 26.10 -65.21
C THR D 122 -64.15 25.39 -65.91
N GLU D 123 -62.98 25.40 -65.27
CA GLU D 123 -61.78 24.75 -65.82
C GLU D 123 -61.84 23.23 -65.66
N ALA D 124 -61.89 22.74 -64.41
CA ALA D 124 -61.80 21.30 -64.18
C ALA D 124 -62.89 20.54 -64.93
N LEU D 125 -64.10 21.07 -64.96
CA LEU D 125 -65.13 20.37 -65.71
C LEU D 125 -65.10 20.71 -67.19
N GLN D 126 -64.35 21.71 -67.64
CA GLN D 126 -63.97 21.70 -69.04
C GLN D 126 -62.85 20.71 -69.33
N ASN D 127 -62.18 20.24 -68.27
CA ASN D 127 -61.02 19.37 -68.46
C ASN D 127 -61.42 17.91 -68.66
N ASN D 128 -62.39 17.40 -67.88
CA ASN D 128 -62.79 16.01 -68.05
C ASN D 128 -63.32 15.70 -69.45
N VAL D 129 -63.69 16.74 -70.21
CA VAL D 129 -64.27 16.60 -71.54
C VAL D 129 -65.77 16.31 -71.46
N THR D 130 -66.26 15.94 -70.28
CA THR D 130 -67.69 15.61 -70.15
C THR D 130 -68.58 16.81 -70.48
N PRO D 131 -68.52 17.93 -69.75
CA PRO D 131 -69.47 19.03 -69.93
C PRO D 131 -68.96 20.19 -70.75
N TYR D 132 -69.79 21.23 -70.81
CA TYR D 132 -69.34 22.61 -70.97
C TYR D 132 -70.09 23.43 -69.93
N VAL D 133 -69.40 23.97 -68.97
CA VAL D 133 -70.07 24.44 -67.76
C VAL D 133 -70.21 25.96 -67.79
N VAL D 134 -71.31 26.41 -67.19
CA VAL D 134 -71.74 27.79 -67.11
C VAL D 134 -72.18 28.08 -65.69
N SER D 135 -72.04 29.34 -65.25
CA SER D 135 -72.43 29.73 -63.91
C SER D 135 -73.34 30.96 -63.98
N LEU D 136 -74.54 30.84 -63.42
CA LEU D 136 -75.49 31.93 -63.31
C LEU D 136 -75.49 32.47 -61.88
N GLN D 137 -75.12 33.73 -61.73
CA GLN D 137 -75.22 34.41 -60.45
C GLN D 137 -76.63 34.96 -60.25
N ALA D 138 -77.08 34.99 -59.00
CA ALA D 138 -78.47 35.39 -58.72
C ALA D 138 -78.67 36.90 -58.83
N LYS D 139 -77.72 37.70 -58.33
CA LYS D 139 -77.85 39.16 -58.42
C LYS D 139 -77.69 39.68 -59.83
N ASP D 140 -77.02 38.94 -60.70
CA ASP D 140 -76.88 39.30 -62.11
C ASP D 140 -78.25 39.30 -62.78
N CYS D 141 -79.26 38.89 -62.01
CA CYS D 141 -80.33 38.03 -62.52
C CYS D 141 -81.67 38.39 -61.88
N PRO D 142 -82.12 39.62 -62.04
CA PRO D 142 -83.42 40.00 -61.52
C PRO D 142 -84.62 39.50 -62.33
N ASP D 143 -84.50 39.50 -63.65
CA ASP D 143 -85.59 39.13 -64.54
C ASP D 143 -85.39 37.73 -65.11
N MET D 144 -86.35 37.31 -65.94
CA MET D 144 -86.28 36.01 -66.60
C MET D 144 -85.44 36.01 -67.85
N LYS D 145 -85.02 37.18 -68.32
CA LYS D 145 -84.31 37.24 -69.58
C LYS D 145 -82.83 36.93 -69.42
N HIS D 146 -82.19 37.52 -68.40
CA HIS D 146 -80.73 37.46 -68.29
C HIS D 146 -80.19 36.07 -67.98
N PHE D 147 -80.98 35.18 -67.38
CA PHE D 147 -80.48 33.82 -67.16
C PHE D 147 -80.47 33.01 -68.44
N LEU D 148 -81.46 33.18 -69.30
CA LEU D 148 -81.45 32.44 -70.55
C LEU D 148 -80.46 33.07 -71.52
N GLN D 149 -80.34 34.39 -71.45
CA GLN D 149 -79.33 35.11 -72.22
C GLN D 149 -77.93 34.64 -71.84
N LYS D 150 -77.60 34.68 -70.54
CA LYS D 150 -76.30 34.20 -70.10
C LYS D 150 -76.21 32.68 -70.12
N LEU D 151 -77.34 31.99 -70.00
CA LEU D 151 -77.37 30.56 -70.26
C LEU D 151 -76.55 30.38 -71.53
N ILE D 152 -77.04 30.99 -72.60
CA ILE D 152 -76.53 30.63 -73.91
C ILE D 152 -75.28 31.39 -74.29
N SER D 153 -75.21 32.68 -73.96
CA SER D 153 -73.94 33.38 -74.09
C SER D 153 -72.85 32.51 -73.50
N GLN D 154 -73.15 31.85 -72.38
CA GLN D 154 -72.13 31.13 -71.64
C GLN D 154 -71.86 29.72 -72.18
N LEU D 155 -72.80 29.04 -72.88
CA LEU D 155 -72.40 27.79 -73.56
C LEU D 155 -72.04 27.92 -75.03
N MET D 156 -72.24 29.08 -75.63
CA MET D 156 -71.49 29.37 -76.83
C MET D 156 -70.10 29.86 -76.45
N ASP D 157 -69.99 30.51 -75.29
CA ASP D 157 -68.71 31.01 -74.79
C ASP D 157 -67.91 29.91 -74.09
N CYS D 158 -68.58 29.00 -73.36
CA CYS D 158 -67.86 27.88 -72.76
C CYS D 158 -67.10 27.09 -73.81
N CYS D 159 -67.45 27.27 -75.09
CA CYS D 159 -66.76 26.67 -76.21
C CYS D 159 -65.58 27.52 -76.70
N VAL D 160 -65.35 28.70 -76.10
CA VAL D 160 -64.38 29.67 -76.61
C VAL D 160 -63.06 29.65 -75.85
N ASP D 161 -63.11 29.97 -74.56
CA ASP D 161 -61.92 30.36 -73.80
C ASP D 161 -60.76 29.37 -73.93
N ILE D 162 -61.05 28.09 -74.20
CA ILE D 162 -59.98 27.08 -74.21
C ILE D 162 -59.22 27.05 -75.51
N LYS D 163 -59.65 27.80 -76.53
CA LYS D 163 -59.02 27.68 -77.84
C LYS D 163 -57.61 28.26 -77.85
N SER D 164 -57.31 29.21 -76.97
CA SER D 164 -55.97 29.77 -76.90
C SER D 164 -54.95 28.70 -76.56
N TYR D 188 -70.40 42.22 -81.84
CA TYR D 188 -71.59 41.71 -81.17
C TYR D 188 -72.23 42.76 -80.28
N MET D 189 -71.46 43.39 -79.39
CA MET D 189 -72.08 44.35 -78.50
C MET D 189 -73.11 43.62 -77.65
N THR D 190 -72.68 43.07 -76.51
CA THR D 190 -73.22 41.88 -75.85
C THR D 190 -74.75 41.80 -75.78
N VAL D 191 -75.45 42.83 -76.25
CA VAL D 191 -76.90 42.85 -76.30
C VAL D 191 -77.51 41.69 -77.11
N THR D 192 -76.70 40.89 -77.81
CA THR D 192 -77.14 40.05 -78.91
C THR D 192 -77.64 38.66 -78.51
N GLN D 193 -77.76 38.38 -77.21
CA GLN D 193 -77.93 37.01 -76.74
C GLN D 193 -79.33 36.81 -76.15
N LYS D 194 -79.90 35.62 -76.36
CA LYS D 194 -81.26 35.28 -75.91
C LYS D 194 -81.36 33.77 -75.70
N THR D 195 -82.59 33.28 -75.52
CA THR D 195 -82.86 31.96 -74.95
C THR D 195 -82.68 30.81 -75.93
N ASP D 196 -82.42 31.07 -77.22
CA ASP D 196 -82.25 30.00 -78.20
C ASP D 196 -80.92 29.22 -78.17
N PRO D 197 -79.77 29.89 -78.31
CA PRO D 197 -78.57 29.18 -78.80
C PRO D 197 -77.94 28.12 -77.87
N LYS D 198 -78.33 27.96 -76.59
CA LYS D 198 -77.90 26.75 -75.86
C LYS D 198 -78.56 25.55 -76.48
N MET D 199 -79.89 25.63 -76.65
CA MET D 199 -80.66 24.53 -77.21
C MET D 199 -80.11 24.14 -78.58
N LEU D 200 -79.41 25.07 -79.22
CA LEU D 200 -78.70 24.88 -80.47
C LEU D 200 -77.25 24.40 -80.28
N SER D 201 -76.55 24.83 -79.22
CA SER D 201 -75.15 24.45 -79.07
C SER D 201 -75.01 22.96 -78.79
N LYS D 202 -75.87 22.39 -77.97
CA LYS D 202 -75.93 20.95 -77.83
C LYS D 202 -76.93 20.32 -78.80
N LYS D 203 -77.47 21.09 -79.73
CA LYS D 203 -78.02 20.55 -80.96
C LYS D 203 -77.07 20.84 -82.11
N ARG D 204 -76.97 22.10 -82.55
CA ARG D 204 -76.19 22.45 -83.75
C ARG D 204 -74.71 22.09 -83.59
N THR D 205 -74.00 22.66 -82.60
CA THR D 205 -72.59 22.30 -82.47
C THR D 205 -72.46 20.79 -82.26
N THR D 206 -73.13 20.25 -81.24
CA THR D 206 -73.36 18.81 -81.17
C THR D 206 -74.80 18.51 -80.73
N SER D 207 -75.64 18.06 -81.64
CA SER D 207 -76.85 17.35 -81.24
C SER D 207 -76.55 15.89 -80.96
N SER D 208 -75.75 15.30 -81.81
CA SER D 208 -75.26 13.94 -81.63
C SER D 208 -73.81 14.05 -81.17
N GLN D 209 -73.60 13.82 -79.88
CA GLN D 209 -72.26 13.78 -79.31
C GLN D 209 -71.49 12.45 -79.40
N TRP D 210 -72.11 11.29 -79.13
CA TRP D 210 -73.51 11.14 -78.70
C TRP D 210 -73.80 11.32 -77.21
N GLN D 211 -72.80 11.14 -76.34
CA GLN D 211 -73.04 11.16 -74.91
C GLN D 211 -73.20 12.59 -74.44
N SER D 212 -74.37 12.93 -73.92
CA SER D 212 -74.70 14.32 -73.68
C SER D 212 -73.72 14.91 -72.68
N PRO D 213 -73.32 16.17 -72.84
CA PRO D 213 -72.57 16.81 -71.79
C PRO D 213 -73.51 17.19 -70.67
N PRO D 214 -73.08 17.10 -69.43
CA PRO D 214 -73.70 17.98 -68.44
C PRO D 214 -73.29 19.39 -68.78
N VAL D 215 -74.21 20.30 -68.69
CA VAL D 215 -73.81 21.64 -68.38
C VAL D 215 -74.28 21.85 -66.97
N VAL D 216 -73.33 21.79 -66.06
CA VAL D 216 -73.66 22.02 -64.68
C VAL D 216 -73.80 23.53 -64.59
N VAL D 217 -75.01 24.01 -64.35
CA VAL D 217 -75.24 25.44 -64.34
C VAL D 217 -74.97 25.82 -62.89
N ILE D 218 -73.81 26.41 -62.66
CA ILE D 218 -73.37 26.70 -61.31
C ILE D 218 -74.17 27.92 -60.91
N LEU D 219 -75.08 27.73 -60.01
CA LEU D 219 -75.87 28.83 -59.55
C LEU D 219 -75.18 29.17 -58.24
N LYS D 220 -74.32 30.17 -58.31
CA LYS D 220 -73.32 30.35 -57.26
C LYS D 220 -73.97 30.84 -55.99
N ASP D 221 -74.99 31.67 -56.13
CA ASP D 221 -76.01 31.87 -55.11
C ASP D 221 -77.34 31.50 -55.74
N MET D 222 -77.95 30.40 -55.29
CA MET D 222 -79.37 30.19 -55.53
C MET D 222 -80.23 30.80 -54.45
N GLU D 223 -79.65 31.16 -53.33
CA GLU D 223 -80.44 31.70 -52.23
C GLU D 223 -80.98 33.08 -52.61
N SER D 224 -80.17 33.89 -53.30
CA SER D 224 -80.59 35.21 -53.75
C SER D 224 -81.36 35.18 -55.06
N PHE D 225 -81.50 34.02 -55.69
CA PHE D 225 -82.35 33.91 -56.87
C PHE D 225 -83.70 34.54 -56.59
N ALA D 226 -84.21 35.28 -57.56
CA ALA D 226 -85.56 35.80 -57.44
C ALA D 226 -86.55 34.63 -57.56
N THR D 227 -87.43 34.49 -56.56
CA THR D 227 -88.24 33.28 -56.45
C THR D 227 -89.17 33.12 -57.66
N LYS D 228 -89.85 34.20 -58.06
CA LYS D 228 -90.61 34.16 -59.32
C LYS D 228 -89.71 33.69 -60.45
N VAL D 229 -88.56 34.34 -60.58
CA VAL D 229 -87.56 33.97 -61.56
C VAL D 229 -87.12 32.54 -61.35
N LEU D 230 -86.99 32.14 -60.08
CA LEU D 230 -86.48 30.82 -59.73
C LEU D 230 -87.39 29.72 -60.28
N GLN D 231 -88.68 29.82 -59.98
CA GLN D 231 -89.62 28.81 -60.46
C GLN D 231 -89.90 28.96 -61.95
N ASP D 232 -89.81 30.17 -62.50
CA ASP D 232 -89.98 30.31 -63.95
C ASP D 232 -88.84 29.65 -64.72
N PHE D 233 -87.62 29.62 -64.15
CA PHE D 233 -86.52 28.90 -64.80
C PHE D 233 -86.53 27.43 -64.47
N ILE D 234 -86.86 27.07 -63.24
CA ILE D 234 -86.86 25.66 -62.92
C ILE D 234 -88.04 24.99 -63.62
N ILE D 235 -89.10 25.74 -63.89
CA ILE D 235 -90.24 25.25 -64.65
C ILE D 235 -90.05 25.40 -66.16
N ILE D 236 -89.46 26.50 -66.65
CA ILE D 236 -89.24 26.61 -68.10
C ILE D 236 -88.16 25.62 -68.51
N SER D 237 -87.06 25.60 -67.78
CA SER D 237 -85.99 24.67 -68.04
C SER D 237 -86.43 23.24 -67.74
N SER D 238 -87.15 23.01 -66.63
CA SER D 238 -87.67 21.67 -66.36
C SER D 238 -88.58 21.19 -67.49
N GLN D 239 -89.53 22.03 -67.89
CA GLN D 239 -90.42 21.69 -68.99
C GLN D 239 -89.65 21.27 -70.25
N HIS D 240 -88.55 21.97 -70.55
CA HIS D 240 -87.80 21.82 -71.80
C HIS D 240 -86.90 20.60 -71.85
N LEU D 241 -86.81 19.80 -70.79
CA LEU D 241 -85.59 19.04 -70.48
C LEU D 241 -85.38 17.76 -71.28
N HIS D 242 -84.24 17.15 -70.97
CA HIS D 242 -83.82 15.82 -71.42
C HIS D 242 -83.49 15.88 -72.89
N GLU D 243 -83.88 17.00 -73.53
CA GLU D 243 -82.99 17.61 -74.50
C GLU D 243 -81.80 18.22 -73.77
N PHE D 244 -82.01 18.72 -72.55
CA PHE D 244 -80.92 19.22 -71.72
C PHE D 244 -80.91 18.64 -70.31
N PRO D 245 -80.27 17.51 -70.13
CA PRO D 245 -80.16 16.93 -68.80
C PRO D 245 -79.30 17.83 -67.94
N LEU D 246 -79.72 19.08 -67.75
CA LEU D 246 -78.93 20.00 -66.96
C LEU D 246 -78.77 19.48 -65.55
N ILE D 247 -77.55 19.61 -65.05
CA ILE D 247 -77.33 19.65 -63.62
C ILE D 247 -76.86 21.08 -63.34
N LEU D 248 -77.07 21.50 -62.10
CA LEU D 248 -76.69 22.85 -61.72
C LEU D 248 -76.17 22.83 -60.30
N ILE D 249 -74.97 23.36 -60.11
CA ILE D 249 -74.34 23.33 -58.81
C ILE D 249 -74.86 24.51 -57.98
N PHE D 250 -74.97 24.28 -56.68
CA PHE D 250 -75.50 25.28 -55.77
C PHE D 250 -74.40 25.76 -54.83
N GLY D 251 -73.93 26.99 -55.03
CA GLY D 251 -73.17 27.65 -53.99
C GLY D 251 -74.11 28.00 -52.87
N ILE D 252 -73.85 27.49 -51.66
CA ILE D 252 -74.79 27.59 -50.57
C ILE D 252 -74.02 27.56 -49.27
N ALA D 253 -74.60 28.15 -48.24
CA ALA D 253 -74.12 28.09 -46.88
C ALA D 253 -74.94 27.11 -46.03
N THR D 254 -76.26 27.28 -45.99
CA THR D 254 -77.13 26.62 -45.03
C THR D 254 -77.40 25.16 -45.39
N SER D 255 -78.34 24.56 -44.65
CA SER D 255 -78.74 23.16 -44.69
C SER D 255 -79.94 23.00 -45.64
N PRO D 256 -80.53 21.80 -45.79
CA PRO D 256 -81.50 21.61 -46.90
C PRO D 256 -82.81 22.35 -46.69
N ILE D 257 -83.16 22.66 -45.44
CA ILE D 257 -84.47 23.24 -45.14
C ILE D 257 -84.63 24.58 -45.83
N ILE D 258 -83.56 25.36 -45.95
CA ILE D 258 -83.66 26.70 -46.52
C ILE D 258 -83.77 26.65 -48.03
N ILE D 259 -83.10 25.70 -48.68
CA ILE D 259 -83.38 25.43 -50.08
C ILE D 259 -84.84 25.07 -50.25
N HIS D 260 -85.31 24.10 -49.45
CA HIS D 260 -86.71 23.71 -49.47
C HIS D 260 -87.63 24.88 -49.14
N ARG D 261 -87.09 25.96 -48.56
CA ARG D 261 -87.88 27.18 -48.33
C ARG D 261 -87.95 28.01 -49.61
N LEU D 262 -86.80 28.48 -50.09
CA LEU D 262 -86.81 29.35 -51.27
C LEU D 262 -87.12 28.55 -52.53
N LEU D 263 -86.61 27.32 -52.64
CA LEU D 263 -87.05 26.40 -53.68
C LEU D 263 -88.28 25.66 -53.18
N PRO D 264 -89.47 25.85 -53.78
CA PRO D 264 -90.67 25.19 -53.25
C PRO D 264 -90.62 23.67 -53.33
N HIS D 265 -91.67 22.99 -52.86
CA HIS D 265 -91.69 21.53 -52.89
C HIS D 265 -91.64 21.01 -54.32
N ALA D 266 -92.41 21.63 -55.22
CA ALA D 266 -92.35 21.25 -56.62
C ALA D 266 -90.92 21.30 -57.13
N VAL D 267 -90.15 22.27 -56.66
CA VAL D 267 -88.74 22.37 -57.06
C VAL D 267 -87.90 21.33 -56.33
N SER D 268 -88.13 21.12 -55.03
CA SER D 268 -87.42 20.04 -54.34
C SER D 268 -87.54 18.75 -55.12
N SER D 269 -88.65 18.55 -55.81
CA SER D 269 -88.83 17.35 -56.60
C SER D 269 -88.14 17.42 -57.97
N LEU D 270 -88.36 18.51 -58.71
CA LEU D 270 -87.74 18.61 -60.03
C LEU D 270 -86.21 18.53 -59.93
N LEU D 271 -85.64 19.01 -58.83
CA LEU D 271 -84.19 19.04 -58.66
C LEU D 271 -83.60 17.65 -58.45
N CYS D 272 -84.36 16.72 -57.87
CA CYS D 272 -83.91 15.32 -57.70
C CYS D 272 -82.55 15.29 -57.02
N ILE D 273 -82.35 16.21 -56.08
CA ILE D 273 -81.01 16.55 -55.61
C ILE D 273 -80.38 15.36 -54.88
N GLU D 274 -79.05 15.37 -54.89
CA GLU D 274 -78.24 14.64 -53.92
C GLU D 274 -77.42 15.67 -53.15
N LEU D 275 -77.64 15.76 -51.86
CA LEU D 275 -77.02 16.82 -51.06
C LEU D 275 -75.53 16.54 -50.90
N PHE D 276 -74.74 17.61 -50.99
CA PHE D 276 -73.29 17.53 -50.94
C PHE D 276 -72.76 18.50 -49.90
N GLN D 277 -71.50 18.31 -49.54
CA GLN D 277 -70.91 19.03 -48.43
C GLN D 277 -69.65 19.73 -48.88
N SER D 278 -69.45 20.94 -48.38
CA SER D 278 -68.23 21.68 -48.66
C SER D 278 -67.75 22.33 -47.37
N LEU D 279 -66.44 22.38 -47.22
CA LEU D 279 -65.83 22.75 -45.95
C LEU D 279 -65.90 24.26 -45.76
N SER D 280 -66.14 24.68 -44.52
CA SER D 280 -66.46 26.06 -44.19
C SER D 280 -65.18 26.81 -43.81
N CYS D 281 -65.36 28.01 -43.27
CA CYS D 281 -64.22 28.81 -42.82
C CYS D 281 -63.51 28.16 -41.64
N LYS D 282 -64.28 27.81 -40.61
CA LYS D 282 -63.70 27.47 -39.32
C LYS D 282 -62.77 26.27 -39.42
N GLU D 283 -63.02 25.37 -40.37
CA GLU D 283 -62.11 24.25 -40.60
C GLU D 283 -60.79 24.74 -41.19
N HIS D 284 -60.85 25.56 -42.24
CA HIS D 284 -59.62 26.08 -42.85
C HIS D 284 -58.82 26.90 -41.85
N LEU D 285 -59.48 27.53 -40.87
CA LEU D 285 -58.76 28.21 -39.81
C LEU D 285 -57.86 27.25 -39.04
N THR D 286 -58.49 26.30 -38.34
CA THR D 286 -57.74 25.43 -37.46
C THR D 286 -56.69 24.65 -38.23
N THR D 287 -57.08 24.13 -39.41
CA THR D 287 -56.10 23.55 -40.33
C THR D 287 -54.94 24.51 -40.54
N VAL D 288 -55.20 25.71 -41.06
CA VAL D 288 -54.12 26.57 -41.52
C VAL D 288 -53.20 26.94 -40.35
N LEU D 289 -53.77 27.21 -39.19
CA LEU D 289 -52.95 27.45 -38.00
C LEU D 289 -52.08 26.24 -37.69
N ASP D 290 -52.71 25.08 -37.48
CA ASP D 290 -51.97 23.84 -37.24
C ASP D 290 -50.85 23.69 -38.25
N LYS D 291 -51.17 23.88 -39.52
CA LYS D 291 -50.18 23.80 -40.59
C LYS D 291 -49.33 25.05 -40.57
N LEU D 292 -49.89 26.17 -41.01
CA LEU D 292 -49.09 27.29 -41.49
C LEU D 292 -48.39 28.07 -40.39
N LEU D 293 -49.12 28.82 -39.57
CA LEU D 293 -48.46 29.71 -38.62
C LEU D 293 -47.56 28.93 -37.67
N LEU D 294 -47.98 27.73 -37.28
CA LEU D 294 -47.25 26.91 -36.34
C LEU D 294 -46.22 26.00 -37.00
N THR D 295 -45.99 26.14 -38.31
CA THR D 295 -44.84 25.46 -38.90
C THR D 295 -43.58 25.89 -38.18
N THR D 296 -42.60 24.99 -38.14
CA THR D 296 -41.26 25.36 -37.73
C THR D 296 -40.43 25.92 -38.86
N GLN D 297 -40.90 25.78 -40.10
CA GLN D 297 -40.20 26.33 -41.24
C GLN D 297 -39.94 27.82 -41.05
N PHE D 298 -41.00 28.58 -40.90
CA PHE D 298 -40.88 30.02 -40.80
C PHE D 298 -40.66 30.41 -39.34
N PRO D 299 -39.66 31.24 -39.04
CA PRO D 299 -39.37 31.51 -37.63
C PRO D 299 -40.44 32.35 -36.97
N PHE D 300 -41.20 33.12 -37.74
CA PHE D 300 -42.06 34.14 -37.16
C PHE D 300 -43.11 33.48 -36.28
N LYS D 301 -43.34 34.08 -35.12
CA LYS D 301 -44.31 33.61 -34.17
C LYS D 301 -45.00 34.81 -33.54
N ILE D 302 -46.10 34.55 -32.88
CA ILE D 302 -46.98 35.61 -32.42
C ILE D 302 -47.10 35.55 -30.90
N ASN D 303 -47.26 36.72 -30.30
CA ASN D 303 -47.51 36.81 -28.87
C ASN D 303 -48.95 36.43 -28.55
N GLU D 304 -49.15 36.10 -27.28
CA GLU D 304 -50.47 35.72 -26.80
C GLU D 304 -51.50 36.76 -27.23
N LYS D 305 -51.12 38.03 -27.27
CA LYS D 305 -52.13 39.09 -27.35
C LYS D 305 -52.64 39.34 -28.77
N VAL D 306 -51.78 39.31 -29.80
CA VAL D 306 -52.33 39.45 -31.15
C VAL D 306 -52.81 38.09 -31.68
N LEU D 307 -52.35 36.97 -31.13
CA LEU D 307 -53.02 35.71 -31.43
C LEU D 307 -54.44 35.72 -30.89
N GLN D 308 -54.60 36.12 -29.63
CA GLN D 308 -55.92 36.19 -29.04
C GLN D 308 -56.78 37.23 -29.74
N VAL D 309 -56.22 38.40 -30.02
CA VAL D 309 -57.00 39.44 -30.68
C VAL D 309 -57.35 39.02 -32.10
N LEU D 310 -56.41 38.42 -32.81
CA LEU D 310 -56.70 37.92 -34.15
C LEU D 310 -57.75 36.82 -34.12
N THR D 311 -57.45 35.71 -33.45
CA THR D 311 -58.43 34.63 -33.36
C THR D 311 -59.74 35.10 -32.77
N ASN D 312 -59.76 36.25 -32.08
CA ASN D 312 -61.01 36.85 -31.63
C ASN D 312 -61.70 37.59 -32.78
N ILE D 313 -60.94 38.29 -33.63
CA ILE D 313 -61.57 38.93 -34.77
C ILE D 313 -62.11 37.88 -35.72
N PHE D 314 -61.45 36.72 -35.78
CA PHE D 314 -61.92 35.64 -36.63
C PHE D 314 -63.13 34.94 -36.02
N LEU D 315 -63.00 34.48 -34.77
CA LEU D 315 -64.06 33.68 -34.16
C LEU D 315 -65.22 34.54 -33.68
N TYR D 316 -64.93 35.63 -32.97
CA TYR D 316 -66.00 36.43 -32.39
C TYR D 316 -66.64 37.39 -33.38
N HIS D 317 -65.96 37.71 -34.48
CA HIS D 317 -66.54 38.64 -35.45
C HIS D 317 -66.63 38.02 -36.84
N ASP D 318 -65.51 37.95 -37.54
CA ASP D 318 -65.47 37.66 -38.97
C ASP D 318 -64.81 36.32 -39.23
N PHE D 319 -65.52 35.43 -39.91
CA PHE D 319 -65.08 34.05 -40.05
C PHE D 319 -64.14 33.83 -41.22
N SER D 320 -63.75 34.86 -41.95
CA SER D 320 -62.96 34.67 -43.17
C SER D 320 -61.50 34.42 -42.85
N VAL D 321 -60.96 33.31 -43.37
CA VAL D 321 -59.51 33.18 -43.43
C VAL D 321 -58.95 34.30 -44.29
N GLN D 322 -59.79 34.97 -45.07
CA GLN D 322 -59.39 36.20 -45.74
C GLN D 322 -58.92 37.23 -44.72
N ASN D 323 -59.82 37.65 -43.82
CA ASN D 323 -59.45 38.71 -42.89
C ASN D 323 -58.43 38.23 -41.87
N PHE D 324 -58.40 36.93 -41.55
CA PHE D 324 -57.35 36.45 -40.68
C PHE D 324 -56.01 36.41 -41.41
N ILE D 325 -56.02 36.08 -42.69
CA ILE D 325 -54.76 36.06 -43.44
C ILE D 325 -54.26 37.47 -43.63
N LYS D 326 -55.04 38.31 -44.31
CA LYS D 326 -54.61 39.68 -44.47
C LYS D 326 -54.20 40.25 -43.13
N GLY D 327 -54.96 39.97 -42.07
CA GLY D 327 -54.52 40.39 -40.75
C GLY D 327 -53.21 39.74 -40.33
N LEU D 328 -52.88 38.59 -40.92
CA LEU D 328 -51.64 37.90 -40.62
C LEU D 328 -50.45 38.51 -41.35
N GLN D 329 -50.62 38.94 -42.59
CA GLN D 329 -49.64 39.85 -43.18
C GLN D 329 -49.47 41.05 -42.28
N LEU D 330 -50.57 41.75 -42.02
CA LEU D 330 -50.49 43.01 -41.32
C LEU D 330 -49.77 42.83 -39.99
N SER D 331 -49.88 41.65 -39.38
CA SER D 331 -49.04 41.32 -38.25
C SER D 331 -47.59 41.10 -38.70
N LEU D 332 -47.40 40.31 -39.76
CA LEU D 332 -46.11 39.97 -40.34
C LEU D 332 -45.28 41.24 -40.60
N LEU D 333 -45.73 42.02 -41.57
CA LEU D 333 -45.16 43.33 -41.83
C LEU D 333 -45.08 44.15 -40.55
N GLU D 334 -46.20 44.29 -39.82
CA GLU D 334 -46.23 45.18 -38.66
C GLU D 334 -45.04 44.95 -37.76
N HIS D 335 -44.84 43.70 -37.33
CA HIS D 335 -43.59 43.38 -36.64
C HIS D 335 -42.40 43.79 -37.47
N PHE D 336 -42.35 43.35 -38.72
CA PHE D 336 -41.13 43.44 -39.51
C PHE D 336 -40.73 44.90 -39.75
N TYR D 337 -41.54 45.84 -39.28
CA TYR D 337 -41.11 47.23 -39.13
C TYR D 337 -40.64 47.57 -37.72
N SER D 338 -40.62 46.61 -36.82
CA SER D 338 -40.29 46.91 -35.43
C SER D 338 -38.87 47.47 -35.32
N GLN D 339 -37.89 46.70 -35.77
CA GLN D 339 -36.47 46.98 -35.57
C GLN D 339 -35.66 45.96 -36.36
N PRO D 340 -34.43 46.30 -36.75
CA PRO D 340 -33.63 45.38 -37.58
C PRO D 340 -33.26 44.09 -36.87
N LEU D 341 -33.47 44.01 -35.56
CA LEU D 341 -33.05 42.85 -34.78
C LEU D 341 -33.58 41.53 -35.31
N SER D 342 -34.63 41.55 -36.12
CA SER D 342 -35.17 40.32 -36.72
C SER D 342 -34.41 39.86 -37.94
N VAL D 343 -33.48 40.66 -38.47
CA VAL D 343 -32.70 40.18 -39.61
C VAL D 343 -32.03 38.86 -39.24
N LEU D 344 -31.72 38.68 -37.96
CA LEU D 344 -31.33 37.39 -37.43
C LEU D 344 -32.47 36.38 -37.44
N CYS D 345 -33.67 36.79 -37.81
CA CYS D 345 -34.81 35.89 -37.88
C CYS D 345 -34.75 35.30 -39.28
N CYS D 346 -34.31 34.05 -39.36
CA CYS D 346 -33.98 33.39 -40.62
C CYS D 346 -33.39 32.03 -40.32
N ASN D 347 -33.08 31.26 -41.35
CA ASN D 347 -32.37 30.01 -41.13
C ASN D 347 -31.08 30.29 -40.37
N LEU D 348 -30.68 29.37 -39.50
CA LEU D 348 -29.45 29.56 -38.74
C LEU D 348 -28.29 30.00 -39.62
N PRO D 349 -28.04 29.40 -40.78
CA PRO D 349 -27.06 30.01 -41.69
C PRO D 349 -27.57 31.30 -42.30
N GLU D 350 -28.83 31.36 -42.73
CA GLU D 350 -29.39 32.63 -43.21
C GLU D 350 -29.27 33.70 -42.16
N ALA D 351 -29.43 33.31 -40.90
CA ALA D 351 -29.31 34.26 -39.80
C ALA D 351 -27.86 34.61 -39.51
N LYS D 352 -26.96 33.62 -39.59
CA LYS D 352 -25.55 33.84 -39.23
C LYS D 352 -24.82 34.65 -40.27
N ARG D 353 -25.20 34.52 -41.54
CA ARG D 353 -24.77 35.50 -42.53
C ARG D 353 -25.06 36.90 -42.02
N ARG D 354 -26.29 37.12 -41.57
CA ARG D 354 -26.65 38.41 -41.02
C ARG D 354 -25.84 38.72 -39.77
N ILE D 355 -25.49 37.69 -38.99
CA ILE D 355 -24.58 37.88 -37.85
C ILE D 355 -23.30 38.53 -38.32
N ASN D 356 -22.68 37.96 -39.35
CA ASN D 356 -21.45 38.54 -39.88
C ASN D 356 -21.66 39.99 -40.28
N PHE D 357 -22.77 40.30 -40.96
CA PHE D 357 -23.05 41.66 -41.37
C PHE D 357 -23.30 42.58 -40.19
N LEU D 358 -23.44 42.06 -38.97
CA LEU D 358 -23.87 42.89 -37.87
C LEU D 358 -22.83 43.96 -37.58
N SER D 359 -23.34 45.14 -37.23
CA SER D 359 -22.54 46.33 -36.95
C SER D 359 -22.84 46.82 -35.54
N ASN D 360 -22.14 47.88 -35.15
CA ASN D 360 -22.05 48.23 -33.74
C ASN D 360 -23.36 48.76 -33.17
N ASN D 361 -24.20 49.39 -34.00
CA ASN D 361 -25.51 49.84 -33.53
C ASN D 361 -26.35 48.65 -33.07
N GLN D 362 -26.51 47.67 -33.95
CA GLN D 362 -27.24 46.46 -33.57
C GLN D 362 -26.61 45.82 -32.35
N CYS D 363 -25.29 45.82 -32.25
CA CYS D 363 -24.65 45.34 -31.03
C CYS D 363 -25.20 46.09 -29.83
N GLU D 364 -25.46 47.40 -29.98
CA GLU D 364 -26.16 48.12 -28.93
C GLU D 364 -27.55 47.57 -28.71
N ASN D 365 -28.25 47.22 -29.78
CA ASN D 365 -29.66 46.85 -29.65
C ASN D 365 -29.83 45.49 -28.97
N ILE D 366 -29.01 44.51 -29.34
CA ILE D 366 -29.05 43.23 -28.61
C ILE D 366 -28.62 43.46 -27.17
N ARG D 367 -27.69 44.38 -26.94
CA ARG D 367 -27.30 44.74 -25.58
C ARG D 367 -28.47 45.25 -24.76
N ARG D 368 -29.62 45.49 -25.39
CA ARG D 368 -30.74 46.22 -24.77
C ARG D 368 -31.87 45.32 -24.31
N LEU D 369 -32.50 44.57 -25.22
CA LEU D 369 -33.82 44.01 -24.93
C LEU D 369 -33.75 43.00 -23.79
N PRO D 370 -34.89 42.66 -23.18
CA PRO D 370 -34.90 41.60 -22.17
C PRO D 370 -34.98 40.22 -22.79
N SER D 371 -34.82 39.23 -21.93
CA SER D 371 -34.50 37.86 -22.33
C SER D 371 -33.07 37.82 -22.90
N PHE D 372 -32.56 38.96 -23.38
CA PHE D 372 -31.13 39.21 -23.44
C PHE D 372 -30.67 39.83 -22.13
N ARG D 373 -31.19 41.01 -21.81
CA ARG D 373 -30.93 41.60 -20.49
C ARG D 373 -31.17 40.59 -19.38
N ARG D 374 -32.27 39.82 -19.46
CA ARG D 374 -32.43 38.70 -18.55
C ARG D 374 -31.32 37.68 -18.76
N TYR D 375 -31.04 37.35 -20.02
CA TYR D 375 -29.90 36.49 -20.34
C TYR D 375 -28.58 37.13 -19.92
N VAL D 376 -28.53 38.46 -19.81
CA VAL D 376 -27.36 39.13 -19.29
C VAL D 376 -27.34 39.11 -17.77
N GLU D 377 -28.49 38.91 -17.13
CA GLU D 377 -28.61 39.03 -15.68
C GLU D 377 -28.11 37.78 -14.99
N LYS D 378 -28.48 36.60 -15.49
CA LYS D 378 -27.94 35.35 -14.98
C LYS D 378 -26.73 35.03 -15.85
N GLN D 379 -25.53 35.46 -15.43
CA GLN D 379 -24.30 35.27 -16.25
C GLN D 379 -22.88 35.54 -15.62
N ALA D 380 -21.97 36.15 -16.39
CA ALA D 380 -20.56 36.39 -15.93
C ALA D 380 -19.84 37.76 -16.15
N SER D 381 -18.51 37.72 -16.33
CA SER D 381 -17.64 38.94 -16.48
C SER D 381 -17.05 39.30 -17.86
N GLU D 382 -15.83 39.90 -17.92
CA GLU D 382 -15.28 40.31 -19.20
C GLU D 382 -15.89 39.50 -20.33
N LYS D 383 -16.37 38.29 -20.03
CA LYS D 383 -17.36 37.65 -20.88
C LYS D 383 -18.50 38.61 -21.15
N GLN D 384 -19.10 39.12 -20.07
CA GLN D 384 -20.26 39.98 -20.19
C GLN D 384 -19.95 41.26 -20.96
N VAL D 385 -18.72 41.78 -20.88
CA VAL D 385 -18.43 43.01 -21.62
C VAL D 385 -18.14 42.71 -23.07
N ALA D 386 -17.40 41.63 -23.35
CA ALA D 386 -17.33 41.20 -24.73
C ALA D 386 -18.71 40.83 -25.25
N LEU D 387 -19.74 40.81 -24.41
CA LEU D 387 -21.09 41.08 -24.88
C LEU D 387 -21.36 42.58 -25.00
N LEU D 388 -21.02 43.34 -23.97
CA LEU D 388 -21.42 44.73 -23.89
C LEU D 388 -20.49 45.65 -24.67
N THR D 389 -19.17 45.42 -24.58
CA THR D 389 -18.18 46.20 -25.32
C THR D 389 -17.74 45.52 -26.60
N ASN D 390 -17.02 44.40 -26.48
CA ASN D 390 -16.31 43.81 -27.59
C ASN D 390 -17.22 42.81 -28.30
N GLU D 391 -17.68 43.18 -29.49
CA GLU D 391 -18.83 42.53 -30.11
C GLU D 391 -18.57 41.07 -30.45
N ARG D 392 -17.31 40.66 -30.50
CA ARG D 392 -16.97 39.34 -31.02
C ARG D 392 -17.52 38.23 -30.13
N TYR D 393 -17.27 38.33 -28.81
CA TYR D 393 -17.78 37.32 -27.90
C TYR D 393 -19.30 37.35 -27.85
N LEU D 394 -19.93 38.49 -28.20
CA LEU D 394 -21.38 38.48 -28.31
C LEU D 394 -21.70 37.65 -29.54
N LYS D 395 -21.44 38.18 -30.74
CA LYS D 395 -21.90 37.53 -31.95
C LYS D 395 -21.63 36.03 -31.92
N GLU D 396 -20.52 35.62 -31.31
CA GLU D 396 -20.38 34.22 -30.90
C GLU D 396 -21.56 33.81 -30.03
N GLU D 397 -21.83 34.57 -28.97
CA GLU D 397 -22.97 34.27 -28.11
C GLU D 397 -24.32 34.54 -28.75
N THR D 398 -24.41 35.28 -29.85
CA THR D 398 -25.65 35.29 -30.63
C THR D 398 -25.84 33.95 -31.30
N GLN D 399 -24.79 33.42 -31.93
CA GLN D 399 -24.92 32.05 -32.40
C GLN D 399 -25.15 31.08 -31.24
N LEU D 400 -24.90 31.50 -30.00
CA LEU D 400 -25.32 30.67 -28.88
C LEU D 400 -26.79 30.88 -28.54
N LEU D 401 -27.28 32.12 -28.57
CA LEU D 401 -28.69 32.39 -28.28
C LEU D 401 -29.56 31.76 -29.35
N LEU D 402 -29.28 32.10 -30.60
CA LEU D 402 -30.19 31.87 -31.71
C LEU D 402 -30.21 30.41 -32.12
N GLU D 403 -29.02 29.81 -32.27
CA GLU D 403 -28.96 28.39 -32.56
C GLU D 403 -29.88 27.65 -31.60
N ASN D 404 -29.65 27.86 -30.31
CA ASN D 404 -30.52 27.28 -29.31
C ASN D 404 -31.98 27.61 -29.62
N LEU D 405 -32.30 28.89 -29.82
CA LEU D 405 -33.69 29.31 -29.96
C LEU D 405 -34.42 28.46 -31.00
N HIS D 406 -33.89 28.46 -32.23
CA HIS D 406 -34.50 27.65 -33.27
C HIS D 406 -34.37 26.16 -33.00
N VAL D 407 -33.56 25.76 -32.01
CA VAL D 407 -33.65 24.39 -31.50
C VAL D 407 -34.89 24.22 -30.64
N TYR D 408 -35.12 25.17 -29.72
CA TYR D 408 -36.26 25.09 -28.81
C TYR D 408 -37.56 24.98 -29.58
N HIS D 409 -37.79 25.90 -30.52
CA HIS D 409 -39.07 25.92 -31.22
C HIS D 409 -39.39 24.58 -31.88
N MET D 410 -38.40 23.96 -32.54
CA MET D 410 -38.59 22.61 -33.05
C MET D 410 -38.99 21.67 -31.93
N ASN D 411 -38.22 21.70 -30.83
CA ASN D 411 -38.49 20.84 -29.69
C ASN D 411 -39.91 21.04 -29.16
N TYR D 412 -40.50 22.22 -29.37
CA TYR D 412 -41.88 22.40 -28.97
C TYR D 412 -42.76 21.67 -29.97
N PHE D 413 -42.82 22.15 -31.22
CA PHE D 413 -43.87 21.68 -32.13
C PHE D 413 -43.93 20.16 -32.20
N LEU D 414 -42.77 19.50 -32.29
CA LEU D 414 -42.79 18.04 -32.24
C LEU D 414 -43.71 17.63 -31.09
N VAL D 415 -43.45 18.25 -29.95
CA VAL D 415 -44.07 17.88 -28.70
C VAL D 415 -45.51 18.43 -28.62
N LEU D 416 -45.82 19.51 -29.34
CA LEU D 416 -47.17 20.04 -29.31
C LEU D 416 -48.13 19.11 -30.02
N ARG D 417 -47.80 18.76 -31.27
CA ARG D 417 -48.59 17.73 -31.94
C ARG D 417 -48.75 16.55 -31.01
N CYS D 418 -47.62 16.12 -30.41
CA CYS D 418 -47.64 15.00 -29.47
C CYS D 418 -48.79 15.15 -28.49
N LEU D 419 -48.79 16.28 -27.76
CA LEU D 419 -49.82 16.52 -26.76
C LEU D 419 -51.17 16.35 -27.38
N HIS D 420 -51.35 16.89 -28.58
CA HIS D 420 -52.68 16.90 -29.16
C HIS D 420 -53.22 15.51 -29.27
N LYS D 421 -52.54 14.62 -29.98
CA LYS D 421 -53.24 13.33 -30.00
C LYS D 421 -53.43 12.76 -28.61
N PHE D 422 -52.63 13.15 -27.60
CA PHE D 422 -53.01 12.70 -26.26
C PHE D 422 -54.35 13.30 -25.82
N THR D 423 -54.42 14.63 -25.70
CA THR D 423 -55.53 15.31 -25.05
C THR D 423 -56.67 15.73 -25.95
N SER D 424 -56.45 15.79 -27.26
CA SER D 424 -57.52 16.02 -28.23
C SER D 424 -58.49 14.86 -28.25
N SER D 425 -58.02 13.66 -27.92
CA SER D 425 -58.93 12.54 -27.73
C SER D 425 -59.72 12.71 -26.45
N LEU D 426 -59.16 13.40 -25.46
CA LEU D 426 -59.73 13.41 -24.14
C LEU D 426 -61.04 14.17 -24.11
N PRO D 427 -61.90 13.88 -23.15
CA PRO D 427 -63.12 14.67 -22.98
C PRO D 427 -62.90 15.86 -22.07
N LYS D 428 -63.96 16.67 -21.92
CA LYS D 428 -63.98 17.89 -21.12
C LYS D 428 -63.19 19.02 -21.78
N TYR D 429 -62.20 18.68 -22.60
CA TYR D 429 -61.36 19.63 -23.31
C TYR D 429 -61.16 20.90 -22.50
N PRO D 430 -60.84 20.78 -21.21
CA PRO D 430 -60.82 21.98 -20.38
C PRO D 430 -59.70 22.93 -20.76
N LEU D 431 -58.53 22.38 -21.08
CA LEU D 431 -57.42 23.19 -21.54
C LEU D 431 -57.55 23.54 -23.01
N GLY D 432 -58.07 22.63 -23.83
CA GLY D 432 -58.24 22.93 -25.24
C GLY D 432 -58.69 21.70 -26.02
N ARG D 433 -59.13 21.98 -27.25
CA ARG D 433 -59.63 20.97 -28.18
C ARG D 433 -58.69 20.90 -29.38
N GLN D 434 -58.76 21.91 -30.24
CA GLN D 434 -58.05 21.95 -31.48
C GLN D 434 -56.61 22.34 -31.22
N ILE D 435 -55.74 21.98 -32.16
CA ILE D 435 -54.31 22.19 -31.95
C ILE D 435 -54.03 23.65 -31.63
N ARG D 436 -54.65 24.55 -32.38
CA ARG D 436 -54.51 25.98 -32.10
C ARG D 436 -54.83 26.30 -30.65
N GLU D 437 -55.81 25.60 -30.07
CA GLU D 437 -56.17 25.86 -28.68
C GLU D 437 -55.01 25.53 -27.75
N LEU D 438 -54.48 24.31 -27.83
CA LEU D 438 -53.36 23.97 -26.97
C LEU D 438 -52.22 24.99 -27.13
N TYR D 439 -51.84 25.30 -28.37
CA TYR D 439 -50.87 26.38 -28.55
C TYR D 439 -51.28 27.60 -27.74
N CYS D 440 -52.55 27.98 -27.85
CA CYS D 440 -53.04 29.20 -27.20
C CYS D 440 -52.90 29.12 -25.70
N THR D 441 -53.56 28.16 -25.07
CA THR D 441 -53.62 28.11 -23.62
C THR D 441 -52.26 27.75 -23.03
N CYS D 442 -51.57 26.79 -23.63
CA CYS D 442 -50.20 26.48 -23.23
C CYS D 442 -49.36 27.73 -23.17
N LEU D 443 -49.37 28.53 -24.23
CA LEU D 443 -48.52 29.71 -24.25
C LEU D 443 -49.08 30.85 -23.41
N GLU D 444 -50.39 30.85 -23.15
CA GLU D 444 -51.02 31.93 -22.40
C GLU D 444 -50.46 32.03 -21.00
N LYS D 445 -50.63 30.96 -20.22
CA LYS D 445 -50.14 30.88 -18.86
C LYS D 445 -49.59 29.48 -18.66
N ASN D 446 -48.88 29.30 -17.56
CA ASN D 446 -48.21 28.05 -17.32
C ASN D 446 -49.20 26.92 -17.21
N ILE D 447 -49.00 25.91 -18.05
CA ILE D 447 -49.87 24.74 -18.07
C ILE D 447 -49.94 24.13 -16.68
N TRP D 448 -48.77 23.88 -16.08
CA TRP D 448 -48.72 23.36 -14.72
C TRP D 448 -49.45 24.24 -13.73
N ASP D 449 -49.31 25.56 -13.86
CA ASP D 449 -49.93 26.44 -12.88
C ASP D 449 -51.44 26.46 -13.02
N SER D 450 -51.96 26.16 -14.21
CA SER D 450 -53.40 26.08 -14.40
C SER D 450 -53.94 24.76 -13.87
N GLU D 451 -55.14 24.81 -13.28
CA GLU D 451 -55.74 23.63 -12.68
C GLU D 451 -56.56 22.82 -13.67
N GLU D 452 -56.92 23.40 -14.82
CA GLU D 452 -57.66 22.63 -15.80
C GLU D 452 -56.75 21.57 -16.37
N TYR D 453 -55.47 21.92 -16.46
CA TYR D 453 -54.44 20.97 -16.81
C TYR D 453 -54.40 19.81 -15.82
N ALA D 454 -54.19 20.11 -14.54
CA ALA D 454 -54.21 19.07 -13.53
C ALA D 454 -55.46 18.22 -13.66
N SER D 455 -56.59 18.86 -14.01
CA SER D 455 -57.80 18.09 -14.27
C SER D 455 -57.59 17.11 -15.41
N VAL D 456 -56.93 17.54 -16.49
CA VAL D 456 -56.61 16.63 -17.58
C VAL D 456 -55.71 15.49 -17.07
N LEU D 457 -54.85 15.80 -16.12
CA LEU D 457 -54.04 14.77 -15.48
C LEU D 457 -54.93 13.71 -14.88
N GLN D 458 -55.79 14.14 -13.95
CA GLN D 458 -56.72 13.23 -13.31
C GLN D 458 -57.45 12.41 -14.35
N LEU D 459 -57.82 13.03 -15.48
CA LEU D 459 -58.47 12.28 -16.56
C LEU D 459 -57.57 11.13 -17.04
N LEU D 460 -56.36 11.45 -17.51
CA LEU D 460 -55.51 10.40 -18.06
C LEU D 460 -55.26 9.30 -17.03
N ARG D 461 -55.06 9.68 -15.77
CA ARG D 461 -54.92 8.71 -14.70
C ARG D 461 -56.17 7.87 -14.50
N MET D 462 -57.33 8.37 -14.94
CA MET D 462 -58.58 7.62 -14.85
C MET D 462 -58.76 6.69 -16.03
N LEU D 463 -58.82 7.26 -17.25
CA LEU D 463 -59.07 6.48 -18.45
C LEU D 463 -58.23 5.21 -18.45
N ALA D 464 -56.91 5.36 -18.47
CA ALA D 464 -55.97 4.23 -18.43
C ALA D 464 -56.34 3.24 -19.53
N LYS D 465 -56.11 1.96 -19.27
CA LYS D 465 -56.57 0.79 -20.04
C LYS D 465 -56.30 0.95 -21.55
N ASP D 466 -57.22 0.39 -22.36
CA ASP D 466 -57.05 0.23 -23.79
C ASP D 466 -57.46 1.46 -24.59
N GLU D 467 -58.42 2.25 -24.12
CA GLU D 467 -58.62 3.55 -24.77
C GLU D 467 -57.29 4.27 -24.87
N LEU D 468 -56.57 4.35 -23.75
CA LEU D 468 -55.26 5.01 -23.78
C LEU D 468 -54.27 4.19 -24.59
N MET D 469 -54.21 2.87 -24.45
CA MET D 469 -53.16 2.18 -25.20
C MET D 469 -53.39 2.24 -26.71
N THR D 470 -54.64 2.23 -27.15
CA THR D 470 -54.94 2.41 -28.57
C THR D 470 -54.60 3.84 -29.03
N ILE D 471 -55.05 4.84 -28.28
CA ILE D 471 -54.84 6.24 -28.70
C ILE D 471 -53.38 6.63 -28.60
N LEU D 472 -52.66 6.06 -27.65
CA LEU D 472 -51.26 6.33 -27.45
C LEU D 472 -50.44 5.60 -28.50
N GLU D 473 -50.74 4.32 -28.72
CA GLU D 473 -50.20 3.61 -29.87
C GLU D 473 -50.50 4.34 -31.16
N LYS D 474 -51.58 5.12 -31.20
CA LYS D 474 -51.81 6.03 -32.30
C LYS D 474 -51.03 7.32 -32.15
N CYS D 475 -50.59 7.63 -30.94
CA CYS D 475 -49.69 8.73 -30.78
C CYS D 475 -48.31 8.36 -31.30
N PHE D 476 -47.99 7.10 -31.37
CA PHE D 476 -46.73 6.70 -31.96
C PHE D 476 -46.81 6.22 -33.39
N LYS D 477 -47.82 5.46 -33.76
CA LYS D 477 -48.04 5.32 -35.18
C LYS D 477 -48.12 6.69 -35.82
N VAL D 478 -48.88 7.60 -35.22
CA VAL D 478 -49.08 8.91 -35.82
C VAL D 478 -47.96 9.91 -35.44
N PHE D 479 -47.43 9.97 -34.20
CA PHE D 479 -46.31 10.91 -33.91
C PHE D 479 -44.96 10.35 -34.30
N LYS D 480 -44.72 9.05 -34.13
CA LYS D 480 -43.63 8.46 -34.86
C LYS D 480 -43.86 8.57 -36.35
N SER D 481 -45.10 8.76 -36.80
CA SER D 481 -45.28 9.17 -38.19
C SER D 481 -44.79 10.59 -38.42
N TYR D 482 -44.97 11.47 -37.43
CA TYR D 482 -44.46 12.83 -37.58
C TYR D 482 -42.94 12.84 -37.61
N CYS D 483 -42.32 12.15 -36.65
CA CYS D 483 -40.87 12.05 -36.58
C CYS D 483 -40.30 11.09 -37.61
N GLU D 484 -41.16 10.25 -38.20
CA GLU D 484 -40.83 9.49 -39.41
C GLU D 484 -40.98 10.36 -40.65
N ASN D 485 -42.03 11.18 -40.69
CA ASN D 485 -42.28 12.08 -41.82
C ASN D 485 -42.28 13.54 -41.41
N HIS D 486 -43.23 13.96 -40.57
CA HIS D 486 -43.52 15.39 -40.45
C HIS D 486 -42.33 16.18 -39.90
N LEU D 487 -41.52 15.60 -39.02
CA LEU D 487 -40.47 16.36 -38.37
C LEU D 487 -39.18 15.54 -38.29
N GLY D 488 -38.06 16.21 -38.55
CA GLY D 488 -36.79 15.49 -38.70
C GLY D 488 -36.17 15.03 -37.40
N SER D 489 -36.22 15.87 -36.36
CA SER D 489 -35.53 15.56 -35.09
C SER D 489 -35.97 14.21 -34.54
N THR D 490 -35.10 13.29 -34.07
CA THR D 490 -33.62 13.35 -33.98
C THR D 490 -33.13 14.09 -32.73
N ALA D 491 -34.05 14.57 -31.89
CA ALA D 491 -33.63 15.22 -30.65
C ALA D 491 -33.10 14.24 -29.60
N LYS D 492 -33.18 12.92 -29.85
CA LYS D 492 -32.72 11.86 -28.96
C LYS D 492 -33.63 11.67 -27.76
N ARG D 493 -34.41 12.69 -27.43
CA ARG D 493 -35.45 12.51 -26.44
C ARG D 493 -36.63 11.81 -27.08
N ILE D 494 -37.05 12.30 -28.25
CA ILE D 494 -38.12 11.65 -29.01
C ILE D 494 -37.88 10.15 -29.07
N GLU D 495 -36.69 9.75 -29.55
CA GLU D 495 -36.39 8.34 -29.65
C GLU D 495 -36.62 7.61 -28.33
N GLU D 496 -36.20 8.21 -27.22
CA GLU D 496 -36.39 7.57 -25.93
C GLU D 496 -37.88 7.37 -25.63
N PHE D 497 -38.68 8.42 -25.76
CA PHE D 497 -40.13 8.26 -25.66
C PHE D 497 -40.57 7.09 -26.53
N LEU D 498 -40.25 7.17 -27.82
CA LEU D 498 -40.66 6.21 -28.82
C LEU D 498 -40.44 4.78 -28.35
N ALA D 499 -39.20 4.46 -27.95
CA ALA D 499 -38.90 3.15 -27.41
C ALA D 499 -39.78 2.82 -26.22
N GLN D 500 -39.96 3.79 -25.31
CA GLN D 500 -40.81 3.56 -24.15
C GLN D 500 -42.19 3.04 -24.59
N PHE D 501 -42.81 3.70 -25.58
CA PHE D 501 -44.19 3.33 -25.91
C PHE D 501 -44.26 2.04 -26.74
N GLN D 502 -43.29 1.77 -27.61
CA GLN D 502 -43.23 0.42 -28.17
C GLN D 502 -43.20 -0.63 -27.06
N SER D 503 -42.37 -0.42 -26.05
CA SER D 503 -42.26 -1.40 -24.97
C SER D 503 -43.61 -1.61 -24.29
N LEU D 504 -44.36 -0.53 -24.03
CA LEU D 504 -45.69 -0.73 -23.45
C LEU D 504 -46.56 -1.57 -24.37
N ASP D 505 -46.58 -1.24 -25.66
CA ASP D 505 -47.39 -2.00 -26.60
C ASP D 505 -47.14 -3.50 -26.46
N ALA D 506 -45.88 -3.87 -26.27
CA ALA D 506 -45.51 -5.27 -26.05
C ALA D 506 -46.20 -5.82 -24.81
N LYS D 548 -50.00 1.65 -16.03
CA LYS D 548 -50.50 2.74 -15.21
C LYS D 548 -49.37 3.70 -14.85
N PHE D 549 -48.59 3.37 -13.81
CA PHE D 549 -47.36 4.10 -13.59
C PHE D 549 -46.46 4.02 -14.80
N GLU D 550 -46.78 3.14 -15.75
CA GLU D 550 -46.25 3.26 -17.10
C GLU D 550 -46.90 4.41 -17.84
N VAL D 551 -48.24 4.50 -17.79
CA VAL D 551 -48.91 5.63 -18.42
C VAL D 551 -48.61 6.91 -17.65
N LEU D 552 -48.34 6.82 -16.36
CA LEU D 552 -48.00 8.00 -15.57
C LEU D 552 -46.51 8.31 -15.55
N ARG D 553 -45.65 7.38 -15.94
CA ARG D 553 -44.28 7.76 -16.23
C ARG D 553 -44.09 8.17 -17.67
N GLU D 554 -45.02 7.83 -18.55
CA GLU D 554 -45.03 8.37 -19.90
C GLU D 554 -45.64 9.75 -19.91
N ASN D 555 -46.74 9.88 -19.18
CA ASN D 555 -47.33 11.18 -18.99
C ASN D 555 -46.41 12.05 -18.14
N VAL D 556 -45.84 11.48 -17.06
CA VAL D 556 -44.85 12.24 -16.30
C VAL D 556 -43.64 12.49 -17.16
N VAL D 557 -43.35 11.57 -18.06
CA VAL D 557 -42.47 11.90 -19.17
C VAL D 557 -43.12 13.00 -20.02
N ASN D 558 -44.42 12.89 -20.28
CA ASN D 558 -45.11 14.02 -20.89
C ASN D 558 -45.24 15.22 -19.95
N PHE D 559 -44.92 15.03 -18.66
CA PHE D 559 -45.02 16.09 -17.66
C PHE D 559 -43.66 16.73 -17.47
N ILE D 560 -42.74 16.01 -16.81
CA ILE D 560 -41.42 16.56 -16.55
C ILE D 560 -40.56 16.56 -17.81
N ASP D 561 -40.57 15.48 -18.58
CA ASP D 561 -39.72 15.43 -19.78
C ASP D 561 -40.27 16.24 -20.94
N CYS D 562 -41.59 16.52 -20.97
CA CYS D 562 -42.19 17.30 -22.05
C CYS D 562 -42.77 18.62 -21.53
N LEU D 563 -43.92 18.60 -20.85
CA LEU D 563 -44.60 19.85 -20.49
C LEU D 563 -43.71 20.74 -19.62
N VAL D 564 -43.16 20.19 -18.54
CA VAL D 564 -42.16 20.94 -17.78
C VAL D 564 -41.07 21.44 -18.69
N ARG D 565 -40.45 20.53 -19.45
CA ARG D 565 -39.26 20.89 -20.25
C ARG D 565 -39.67 21.38 -21.64
N GLU D 566 -40.21 20.48 -22.47
CA GLU D 566 -40.24 20.72 -23.91
C GLU D 566 -41.38 21.61 -24.39
N TYR D 567 -42.49 21.72 -23.64
CA TYR D 567 -43.64 22.49 -24.08
C TYR D 567 -43.60 23.95 -23.67
N LEU D 568 -42.51 24.43 -23.08
CA LEU D 568 -42.60 25.52 -22.13
C LEU D 568 -43.07 26.82 -22.79
N LEU D 569 -43.12 27.84 -21.96
CA LEU D 569 -43.86 29.07 -22.16
C LEU D 569 -43.32 29.94 -23.28
N PRO D 570 -43.93 31.09 -23.55
CA PRO D 570 -43.25 32.17 -24.28
C PRO D 570 -42.28 32.97 -23.42
N PRO D 571 -42.72 33.50 -22.26
CA PRO D 571 -41.79 34.36 -21.50
C PRO D 571 -40.71 33.56 -20.81
N GLU D 572 -41.02 32.34 -20.38
CA GLU D 572 -39.95 31.40 -20.05
C GLU D 572 -39.65 30.71 -21.35
N THR D 573 -38.57 31.15 -21.96
CA THR D 573 -38.04 30.70 -23.23
C THR D 573 -36.65 31.27 -23.25
N GLN D 574 -35.97 31.06 -24.34
CA GLN D 574 -34.63 31.51 -24.44
C GLN D 574 -34.53 33.02 -24.49
N PRO D 575 -33.31 33.52 -24.45
CA PRO D 575 -33.07 34.92 -24.79
C PRO D 575 -33.66 35.25 -26.15
N LEU D 576 -34.00 36.53 -26.33
CA LEU D 576 -34.40 37.04 -27.63
C LEU D 576 -35.72 36.44 -28.08
N HIS D 577 -36.58 36.04 -27.14
CA HIS D 577 -37.90 35.59 -27.56
C HIS D 577 -38.71 36.71 -28.18
N GLU D 578 -38.22 37.95 -28.12
CA GLU D 578 -38.80 39.02 -28.90
C GLU D 578 -38.39 38.88 -30.37
N VAL D 579 -39.20 39.50 -31.22
CA VAL D 579 -38.87 39.74 -32.63
C VAL D 579 -39.01 38.50 -33.49
N VAL D 580 -38.91 37.32 -32.89
CA VAL D 580 -39.47 36.12 -33.49
C VAL D 580 -40.93 35.95 -33.06
N TYR D 581 -41.20 36.26 -31.79
CA TYR D 581 -42.54 36.37 -31.26
C TYR D 581 -42.90 37.85 -31.18
N PHE D 582 -44.05 38.23 -31.74
CA PHE D 582 -44.38 39.63 -32.00
C PHE D 582 -45.35 40.19 -30.95
N SER D 583 -44.89 41.21 -30.22
CA SER D 583 -45.72 42.00 -29.30
C SER D 583 -46.45 43.11 -30.03
N ALA D 584 -46.95 44.11 -29.29
CA ALA D 584 -47.57 45.29 -29.88
C ALA D 584 -48.87 44.98 -30.61
N ALA D 585 -49.77 44.28 -29.92
CA ALA D 585 -51.11 44.04 -30.45
C ALA D 585 -51.89 45.34 -30.62
N HIS D 586 -51.81 46.23 -29.63
CA HIS D 586 -52.75 47.33 -29.54
C HIS D 586 -52.84 48.10 -30.84
N ALA D 587 -51.69 48.47 -31.41
CA ALA D 587 -51.73 49.29 -32.61
C ALA D 587 -52.44 48.56 -33.73
N LEU D 588 -52.23 47.25 -33.86
CA LEU D 588 -52.97 46.48 -34.85
C LEU D 588 -54.47 46.53 -34.55
N ARG D 589 -54.84 46.25 -33.30
CA ARG D 589 -56.26 46.33 -32.93
C ARG D 589 -56.85 47.70 -33.24
N GLU D 590 -56.05 48.76 -33.13
CA GLU D 590 -56.50 50.06 -33.60
C GLU D 590 -56.62 50.07 -35.11
N HIS D 591 -55.70 49.39 -35.81
CA HIS D 591 -55.58 49.46 -37.27
C HIS D 591 -56.31 48.34 -38.00
N LEU D 592 -56.98 47.43 -37.29
CA LEU D 592 -57.79 46.40 -37.94
C LEU D 592 -59.16 46.28 -37.30
N ASN D 593 -59.19 45.91 -36.02
CA ASN D 593 -60.45 45.68 -35.35
C ASN D 593 -61.41 46.84 -35.56
N ALA D 594 -60.90 48.03 -35.87
CA ALA D 594 -61.73 49.17 -36.17
C ALA D 594 -62.66 49.48 -34.98
N ALA D 595 -62.05 50.04 -33.94
CA ALA D 595 -62.79 50.38 -32.74
C ALA D 595 -62.80 51.89 -32.57
N PRO D 596 -63.53 52.61 -33.44
CA PRO D 596 -63.58 54.08 -33.30
C PRO D 596 -64.38 54.54 -32.10
N ARG D 597 -65.46 53.83 -31.74
CA ARG D 597 -66.32 54.30 -30.67
C ARG D 597 -65.74 54.04 -29.28
N ILE D 598 -64.72 53.19 -29.15
CA ILE D 598 -63.99 53.11 -27.88
C ILE D 598 -63.23 54.42 -27.65
N ALA D 599 -62.39 54.79 -28.61
CA ALA D 599 -61.64 56.03 -28.52
C ALA D 599 -62.56 57.24 -28.47
N LEU D 600 -63.68 57.18 -29.19
CA LEU D 600 -64.62 58.29 -29.22
C LEU D 600 -65.31 58.37 -27.87
N HIS D 601 -66.07 57.35 -27.50
CA HIS D 601 -66.75 57.34 -26.21
C HIS D 601 -65.81 57.80 -25.09
N THR D 602 -64.73 57.06 -24.87
CA THR D 602 -63.81 57.42 -23.79
C THR D 602 -63.21 58.81 -23.97
N ALA D 603 -63.13 59.32 -25.21
CA ALA D 603 -62.55 60.65 -25.42
C ALA D 603 -63.54 61.76 -25.09
N LEU D 604 -64.77 61.63 -25.58
CA LEU D 604 -65.80 62.64 -25.37
C LEU D 604 -66.24 62.65 -23.91
N ASN D 605 -66.42 61.46 -23.33
CA ASN D 605 -66.46 61.32 -21.88
C ASN D 605 -65.19 61.89 -21.26
N ASN D 606 -64.06 61.24 -21.53
CA ASN D 606 -62.80 61.63 -20.92
C ASN D 606 -61.68 61.71 -21.97
N PRO D 628 -62.29 71.78 -22.32
CA PRO D 628 -63.20 70.65 -22.36
C PRO D 628 -64.64 71.06 -22.65
N ASP D 629 -64.82 72.06 -23.51
CA ASP D 629 -66.15 72.56 -23.81
C ASP D 629 -66.96 71.57 -24.63
N ILE D 630 -66.31 70.79 -25.49
CA ILE D 630 -67.00 69.66 -26.11
C ILE D 630 -67.05 68.48 -25.16
N CYS D 631 -66.05 68.33 -24.30
CA CYS D 631 -66.12 67.32 -23.24
C CYS D 631 -67.30 67.62 -22.32
N ILE D 632 -67.40 68.85 -21.83
CA ILE D 632 -68.54 69.25 -21.03
C ILE D 632 -69.82 69.21 -21.86
N ALA D 633 -69.71 69.48 -23.17
CA ALA D 633 -70.88 69.41 -24.03
C ALA D 633 -71.45 68.00 -24.05
N TYR D 634 -70.60 67.01 -24.27
CA TYR D 634 -71.02 65.61 -24.20
C TYR D 634 -71.46 65.23 -22.80
N LYS D 635 -70.93 65.89 -21.76
CA LYS D 635 -71.45 65.69 -20.42
C LYS D 635 -72.90 66.14 -20.31
N LEU D 636 -73.25 67.27 -20.93
CA LEU D 636 -74.64 67.75 -20.91
C LEU D 636 -75.53 66.84 -21.73
N HIS D 637 -75.10 66.58 -22.97
CA HIS D 637 -75.77 65.63 -23.85
C HIS D 637 -75.94 64.27 -23.19
N LEU D 638 -75.15 63.98 -22.15
CA LEU D 638 -75.45 62.86 -21.26
C LEU D 638 -76.47 63.25 -20.19
N GLU D 639 -76.41 64.49 -19.68
CA GLU D 639 -77.05 64.84 -18.43
C GLU D 639 -78.56 65.06 -18.54
N CYS D 640 -79.00 65.88 -19.50
CA CYS D 640 -80.21 66.65 -19.26
C CYS D 640 -81.41 65.77 -18.90
N SER D 641 -82.07 65.14 -19.88
CA SER D 641 -82.90 63.99 -19.53
C SER D 641 -82.89 62.90 -20.60
N ARG D 642 -83.72 63.09 -21.63
CA ARG D 642 -83.78 62.25 -22.83
C ARG D 642 -83.87 63.16 -24.04
N LEU D 643 -85.01 63.83 -24.15
CA LEU D 643 -85.23 64.90 -25.10
C LEU D 643 -85.11 66.22 -24.36
N ILE D 644 -84.42 67.18 -24.96
CA ILE D 644 -84.05 68.40 -24.29
C ILE D 644 -84.53 69.56 -25.15
N ASN D 645 -85.48 70.33 -24.63
CA ASN D 645 -86.07 71.43 -25.40
C ASN D 645 -85.10 72.58 -25.56
N LEU D 646 -84.91 73.03 -26.81
CA LEU D 646 -83.94 74.07 -27.10
C LEU D 646 -84.28 75.41 -26.46
N VAL D 647 -85.54 75.61 -26.03
CA VAL D 647 -85.83 76.78 -25.20
C VAL D 647 -85.13 76.64 -23.86
N ASP D 648 -85.45 75.58 -23.11
CA ASP D 648 -84.75 75.24 -21.87
C ASP D 648 -83.62 74.24 -22.08
N TRP D 649 -83.22 73.98 -23.33
CA TRP D 649 -81.89 73.41 -23.56
C TRP D 649 -80.90 74.52 -23.88
N SER D 650 -81.16 75.36 -24.88
CA SER D 650 -80.34 76.57 -24.99
C SER D 650 -80.29 77.30 -23.66
N GLU D 651 -81.43 77.36 -22.95
CA GLU D 651 -81.46 77.95 -21.61
C GLU D 651 -81.07 76.99 -20.49
N ALA D 652 -81.12 75.67 -20.66
CA ALA D 652 -80.57 74.84 -19.60
C ALA D 652 -79.05 74.82 -19.67
N PHE D 653 -78.54 74.74 -20.90
CA PHE D 653 -77.13 74.97 -21.20
C PHE D 653 -76.70 76.40 -20.91
N ALA D 654 -77.65 77.35 -20.81
CA ALA D 654 -77.31 78.65 -20.25
C ALA D 654 -77.49 78.72 -18.73
N THR D 655 -78.26 77.80 -18.13
CA THR D 655 -78.25 77.65 -16.67
C THR D 655 -77.06 76.81 -16.24
N VAL D 656 -76.86 75.67 -16.91
CA VAL D 656 -75.71 74.82 -16.64
C VAL D 656 -74.43 75.48 -17.16
N VAL D 657 -74.47 75.98 -18.38
CA VAL D 657 -73.29 76.56 -19.01
C VAL D 657 -73.56 78.00 -19.48
N ILE D 676 -70.13 83.66 -26.92
CA ILE D 676 -69.14 82.65 -27.30
C ILE D 676 -69.51 81.31 -26.69
N ILE D 677 -70.27 81.35 -25.59
CA ILE D 677 -70.49 80.15 -24.79
C ILE D 677 -71.39 79.16 -25.55
N HIS D 678 -72.26 79.64 -26.43
CA HIS D 678 -73.20 78.77 -27.12
C HIS D 678 -72.62 78.12 -28.38
N ALA D 679 -71.87 78.87 -29.19
CA ALA D 679 -71.50 78.38 -30.51
C ALA D 679 -70.74 77.06 -30.46
N ARG D 680 -69.93 76.86 -29.41
CA ARG D 680 -69.20 75.59 -29.30
C ARG D 680 -70.12 74.43 -28.95
N PHE D 681 -71.29 74.70 -28.36
CA PHE D 681 -72.27 73.63 -28.17
C PHE D 681 -73.17 73.43 -29.39
N ILE D 682 -73.40 74.48 -30.20
CA ILE D 682 -74.11 74.25 -31.46
C ILE D 682 -73.21 73.48 -32.39
N ARG D 683 -71.89 73.67 -32.28
CA ARG D 683 -70.99 72.86 -33.08
C ARG D 683 -70.67 71.50 -32.44
N ALA D 684 -70.59 71.45 -31.11
CA ALA D 684 -70.58 70.15 -30.45
C ALA D 684 -71.79 69.36 -30.91
N VAL D 685 -72.92 70.04 -31.10
CA VAL D 685 -74.17 69.39 -31.43
C VAL D 685 -74.26 69.05 -32.91
N SER D 686 -73.81 69.94 -33.79
CA SER D 686 -73.84 69.63 -35.20
C SER D 686 -72.77 68.61 -35.59
N GLU D 687 -71.65 68.59 -34.85
CA GLU D 687 -70.71 67.49 -34.95
C GLU D 687 -71.34 66.20 -34.43
N LEU D 688 -71.84 66.26 -33.20
CA LEU D 688 -72.58 65.15 -32.61
C LEU D 688 -73.70 64.68 -33.56
N GLU D 689 -74.16 65.55 -34.48
CA GLU D 689 -74.91 65.08 -35.65
C GLU D 689 -73.99 64.34 -36.60
N LEU D 690 -72.90 64.99 -37.00
CA LEU D 690 -71.95 64.39 -37.94
C LEU D 690 -71.26 63.18 -37.30
N LEU D 691 -70.65 63.38 -36.13
CA LEU D 691 -70.22 62.25 -35.31
C LEU D 691 -71.34 61.23 -35.16
N GLY D 692 -72.56 61.70 -34.91
CA GLY D 692 -73.69 60.84 -34.68
C GLY D 692 -74.03 60.62 -33.22
N PHE D 693 -73.34 61.31 -32.31
CA PHE D 693 -73.72 61.23 -30.91
C PHE D 693 -75.03 61.94 -30.63
N ILE D 694 -75.54 62.70 -31.59
CA ILE D 694 -76.92 63.14 -31.57
C ILE D 694 -77.47 63.15 -32.99
N LYS D 695 -78.67 63.69 -33.15
CA LYS D 695 -79.28 63.88 -34.46
C LYS D 695 -80.04 65.19 -34.53
N PRO D 696 -80.19 65.78 -35.75
CA PRO D 696 -81.06 66.96 -35.87
C PRO D 696 -82.54 66.60 -36.03
N THR D 697 -83.23 66.40 -34.91
CA THR D 697 -84.47 65.62 -34.85
C THR D 697 -85.69 66.49 -34.75
N LYS D 698 -86.78 66.06 -35.39
CA LYS D 698 -88.06 66.74 -35.35
C LYS D 698 -89.03 66.18 -34.31
N GLN D 699 -88.63 65.16 -33.53
CA GLN D 699 -89.55 64.60 -32.55
C GLN D 699 -90.08 65.66 -31.60
N LYS D 700 -89.40 66.79 -31.48
CA LYS D 700 -89.90 67.93 -30.75
C LYS D 700 -89.24 69.18 -31.33
N THR D 701 -89.91 70.32 -31.21
CA THR D 701 -89.48 71.51 -31.95
C THR D 701 -88.10 71.93 -31.48
N ASP D 702 -87.17 72.07 -32.42
CA ASP D 702 -85.81 72.50 -32.12
C ASP D 702 -85.19 71.56 -31.08
N HIS D 703 -84.91 70.34 -31.54
CA HIS D 703 -84.37 69.31 -30.65
C HIS D 703 -83.22 68.56 -31.28
N VAL D 704 -82.44 67.96 -30.40
CA VAL D 704 -81.28 67.18 -30.74
C VAL D 704 -81.36 65.89 -29.93
N ALA D 705 -81.52 64.75 -30.62
CA ALA D 705 -81.76 63.47 -29.98
C ALA D 705 -80.91 62.40 -30.65
N ARG D 706 -80.29 61.56 -29.84
CA ARG D 706 -79.28 60.63 -30.30
C ARG D 706 -79.86 59.31 -30.83
N LEU D 707 -79.28 58.84 -31.93
CA LEU D 707 -79.44 57.43 -32.33
C LEU D 707 -78.59 56.51 -31.50
N THR D 708 -77.39 56.94 -31.18
CA THR D 708 -76.47 56.12 -30.41
C THR D 708 -76.92 56.04 -28.95
N TRP D 709 -76.60 54.92 -28.33
CA TRP D 709 -77.05 54.67 -26.97
C TRP D 709 -76.06 55.26 -25.96
N SER E 54 -30.37 8.99 -96.53
CA SER E 54 -31.71 9.54 -96.40
C SER E 54 -32.24 9.34 -94.99
N ALA E 55 -31.68 8.36 -94.29
CA ALA E 55 -32.25 7.90 -93.03
C ALA E 55 -31.84 8.81 -91.87
N GLU E 56 -30.59 9.23 -91.84
CA GLU E 56 -30.00 9.74 -90.62
C GLU E 56 -30.66 11.05 -90.19
N LEU E 57 -30.79 11.98 -91.14
CA LEU E 57 -31.04 13.38 -90.81
C LEU E 57 -32.28 13.55 -89.94
N LYS E 58 -33.34 12.81 -90.26
CA LYS E 58 -34.59 13.02 -89.55
C LYS E 58 -34.35 12.95 -88.06
N GLN E 59 -33.62 11.93 -87.61
CA GLN E 59 -33.41 11.77 -86.17
C GLN E 59 -32.82 13.03 -85.56
N LEU E 60 -31.85 13.64 -86.22
CA LEU E 60 -31.25 14.85 -85.67
C LEU E 60 -32.26 16.00 -85.66
N ASN E 61 -32.95 16.22 -86.78
CA ASN E 61 -34.00 17.23 -86.77
C ASN E 61 -35.05 16.92 -85.71
N GLN E 62 -35.14 15.66 -85.29
CA GLN E 62 -36.01 15.31 -84.17
C GLN E 62 -35.37 15.65 -82.82
N GLN E 63 -34.07 15.36 -82.64
CA GLN E 63 -33.43 15.60 -81.36
C GLN E 63 -33.50 17.07 -80.96
N TYR E 64 -33.19 17.98 -81.89
CA TYR E 64 -33.25 19.39 -81.56
C TYR E 64 -34.64 19.79 -81.08
N GLU E 65 -35.67 19.07 -81.51
CA GLU E 65 -37.02 19.43 -81.09
C GLU E 65 -37.20 19.33 -79.58
N LYS E 66 -36.41 18.47 -78.91
CA LYS E 66 -36.57 18.35 -77.47
C LYS E 66 -36.06 19.60 -76.75
N LEU E 67 -35.06 20.29 -77.32
CA LEU E 67 -34.66 21.56 -76.75
C LEU E 67 -35.75 22.61 -76.91
N PHE E 68 -36.68 22.36 -77.82
CA PHE E 68 -37.62 23.39 -78.23
C PHE E 68 -38.34 24.04 -77.06
N HIS E 69 -39.13 23.26 -76.30
CA HIS E 69 -39.79 23.82 -75.14
C HIS E 69 -38.81 24.59 -74.27
N LYS E 70 -37.61 24.03 -74.08
CA LYS E 70 -36.58 24.72 -73.32
C LYS E 70 -36.29 26.09 -73.93
N TRP E 71 -36.11 26.12 -75.25
CA TRP E 71 -35.94 27.40 -75.93
C TRP E 71 -37.11 28.33 -75.65
N MET E 72 -38.34 27.81 -75.70
CA MET E 72 -39.49 28.62 -75.34
C MET E 72 -39.25 29.29 -73.99
N LEU E 73 -38.81 28.51 -73.01
CA LEU E 73 -38.51 29.07 -71.70
C LEU E 73 -37.37 30.08 -71.80
N GLN E 74 -36.31 29.75 -72.52
CA GLN E 74 -35.26 30.72 -72.80
C GLN E 74 -35.84 31.97 -73.41
N LEU E 75 -36.74 31.80 -74.38
CA LEU E 75 -37.37 32.94 -75.01
C LEU E 75 -38.10 33.79 -73.98
N HIS E 76 -38.65 33.17 -72.94
CA HIS E 76 -39.28 33.96 -71.88
C HIS E 76 -38.24 34.77 -71.11
N LEU E 77 -37.03 34.22 -70.94
CA LEU E 77 -36.03 34.85 -70.10
C LEU E 77 -35.29 36.00 -70.76
N GLY E 78 -35.55 36.28 -72.03
CA GLY E 78 -34.97 37.42 -72.70
C GLY E 78 -33.78 37.13 -73.57
N PHE E 79 -33.48 35.86 -73.82
CA PHE E 79 -32.37 35.48 -74.67
C PHE E 79 -32.92 35.03 -76.01
N ASN E 80 -32.02 34.79 -76.97
CA ASN E 80 -32.45 34.50 -78.32
C ASN E 80 -31.57 33.42 -78.93
N ILE E 81 -32.19 32.30 -79.31
CA ILE E 81 -31.43 31.13 -79.70
C ILE E 81 -30.86 31.30 -81.10
N VAL E 82 -29.86 30.48 -81.40
CA VAL E 82 -29.02 30.59 -82.58
C VAL E 82 -28.62 29.19 -83.01
N LEU E 83 -28.58 28.98 -84.32
CA LEU E 83 -28.28 27.68 -84.90
C LEU E 83 -27.11 27.87 -85.85
N TYR E 84 -25.93 27.30 -85.51
CA TYR E 84 -24.82 27.21 -86.46
C TYR E 84 -24.80 25.78 -86.96
N GLY E 85 -25.30 25.59 -88.18
CA GLY E 85 -25.35 24.29 -88.81
C GLY E 85 -24.36 24.15 -89.95
N LEU E 86 -24.21 22.89 -90.39
CA LEU E 86 -23.62 22.62 -91.68
C LEU E 86 -24.67 22.75 -92.78
N GLY E 87 -25.91 22.36 -92.49
CA GLY E 87 -26.99 22.33 -93.45
C GLY E 87 -28.06 23.36 -93.16
N SER E 88 -29.22 23.16 -93.78
CA SER E 88 -30.34 24.06 -93.60
C SER E 88 -31.27 23.56 -92.52
N LYS E 89 -31.77 24.48 -91.71
CA LYS E 89 -32.71 24.18 -90.66
C LYS E 89 -34.14 24.36 -91.11
N ARG E 90 -34.36 24.61 -92.40
CA ARG E 90 -35.71 24.81 -92.91
C ARG E 90 -36.67 23.76 -92.41
N ASP E 91 -36.35 22.51 -92.65
CA ASP E 91 -37.26 21.50 -92.17
C ASP E 91 -37.32 21.55 -90.65
N LEU E 92 -36.24 21.97 -90.00
CA LEU E 92 -36.24 22.13 -88.56
C LEU E 92 -36.76 23.49 -88.09
N LEU E 93 -36.57 24.57 -88.86
CA LEU E 93 -37.07 25.88 -88.46
C LEU E 93 -38.54 26.04 -88.84
N GLU E 94 -38.92 25.43 -89.95
CA GLU E 94 -40.30 25.26 -90.37
C GLU E 94 -41.00 24.17 -89.59
N ARG E 95 -40.27 23.20 -89.04
CA ARG E 95 -40.88 22.35 -88.02
C ARG E 95 -40.97 23.07 -86.69
N PHE E 96 -40.04 24.00 -86.45
CA PHE E 96 -40.19 24.90 -85.32
C PHE E 96 -41.40 25.80 -85.51
N ARG E 97 -41.77 26.07 -86.77
CA ARG E 97 -43.00 26.79 -87.06
C ARG E 97 -44.22 25.88 -86.98
N THR E 98 -44.10 24.63 -87.43
CA THR E 98 -45.20 23.68 -87.33
C THR E 98 -45.28 23.03 -85.96
N THR E 99 -44.17 22.95 -85.22
CA THR E 99 -44.17 22.32 -83.91
C THR E 99 -44.22 23.35 -82.79
N MET E 100 -43.20 24.21 -82.70
CA MET E 100 -43.09 25.14 -81.56
C MET E 100 -43.85 26.44 -81.75
N LEU E 101 -43.35 27.29 -82.63
CA LEU E 101 -43.97 28.58 -82.87
C LEU E 101 -45.48 28.37 -83.00
N GLN E 102 -45.89 27.76 -84.11
CA GLN E 102 -47.29 27.40 -84.30
C GLN E 102 -48.20 28.59 -83.97
N ASP E 103 -49.07 28.45 -82.97
CA ASP E 103 -49.70 29.60 -82.30
C ASP E 103 -50.07 30.68 -83.31
N SER E 104 -49.70 31.93 -83.03
CA SER E 104 -49.87 33.03 -83.97
C SER E 104 -48.67 33.94 -83.83
N ILE E 105 -48.72 35.08 -84.52
CA ILE E 105 -47.72 36.13 -84.37
C ILE E 105 -46.33 35.49 -84.53
N HIS E 106 -46.12 34.84 -85.66
CA HIS E 106 -44.78 34.38 -86.03
C HIS E 106 -44.40 35.02 -87.34
N VAL E 107 -43.42 35.88 -87.27
CA VAL E 107 -42.94 36.63 -88.40
C VAL E 107 -41.76 35.89 -89.00
N VAL E 108 -41.77 35.76 -90.32
CA VAL E 108 -40.78 34.97 -91.03
C VAL E 108 -40.21 35.84 -92.12
N ILE E 109 -38.91 36.07 -92.07
CA ILE E 109 -38.19 36.78 -93.11
C ILE E 109 -36.92 35.99 -93.42
N ASN E 110 -36.84 35.50 -94.64
CA ASN E 110 -35.68 34.75 -95.10
C ASN E 110 -34.61 35.70 -95.62
N GLY E 111 -33.41 35.63 -95.04
CA GLY E 111 -32.36 36.54 -95.42
C GLY E 111 -31.72 36.17 -96.74
N PHE E 112 -31.72 34.89 -97.10
CA PHE E 112 -31.35 34.47 -98.44
C PHE E 112 -32.37 34.94 -99.49
N PHE E 113 -33.60 35.28 -99.08
CA PHE E 113 -34.48 36.04 -99.95
C PHE E 113 -33.91 37.43 -100.09
N PRO E 114 -33.49 37.86 -101.29
CA PRO E 114 -33.15 39.27 -101.46
C PRO E 114 -34.37 40.17 -101.41
N GLY E 115 -35.57 39.61 -101.60
CA GLY E 115 -36.73 40.45 -101.81
C GLY E 115 -37.06 41.30 -100.60
N ILE E 116 -37.15 40.67 -99.43
CA ILE E 116 -37.52 41.41 -98.24
C ILE E 116 -36.38 42.34 -97.84
N SER E 117 -36.74 43.46 -97.22
CA SER E 117 -35.79 44.49 -96.84
C SER E 117 -36.10 44.96 -95.44
N VAL E 118 -35.08 45.44 -94.72
CA VAL E 118 -35.25 45.76 -93.31
C VAL E 118 -36.37 46.77 -93.14
N LYS E 119 -36.48 47.70 -94.08
CA LYS E 119 -37.63 48.60 -94.07
C LYS E 119 -38.90 47.82 -94.38
N SER E 120 -38.84 46.91 -95.36
CA SER E 120 -39.95 46.02 -95.66
C SER E 120 -39.99 44.82 -94.74
N VAL E 121 -38.98 44.68 -93.87
CA VAL E 121 -39.07 43.75 -92.75
C VAL E 121 -39.94 44.33 -91.67
N LEU E 122 -39.71 45.60 -91.37
CA LEU E 122 -40.50 46.24 -90.32
C LEU E 122 -41.89 46.53 -90.82
N ASN E 123 -42.07 46.68 -92.12
CA ASN E 123 -43.40 46.68 -92.69
C ASN E 123 -44.01 45.28 -92.64
N SER E 124 -43.27 44.27 -93.13
CA SER E 124 -43.80 42.91 -93.16
C SER E 124 -44.20 42.44 -91.77
N ILE E 125 -43.48 42.88 -90.75
CA ILE E 125 -43.92 42.66 -89.37
C ILE E 125 -45.09 43.56 -89.05
N THR E 126 -44.99 44.85 -89.41
CA THR E 126 -45.97 45.85 -89.01
C THR E 126 -47.19 45.92 -89.93
N GLU E 127 -47.09 45.45 -91.17
CA GLU E 127 -48.20 45.64 -92.12
C GLU E 127 -49.29 44.61 -91.90
N GLU E 128 -48.99 43.34 -92.14
CA GLU E 128 -49.99 42.27 -92.04
C GLU E 128 -50.10 41.72 -90.62
N VAL E 129 -49.02 41.09 -90.12
CA VAL E 129 -49.12 40.35 -88.86
C VAL E 129 -49.40 41.30 -87.70
N LEU E 130 -48.58 42.34 -87.54
CA LEU E 130 -48.86 43.34 -86.52
C LEU E 130 -50.15 44.09 -86.84
N ASP E 131 -50.39 44.36 -88.12
CA ASP E 131 -51.63 44.90 -88.64
C ASP E 131 -51.82 46.38 -88.34
N HIS E 132 -50.90 47.03 -87.63
CA HIS E 132 -51.11 48.40 -87.18
C HIS E 132 -50.93 49.42 -88.32
N MET E 133 -49.86 49.30 -89.08
CA MET E 133 -49.53 50.25 -90.14
C MET E 133 -48.33 49.72 -90.91
N GLY E 134 -48.03 50.37 -92.03
CA GLY E 134 -46.69 50.31 -92.56
C GLY E 134 -45.81 51.22 -91.72
N THR E 135 -44.65 50.71 -91.35
CA THR E 135 -43.82 51.42 -90.40
C THR E 135 -43.41 52.78 -90.96
N PHE E 136 -43.50 53.81 -90.11
CA PHE E 136 -43.27 55.20 -90.49
C PHE E 136 -41.83 55.43 -90.98
N ARG E 137 -41.63 56.54 -91.69
CA ARG E 137 -40.37 56.78 -92.40
C ARG E 137 -39.11 56.48 -91.58
N SER E 138 -38.82 57.27 -90.55
CA SER E 138 -37.65 56.99 -89.72
C SER E 138 -37.92 55.75 -88.87
N ILE E 139 -37.06 54.74 -88.99
CA ILE E 139 -37.35 53.47 -88.32
C ILE E 139 -37.29 53.61 -86.80
N LEU E 140 -36.51 54.56 -86.28
CA LEU E 140 -36.52 54.79 -84.84
C LEU E 140 -37.88 55.27 -84.40
N ASP E 141 -38.52 56.10 -85.22
CA ASP E 141 -39.87 56.54 -84.93
C ASP E 141 -40.87 55.39 -85.08
N GLN E 142 -40.67 54.55 -86.11
CA GLN E 142 -41.47 53.35 -86.27
C GLN E 142 -41.53 52.55 -84.98
N LEU E 143 -40.35 52.15 -84.51
CA LEU E 143 -40.27 51.41 -83.27
C LEU E 143 -40.81 52.20 -82.10
N ASP E 144 -40.79 53.52 -82.15
CA ASP E 144 -41.40 54.25 -81.04
C ASP E 144 -42.93 54.14 -81.06
N TRP E 145 -43.56 54.08 -82.24
CA TRP E 145 -45.00 53.85 -82.29
C TRP E 145 -45.35 52.40 -81.96
N ILE E 146 -44.69 51.44 -82.63
CA ILE E 146 -44.93 50.03 -82.35
C ILE E 146 -44.67 49.73 -80.89
N VAL E 147 -43.70 50.43 -80.29
CA VAL E 147 -43.34 50.19 -78.90
C VAL E 147 -44.32 50.84 -77.95
N ASN E 148 -44.62 52.12 -78.17
CA ASN E 148 -45.66 52.75 -77.37
C ASN E 148 -46.98 52.02 -77.50
N LYS E 149 -47.13 51.18 -78.54
CA LYS E 149 -48.21 50.21 -78.56
C LYS E 149 -47.88 49.00 -77.69
N PHE E 150 -46.64 48.52 -77.77
CA PHE E 150 -46.24 47.34 -76.99
C PHE E 150 -45.99 47.68 -75.53
N LYS E 151 -45.21 48.73 -75.26
CA LYS E 151 -45.02 49.17 -73.88
C LYS E 151 -46.35 49.44 -73.20
N GLU E 152 -47.33 49.94 -73.95
CA GLU E 152 -48.67 50.13 -73.40
C GLU E 152 -49.43 48.81 -73.35
N ASP E 153 -49.45 48.07 -74.45
CA ASP E 153 -50.13 46.78 -74.51
C ASP E 153 -49.08 45.70 -74.26
N SER E 154 -49.16 45.08 -73.10
CA SER E 154 -48.08 44.22 -72.63
C SER E 154 -48.38 42.77 -72.95
N SER E 155 -47.43 41.91 -72.62
CA SER E 155 -47.64 40.47 -72.63
C SER E 155 -48.00 39.95 -74.02
N LEU E 156 -47.49 40.60 -75.07
CA LEU E 156 -47.67 40.14 -76.44
C LEU E 156 -46.33 39.64 -76.95
N GLU E 157 -46.21 38.33 -77.11
CA GLU E 157 -44.96 37.69 -77.47
C GLU E 157 -45.00 37.33 -78.96
N LEU E 158 -43.98 37.78 -79.69
CA LEU E 158 -43.92 37.64 -81.14
C LEU E 158 -42.61 36.95 -81.49
N PHE E 159 -42.70 35.74 -82.03
CA PHE E 159 -41.52 34.92 -82.29
C PHE E 159 -41.13 35.03 -83.76
N LEU E 160 -39.93 35.55 -84.02
CA LEU E 160 -39.46 35.78 -85.37
C LEU E 160 -38.28 34.85 -85.66
N LEU E 161 -38.31 34.24 -86.84
CA LEU E 161 -37.29 33.29 -87.28
C LEU E 161 -36.64 33.82 -88.56
N ILE E 162 -35.35 34.14 -88.48
CA ILE E 162 -34.60 34.66 -89.62
C ILE E 162 -33.67 33.57 -90.11
N HIS E 163 -33.83 33.17 -91.37
CA HIS E 163 -32.84 32.36 -92.06
C HIS E 163 -31.78 33.28 -92.65
N ASN E 164 -30.52 33.07 -92.27
CA ASN E 164 -29.39 33.80 -92.85
C ASN E 164 -29.50 35.30 -92.59
N LEU E 165 -29.26 35.67 -91.33
CA LEU E 165 -29.14 37.09 -91.00
C LEU E 165 -28.12 37.79 -91.89
N ASP E 166 -27.15 37.05 -92.41
CA ASP E 166 -26.04 37.64 -93.15
C ASP E 166 -26.54 38.65 -94.17
N SER E 167 -27.65 38.34 -94.82
CA SER E 167 -28.31 39.27 -95.72
C SER E 167 -27.33 39.73 -96.84
N GLN E 168 -27.33 40.95 -97.40
CA GLN E 168 -28.20 42.12 -97.20
C GLN E 168 -29.67 41.82 -97.47
N MET E 169 -30.59 42.62 -96.90
CA MET E 169 -30.37 44.00 -96.45
C MET E 169 -29.76 44.22 -95.06
N LEU E 170 -29.80 43.18 -94.22
CA LEU E 170 -29.49 43.29 -92.80
C LEU E 170 -28.05 43.68 -92.48
N ARG E 171 -27.14 43.75 -93.45
CA ARG E 171 -25.77 44.12 -93.14
C ARG E 171 -25.69 45.45 -92.40
N GLY E 172 -26.63 46.36 -92.64
CA GLY E 172 -26.55 47.71 -92.11
C GLY E 172 -26.46 47.76 -90.60
N GLU E 173 -25.50 48.52 -90.08
CA GLU E 173 -25.45 48.74 -88.63
C GLU E 173 -26.76 49.32 -88.13
N LYS E 174 -27.49 50.03 -88.99
CA LYS E 174 -28.84 50.45 -88.64
C LYS E 174 -29.79 49.26 -88.60
N SER E 175 -29.61 48.30 -89.52
CA SER E 175 -30.49 47.13 -89.54
C SER E 175 -30.37 46.32 -88.25
N GLN E 176 -29.14 46.14 -87.74
CA GLN E 176 -28.91 45.41 -86.50
C GLN E 176 -28.92 46.29 -85.26
N GLN E 177 -29.03 47.61 -85.43
CA GLN E 177 -29.49 48.44 -84.34
C GLN E 177 -31.00 48.34 -84.18
N ILE E 178 -31.70 48.05 -85.28
CA ILE E 178 -33.14 47.77 -85.25
C ILE E 178 -33.32 46.42 -84.60
N ILE E 179 -32.88 45.37 -85.29
CA ILE E 179 -32.96 44.02 -84.72
C ILE E 179 -32.33 44.02 -83.34
N GLY E 180 -31.32 44.87 -83.12
CA GLY E 180 -30.76 45.02 -81.79
C GLY E 180 -31.77 45.53 -80.78
N GLN E 181 -32.56 46.54 -81.17
CA GLN E 181 -33.57 47.07 -80.26
C GLN E 181 -34.71 46.10 -80.08
N LEU E 182 -35.31 45.65 -81.19
CA LEU E 182 -36.39 44.69 -81.18
C LEU E 182 -36.03 43.46 -80.35
N SER E 183 -35.09 42.65 -80.83
CA SER E 183 -34.67 41.49 -80.06
C SER E 183 -34.17 41.88 -78.67
N SER E 184 -33.76 43.13 -78.49
CA SER E 184 -33.55 43.63 -77.14
C SER E 184 -34.88 43.93 -76.47
N LEU E 185 -35.84 44.47 -77.24
CA LEU E 185 -37.20 44.58 -76.74
C LEU E 185 -37.76 43.19 -76.47
N HIS E 186 -38.31 43.00 -75.28
CA HIS E 186 -38.57 41.67 -74.79
C HIS E 186 -39.81 41.03 -75.42
N ASN E 187 -40.85 41.80 -75.73
CA ASN E 187 -42.08 41.22 -76.25
C ASN E 187 -41.78 40.19 -77.34
N ILE E 188 -41.15 40.62 -78.43
CA ILE E 188 -40.81 39.69 -79.50
C ILE E 188 -39.56 38.92 -79.09
N TYR E 189 -39.14 37.99 -79.93
CA TYR E 189 -38.00 37.12 -79.64
C TYR E 189 -37.44 36.63 -80.97
N LEU E 190 -36.19 36.19 -80.94
CA LEU E 190 -35.41 36.02 -82.16
C LEU E 190 -34.76 34.65 -82.19
N ILE E 191 -34.92 33.98 -83.33
CA ILE E 191 -34.22 32.76 -83.66
C ILE E 191 -33.55 33.00 -85.02
N ALA E 192 -32.22 33.06 -85.04
CA ALA E 192 -31.49 33.31 -86.26
C ALA E 192 -30.70 32.08 -86.67
N SER E 193 -30.66 31.82 -87.97
CA SER E 193 -29.78 30.83 -88.55
C SER E 193 -28.73 31.55 -89.38
N ILE E 194 -27.47 31.19 -89.15
CA ILE E 194 -26.32 31.89 -89.70
C ILE E 194 -25.56 30.94 -90.61
N ASP E 195 -24.83 31.53 -91.56
CA ASP E 195 -23.91 30.79 -92.41
C ASP E 195 -22.52 31.44 -92.43
N HIS E 196 -22.46 32.71 -92.85
CA HIS E 196 -21.19 33.39 -93.10
C HIS E 196 -20.21 33.25 -91.94
N LEU E 197 -18.98 32.84 -92.27
CA LEU E 197 -17.93 32.68 -91.27
C LEU E 197 -17.69 33.97 -90.52
N ASN E 198 -17.87 35.10 -91.19
CA ASN E 198 -17.75 36.42 -90.60
C ASN E 198 -19.07 36.92 -90.02
N ALA E 199 -20.08 36.05 -89.90
CA ALA E 199 -21.26 36.42 -89.13
C ALA E 199 -20.93 36.88 -87.71
N PRO E 200 -20.20 36.12 -86.89
CA PRO E 200 -19.82 36.66 -85.57
C PRO E 200 -19.01 37.94 -85.67
N LEU E 201 -18.40 38.18 -86.83
CA LEU E 201 -17.63 39.40 -87.08
C LEU E 201 -18.49 40.66 -86.89
N MET E 202 -19.65 40.73 -87.55
CA MET E 202 -20.42 41.97 -87.63
C MET E 202 -21.16 42.31 -86.35
N TRP E 203 -21.26 41.39 -85.40
CA TRP E 203 -21.94 41.65 -84.14
C TRP E 203 -20.92 42.23 -83.16
N ASP E 204 -21.13 43.47 -82.73
CA ASP E 204 -20.20 44.14 -81.84
C ASP E 204 -20.61 43.90 -80.39
N HIS E 205 -19.90 44.54 -79.45
CA HIS E 205 -20.26 44.42 -78.04
C HIS E 205 -21.69 44.87 -77.80
N ALA E 206 -22.02 46.09 -78.24
CA ALA E 206 -23.35 46.63 -78.01
C ALA E 206 -24.42 45.72 -78.57
N LYS E 207 -24.16 45.08 -79.71
CA LYS E 207 -25.19 44.26 -80.36
C LYS E 207 -25.28 42.87 -79.76
N GLN E 208 -24.15 42.22 -79.47
CA GLN E 208 -24.21 40.95 -78.75
C GLN E 208 -24.70 41.15 -77.31
N SER E 209 -24.78 42.38 -76.83
CA SER E 209 -25.56 42.69 -75.64
C SER E 209 -27.04 42.85 -76.00
N LEU E 210 -27.34 43.64 -77.04
CA LEU E 210 -28.71 43.82 -77.48
C LEU E 210 -29.30 42.50 -77.95
N PHE E 211 -28.50 41.71 -78.64
CA PHE E 211 -28.81 40.31 -78.90
C PHE E 211 -28.19 39.53 -77.76
N ASN E 212 -29.00 38.98 -76.87
CA ASN E 212 -28.45 38.01 -75.95
C ASN E 212 -28.63 36.67 -76.65
N TRP E 213 -27.54 36.16 -77.19
CA TRP E 213 -27.56 35.04 -78.11
C TRP E 213 -27.26 33.77 -77.35
N LEU E 214 -28.16 32.81 -77.47
CA LEU E 214 -27.89 31.44 -77.04
C LEU E 214 -27.39 30.70 -78.28
N TRP E 215 -26.10 30.36 -78.31
CA TRP E 215 -25.53 29.73 -79.50
C TRP E 215 -25.58 28.22 -79.34
N TYR E 216 -26.07 27.52 -80.35
CA TYR E 216 -26.35 26.09 -80.19
C TYR E 216 -25.61 25.27 -81.25
N GLU E 217 -25.17 24.06 -80.84
CA GLU E 217 -24.50 23.16 -81.77
C GLU E 217 -25.22 23.15 -83.11
N THR E 218 -26.45 22.64 -83.09
CA THR E 218 -27.37 22.77 -84.22
C THR E 218 -26.68 22.37 -85.51
N THR E 219 -25.79 21.38 -85.44
CA THR E 219 -25.07 21.01 -86.64
C THR E 219 -26.05 20.28 -87.54
N THR E 220 -26.35 20.88 -88.68
CA THR E 220 -27.45 20.48 -89.55
C THR E 220 -26.88 19.97 -90.85
N TYR E 221 -27.37 18.84 -91.32
CA TYR E 221 -26.88 18.25 -92.55
C TYR E 221 -27.76 18.53 -93.77
N SER E 222 -28.92 19.17 -93.60
CA SER E 222 -29.86 19.23 -94.72
C SER E 222 -29.48 20.36 -95.68
N PRO E 223 -29.67 20.15 -97.00
CA PRO E 223 -29.53 21.35 -97.83
C PRO E 223 -30.67 22.30 -97.46
N TYR E 224 -30.64 23.61 -97.72
CA TYR E 224 -29.88 24.32 -98.74
C TYR E 224 -30.41 23.85 -100.08
N THR E 225 -31.73 23.93 -100.19
CA THR E 225 -32.45 23.79 -101.46
C THR E 225 -33.15 25.08 -101.84
N GLU E 226 -34.13 25.55 -101.07
CA GLU E 226 -34.71 26.86 -101.29
C GLU E 226 -33.73 27.98 -100.94
N GLU E 227 -32.74 27.69 -100.10
CA GLU E 227 -31.64 28.62 -99.82
C GLU E 227 -30.70 28.57 -101.00
N THR E 228 -30.69 27.42 -101.63
CA THR E 228 -29.89 27.08 -102.79
C THR E 228 -30.57 27.49 -104.09
N SER E 229 -31.87 27.78 -104.04
CA SER E 229 -32.58 28.16 -105.26
C SER E 229 -32.19 29.55 -105.73
N TYR E 230 -31.79 30.43 -104.81
CA TYR E 230 -31.52 31.83 -105.13
C TYR E 230 -30.11 32.09 -105.67
N GLU E 231 -29.07 31.48 -105.10
CA GLU E 231 -27.72 31.78 -105.57
C GLU E 231 -27.53 31.24 -106.98
N ASN E 232 -27.00 32.08 -107.86
CA ASN E 232 -26.67 31.70 -109.22
C ASN E 232 -25.17 31.64 -109.37
N SER E 233 -24.71 30.68 -110.15
CA SER E 233 -23.29 30.53 -110.43
C SER E 233 -23.07 30.58 -111.94
N LEU E 234 -21.80 30.54 -112.34
CA LEU E 234 -21.43 30.85 -113.71
C LEU E 234 -21.42 29.64 -114.62
N LEU E 235 -21.49 28.42 -114.09
CA LEU E 235 -21.57 27.24 -114.95
C LEU E 235 -22.87 27.20 -115.74
N VAL E 236 -23.82 28.07 -115.43
CA VAL E 236 -25.03 28.21 -116.20
C VAL E 236 -25.11 29.64 -116.71
N SER F 54 -54.74 77.57 -26.59
CA SER F 54 -54.27 77.87 -27.94
C SER F 54 -52.90 77.23 -28.20
N ALA F 55 -52.17 76.91 -27.12
CA ALA F 55 -50.77 76.50 -27.23
C ALA F 55 -50.63 75.04 -27.64
N GLU F 56 -51.48 74.17 -27.08
CA GLU F 56 -51.20 72.74 -27.07
C GLU F 56 -51.32 72.11 -28.47
N LEU F 57 -52.39 72.43 -29.20
CA LEU F 57 -52.79 71.62 -30.35
C LEU F 57 -51.68 71.50 -31.39
N LYS F 58 -50.99 72.61 -31.67
CA LYS F 58 -49.98 72.62 -32.71
C LYS F 58 -48.99 71.49 -32.51
N GLN F 59 -48.54 71.30 -31.28
CA GLN F 59 -47.58 70.24 -30.99
C GLN F 59 -48.09 68.87 -31.42
N LEU F 60 -49.37 68.58 -31.17
CA LEU F 60 -49.94 67.29 -31.57
C LEU F 60 -50.00 67.16 -33.08
N ASN F 61 -50.56 68.16 -33.77
CA ASN F 61 -50.57 68.11 -35.22
C ASN F 61 -49.16 68.00 -35.79
N GLN F 62 -48.14 68.39 -35.02
CA GLN F 62 -46.75 68.14 -35.40
C GLN F 62 -46.38 66.68 -35.17
N GLN F 63 -46.79 66.11 -34.04
CA GLN F 63 -46.45 64.74 -33.73
C GLN F 63 -46.95 63.81 -34.83
N TYR F 64 -48.19 64.02 -35.26
CA TYR F 64 -48.71 63.20 -36.34
C TYR F 64 -47.87 63.31 -37.59
N GLU F 65 -47.19 64.45 -37.77
CA GLU F 65 -46.35 64.62 -38.96
C GLU F 65 -45.21 63.61 -38.99
N LYS F 66 -44.76 63.12 -37.82
CA LYS F 66 -43.67 62.17 -37.82
C LYS F 66 -44.11 60.81 -38.35
N LEU F 67 -45.38 60.46 -38.16
CA LEU F 67 -45.88 59.26 -38.79
C LEU F 67 -45.90 59.40 -40.30
N PHE F 68 -45.87 60.63 -40.81
CA PHE F 68 -46.15 60.88 -42.21
C PHE F 68 -45.33 60.04 -43.18
N HIS F 69 -44.00 60.21 -43.24
CA HIS F 69 -43.19 59.39 -44.14
C HIS F 69 -43.54 57.92 -44.00
N LYS F 70 -43.75 57.46 -42.76
CA LYS F 70 -44.16 56.09 -42.53
C LYS F 70 -45.45 55.78 -43.27
N TRP F 71 -46.43 56.68 -43.17
CA TRP F 71 -47.66 56.53 -43.93
C TRP F 71 -47.39 56.46 -45.43
N MET F 72 -46.47 57.29 -45.94
CA MET F 72 -46.08 57.18 -47.34
C MET F 72 -45.69 55.76 -47.66
N LEU F 73 -44.85 55.15 -46.81
CA LEU F 73 -44.43 53.77 -47.04
C LEU F 73 -45.63 52.82 -47.00
N GLN F 74 -46.50 52.96 -46.00
CA GLN F 74 -47.72 52.17 -45.95
C GLN F 74 -48.50 52.29 -47.24
N LEU F 75 -48.65 53.52 -47.71
CA LEU F 75 -49.34 53.78 -48.97
C LEU F 75 -48.66 53.02 -50.10
N HIS F 76 -47.35 52.87 -50.05
CA HIS F 76 -46.71 52.01 -51.04
C HIS F 76 -47.16 50.56 -50.86
N LEU F 77 -47.39 50.14 -49.63
CA LEU F 77 -47.69 48.74 -49.34
C LEU F 77 -49.11 48.33 -49.68
N GLY F 78 -49.96 49.25 -50.11
CA GLY F 78 -51.32 48.90 -50.51
C GLY F 78 -52.35 49.22 -49.45
N PHE F 79 -51.98 49.98 -48.43
CA PHE F 79 -52.86 50.35 -47.34
C PHE F 79 -53.38 51.77 -47.51
N ASN F 80 -54.32 52.14 -46.65
CA ASN F 80 -54.94 53.46 -46.68
C ASN F 80 -55.21 53.92 -45.26
N ILE F 81 -54.60 55.03 -44.86
CA ILE F 81 -54.65 55.47 -43.47
C ILE F 81 -55.97 56.17 -43.19
N VAL F 82 -56.28 56.29 -41.89
CA VAL F 82 -57.58 56.72 -41.39
C VAL F 82 -57.35 57.50 -40.11
N LEU F 83 -58.13 58.57 -39.93
CA LEU F 83 -58.00 59.45 -38.79
C LEU F 83 -59.35 59.55 -38.10
N TYR F 84 -59.46 59.01 -36.89
CA TYR F 84 -60.63 59.24 -36.05
C TYR F 84 -60.22 60.26 -35.01
N GLY F 85 -60.66 61.51 -35.20
CA GLY F 85 -60.35 62.59 -34.31
C GLY F 85 -61.54 63.03 -33.48
N LEU F 86 -61.24 63.83 -32.45
CA LEU F 86 -62.25 64.65 -31.80
C LEU F 86 -62.50 65.91 -32.61
N GLY F 87 -61.44 66.45 -33.21
CA GLY F 87 -61.47 67.69 -33.95
C GLY F 87 -61.26 67.46 -35.44
N SER F 88 -60.96 68.56 -36.13
CA SER F 88 -60.72 68.52 -37.57
C SER F 88 -59.24 68.40 -37.87
N LYS F 89 -58.93 67.60 -38.87
CA LYS F 89 -57.58 67.40 -39.34
C LYS F 89 -57.23 68.35 -40.47
N ARG F 90 -58.11 69.29 -40.78
CA ARG F 90 -57.84 70.24 -41.87
C ARG F 90 -56.46 70.83 -41.79
N ASP F 91 -56.12 71.43 -40.67
CA ASP F 91 -54.79 71.98 -40.59
C ASP F 91 -53.77 70.86 -40.73
N LEU F 92 -54.12 69.65 -40.28
CA LEU F 92 -53.24 68.50 -40.43
C LEU F 92 -53.39 67.77 -41.77
N LEU F 93 -54.57 67.76 -42.38
CA LEU F 93 -54.74 67.08 -43.67
C LEU F 93 -54.32 67.99 -44.81
N GLU F 94 -54.56 69.29 -44.66
CA GLU F 94 -54.04 70.32 -45.53
C GLU F 94 -52.57 70.61 -45.28
N ARG F 95 -52.05 70.34 -44.08
CA ARG F 95 -50.60 70.30 -43.93
C ARG F 95 -50.04 69.01 -44.49
N PHE F 96 -50.83 67.94 -44.48
CA PHE F 96 -50.47 66.74 -45.21
C PHE F 96 -50.45 67.02 -46.70
N ARG F 97 -51.25 67.98 -47.16
CA ARG F 97 -51.20 68.44 -48.54
C ARG F 97 -50.03 69.39 -48.78
N THR F 98 -49.71 70.26 -47.82
CA THR F 98 -48.57 71.14 -47.94
C THR F 98 -47.26 70.47 -47.54
N THR F 99 -47.29 69.43 -46.70
CA THR F 99 -46.07 68.77 -46.25
C THR F 99 -45.80 67.47 -47.00
N MET F 100 -46.70 66.50 -46.88
CA MET F 100 -46.46 65.17 -47.46
C MET F 100 -46.89 65.08 -48.90
N LEU F 101 -48.20 65.08 -49.13
CA LEU F 101 -48.72 64.97 -50.48
C LEU F 101 -47.94 65.92 -51.38
N GLN F 102 -48.15 67.23 -51.20
CA GLN F 102 -47.37 68.22 -51.91
C GLN F 102 -47.29 67.89 -53.40
N ASP F 103 -46.08 67.67 -53.91
CA ASP F 103 -45.84 66.93 -55.14
C ASP F 103 -46.91 67.29 -56.17
N SER F 104 -47.54 66.27 -56.76
CA SER F 104 -48.67 66.47 -57.67
C SER F 104 -49.66 65.34 -57.44
N ILE F 105 -50.70 65.29 -58.28
CA ILE F 105 -51.66 64.19 -58.29
C ILE F 105 -52.18 63.97 -56.88
N HIS F 106 -52.73 65.02 -56.28
CA HIS F 106 -53.45 64.89 -55.02
C HIS F 106 -54.87 65.38 -55.21
N VAL F 107 -55.80 64.46 -55.10
CA VAL F 107 -57.21 64.73 -55.29
C VAL F 107 -57.86 64.95 -53.94
N VAL F 108 -58.69 65.99 -53.88
CA VAL F 108 -59.30 66.43 -52.63
C VAL F 108 -60.79 66.53 -52.86
N ILE F 109 -61.55 65.77 -52.09
CA ILE F 109 -62.99 65.86 -52.10
C ILE F 109 -63.45 65.92 -50.65
N ASN F 110 -64.03 67.04 -50.27
CA ASN F 110 -64.52 67.24 -48.93
C ASN F 110 -65.93 66.65 -48.83
N GLY F 111 -66.11 65.69 -47.91
CA GLY F 111 -67.40 65.04 -47.82
C GLY F 111 -68.44 65.86 -47.09
N PHE F 112 -68.01 66.72 -46.18
CA PHE F 112 -68.89 67.73 -45.61
C PHE F 112 -69.29 68.77 -46.65
N PHE F 113 -68.55 68.88 -47.75
CA PHE F 113 -69.06 69.59 -48.92
C PHE F 113 -70.19 68.74 -49.50
N PRO F 114 -71.43 69.22 -49.51
CA PRO F 114 -72.45 68.52 -50.29
C PRO F 114 -72.24 68.65 -51.78
N GLY F 115 -71.44 69.62 -52.22
CA GLY F 115 -71.39 69.95 -53.64
C GLY F 115 -70.85 68.82 -54.49
N ILE F 116 -69.68 68.29 -54.12
CA ILE F 116 -69.07 67.23 -54.92
C ILE F 116 -69.88 65.95 -54.76
N SER F 117 -69.88 65.13 -55.81
CA SER F 117 -70.67 63.90 -55.85
C SER F 117 -69.82 62.78 -56.43
N VAL F 118 -70.13 61.53 -56.05
CA VAL F 118 -69.28 60.41 -56.41
C VAL F 118 -69.10 60.35 -57.92
N LYS F 119 -70.15 60.68 -58.67
CA LYS F 119 -70.03 60.81 -60.11
C LYS F 119 -69.15 62.01 -60.46
N SER F 120 -69.34 63.14 -59.76
CA SER F 120 -68.45 64.29 -59.90
C SER F 120 -67.19 64.17 -59.08
N VAL F 121 -67.08 63.11 -58.26
CA VAL F 121 -65.80 62.73 -57.68
C VAL F 121 -64.94 62.05 -58.72
N LEU F 122 -65.54 61.15 -59.48
CA LEU F 122 -64.81 60.46 -60.51
C LEU F 122 -64.58 61.35 -61.72
N ASN F 123 -65.44 62.34 -61.96
CA ASN F 123 -65.12 63.38 -62.92
C ASN F 123 -64.05 64.32 -62.37
N SER F 124 -64.26 64.86 -61.16
CA SER F 124 -63.29 65.79 -60.59
C SER F 124 -61.89 65.17 -60.53
N ILE F 125 -61.83 63.86 -60.31
CA ILE F 125 -60.56 63.14 -60.47
C ILE F 125 -60.21 63.03 -61.94
N THR F 126 -61.17 62.62 -62.78
CA THR F 126 -60.89 62.33 -64.18
C THR F 126 -60.89 63.58 -65.06
N GLU F 127 -61.55 64.67 -64.64
CA GLU F 127 -61.71 65.83 -65.51
C GLU F 127 -60.47 66.69 -65.52
N GLU F 128 -60.13 67.28 -64.36
CA GLU F 128 -59.00 68.20 -64.28
C GLU F 128 -57.70 67.44 -64.03
N VAL F 129 -57.58 66.82 -62.85
CA VAL F 129 -56.30 66.27 -62.42
C VAL F 129 -55.88 65.11 -63.32
N LEU F 130 -56.74 64.09 -63.48
CA LEU F 130 -56.45 63.01 -64.42
C LEU F 130 -56.39 63.53 -65.85
N ASP F 131 -57.28 64.46 -66.18
CA ASP F 131 -57.29 65.19 -67.44
C ASP F 131 -57.75 64.35 -68.61
N HIS F 132 -58.05 63.07 -68.40
CA HIS F 132 -58.34 62.18 -69.52
C HIS F 132 -59.70 62.47 -70.14
N MET F 133 -60.72 62.58 -69.30
CA MET F 133 -62.10 62.78 -69.75
C MET F 133 -62.95 63.02 -68.53
N GLY F 134 -64.21 63.42 -68.77
CA GLY F 134 -65.23 63.22 -67.77
C GLY F 134 -65.63 61.75 -67.79
N THR F 135 -65.74 61.18 -66.58
CA THR F 135 -65.95 59.75 -66.51
C THR F 135 -67.26 59.36 -67.17
N PHE F 136 -67.22 58.28 -67.93
CA PHE F 136 -68.31 57.80 -68.76
C PHE F 136 -69.51 57.39 -67.91
N ARG F 137 -70.68 57.29 -68.53
CA ARG F 137 -71.92 57.12 -67.80
C ARG F 137 -71.88 56.09 -66.68
N SER F 138 -71.78 54.80 -67.02
CA SER F 138 -71.70 53.76 -65.99
C SER F 138 -70.32 53.80 -65.33
N ILE F 139 -70.30 53.93 -64.00
CA ILE F 139 -69.02 54.15 -63.32
C ILE F 139 -68.10 52.93 -63.39
N LEU F 140 -68.66 51.73 -63.51
CA LEU F 140 -67.81 50.56 -63.65
C LEU F 140 -67.01 50.64 -64.95
N ASP F 141 -67.65 51.14 -66.01
CA ASP F 141 -66.95 51.34 -67.28
C ASP F 141 -65.96 52.48 -67.17
N GLN F 142 -66.33 53.55 -66.45
CA GLN F 142 -65.39 54.64 -66.18
C GLN F 142 -64.08 54.08 -65.65
N LEU F 143 -64.19 53.35 -64.54
CA LEU F 143 -63.02 52.73 -63.95
C LEU F 143 -62.35 51.75 -64.90
N ASP F 144 -63.09 51.18 -65.86
CA ASP F 144 -62.42 50.31 -66.81
C ASP F 144 -61.59 51.10 -67.82
N TRP F 145 -62.01 52.30 -68.20
CA TRP F 145 -61.18 53.13 -69.07
C TRP F 145 -60.01 53.73 -68.31
N ILE F 146 -60.30 54.37 -67.17
CA ILE F 146 -59.25 54.94 -66.35
C ILE F 146 -58.25 53.87 -65.94
N VAL F 147 -58.72 52.64 -65.77
CA VAL F 147 -57.84 51.54 -65.35
C VAL F 147 -57.05 51.00 -66.53
N ASN F 148 -57.73 50.75 -67.65
CA ASN F 148 -57.00 50.37 -68.86
C ASN F 148 -55.98 51.42 -69.25
N LYS F 149 -56.12 52.65 -68.73
CA LYS F 149 -55.05 53.63 -68.80
C LYS F 149 -54.00 53.39 -67.71
N PHE F 150 -54.44 53.08 -66.49
CA PHE F 150 -53.49 52.88 -65.39
C PHE F 150 -52.82 51.52 -65.45
N LYS F 151 -53.59 50.45 -65.63
CA LYS F 151 -52.98 49.14 -65.80
C LYS F 151 -52.00 49.15 -66.96
N GLU F 152 -52.27 49.94 -68.00
CA GLU F 152 -51.32 50.10 -69.09
C GLU F 152 -50.21 51.10 -68.74
N ASP F 153 -50.57 52.28 -68.22
CA ASP F 153 -49.58 53.28 -67.81
C ASP F 153 -49.37 53.15 -66.30
N SER F 154 -48.21 52.67 -65.91
CA SER F 154 -47.95 52.24 -64.56
C SER F 154 -47.23 53.32 -63.78
N SER F 155 -46.99 53.02 -62.50
CA SER F 155 -46.11 53.82 -61.65
C SER F 155 -46.61 55.24 -61.51
N LEU F 156 -47.92 55.42 -61.59
CA LEU F 156 -48.54 56.72 -61.35
C LEU F 156 -49.34 56.60 -60.05
N GLU F 157 -48.84 57.24 -59.00
CA GLU F 157 -49.42 57.14 -57.67
C GLU F 157 -50.22 58.39 -57.39
N LEU F 158 -51.47 58.21 -56.99
CA LEU F 158 -52.42 59.31 -56.83
C LEU F 158 -52.99 59.28 -55.43
N PHE F 159 -52.72 60.31 -54.66
CA PHE F 159 -53.06 60.36 -53.24
C PHE F 159 -54.33 61.17 -53.05
N LEU F 160 -55.38 60.53 -52.55
CA LEU F 160 -56.67 61.17 -52.34
C LEU F 160 -56.95 61.30 -50.85
N LEU F 161 -57.42 62.48 -50.45
CA LEU F 161 -57.74 62.80 -49.06
C LEU F 161 -59.23 63.17 -49.01
N ILE F 162 -60.02 62.35 -48.34
CA ILE F 162 -61.45 62.62 -48.21
C ILE F 162 -61.71 63.02 -46.76
N HIS F 163 -62.23 64.23 -46.58
CA HIS F 163 -62.78 64.65 -45.30
C HIS F 163 -64.23 64.16 -45.21
N ASN F 164 -64.54 63.38 -44.17
CA ASN F 164 -65.90 62.92 -43.90
C ASN F 164 -66.46 62.05 -45.04
N LEU F 165 -65.91 60.83 -45.13
CA LEU F 165 -66.49 59.84 -46.04
C LEU F 165 -67.98 59.68 -45.81
N ASP F 166 -68.44 59.95 -44.59
CA ASP F 166 -69.83 59.69 -44.23
C ASP F 166 -70.78 60.23 -45.28
N SER F 167 -70.46 61.40 -45.84
CA SER F 167 -71.20 61.95 -46.96
C SER F 167 -72.70 62.09 -46.57
N GLN F 168 -73.73 61.94 -47.42
CA GLN F 168 -73.76 61.65 -48.86
C GLN F 168 -73.01 62.68 -49.70
N MET F 169 -72.58 62.32 -50.91
CA MET F 169 -73.12 61.22 -51.73
C MET F 169 -72.59 59.79 -51.44
N LEU F 170 -71.47 59.69 -50.74
CA LEU F 170 -70.73 58.45 -50.59
C LEU F 170 -71.48 57.34 -49.84
N ARG F 171 -72.65 57.62 -49.26
CA ARG F 171 -73.38 56.56 -48.56
C ARG F 171 -73.63 55.35 -49.45
N GLY F 172 -73.76 55.56 -50.76
CA GLY F 172 -74.16 54.51 -51.67
C GLY F 172 -73.24 53.30 -51.68
N GLU F 173 -73.82 52.09 -51.61
CA GLU F 173 -73.01 50.89 -51.76
C GLU F 173 -72.26 50.89 -53.08
N LYS F 174 -72.80 51.55 -54.10
CA LYS F 174 -72.07 51.74 -55.35
C LYS F 174 -70.92 52.74 -55.17
N SER F 175 -71.14 53.79 -54.37
CA SER F 175 -70.09 54.79 -54.17
C SER F 175 -68.86 54.17 -53.52
N GLN F 176 -69.05 53.30 -52.54
CA GLN F 176 -67.95 52.63 -51.85
C GLN F 176 -67.58 51.30 -52.51
N GLN F 177 -68.33 50.86 -53.52
CA GLN F 177 -67.81 49.89 -54.46
C GLN F 177 -66.85 50.55 -55.43
N ILE F 178 -67.06 51.83 -55.72
CA ILE F 178 -66.15 52.62 -56.54
C ILE F 178 -64.90 52.88 -55.73
N ILE F 179 -65.04 53.69 -54.67
CA ILE F 179 -63.91 53.93 -53.77
C ILE F 179 -63.30 52.61 -53.31
N GLY F 180 -64.12 51.57 -53.18
CA GLY F 180 -63.59 50.24 -52.88
C GLY F 180 -62.68 49.74 -53.97
N GLN F 181 -63.07 49.93 -55.23
CA GLN F 181 -62.26 49.48 -56.35
C GLN F 181 -61.00 50.33 -56.47
N LEU F 182 -61.17 51.64 -56.51
CA LEU F 182 -60.08 52.61 -56.57
C LEU F 182 -59.05 52.37 -55.47
N SER F 183 -59.43 52.65 -54.22
CA SER F 183 -58.51 52.40 -53.11
C SER F 183 -58.04 50.95 -53.07
N SER F 184 -58.81 50.04 -53.66
CA SER F 184 -58.30 48.70 -53.89
C SER F 184 -57.30 48.69 -55.04
N LEU F 185 -57.58 49.46 -56.09
CA LEU F 185 -56.59 49.67 -57.12
C LEU F 185 -55.40 50.39 -56.50
N HIS F 186 -54.21 49.84 -56.72
CA HIS F 186 -53.06 50.27 -55.94
C HIS F 186 -52.56 51.64 -56.36
N ASN F 187 -52.65 51.97 -57.65
CA ASN F 187 -52.06 53.21 -58.13
C ASN F 187 -52.40 54.35 -57.18
N ILE F 188 -53.69 54.64 -57.03
CA ILE F 188 -54.09 55.70 -56.11
C ILE F 188 -54.05 55.11 -54.70
N TYR F 189 -54.31 55.96 -53.71
CA TYR F 189 -54.27 55.58 -52.31
C TYR F 189 -55.15 56.55 -51.54
N LEU F 190 -55.57 56.14 -50.35
CA LEU F 190 -56.70 56.77 -49.67
C LEU F 190 -56.32 57.15 -48.25
N ILE F 191 -56.66 58.39 -47.91
CA ILE F 191 -56.60 58.90 -46.56
C ILE F 191 -57.97 59.48 -46.24
N ALA F 192 -58.70 58.85 -45.32
CA ALA F 192 -60.03 59.29 -44.96
C ALA F 192 -60.05 59.80 -43.53
N SER F 193 -60.83 60.87 -43.31
CA SER F 193 -61.15 61.35 -41.98
C SER F 193 -62.63 61.06 -41.72
N ILE F 194 -62.91 60.41 -40.59
CA ILE F 194 -64.25 59.93 -40.29
C ILE F 194 -64.77 60.64 -39.06
N ASP F 195 -66.11 60.72 -38.98
CA ASP F 195 -66.79 61.25 -37.81
C ASP F 195 -67.89 60.30 -37.36
N HIS F 196 -68.87 60.04 -38.23
CA HIS F 196 -70.09 59.33 -37.85
C HIS F 196 -69.78 58.03 -37.11
N LEU F 197 -70.43 57.84 -35.96
CA LEU F 197 -70.23 56.64 -35.16
C LEU F 197 -70.52 55.39 -35.96
N ASN F 198 -71.45 55.49 -36.89
CA ASN F 198 -71.81 54.40 -37.78
C ASN F 198 -70.95 54.39 -39.04
N ALA F 199 -69.91 55.20 -39.09
CA ALA F 199 -68.93 55.05 -40.15
C ALA F 199 -68.42 53.61 -40.22
N PRO F 200 -67.89 53.03 -39.16
CA PRO F 200 -67.52 51.61 -39.21
C PRO F 200 -68.71 50.73 -39.50
N LEU F 201 -69.92 51.24 -39.25
CA LEU F 201 -71.13 50.49 -39.53
C LEU F 201 -71.21 50.10 -41.00
N MET F 202 -71.07 51.09 -41.89
CA MET F 202 -71.36 50.91 -43.29
C MET F 202 -70.28 50.14 -44.03
N TRP F 203 -69.13 49.94 -43.40
CA TRP F 203 -68.03 49.18 -44.01
C TRP F 203 -68.22 47.71 -43.64
N ASP F 204 -68.50 46.89 -44.64
CA ASP F 204 -68.72 45.47 -44.42
C ASP F 204 -67.39 44.72 -44.60
N HIS F 205 -67.46 43.38 -44.59
CA HIS F 205 -66.25 42.58 -44.77
C HIS F 205 -65.55 42.90 -46.08
N ALA F 206 -66.28 42.80 -47.19
CA ALA F 206 -65.69 42.98 -48.51
C ALA F 206 -65.03 44.35 -48.65
N LYS F 207 -65.61 45.39 -48.03
CA LYS F 207 -65.08 46.74 -48.21
C LYS F 207 -63.89 47.01 -47.30
N GLN F 208 -63.95 46.58 -46.03
CA GLN F 208 -62.75 46.65 -45.20
C GLN F 208 -61.66 45.72 -45.71
N SER F 209 -61.99 44.82 -46.62
CA SER F 209 -60.95 44.15 -47.39
C SER F 209 -60.48 45.02 -48.54
N LEU F 210 -61.42 45.56 -49.33
CA LEU F 210 -61.08 46.46 -50.42
C LEU F 210 -60.44 47.73 -49.89
N PHE F 211 -60.96 48.23 -48.79
CA PHE F 211 -60.26 49.21 -47.99
C PHE F 211 -59.47 48.42 -46.97
N ASN F 212 -58.16 48.37 -47.14
CA ASN F 212 -57.34 47.86 -46.05
C ASN F 212 -57.02 49.12 -45.27
N TRP F 213 -57.70 49.28 -44.14
CA TRP F 213 -57.72 50.53 -43.42
C TRP F 213 -56.65 50.45 -42.34
N LEU F 214 -55.73 51.40 -42.35
CA LEU F 214 -54.86 51.63 -41.20
C LEU F 214 -55.53 52.70 -40.36
N TRP F 215 -56.10 52.32 -39.22
CA TRP F 215 -56.84 53.25 -38.40
C TRP F 215 -55.94 53.80 -37.30
N TYR F 216 -55.88 55.12 -37.17
CA TYR F 216 -54.88 55.74 -36.33
C TYR F 216 -55.53 56.57 -35.24
N GLU F 217 -54.88 56.59 -34.08
CA GLU F 217 -55.36 57.35 -32.94
C GLU F 217 -55.85 58.73 -33.40
N THR F 218 -54.95 59.56 -33.92
CA THR F 218 -55.33 60.76 -34.66
C THR F 218 -56.37 61.60 -33.92
N THR F 219 -56.28 61.64 -32.60
CA THR F 219 -57.26 62.37 -31.82
C THR F 219 -56.97 63.86 -31.97
N THR F 220 -57.91 64.58 -32.58
CA THR F 220 -57.70 65.94 -33.03
C THR F 220 -58.61 66.86 -32.24
N TYR F 221 -58.07 67.97 -31.77
CA TYR F 221 -58.87 68.93 -31.00
C TYR F 221 -59.36 70.11 -31.83
N SER F 222 -58.91 70.23 -33.07
CA SER F 222 -59.18 71.47 -33.77
C SER F 222 -60.60 71.45 -34.34
N PRO F 223 -61.30 72.58 -34.33
CA PRO F 223 -62.56 72.56 -35.09
C PRO F 223 -62.22 72.38 -36.58
N TYR F 224 -63.10 71.94 -37.48
CA TYR F 224 -64.56 71.98 -37.44
C TYR F 224 -65.00 73.45 -37.48
N THR F 225 -64.46 74.16 -38.47
CA THR F 225 -64.92 75.49 -38.86
C THR F 225 -65.51 75.48 -40.28
N GLU F 226 -64.71 75.17 -41.30
CA GLU F 226 -65.24 74.96 -42.64
C GLU F 226 -66.08 73.69 -42.74
N GLU F 227 -65.85 72.71 -41.84
CA GLU F 227 -66.75 71.56 -41.74
C GLU F 227 -68.00 72.03 -41.03
N THR F 228 -67.81 73.03 -40.19
CA THR F 228 -68.80 73.68 -39.38
C THR F 228 -69.53 74.78 -40.11
N SER F 229 -68.96 75.27 -41.22
CA SER F 229 -69.61 76.32 -41.98
C SER F 229 -70.84 75.79 -42.71
N TYR F 230 -70.85 74.49 -43.03
CA TYR F 230 -71.93 73.92 -43.83
C TYR F 230 -73.15 73.54 -42.99
N GLU F 231 -72.95 72.94 -41.82
CA GLU F 231 -74.09 72.50 -41.02
C GLU F 231 -74.87 73.69 -40.50
N ASN F 232 -76.20 73.63 -40.66
CA ASN F 232 -77.11 74.64 -40.15
C ASN F 232 -77.95 74.04 -39.03
N SER F 233 -78.24 74.85 -38.02
CA SER F 233 -79.10 74.44 -36.92
C SER F 233 -80.27 75.43 -36.81
N LEU F 234 -81.19 75.15 -35.89
CA LEU F 234 -82.48 75.83 -35.86
C LEU F 234 -82.50 77.11 -35.03
N LEU F 235 -81.46 77.38 -34.24
CA LEU F 235 -81.41 78.64 -33.48
C LEU F 235 -81.30 79.86 -34.37
N VAL F 236 -81.04 79.70 -35.66
CA VAL F 236 -81.03 80.82 -36.61
C VAL F 236 -82.08 80.57 -37.68
N SER G 54 47.60 -69.73 18.89
CA SER G 54 46.30 -69.09 19.03
C SER G 54 45.81 -69.15 20.47
N ALA G 55 46.34 -70.11 21.23
CA ALA G 55 45.79 -70.42 22.55
C ALA G 55 46.27 -69.45 23.63
N GLU G 56 47.56 -69.09 23.61
CA GLU G 56 48.19 -68.53 24.80
C GLU G 56 47.63 -67.15 25.13
N LEU G 57 47.51 -66.29 24.11
CA LEU G 57 47.37 -64.86 24.35
C LEU G 57 46.20 -64.57 25.27
N LYS G 58 45.08 -65.25 25.06
CA LYS G 58 43.88 -64.95 25.83
C LYS G 58 44.17 -64.97 27.32
N GLN G 59 44.87 -66.01 27.79
CA GLN G 59 45.14 -66.11 29.21
C GLN G 59 45.85 -64.87 29.73
N LEU G 60 46.83 -64.37 28.99
CA LEU G 60 47.54 -63.17 29.42
C LEU G 60 46.60 -61.98 29.42
N ASN G 61 45.85 -61.80 28.33
CA ASN G 61 44.88 -60.72 28.31
C ASN G 61 43.88 -60.86 29.44
N GLN G 62 43.72 -62.07 29.99
CA GLN G 62 42.91 -62.27 31.18
C GLN G 62 43.65 -61.87 32.46
N GLN G 63 44.92 -62.25 32.57
CA GLN G 63 45.67 -61.96 33.80
C GLN G 63 45.69 -60.46 34.09
N TYR G 64 45.98 -59.66 33.06
CA TYR G 64 46.01 -58.21 33.25
C TYR G 64 44.67 -57.71 33.77
N GLU G 65 43.58 -58.41 33.46
CA GLU G 65 42.27 -57.94 33.92
C GLU G 65 42.19 -57.92 35.44
N LYS G 66 42.97 -58.76 36.13
CA LYS G 66 42.90 -58.76 37.58
C LYS G 66 43.53 -57.51 38.16
N LEU G 67 44.52 -56.93 37.48
CA LEU G 67 45.04 -55.63 37.90
C LEU G 67 44.00 -54.54 37.72
N PHE G 68 42.98 -54.81 36.91
CA PHE G 68 42.07 -53.76 36.46
C PHE G 68 41.46 -52.97 37.61
N HIS G 69 40.65 -53.63 38.43
CA HIS G 69 40.09 -52.93 39.58
C HIS G 69 41.18 -52.18 40.33
N LYS G 70 42.34 -52.81 40.48
CA LYS G 70 43.47 -52.17 41.14
C LYS G 70 43.81 -50.84 40.46
N TRP G 71 43.92 -50.87 39.13
CA TRP G 71 44.15 -49.65 38.38
C TRP G 71 43.06 -48.62 38.67
N MET G 72 41.81 -49.06 38.75
CA MET G 72 40.73 -48.15 39.12
C MET G 72 41.12 -47.39 40.39
N LEU G 73 41.57 -48.12 41.41
CA LEU G 73 41.99 -47.47 42.64
C LEU G 73 43.16 -46.54 42.39
N GLN G 74 44.15 -47.00 41.63
CA GLN G 74 45.22 -46.10 41.23
C GLN G 74 44.67 -44.87 40.54
N LEU G 75 43.71 -45.08 39.64
CA LEU G 75 43.09 -43.95 38.97
C LEU G 75 42.45 -43.00 39.99
N HIS G 76 41.92 -43.54 41.10
CA HIS G 76 41.43 -42.66 42.15
C HIS G 76 42.56 -41.89 42.83
N LEU G 77 43.71 -42.53 43.01
CA LEU G 77 44.82 -41.97 43.78
C LEU G 77 45.60 -40.92 43.01
N GLY G 78 45.29 -40.68 41.74
CA GLY G 78 45.90 -39.62 40.98
C GLY G 78 46.99 -40.05 40.03
N PHE G 79 47.21 -41.34 39.87
CA PHE G 79 48.21 -41.84 38.95
C PHE G 79 47.51 -42.35 37.70
N ASN G 80 48.30 -42.72 36.69
CA ASN G 80 47.76 -43.09 35.40
C ASN G 80 48.57 -44.24 34.83
N ILE G 81 47.90 -45.35 34.53
CA ILE G 81 48.58 -46.58 34.17
C ILE G 81 49.08 -46.52 32.74
N VAL G 82 50.03 -47.41 32.44
CA VAL G 82 50.82 -47.42 31.21
C VAL G 82 51.12 -48.86 30.84
N LEU G 83 51.06 -49.14 29.55
CA LEU G 83 51.27 -50.50 29.04
C LEU G 83 52.39 -50.46 28.01
N TYR G 84 53.54 -51.08 28.33
CA TYR G 84 54.58 -51.29 27.33
C TYR G 84 54.50 -52.76 26.91
N GLY G 85 53.93 -52.98 25.73
CA GLY G 85 53.77 -54.31 25.18
C GLY G 85 54.68 -54.56 24.00
N LEU G 86 54.76 -55.85 23.64
CA LEU G 86 55.26 -56.23 22.33
C LEU G 86 54.16 -56.10 21.28
N GLY G 87 52.92 -56.42 21.67
CA GLY G 87 51.79 -56.45 20.79
C GLY G 87 50.79 -55.35 21.08
N SER G 88 49.58 -55.53 20.56
CA SER G 88 48.51 -54.57 20.75
C SER G 88 47.62 -54.96 21.92
N LYS G 89 47.20 -53.96 22.67
CA LYS G 89 46.31 -54.13 23.79
C LYS G 89 44.87 -53.91 23.39
N ARG G 90 44.60 -53.76 22.09
CA ARG G 90 43.24 -53.51 21.62
C ARG G 90 42.24 -54.42 22.25
N ASP G 91 42.44 -55.71 22.11
CA ASP G 91 41.50 -56.61 22.73
C ASP G 91 41.55 -56.42 24.24
N LEU G 92 42.70 -56.03 24.79
CA LEU G 92 42.79 -55.75 26.21
C LEU G 92 42.38 -54.34 26.61
N LEU G 93 42.59 -53.33 25.74
CA LEU G 93 42.18 -51.97 26.08
C LEU G 93 40.70 -51.75 25.76
N GLU G 94 40.21 -52.41 24.72
CA GLU G 94 38.79 -52.50 24.39
C GLU G 94 38.07 -53.49 25.30
N ARG G 95 38.77 -54.46 25.88
CA ARG G 95 38.18 -55.21 26.99
C ARG G 95 38.21 -54.38 28.26
N PHE G 96 39.20 -53.50 28.39
CA PHE G 96 39.19 -52.51 29.45
C PHE G 96 38.02 -51.55 29.26
N ARG G 97 37.59 -51.35 28.00
CA ARG G 97 36.37 -50.59 27.72
C ARG G 97 35.12 -51.42 27.95
N THR G 98 35.15 -52.70 27.59
CA THR G 98 34.00 -53.58 27.82
C THR G 98 33.96 -54.15 29.24
N THR G 99 35.10 -54.24 29.92
CA THR G 99 35.14 -54.80 31.27
C THR G 99 35.21 -53.70 32.33
N MET G 100 36.27 -52.90 32.34
CA MET G 100 36.48 -51.92 33.42
C MET G 100 35.79 -50.58 33.15
N LEU G 101 36.34 -49.82 32.20
CA LEU G 101 35.79 -48.52 31.88
C LEU G 101 34.28 -48.63 31.80
N GLN G 102 33.79 -49.30 30.75
CA GLN G 102 32.37 -49.59 30.63
C GLN G 102 31.56 -48.32 30.90
N ASP G 103 30.71 -48.34 31.94
CA ASP G 103 30.18 -47.14 32.57
C ASP G 103 29.86 -46.08 31.53
N SER G 104 30.33 -44.86 31.75
CA SER G 104 30.23 -43.80 30.78
C SER G 104 31.50 -42.97 30.85
N ILE G 105 31.50 -41.87 30.12
CA ILE G 105 32.58 -40.90 30.18
C ILE G 105 33.90 -41.65 29.99
N HIS G 106 34.00 -42.38 28.88
CA HIS G 106 35.27 -42.95 28.46
C HIS G 106 35.59 -42.42 27.07
N VAL G 107 36.63 -41.62 27.01
CA VAL G 107 37.04 -40.97 25.78
C VAL G 107 38.13 -41.81 25.13
N VAL G 108 38.01 -42.00 23.82
CA VAL G 108 38.90 -42.87 23.07
C VAL G 108 39.41 -42.10 21.87
N ILE G 109 40.72 -41.93 21.80
CA ILE G 109 41.38 -41.34 20.66
C ILE G 109 42.56 -42.22 20.33
N ASN G 110 42.53 -42.82 19.15
CA ASN G 110 43.60 -43.70 18.73
C ASN G 110 44.73 -42.86 18.12
N GLY G 111 45.93 -42.98 18.66
CA GLY G 111 47.03 -42.15 18.18
C GLY G 111 47.60 -42.64 16.87
N PHE G 112 47.51 -43.94 16.62
CA PHE G 112 47.80 -44.46 15.28
C PHE G 112 46.76 -44.01 14.27
N PHE G 113 45.56 -43.59 14.72
CA PHE G 113 44.65 -42.84 13.85
C PHE G 113 45.30 -41.48 13.59
N PRO G 114 45.67 -41.15 12.35
CA PRO G 114 46.05 -39.77 12.07
C PRO G 114 44.87 -38.81 12.12
N GLY G 115 43.64 -39.33 12.05
CA GLY G 115 42.49 -38.47 11.86
C GLY G 115 42.26 -37.53 13.03
N ILE G 116 42.20 -38.09 14.26
CA ILE G 116 41.96 -37.24 15.41
C ILE G 116 43.19 -36.40 15.69
N SER G 117 42.96 -35.20 16.24
CA SER G 117 43.99 -34.21 16.47
C SER G 117 43.79 -33.60 17.84
N VAL G 118 44.90 -33.13 18.44
CA VAL G 118 44.83 -32.68 19.83
C VAL G 118 43.78 -31.59 19.98
N LYS G 119 43.66 -30.73 18.97
CA LYS G 119 42.57 -29.76 18.96
C LYS G 119 41.22 -30.46 18.80
N SER G 120 41.15 -31.43 17.89
CA SER G 120 39.98 -32.28 17.73
C SER G 120 39.98 -33.44 18.73
N VAL G 121 41.04 -33.57 19.52
CA VAL G 121 41.00 -34.42 20.70
C VAL G 121 40.23 -33.72 21.79
N LEU G 122 40.52 -32.44 21.97
CA LEU G 122 39.85 -31.66 22.99
C LEU G 122 38.44 -31.31 22.55
N ASN G 123 38.20 -31.25 21.23
CA ASN G 123 36.84 -31.18 20.75
C ASN G 123 36.13 -32.51 20.94
N SER G 124 36.77 -33.61 20.47
CA SER G 124 36.15 -34.93 20.58
C SER G 124 35.80 -35.26 22.03
N ILE G 125 36.62 -34.81 22.98
CA ILE G 125 36.26 -34.90 24.39
C ILE G 125 35.15 -33.90 24.71
N THR G 126 35.31 -32.66 24.26
CA THR G 126 34.40 -31.59 24.64
C THR G 126 33.14 -31.53 23.78
N GLU G 127 33.17 -32.08 22.57
CA GLU G 127 32.03 -31.91 21.66
C GLU G 127 30.90 -32.88 22.00
N GLU G 128 31.16 -34.17 21.85
CA GLU G 128 30.11 -35.19 22.06
C GLU G 128 30.02 -35.58 23.53
N VAL G 129 31.07 -36.20 24.04
CA VAL G 129 31.01 -36.83 25.36
C VAL G 129 30.85 -35.79 26.46
N LEU G 130 31.77 -34.80 26.51
CA LEU G 130 31.60 -33.71 27.47
C LEU G 130 30.33 -32.92 27.16
N ASP G 131 30.05 -32.73 25.88
CA ASP G 131 28.81 -32.16 25.38
C ASP G 131 28.74 -30.65 25.61
N HIS G 132 29.75 -30.02 26.23
CA HIS G 132 29.64 -28.61 26.59
C HIS G 132 29.75 -27.69 25.38
N MET G 133 30.76 -27.90 24.55
CA MET G 133 31.04 -27.05 23.38
C MET G 133 32.17 -27.70 22.61
N GLY G 134 32.44 -27.16 21.43
CA GLY G 134 33.75 -27.33 20.84
C GLY G 134 34.74 -26.43 21.56
N THR G 135 35.90 -26.99 21.88
CA THR G 135 36.85 -26.28 22.72
C THR G 135 37.30 -25.00 22.01
N PHE G 136 37.35 -23.90 22.77
CA PHE G 136 37.64 -22.56 22.28
C PHE G 136 39.06 -22.46 21.69
N ARG G 137 39.28 -21.41 20.89
CA ARG G 137 40.52 -21.30 20.12
C ARG G 137 41.78 -21.62 20.93
N SER G 138 42.12 -20.78 21.90
CA SER G 138 43.29 -21.07 22.74
C SER G 138 42.97 -22.23 23.67
N ILE G 139 43.77 -23.30 23.58
CA ILE G 139 43.47 -24.50 24.36
C ILE G 139 43.63 -24.24 25.85
N LEU G 140 44.49 -23.28 26.22
CA LEU G 140 44.60 -22.94 27.63
C LEU G 140 43.28 -22.35 28.13
N ASP G 141 42.64 -21.53 27.29
CA ASP G 141 41.34 -21.00 27.64
C ASP G 141 40.29 -22.10 27.61
N GLN G 142 40.38 -23.00 26.62
CA GLN G 142 39.50 -24.17 26.57
C GLN G 142 39.48 -24.88 27.91
N LEU G 143 40.64 -25.36 28.32
CA LEU G 143 40.75 -26.04 29.60
C LEU G 143 40.36 -25.14 30.76
N ASP G 144 40.44 -23.82 30.60
CA ASP G 144 39.96 -22.97 31.67
C ASP G 144 38.43 -23.01 31.77
N TRP G 145 37.72 -23.14 30.64
CA TRP G 145 36.27 -23.27 30.68
C TRP G 145 35.85 -24.67 31.12
N ILE G 146 36.41 -25.71 30.50
CA ILE G 146 36.09 -27.08 30.88
C ILE G 146 36.42 -27.30 32.36
N VAL G 147 37.44 -26.62 32.85
CA VAL G 147 37.87 -26.77 34.25
C VAL G 147 36.98 -25.98 35.19
N ASN G 148 36.73 -24.71 34.88
CA ASN G 148 35.76 -23.96 35.68
C ASN G 148 34.40 -24.64 35.65
N LYS G 149 34.16 -25.53 34.69
CA LYS G 149 33.03 -26.44 34.80
C LYS G 149 33.36 -27.62 35.73
N PHE G 150 34.57 -28.17 35.62
CA PHE G 150 34.95 -29.32 36.44
C PHE G 150 35.33 -28.91 37.86
N LYS G 151 36.18 -27.89 38.02
CA LYS G 151 36.47 -27.38 39.35
C LYS G 151 35.19 -26.98 40.07
N GLU G 152 34.21 -26.48 39.34
CA GLU G 152 32.91 -26.20 39.91
C GLU G 152 32.08 -27.47 40.05
N ASP G 153 32.01 -28.28 38.99
CA ASP G 153 31.23 -29.52 39.01
C ASP G 153 32.18 -30.65 39.39
N SER G 154 32.03 -31.16 40.59
CA SER G 154 33.03 -32.05 41.15
C SER G 154 32.63 -33.49 40.94
N SER G 155 33.52 -34.39 41.33
CA SER G 155 33.20 -35.82 41.42
C SER G 155 32.78 -36.37 40.06
N LEU G 156 33.31 -35.82 38.99
CA LEU G 156 33.07 -36.33 37.65
C LEU G 156 34.37 -36.92 37.12
N GLU G 157 34.41 -38.24 37.04
CA GLU G 157 35.62 -38.96 36.67
C GLU G 157 35.52 -39.40 35.22
N LEU G 158 36.53 -39.07 34.44
CA LEU G 158 36.52 -39.30 33.00
C LEU G 158 37.74 -40.10 32.61
N PHE G 159 37.54 -41.33 32.14
CA PHE G 159 38.63 -42.26 31.88
C PHE G 159 38.96 -42.26 30.39
N LEU G 160 40.18 -41.84 30.04
CA LEU G 160 40.60 -41.73 28.66
C LEU G 160 41.71 -42.75 28.37
N LEU G 161 41.58 -43.43 27.23
CA LEU G 161 42.52 -44.46 26.81
C LEU G 161 43.12 -44.06 25.46
N ILE G 162 44.43 -43.82 25.44
CA ILE G 162 45.13 -43.43 24.22
C ILE G 162 45.96 -44.61 23.74
N HIS G 163 45.67 -45.09 22.53
CA HIS G 163 46.56 -46.00 21.85
C HIS G 163 47.63 -45.19 21.12
N ASN G 164 48.90 -45.44 21.43
CA ASN G 164 50.03 -44.82 20.72
C ASN G 164 50.01 -43.30 20.89
N LEU G 165 50.35 -42.86 22.10
CA LEU G 165 50.56 -41.42 22.34
C LEU G 165 51.55 -40.84 21.35
N ASP G 166 52.47 -41.65 20.82
CA ASP G 166 53.55 -41.14 19.99
C ASP G 166 53.05 -40.20 18.90
N SER G 167 51.89 -40.51 18.33
CA SER G 167 51.23 -39.60 17.39
C SER G 167 52.18 -39.26 16.21
N GLN G 168 52.21 -38.08 15.56
CA GLN G 168 51.40 -36.86 15.71
C GLN G 168 49.92 -37.12 15.57
N MET G 169 49.06 -36.26 16.13
CA MET G 169 49.37 -34.86 16.47
C MET G 169 50.07 -34.56 17.81
N LEU G 170 50.04 -35.53 18.70
CA LEU G 170 50.44 -35.34 20.10
C LEU G 170 51.93 -34.99 20.28
N ARG G 171 52.76 -35.03 19.23
CA ARG G 171 54.18 -34.71 19.40
C ARG G 171 54.39 -33.33 20.02
N GLY G 172 53.49 -32.38 19.78
CA GLY G 172 53.71 -31.01 20.22
C GLY G 172 53.88 -30.88 21.72
N GLU G 173 54.92 -30.17 22.17
CA GLU G 173 55.05 -29.92 23.60
C GLU G 173 53.81 -29.21 24.14
N LYS G 174 53.10 -28.49 23.29
CA LYS G 174 51.80 -27.96 23.70
C LYS G 174 50.78 -29.07 23.88
N SER G 175 50.82 -30.08 23.00
CA SER G 175 49.85 -31.17 23.11
C SER G 175 50.00 -31.92 24.44
N GLN G 176 51.23 -32.14 24.87
CA GLN G 176 51.48 -32.82 26.14
C GLN G 176 51.59 -31.86 27.32
N GLN G 177 51.55 -30.56 27.06
CA GLN G 177 51.19 -29.62 28.12
C GLN G 177 49.70 -29.65 28.38
N ILE G 178 48.91 -29.98 27.36
CA ILE G 178 47.48 -30.18 27.49
C ILE G 178 47.27 -31.48 28.24
N ILE G 179 47.61 -32.60 27.59
CA ILE G 179 47.49 -33.90 28.26
C ILE G 179 48.19 -33.86 29.61
N GLY G 180 49.26 -33.07 29.72
CA GLY G 180 49.90 -32.88 31.01
C GLY G 180 48.97 -32.22 32.02
N GLN G 181 48.24 -31.20 31.60
CA GLN G 181 47.33 -30.52 32.52
C GLN G 181 46.11 -31.39 32.82
N LEU G 182 45.45 -31.89 31.79
CA LEU G 182 44.30 -32.78 31.94
C LEU G 182 44.65 -33.96 32.84
N SER G 183 45.50 -34.87 32.36
CA SER G 183 45.89 -35.99 33.20
C SER G 183 46.49 -35.53 34.52
N SER G 184 46.97 -34.29 34.58
CA SER G 184 47.28 -33.67 35.87
C SER G 184 46.01 -33.27 36.60
N LEU G 185 45.03 -32.75 35.87
CA LEU G 185 43.71 -32.53 36.46
C LEU G 185 43.12 -33.87 36.88
N HIS G 186 42.65 -33.93 38.12
CA HIS G 186 42.35 -35.22 38.73
C HIS G 186 41.08 -35.85 38.17
N ASN G 187 40.06 -35.04 37.84
CA ASN G 187 38.78 -35.58 37.40
C ASN G 187 38.97 -36.69 36.38
N ILE G 188 39.58 -36.36 35.24
CA ILE G 188 39.83 -37.38 34.22
C ILE G 188 41.06 -38.18 34.64
N TYR G 189 41.40 -39.20 33.86
CA TYR G 189 42.51 -40.09 34.15
C TYR G 189 42.95 -40.72 32.84
N LEU G 190 44.18 -41.25 32.83
CA LEU G 190 44.85 -41.58 31.58
C LEU G 190 45.39 -42.99 31.62
N ILE G 191 45.12 -43.72 30.55
CA ILE G 191 45.75 -44.99 30.26
C ILE G 191 46.33 -44.88 28.86
N ALA G 192 47.65 -44.89 28.75
CA ALA G 192 48.31 -44.76 27.45
C ALA G 192 49.03 -46.05 27.10
N SER G 193 48.98 -46.40 25.83
CA SER G 193 49.77 -47.50 25.28
C SER G 193 50.84 -46.91 24.37
N ILE G 194 52.09 -47.34 24.58
CA ILE G 194 53.26 -46.75 23.92
C ILE G 194 53.94 -47.83 23.06
N ASP G 195 54.65 -47.35 22.04
CA ASP G 195 55.50 -48.21 21.21
C ASP G 195 56.91 -47.61 21.10
N HIS G 196 57.01 -46.39 20.58
CA HIS G 196 58.29 -45.78 20.21
C HIS G 196 59.30 -45.85 21.35
N LEU G 197 60.50 -46.34 21.01
CA LEU G 197 61.58 -46.47 21.99
C LEU G 197 61.90 -45.12 22.59
N ASN G 198 61.74 -44.07 21.81
CA ASN G 198 61.94 -42.71 22.25
C ASN G 198 60.67 -42.11 22.86
N ALA G 199 59.64 -42.92 23.09
CA ALA G 199 58.51 -42.46 23.89
C ALA G 199 58.94 -41.91 25.24
N PRO G 200 59.69 -42.65 26.08
CA PRO G 200 60.20 -42.03 27.32
C PRO G 200 61.10 -40.83 27.05
N LEU G 201 61.63 -40.72 25.83
CA LEU G 201 62.46 -39.58 25.45
C LEU G 201 61.71 -38.26 25.61
N MET G 202 60.52 -38.17 25.00
CA MET G 202 59.80 -36.90 24.88
C MET G 202 59.16 -36.46 26.19
N TRP G 203 59.08 -37.34 27.18
CA TRP G 203 58.51 -36.97 28.47
C TRP G 203 59.61 -36.42 29.35
N ASP G 204 59.50 -35.15 29.71
CA ASP G 204 60.53 -34.50 30.49
C ASP G 204 60.20 -34.61 31.97
N HIS G 205 61.01 -33.94 32.80
CA HIS G 205 60.75 -33.92 34.23
C HIS G 205 59.38 -33.35 34.52
N ALA G 206 59.09 -32.16 34.00
CA ALA G 206 57.82 -31.51 34.29
C ALA G 206 56.65 -32.37 33.85
N LYS G 207 56.79 -33.10 32.74
CA LYS G 207 55.69 -33.89 32.22
C LYS G 207 55.56 -35.24 32.91
N GLN G 208 56.68 -35.91 33.18
CA GLN G 208 56.61 -37.12 33.98
C GLN G 208 56.23 -36.82 35.42
N SER G 209 56.26 -35.54 35.83
CA SER G 209 55.58 -35.10 37.04
C SER G 209 54.09 -34.87 36.79
N LEU G 210 53.76 -34.13 35.72
CA LEU G 210 52.36 -33.90 35.37
C LEU G 210 51.68 -35.21 35.01
N PHE G 211 52.39 -36.08 34.30
CA PHE G 211 51.99 -37.47 34.17
C PHE G 211 52.68 -38.23 35.30
N ASN G 212 51.93 -38.67 36.29
CA ASN G 212 52.49 -39.62 37.24
C ASN G 212 52.17 -40.97 36.64
N TRP G 213 53.19 -41.60 36.07
CA TRP G 213 53.03 -42.76 35.22
C TRP G 213 53.24 -44.00 36.06
N LEU G 214 52.25 -44.88 36.08
CA LEU G 214 52.41 -46.22 36.58
C LEU G 214 52.76 -47.08 35.37
N TRP G 215 53.98 -47.59 35.32
CA TRP G 215 54.43 -48.34 34.16
C TRP G 215 54.25 -49.84 34.38
N TYR G 216 53.72 -50.53 33.40
CA TYR G 216 53.33 -51.92 33.64
C TYR G 216 53.98 -52.84 32.63
N GLU G 217 54.36 -54.04 33.10
CA GLU G 217 54.96 -55.03 32.24
C GLU G 217 54.21 -55.08 30.92
N THR G 218 52.95 -55.49 30.99
CA THR G 218 52.01 -55.35 29.88
C THR G 218 52.63 -55.85 28.58
N THR G 219 53.44 -56.89 28.70
CA THR G 219 54.08 -57.39 27.49
C THR G 219 53.02 -58.13 26.71
N THR G 220 52.67 -57.59 25.55
CA THR G 220 51.49 -57.98 24.80
C THR G 220 51.91 -58.62 23.49
N TYR G 221 51.30 -59.75 23.15
CA TYR G 221 51.65 -60.46 21.93
C TYR G 221 50.69 -60.24 20.77
N SER G 222 49.57 -59.53 20.98
CA SER G 222 48.57 -59.52 19.92
C SER G 222 48.94 -58.46 18.88
N PRO G 223 48.70 -58.73 17.59
CA PRO G 223 48.90 -57.61 16.67
C PRO G 223 47.86 -56.54 17.02
N TYR G 224 47.99 -55.26 16.67
CA TYR G 224 48.76 -54.68 15.57
C TYR G 224 48.14 -55.22 14.30
N THR G 225 46.82 -55.08 14.27
CA THR G 225 46.01 -55.27 13.07
C THR G 225 45.35 -53.96 12.66
N GLU G 226 44.48 -53.40 13.50
CA GLU G 226 43.96 -52.06 13.25
C GLU G 226 45.04 -50.99 13.44
N GLU G 227 46.11 -51.28 14.21
CA GLU G 227 47.25 -50.37 14.33
C GLU G 227 48.11 -50.46 13.10
N THR G 228 48.11 -51.65 12.52
CA THR G 228 48.85 -52.04 11.34
C THR G 228 48.11 -51.73 10.05
N SER G 229 46.80 -51.47 10.13
CA SER G 229 46.03 -51.19 8.93
C SER G 229 46.37 -49.82 8.36
N TYR G 230 46.81 -48.90 9.21
CA TYR G 230 47.07 -47.54 8.76
C TYR G 230 48.46 -47.39 8.13
N GLU G 231 49.48 -48.03 8.71
CA GLU G 231 50.82 -47.86 8.20
C GLU G 231 50.93 -48.50 6.81
N ASN G 232 51.48 -47.74 5.87
CA ASN G 232 51.71 -48.22 4.51
C ASN G 232 53.20 -48.39 4.28
N SER G 233 53.56 -49.43 3.54
CA SER G 233 54.93 -49.68 3.18
C SER G 233 55.04 -49.77 1.66
N LEU G 234 56.28 -49.94 1.19
CA LEU G 234 56.58 -49.73 -0.21
C LEU G 234 56.45 -50.98 -1.08
N LEU G 235 56.31 -52.18 -0.50
CA LEU G 235 56.11 -53.34 -1.37
C LEU G 235 54.77 -53.28 -2.08
N VAL G 236 53.89 -52.37 -1.68
CA VAL G 236 52.63 -52.19 -2.36
C VAL G 236 52.56 -50.75 -2.86
N SER H 54 23.05 -0.35 84.09
CA SER H 54 23.63 -0.16 82.77
C SER H 54 25.00 -0.85 82.65
N ALA H 55 25.63 -1.15 83.79
CA ALA H 55 27.02 -1.59 83.80
C ALA H 55 27.19 -3.07 83.47
N GLU H 56 26.34 -3.93 84.03
CA GLU H 56 26.66 -5.36 84.11
C GLU H 56 26.61 -6.05 82.74
N LEU H 57 25.58 -5.77 81.93
CA LEU H 57 25.24 -6.62 80.79
C LEU H 57 26.43 -6.83 79.84
N LYS H 58 27.17 -5.76 79.57
CA LYS H 58 28.26 -5.82 78.60
C LYS H 58 29.22 -6.96 78.95
N GLN H 59 29.57 -7.11 80.23
CA GLN H 59 30.49 -8.18 80.62
C GLN H 59 29.97 -9.54 80.20
N LEU H 60 28.67 -9.80 80.38
CA LEU H 60 28.12 -11.10 80.00
C LEU H 60 28.14 -11.27 78.47
N ASN H 61 27.65 -10.27 77.74
CA ASN H 61 27.73 -10.35 76.29
C ASN H 61 29.17 -10.50 75.80
N GLN H 62 30.15 -10.13 76.63
CA GLN H 62 31.55 -10.44 76.33
C GLN H 62 31.88 -11.89 76.64
N GLN H 63 31.39 -12.38 77.77
CA GLN H 63 31.68 -13.75 78.18
C GLN H 63 31.23 -14.75 77.12
N TYR H 64 30.00 -14.57 76.63
CA TYR H 64 29.52 -15.46 75.58
C TYR H 64 30.43 -15.42 74.36
N GLU H 65 31.12 -14.30 74.14
CA GLU H 65 32.00 -14.20 72.99
C GLU H 65 33.14 -15.20 73.05
N LYS H 66 33.53 -15.63 74.25
CA LYS H 66 34.62 -16.59 74.36
C LYS H 66 34.19 -17.97 73.89
N LEU H 67 32.90 -18.29 74.02
CA LEU H 67 32.40 -19.53 73.44
C LEU H 67 32.44 -19.49 71.93
N PHE H 68 32.53 -18.30 71.34
CA PHE H 68 32.31 -18.12 69.92
C PHE H 68 33.17 -19.01 69.02
N HIS H 69 34.50 -18.83 69.04
CA HIS H 69 35.35 -19.70 68.21
C HIS H 69 34.99 -21.16 68.42
N LYS H 70 34.71 -21.53 69.67
CA LYS H 70 34.27 -22.88 69.96
C LYS H 70 33.02 -23.21 69.14
N TRP H 71 32.05 -22.30 69.12
CA TRP H 71 30.86 -22.48 68.30
C TRP H 71 31.23 -22.64 66.83
N MET H 72 32.19 -21.85 66.35
CA MET H 72 32.68 -22.04 64.99
C MET H 72 33.09 -23.49 64.77
N LEU H 73 33.85 -24.04 65.72
CA LEU H 73 34.27 -25.44 65.62
C LEU H 73 33.08 -26.38 65.63
N GLN H 74 32.13 -26.16 66.55
CA GLN H 74 30.89 -26.93 66.56
C GLN H 74 30.20 -26.86 65.21
N LEU H 75 30.12 -25.66 64.66
CA LEU H 75 29.53 -25.46 63.34
C LEU H 75 30.27 -26.30 62.31
N HIS H 76 31.58 -26.48 62.47
CA HIS H 76 32.27 -27.40 61.59
C HIS H 76 31.84 -28.84 61.84
N LEU H 77 31.51 -29.17 63.08
CA LEU H 77 31.19 -30.55 63.46
C LEU H 77 29.77 -30.95 63.08
N GLY H 78 28.96 -30.03 62.59
CA GLY H 78 27.64 -30.34 62.08
C GLY H 78 26.48 -30.05 62.99
N PHE H 79 26.71 -29.39 64.13
CA PHE H 79 25.66 -29.05 65.07
C PHE H 79 25.33 -27.57 64.95
N ASN H 80 24.29 -27.14 65.66
CA ASN H 80 23.79 -25.78 65.50
C ASN H 80 23.40 -25.18 66.84
N ILE H 81 24.03 -24.06 67.19
CA ILE H 81 23.90 -23.50 68.53
C ILE H 81 22.56 -22.76 68.67
N VAL H 82 22.19 -22.53 69.92
CA VAL H 82 20.86 -22.05 70.32
C VAL H 82 21.04 -21.19 71.55
N LEU H 83 20.26 -20.12 71.62
CA LEU H 83 20.36 -19.17 72.71
C LEU H 83 18.99 -19.03 73.34
N TYR H 84 18.83 -19.50 74.58
CA TYR H 84 17.63 -19.20 75.35
C TYR H 84 18.01 -18.12 76.34
N GLY H 85 17.59 -16.88 76.04
CA GLY H 85 17.88 -15.75 76.88
C GLY H 85 16.65 -15.25 77.61
N LEU H 86 16.91 -14.40 78.60
CA LEU H 86 15.87 -13.53 79.15
C LEU H 86 15.65 -12.32 78.27
N GLY H 87 16.73 -11.82 77.68
CA GLY H 87 16.73 -10.64 76.87
C GLY H 87 17.02 -10.95 75.41
N SER H 88 17.36 -9.91 74.67
CA SER H 88 17.69 -10.06 73.26
C SER H 88 19.18 -10.21 73.09
N LYS H 89 19.56 -11.07 72.17
CA LYS H 89 20.94 -11.30 71.85
C LYS H 89 21.40 -10.42 70.70
N ARG H 90 20.55 -9.48 70.27
CA ARG H 90 20.90 -8.59 69.17
C ARG H 90 22.28 -8.00 69.30
N ASP H 91 22.55 -7.33 70.40
CA ASP H 91 23.89 -6.78 70.52
C ASP H 91 24.90 -7.90 70.49
N LEU H 92 24.52 -9.08 70.98
CA LEU H 92 25.39 -10.24 70.93
C LEU H 92 25.32 -11.03 69.62
N LEU H 93 24.15 -11.08 68.94
CA LEU H 93 24.05 -11.82 67.68
C LEU H 93 24.55 -10.97 66.51
N GLU H 94 24.33 -9.66 66.59
CA GLU H 94 24.92 -8.68 65.69
C GLU H 94 26.37 -8.42 66.02
N ARG H 95 26.81 -8.68 67.25
CA ARG H 95 28.25 -8.74 67.48
C ARG H 95 28.83 -10.05 66.96
N PHE H 96 28.03 -11.12 66.98
CA PHE H 96 28.41 -12.36 66.32
C PHE H 96 28.52 -12.14 64.81
N ARG H 97 27.75 -11.19 64.27
CA ARG H 97 27.89 -10.80 62.88
C ARG H 97 29.09 -9.88 62.67
N THR H 98 29.34 -8.95 63.61
CA THR H 98 30.49 -8.07 63.51
C THR H 98 31.77 -8.73 64.02
N THR H 99 31.66 -9.72 64.90
CA THR H 99 32.84 -10.38 65.46
C THR H 99 33.09 -11.74 64.81
N MET H 100 32.17 -12.68 64.95
CA MET H 100 32.40 -14.05 64.47
C MET H 100 32.04 -14.22 63.00
N LEU H 101 30.75 -14.22 62.71
CA LEU H 101 30.31 -14.40 61.34
C LEU H 101 31.15 -13.50 60.45
N GLN H 102 30.92 -12.19 60.53
CA GLN H 102 31.77 -11.25 59.80
C GLN H 102 31.93 -11.73 58.36
N ASP H 103 33.18 -12.00 57.95
CA ASP H 103 33.48 -12.83 56.79
C ASP H 103 32.50 -12.53 55.66
N SER H 104 31.91 -13.57 55.08
CA SER H 104 30.85 -13.43 54.10
C SER H 104 29.84 -14.54 54.33
N ILE H 105 28.88 -14.63 53.42
CA ILE H 105 27.91 -15.72 53.40
C ILE H 105 27.30 -15.88 54.79
N HIS H 106 26.73 -14.79 55.31
CA HIS H 106 25.93 -14.83 56.53
C HIS H 106 24.53 -14.31 56.22
N VAL H 107 23.56 -15.20 56.32
CA VAL H 107 22.17 -14.89 56.02
C VAL H 107 21.46 -14.56 57.31
N VAL H 108 20.65 -13.50 57.28
CA VAL H 108 19.99 -12.98 58.45
C VAL H 108 18.51 -12.87 58.15
N ILE H 109 17.70 -13.56 58.93
CA ILE H 109 16.26 -13.45 58.85
C ILE H 109 15.77 -13.30 60.27
N ASN H 110 15.18 -12.15 60.55
CA ASN H 110 14.63 -11.87 61.86
C ASN H 110 13.22 -12.45 61.91
N GLY H 111 12.97 -13.36 62.85
CA GLY H 111 11.68 -14.02 62.90
C GLY H 111 10.60 -13.16 63.51
N PHE H 112 10.99 -12.24 64.40
CA PHE H 112 10.08 -11.20 64.86
C PHE H 112 9.71 -10.24 63.74
N PHE H 113 10.50 -10.19 62.65
CA PHE H 113 10.04 -9.54 61.42
C PHE H 113 8.91 -10.39 60.86
N PRO H 114 7.68 -9.91 60.77
CA PRO H 114 6.66 -10.64 60.01
C PRO H 114 6.92 -10.61 58.51
N GLY H 115 7.75 -9.68 58.04
CA GLY H 115 7.86 -9.47 56.60
C GLY H 115 8.44 -10.67 55.88
N ILE H 116 9.56 -11.20 56.37
CA ILE H 116 10.21 -12.30 55.69
C ILE H 116 9.37 -13.57 55.85
N SER H 117 9.45 -14.43 54.84
CA SER H 117 8.66 -15.66 54.79
C SER H 117 9.55 -16.80 54.34
N VAL H 118 9.19 -18.02 54.76
CA VAL H 118 10.07 -19.16 54.51
C VAL H 118 10.35 -19.30 53.02
N LYS H 119 9.34 -19.03 52.20
CA LYS H 119 9.56 -18.97 50.77
C LYS H 119 10.46 -17.81 50.39
N SER H 120 10.24 -16.64 51.00
CA SER H 120 11.13 -15.51 50.81
C SER H 120 12.33 -15.57 51.74
N VAL H 121 12.38 -16.56 52.62
CA VAL H 121 13.62 -16.90 53.32
C VAL H 121 14.53 -17.61 52.35
N LEU H 122 13.96 -18.53 51.58
CA LEU H 122 14.75 -19.29 50.63
C LEU H 122 15.05 -18.45 49.38
N ASN H 123 14.20 -17.47 49.05
CA ASN H 123 14.59 -16.50 48.04
C ASN H 123 15.65 -15.55 48.59
N SER H 124 15.41 -14.96 49.75
CA SER H 124 16.38 -14.02 50.34
C SER H 124 17.74 -14.66 50.51
N ILE H 125 17.79 -15.96 50.82
CA ILE H 125 19.06 -16.69 50.78
C ILE H 125 19.51 -16.88 49.35
N THR H 126 18.60 -17.31 48.47
CA THR H 126 18.95 -17.68 47.11
C THR H 126 19.00 -16.50 46.16
N GLU H 127 18.32 -15.39 46.47
CA GLU H 127 18.22 -14.28 45.50
C GLU H 127 19.48 -13.44 45.49
N GLU H 128 19.79 -12.78 46.62
CA GLU H 128 20.95 -11.89 46.69
C GLU H 128 22.22 -12.64 47.09
N VAL H 129 22.25 -13.17 48.32
CA VAL H 129 23.50 -13.69 48.87
C VAL H 129 23.96 -14.92 48.10
N LEU H 130 23.11 -15.94 47.96
CA LEU H 130 23.46 -17.07 47.11
C LEU H 130 23.60 -16.61 45.67
N ASP H 131 22.74 -15.70 45.24
CA ASP H 131 22.79 -15.02 43.95
C ASP H 131 22.36 -15.90 42.80
N HIS H 132 22.01 -17.16 43.05
CA HIS H 132 21.76 -18.10 41.96
C HIS H 132 20.43 -17.81 41.28
N MET H 133 19.36 -17.64 42.05
CA MET H 133 18.00 -17.42 41.52
C MET H 133 17.08 -17.11 42.70
N GLY H 134 15.86 -16.71 42.37
CA GLY H 134 14.76 -16.85 43.31
C GLY H 134 14.34 -18.31 43.33
N THR H 135 14.17 -18.84 44.53
CA THR H 135 13.95 -20.27 44.66
C THR H 135 12.68 -20.70 43.95
N PHE H 136 12.79 -21.84 43.26
CA PHE H 136 11.74 -22.39 42.41
C PHE H 136 10.48 -22.71 43.22
N ARG H 137 9.37 -22.84 42.51
CA ARG H 137 8.06 -22.96 43.15
C ARG H 137 8.05 -23.95 44.33
N SER H 138 8.18 -25.25 44.05
CA SER H 138 8.20 -26.24 45.13
C SER H 138 9.52 -26.16 45.87
N ILE H 139 9.46 -25.96 47.19
CA ILE H 139 10.69 -25.73 47.95
C ILE H 139 11.57 -26.98 47.95
N LEU H 140 10.99 -28.16 47.81
CA LEU H 140 11.81 -29.36 47.74
C LEU H 140 12.68 -29.35 46.48
N ASP H 141 12.14 -28.90 45.34
CA ASP H 141 12.96 -28.76 44.14
C ASP H 141 13.94 -27.61 44.29
N GLN H 142 13.52 -26.52 44.92
CA GLN H 142 14.45 -25.42 45.22
C GLN H 142 15.72 -25.97 45.85
N LEU H 143 15.57 -26.61 47.01
CA LEU H 143 16.70 -27.21 47.68
C LEU H 143 17.38 -28.27 46.84
N ASP H 144 16.67 -28.88 45.89
CA ASP H 144 17.38 -29.82 45.02
C ASP H 144 18.31 -29.09 44.05
N TRP H 145 17.93 -27.89 43.60
CA TRP H 145 18.83 -27.12 42.74
C TRP H 145 19.95 -26.49 43.55
N ILE H 146 19.61 -25.80 44.63
CA ILE H 146 20.62 -25.20 45.49
C ILE H 146 21.58 -26.25 46.01
N VAL H 147 21.09 -27.47 46.24
CA VAL H 147 21.91 -28.54 46.77
C VAL H 147 22.77 -29.17 45.68
N ASN H 148 22.17 -29.50 44.54
CA ASN H 148 22.96 -29.98 43.41
C ASN H 148 24.02 -28.96 43.01
N LYS H 149 23.86 -27.69 43.41
CA LYS H 149 24.94 -26.73 43.34
C LYS H 149 25.92 -26.89 44.49
N PHE H 150 25.43 -27.12 45.71
CA PHE H 150 26.31 -27.26 46.86
C PHE H 150 26.97 -28.62 46.92
N LYS H 151 26.19 -29.69 46.74
CA LYS H 151 26.78 -31.02 46.71
C LYS H 151 27.88 -31.12 45.65
N GLU H 152 27.71 -30.41 44.53
CA GLU H 152 28.77 -30.34 43.53
C GLU H 152 29.85 -29.32 43.90
N ASP H 153 29.44 -28.11 44.31
CA ASP H 153 30.39 -27.10 44.76
C ASP H 153 30.48 -27.19 46.28
N SER H 154 31.61 -27.69 46.74
CA SER H 154 31.76 -28.06 48.12
C SER H 154 32.42 -26.92 48.89
N SER H 155 32.55 -27.13 50.20
CA SER H 155 33.38 -26.27 51.04
C SER H 155 32.93 -24.82 51.01
N LEU H 156 31.64 -24.60 50.83
CA LEU H 156 31.06 -23.26 50.93
C LEU H 156 30.19 -23.25 52.19
N GLU H 157 30.66 -22.56 53.22
CA GLU H 157 30.03 -22.55 54.53
C GLU H 157 29.18 -21.29 54.69
N LEU H 158 27.92 -21.48 55.06
CA LEU H 158 26.97 -20.39 55.12
C LEU H 158 26.34 -20.36 56.51
N PHE H 159 26.59 -19.29 57.25
CA PHE H 159 26.16 -19.19 58.64
C PHE H 159 24.90 -18.34 58.72
N LEU H 160 23.81 -18.95 59.17
CA LEU H 160 22.51 -18.27 59.27
C LEU H 160 22.15 -18.05 60.73
N LEU H 161 21.69 -16.84 61.03
CA LEU H 161 21.28 -16.45 62.38
C LEU H 161 19.81 -16.04 62.34
N ILE H 162 18.95 -16.81 63.01
CA ILE H 162 17.53 -16.54 63.05
C ILE H 162 17.18 -16.03 64.45
N HIS H 163 16.65 -14.83 64.50
CA HIS H 163 16.03 -14.32 65.72
C HIS H 163 14.57 -14.81 65.76
N ASN H 164 14.21 -15.53 66.83
CA ASN H 164 12.83 -15.95 67.05
C ASN H 164 12.33 -16.87 65.93
N LEU H 165 12.84 -18.11 65.95
CA LEU H 165 12.31 -19.13 65.07
C LEU H 165 10.80 -19.27 65.22
N ASP H 166 10.26 -18.94 66.39
CA ASP H 166 8.84 -19.17 66.66
C ASP H 166 7.97 -18.67 65.51
N SER H 167 8.34 -17.54 64.92
CA SER H 167 7.68 -17.03 63.71
C SER H 167 6.16 -16.82 63.96
N GLN H 168 5.19 -16.99 63.04
CA GLN H 168 5.26 -17.34 61.61
C GLN H 168 6.09 -16.38 60.76
N MET H 169 6.59 -16.82 59.60
CA MET H 169 6.07 -17.95 58.80
C MET H 169 6.53 -19.37 59.19
N LEU H 170 7.61 -19.44 59.96
CA LEU H 170 8.33 -20.68 60.24
C LEU H 170 7.54 -21.72 61.04
N ARG H 171 6.34 -21.41 61.55
CA ARG H 171 5.59 -22.42 62.31
C ARG H 171 5.38 -23.71 61.52
N GLY H 172 5.32 -23.62 60.20
CA GLY H 172 4.98 -24.75 59.36
C GLY H 172 5.90 -25.94 59.50
N GLU H 173 5.32 -27.13 59.64
CA GLU H 173 6.14 -28.34 59.61
C GLU H 173 6.91 -28.44 58.30
N LYS H 174 6.40 -27.85 57.21
CA LYS H 174 7.18 -27.74 55.98
C LYS H 174 8.33 -26.76 56.16
N SER H 175 8.09 -25.66 56.87
CA SER H 175 9.15 -24.67 57.07
C SER H 175 10.32 -25.27 57.84
N GLN H 176 10.04 -26.09 58.85
CA GLN H 176 11.09 -26.74 59.63
C GLN H 176 11.50 -28.09 59.07
N GLN H 177 10.82 -28.57 58.03
CA GLN H 177 11.40 -29.59 57.17
C GLN H 177 12.41 -28.98 56.21
N ILE H 178 12.22 -27.71 55.86
CA ILE H 178 13.17 -26.96 55.06
C ILE H 178 14.38 -26.67 55.93
N ILE H 179 14.21 -25.80 56.93
CA ILE H 179 15.29 -25.52 57.87
C ILE H 179 15.84 -26.83 58.40
N GLY H 180 14.98 -27.85 58.54
CA GLY H 180 15.46 -29.16 58.92
C GLY H 180 16.44 -29.74 57.92
N GLN H 181 16.13 -29.62 56.62
CA GLN H 181 17.02 -30.15 55.60
C GLN H 181 18.28 -29.30 55.48
N LEU H 182 18.11 -27.99 55.34
CA LEU H 182 19.21 -27.03 55.27
C LEU H 182 20.17 -27.18 56.44
N SER H 183 19.73 -26.80 57.63
CA SER H 183 20.59 -26.98 58.80
C SER H 183 21.02 -28.43 58.96
N SER H 184 20.26 -29.37 58.39
CA SER H 184 20.75 -30.74 58.24
C SER H 184 21.79 -30.81 57.14
N LEU H 185 21.58 -30.09 56.04
CA LEU H 185 22.63 -29.94 55.04
C LEU H 185 23.81 -29.23 55.69
N HIS H 186 25.00 -29.82 55.57
CA HIS H 186 26.12 -29.40 56.40
C HIS H 186 26.68 -28.06 55.96
N ASN H 187 26.67 -27.76 54.66
CA ASN H 187 27.32 -26.55 54.17
C ASN H 187 26.96 -25.37 55.06
N ILE H 188 25.66 -25.06 55.13
CA ILE H 188 25.22 -23.97 55.99
C ILE H 188 25.18 -24.47 57.42
N TYR H 189 24.86 -23.57 58.35
CA TYR H 189 24.80 -23.88 59.76
C TYR H 189 23.88 -22.86 60.41
N LEU H 190 23.36 -23.20 61.58
CA LEU H 190 22.20 -22.53 62.15
C LEU H 190 22.48 -22.07 63.57
N ILE H 191 22.16 -20.81 63.82
CA ILE H 191 22.16 -20.24 65.16
C ILE H 191 20.78 -19.61 65.36
N ALA H 192 19.99 -20.17 66.27
CA ALA H 192 18.65 -19.69 66.53
C ALA H 192 18.56 -19.10 67.92
N SER H 193 17.80 -18.01 68.02
CA SER H 193 17.40 -17.45 69.30
C SER H 193 15.91 -17.68 69.47
N ILE H 194 15.52 -18.25 70.62
CA ILE H 194 14.16 -18.71 70.86
C ILE H 194 13.55 -17.90 72.01
N ASP H 195 12.22 -17.80 71.98
CA ASP H 195 11.47 -17.21 73.07
C ASP H 195 10.32 -18.10 73.51
N HIS H 196 9.39 -18.40 72.60
CA HIS H 196 8.16 -19.09 72.98
C HIS H 196 8.45 -20.32 73.83
N LEU H 197 7.77 -20.41 74.98
CA LEU H 197 7.96 -21.56 75.87
C LEU H 197 7.65 -22.86 75.16
N ASN H 198 6.74 -22.80 74.20
CA ASN H 198 6.39 -23.93 73.36
C ASN H 198 7.30 -24.01 72.13
N ALA H 199 8.38 -23.26 72.12
CA ALA H 199 9.41 -23.51 71.11
C ALA H 199 9.88 -24.96 71.14
N PRO H 200 10.35 -25.50 72.28
CA PRO H 200 10.68 -26.93 72.31
C PRO H 200 9.50 -27.81 71.99
N LEU H 201 8.30 -27.25 72.07
CA LEU H 201 7.07 -27.95 71.72
C LEU H 201 7.11 -28.47 70.30
N MET H 202 7.36 -27.57 69.34
CA MET H 202 7.19 -27.85 67.92
C MET H 202 8.30 -28.71 67.36
N TRP H 203 9.39 -28.90 68.11
CA TRP H 203 10.51 -29.72 67.66
C TRP H 203 10.27 -31.16 68.11
N ASP H 204 10.07 -32.04 67.15
CA ASP H 204 9.83 -33.46 67.42
C ASP H 204 11.17 -34.21 67.34
N HIS H 205 11.11 -35.53 67.40
CA HIS H 205 12.34 -36.32 67.28
C HIS H 205 13.05 -36.03 65.96
N ALA H 206 12.33 -36.19 64.84
CA ALA H 206 12.97 -36.08 63.53
C ALA H 206 13.62 -34.71 63.32
N LYS H 207 13.01 -33.65 63.85
CA LYS H 207 13.57 -32.32 63.62
C LYS H 207 14.70 -32.00 64.60
N GLN H 208 14.56 -32.37 65.86
CA GLN H 208 15.70 -32.25 66.78
C GLN H 208 16.83 -33.19 66.39
N SER H 209 16.56 -34.13 65.48
CA SER H 209 17.62 -34.85 64.78
C SER H 209 18.15 -34.04 63.61
N LEU H 210 17.26 -33.53 62.76
CA LEU H 210 17.67 -32.70 61.64
C LEU H 210 18.32 -31.42 62.15
N PHE H 211 17.76 -30.85 63.20
CA PHE H 211 18.46 -29.86 63.99
C PHE H 211 19.17 -30.61 65.10
N ASN H 212 20.47 -30.72 65.01
CA ASN H 212 21.21 -31.18 66.18
C ASN H 212 21.57 -29.92 66.89
N TRP H 213 20.86 -29.66 67.97
CA TRP H 213 20.86 -28.37 68.61
C TRP H 213 21.87 -28.39 69.73
N LEU H 214 22.80 -27.46 69.69
CA LEU H 214 23.60 -27.14 70.85
C LEU H 214 22.86 -26.01 71.53
N TRP H 215 22.23 -26.30 72.66
CA TRP H 215 21.45 -25.32 73.41
C TRP H 215 22.31 -24.66 74.47
N TYR H 216 22.21 -23.34 74.60
CA TYR H 216 23.17 -22.62 75.43
C TYR H 216 22.49 -21.81 76.50
N GLU H 217 23.13 -21.73 77.68
CA GLU H 217 22.60 -20.92 78.78
C GLU H 217 22.14 -19.58 78.25
N THR H 218 23.07 -18.78 77.72
CA THR H 218 22.75 -17.60 76.93
C THR H 218 21.72 -16.74 77.61
N THR H 219 21.79 -16.67 78.93
CA THR H 219 20.77 -15.89 79.62
C THR H 219 21.12 -14.43 79.38
N THR H 220 20.22 -13.76 78.65
CA THR H 220 20.48 -12.44 78.10
C THR H 220 19.54 -11.47 78.78
N TYR H 221 20.06 -10.35 79.24
CA TYR H 221 19.24 -9.36 79.92
C TYR H 221 18.83 -8.20 79.04
N SER H 222 19.34 -8.12 77.82
CA SER H 222 19.15 -6.91 77.03
C SER H 222 17.77 -6.96 76.37
N PRO H 223 17.08 -5.81 76.26
CA PRO H 223 15.88 -5.86 75.43
C PRO H 223 16.29 -6.12 73.98
N TYR H 224 15.46 -6.61 73.04
CA TYR H 224 14.00 -6.53 73.01
C TYR H 224 13.61 -5.06 72.89
N THR H 225 14.22 -4.40 71.91
CA THR H 225 13.79 -3.09 71.42
C THR H 225 13.29 -3.19 69.99
N GLU H 226 14.15 -3.56 69.03
CA GLU H 226 13.69 -3.84 67.67
C GLU H 226 12.84 -5.11 67.58
N GLU H 227 12.99 -6.05 68.54
CA GLU H 227 12.11 -7.21 68.65
C GLU H 227 10.83 -6.72 69.26
N THR H 228 10.99 -5.68 70.05
CA THR H 228 9.99 -4.99 70.81
C THR H 228 9.27 -3.94 69.99
N SER H 229 9.86 -3.52 68.87
CA SER H 229 9.24 -2.49 68.04
C SER H 229 8.04 -3.03 67.29
N TYR H 230 8.01 -4.34 67.00
CA TYR H 230 6.98 -4.90 66.15
C TYR H 230 5.69 -5.21 66.92
N GLU H 231 5.80 -5.75 68.13
CA GLU H 231 4.59 -6.12 68.87
C GLU H 231 3.81 -4.88 69.28
N ASN H 232 2.51 -4.90 69.02
CA ASN H 232 1.60 -3.83 69.39
C ASN H 232 0.65 -4.33 70.49
N SER H 233 0.31 -3.45 71.42
CA SER H 233 -0.64 -3.75 72.48
C SER H 233 -1.81 -2.76 72.44
N LEU H 234 -2.78 -2.97 73.32
CA LEU H 234 -4.06 -2.29 73.22
C LEU H 234 -4.14 -0.97 73.97
N LEU H 235 -3.16 -0.65 74.82
CA LEU H 235 -3.17 0.63 75.50
C LEU H 235 -2.98 1.80 74.55
N VAL H 236 -2.61 1.55 73.31
CA VAL H 236 -2.48 2.60 72.30
C VAL H 236 -3.45 2.30 71.16
#